data_1TYE
#
_entry.id   1TYE
#
_cell.length_a   332.093
_cell.length_b   332.093
_cell.length_c   88.288
_cell.angle_alpha   90.00
_cell.angle_beta   90.00
_cell.angle_gamma   120.00
#
_symmetry.space_group_name_H-M   'P 62'
#
loop_
_entity.id
_entity.type
_entity.pdbx_description
1 polymer 'Integrin alpha-IIb'
2 polymer 'Integrin beta-3'
3 branched beta-D-mannopyranose-(1-3)-alpha-D-mannopyranose-(1-4)-2-acetamido-2-deoxy-beta-D-glucopyranose-(1-4)-2-acetamido-2-deoxy-beta-D-glucopyranose
4 branched beta-D-mannopyranose-(1-3)-[alpha-D-mannopyranose-(1-6)]alpha-D-mannopyranose-(1-4)-2-acetamido-2-deoxy-beta-D-glucopyranose-(1-4)-2-acetamido-2-deoxy-beta-D-glucopyranose
5 non-polymer 'CALCIUM ION'
6 non-polymer 2-acetamido-2-deoxy-beta-D-glucopyranose
7 non-polymer 'CACODYLATE ION'
8 non-polymer 'MAGNESIUM ION'
9 water water
#
loop_
_entity_poly.entity_id
_entity_poly.type
_entity_poly.pdbx_seq_one_letter_code
_entity_poly.pdbx_strand_id
1 'polypeptide(L)'
;LNLDPVQLTFYAGPNGSQFGFSLDFHKDSHGRVAIVVGAPRTLGPSQEETGGVFLCPWRAEGGQCPSLLFDLRDETRNVG
SQTLQTFKARQGLGASVVSWSDVIVACAPWQHWNVLEKTEEAEKTPVGSCFLAQPESGRRAEYSPCRGNTLSRIYVENDF
SWDKRYCEAGFSSVVTQAGELVLGAPGGYYFLGLLAQAPVADIFSSYRPGILLWHVSSQSLSFDSSNPEYFDGYWGYSVA
VGEFDGDLNTTEYVVGAPTWSWTLGAVEILDSYYQRLHRLRAEQMASYFGHSVAVTDVNGDGRHDLLVGAPLYMESRADR
KLAEVGRVYLFLQPRGPHALGAPSLLLTGTQLYGRFGSAIAPLGDLDRDGYNDIAVAAPYGGPSGRGQVLVFLGQSEGLR
SRPSQVLDSPFPTGSAFGFSLRGAVDIDDNGYPDLIVGAYGANQVAVYRAQP
;
A,C,E
2 'polypeptide(L)'
;GPNICTTRGVSSCQQCLAVSPMCAWCSDEALPLGSPRCDLKENLLKDNCAPESIEFPVSEARVLEDRPLSDKGSGDSSQV
TQVSPQRIALRLRPDDSKNFSIQVRQVEDYPVDIYYLMDLSYSMKDDLWSIQNLGTKLATQMRKLTSNLRIGFGAFVDKP
VSPYMYISPPEALENPCYDMKTTCLPMFGYKHVLTLTDQVTRFNEEVKKQSVSRNRDAPEGGFDAIMQATVCDEKIGWRN
DASHLLVFTTDAKTHIALDGRLAGIVQPNDGQCHVGSDNHYSASTTMDYPSLGLMTEKLSQKNINLIFAVTENVVNLYQN
YSELIPGTTVGVLSMDSSNVLQLIVDAYGKIRSKVELEVRDLPEELSLSFNATCLNNEVIPGLKSCMGLKIGDTVSFSIE
AKVRGCPQEKEKSFTIKPVGFKDSLIVQVTFDCDCACQAQ
;
B,D,F
#
# COMPACT_ATOMS: atom_id res chain seq x y z
N LEU A 1 4.76 -16.42 -41.39
CA LEU A 1 6.01 -15.97 -42.05
C LEU A 1 6.05 -14.44 -42.23
N ASN A 2 5.36 -13.94 -43.25
CA ASN A 2 5.34 -12.51 -43.53
C ASN A 2 4.76 -11.70 -42.36
N LEU A 3 5.56 -10.77 -41.86
CA LEU A 3 5.15 -9.92 -40.75
C LEU A 3 4.41 -8.73 -41.38
N ASP A 4 3.14 -8.56 -41.03
CA ASP A 4 2.32 -7.49 -41.60
C ASP A 4 2.78 -6.07 -41.24
N PRO A 5 3.27 -5.32 -42.25
CA PRO A 5 3.76 -3.94 -42.09
C PRO A 5 2.70 -2.84 -42.22
N VAL A 6 1.44 -3.16 -41.90
CA VAL A 6 0.34 -2.19 -41.99
C VAL A 6 -0.53 -2.17 -40.71
N GLN A 7 -0.95 -3.35 -40.23
CA GLN A 7 -1.76 -3.47 -39.01
C GLN A 7 -0.81 -3.62 -37.81
N LEU A 8 0.33 -2.93 -37.90
CA LEU A 8 1.35 -2.97 -36.87
C LEU A 8 0.95 -2.10 -35.68
N THR A 9 1.25 -2.61 -34.49
CA THR A 9 0.93 -1.94 -33.23
C THR A 9 2.06 -1.02 -32.76
N PHE A 10 1.70 0.15 -32.24
CA PHE A 10 2.69 1.09 -31.73
C PHE A 10 2.55 1.36 -30.22
N TYR A 11 3.68 1.39 -29.52
CA TYR A 11 3.71 1.68 -28.10
C TYR A 11 4.60 2.91 -27.93
N ALA A 12 4.30 3.75 -26.94
CA ALA A 12 5.09 4.96 -26.74
C ALA A 12 5.36 5.39 -25.30
N GLY A 13 6.42 6.19 -25.17
CA GLY A 13 6.83 6.72 -23.89
C GLY A 13 7.07 8.21 -24.00
N PRO A 14 7.44 8.88 -22.91
CA PRO A 14 7.70 10.33 -22.87
C PRO A 14 8.75 10.81 -23.86
N ASN A 15 8.62 12.06 -24.26
CA ASN A 15 9.56 12.67 -25.19
C ASN A 15 10.92 12.72 -24.53
N GLY A 16 11.96 12.48 -25.33
CA GLY A 16 13.34 12.53 -24.84
C GLY A 16 13.83 11.42 -23.92
N SER A 17 12.93 10.51 -23.52
CA SER A 17 13.28 9.42 -22.63
C SER A 17 14.02 8.25 -23.29
N GLN A 18 14.08 8.26 -24.62
CA GLN A 18 14.72 7.19 -25.40
C GLN A 18 14.04 5.84 -25.14
N PHE A 19 12.71 5.89 -25.08
CA PHE A 19 11.85 4.72 -24.86
C PHE A 19 12.13 3.78 -26.05
N GLY A 20 12.38 2.51 -25.74
CA GLY A 20 12.66 1.53 -26.78
C GLY A 20 14.13 1.28 -27.03
N PHE A 21 14.99 1.88 -26.20
CA PHE A 21 16.45 1.73 -26.32
C PHE A 21 16.81 0.25 -26.12
N SER A 22 16.03 -0.43 -25.28
CA SER A 22 16.22 -1.85 -25.03
C SER A 22 14.82 -2.46 -24.82
N LEU A 23 14.69 -3.77 -24.95
CA LEU A 23 13.38 -4.44 -24.79
C LEU A 23 13.44 -5.95 -24.73
N ASP A 24 12.41 -6.56 -24.16
CA ASP A 24 12.34 -8.01 -24.06
C ASP A 24 10.90 -8.46 -23.76
N PHE A 25 10.62 -9.72 -24.10
CA PHE A 25 9.31 -10.28 -23.85
C PHE A 25 9.26 -10.76 -22.41
N HIS A 26 8.15 -10.49 -21.74
CA HIS A 26 7.96 -10.90 -20.37
C HIS A 26 6.78 -11.85 -20.24
N LYS A 27 7.07 -13.08 -19.86
CA LYS A 27 6.04 -14.11 -19.68
C LYS A 27 5.86 -14.28 -18.17
N ASP A 28 4.96 -13.54 -17.58
CA ASP A 28 4.88 -13.25 -16.14
C ASP A 28 4.62 -14.53 -15.34
N SER A 29 4.56 -14.42 -14.04
CA SER A 29 4.29 -15.55 -13.15
C SER A 29 2.92 -16.15 -13.47
N HIS A 30 2.15 -15.40 -14.26
CA HIS A 30 0.83 -15.82 -14.69
C HIS A 30 0.95 -16.54 -16.03
N GLY A 31 0.69 -15.86 -17.15
CA GLY A 31 0.79 -16.53 -18.44
C GLY A 31 0.69 -15.68 -19.69
N ARG A 32 0.10 -14.49 -19.58
CA ARG A 32 -0.02 -13.60 -20.73
C ARG A 32 1.37 -13.13 -21.15
N VAL A 33 1.42 -12.28 -22.17
CA VAL A 33 2.69 -11.79 -22.63
C VAL A 33 2.73 -10.29 -22.56
N ALA A 34 3.87 -9.77 -22.10
CA ALA A 34 4.08 -8.34 -21.98
C ALA A 34 5.43 -7.98 -22.58
N ILE A 35 5.64 -6.69 -22.79
CA ILE A 35 6.89 -6.18 -23.34
C ILE A 35 7.59 -5.24 -22.34
N VAL A 36 8.77 -5.65 -21.86
CA VAL A 36 9.53 -4.80 -20.95
C VAL A 36 10.26 -3.79 -21.83
N VAL A 37 10.07 -2.51 -21.57
CA VAL A 37 10.74 -1.49 -22.36
C VAL A 37 11.61 -0.56 -21.50
N GLY A 38 12.86 -0.40 -21.92
CA GLY A 38 13.78 0.47 -21.20
C GLY A 38 13.86 1.85 -21.82
N ALA A 39 13.80 2.87 -20.96
CA ALA A 39 13.90 4.26 -21.39
C ALA A 39 14.90 4.90 -20.44
N PRO A 40 16.19 4.84 -20.79
CA PRO A 40 17.30 5.36 -20.01
C PRO A 40 17.43 6.88 -19.80
N ARG A 41 16.49 7.68 -20.30
CA ARG A 41 16.59 9.13 -20.10
C ARG A 41 15.33 9.70 -19.47
N THR A 42 14.47 8.79 -19.02
CA THR A 42 13.22 9.15 -18.37
C THR A 42 13.52 9.99 -17.14
N LEU A 43 12.83 11.11 -17.00
CA LEU A 43 13.02 12.01 -15.86
C LEU A 43 12.47 11.42 -14.56
N GLY A 44 13.17 11.69 -13.46
CA GLY A 44 12.74 11.23 -12.14
C GLY A 44 11.88 12.34 -11.55
N PRO A 45 11.12 12.09 -10.47
CA PRO A 45 10.28 13.15 -9.87
C PRO A 45 11.09 14.39 -9.43
N SER A 46 12.43 14.25 -9.46
CA SER A 46 13.37 15.30 -9.10
C SER A 46 13.76 16.14 -10.32
N GLN A 47 13.24 15.73 -11.48
CA GLN A 47 13.47 16.38 -12.77
C GLN A 47 14.92 16.26 -13.30
N GLU A 48 15.51 15.10 -13.07
CA GLU A 48 16.86 14.79 -13.53
C GLU A 48 16.84 13.42 -14.20
N GLU A 49 17.61 13.26 -15.28
CA GLU A 49 17.64 12.01 -16.02
C GLU A 49 18.18 10.84 -15.22
N THR A 50 17.30 9.94 -14.81
CA THR A 50 17.71 8.77 -14.04
C THR A 50 17.39 7.49 -14.79
N GLY A 51 16.50 7.60 -15.78
CA GLY A 51 16.09 6.46 -16.57
C GLY A 51 14.81 5.84 -16.03
N GLY A 52 14.33 4.80 -16.70
CA GLY A 52 13.11 4.14 -16.25
C GLY A 52 12.71 2.93 -17.08
N VAL A 53 11.87 2.09 -16.49
CA VAL A 53 11.38 0.89 -17.14
C VAL A 53 9.86 0.93 -17.30
N PHE A 54 9.37 0.40 -18.41
CA PHE A 54 7.94 0.34 -18.67
C PHE A 54 7.52 -1.09 -18.96
N LEU A 55 6.40 -1.49 -18.39
CA LEU A 55 5.86 -2.84 -18.61
C LEU A 55 4.59 -2.71 -19.42
N CYS A 56 4.68 -3.06 -20.69
CA CYS A 56 3.54 -2.97 -21.61
C CYS A 56 2.78 -4.26 -21.84
N PRO A 57 1.49 -4.28 -21.45
CA PRO A 57 0.67 -5.49 -21.65
C PRO A 57 0.29 -5.51 -23.15
N TRP A 58 -0.02 -6.69 -23.67
CA TRP A 58 -0.39 -6.76 -25.09
C TRP A 58 -1.77 -6.22 -25.44
N ARG A 59 -1.81 -5.37 -26.45
CA ARG A 59 -3.05 -4.79 -26.93
C ARG A 59 -2.82 -4.14 -28.29
N ALA A 60 -3.47 -4.70 -29.31
CA ALA A 60 -3.37 -4.26 -30.71
C ALA A 60 -3.41 -2.76 -30.92
N GLU A 61 -3.98 -2.04 -29.97
CA GLU A 61 -4.05 -0.60 -30.06
C GLU A 61 -2.69 0.04 -29.68
N GLY A 62 -2.10 -0.42 -28.57
CA GLY A 62 -0.82 0.08 -28.12
C GLY A 62 -0.91 1.30 -27.22
N GLY A 63 -0.03 2.28 -27.47
CA GLY A 63 -0.02 3.50 -26.67
C GLY A 63 0.79 3.42 -25.39
N GLN A 64 0.47 4.29 -24.43
CA GLN A 64 1.16 4.36 -23.14
C GLN A 64 1.18 3.07 -22.31
N CYS A 65 2.16 2.97 -21.42
CA CYS A 65 2.28 1.81 -20.55
C CYS A 65 2.60 2.26 -19.12
N PRO A 66 2.26 1.42 -18.13
CA PRO A 66 2.55 1.77 -16.73
C PRO A 66 4.07 1.77 -16.54
N SER A 67 4.55 2.54 -15.59
CA SER A 67 5.98 2.57 -15.34
C SER A 67 6.29 1.53 -14.28
N LEU A 68 7.43 0.86 -14.44
CA LEU A 68 7.86 -0.15 -13.49
C LEU A 68 8.72 0.63 -12.48
N LEU A 69 8.18 0.82 -11.28
CA LEU A 69 8.82 1.58 -10.19
C LEU A 69 10.15 1.03 -9.68
N PHE A 70 11.10 1.92 -9.44
CA PHE A 70 12.41 1.54 -8.94
C PHE A 70 12.92 2.69 -8.07
N ASP A 71 13.86 2.41 -7.17
CA ASP A 71 14.41 3.45 -6.31
C ASP A 71 15.20 4.42 -7.18
N LEU A 72 14.71 5.65 -7.29
CA LEU A 72 15.39 6.65 -8.11
C LEU A 72 16.23 7.68 -7.37
N ARG A 73 16.32 7.57 -6.04
CA ARG A 73 17.07 8.56 -5.29
C ARG A 73 18.41 8.07 -4.74
N ASP A 74 19.37 8.98 -4.60
CA ASP A 74 20.72 8.66 -4.13
C ASP A 74 20.76 8.06 -2.73
N GLU A 75 21.73 7.18 -2.52
CA GLU A 75 21.90 6.52 -1.23
C GLU A 75 23.23 6.95 -0.62
N THR A 76 23.28 6.96 0.71
CA THR A 76 24.47 7.32 1.47
C THR A 76 24.38 6.52 2.76
N ARG A 77 25.46 5.81 3.08
CA ARG A 77 25.49 4.99 4.29
C ARG A 77 26.87 4.99 4.90
N ASN A 78 26.93 4.97 6.22
CA ASN A 78 28.21 4.95 6.91
C ASN A 78 28.45 3.59 7.52
N VAL A 79 29.54 2.95 7.11
CA VAL A 79 29.90 1.64 7.65
C VAL A 79 31.28 1.83 8.22
N GLY A 80 31.31 1.94 9.54
CA GLY A 80 32.56 2.17 10.25
C GLY A 80 33.09 3.57 9.99
N SER A 81 34.23 3.60 9.29
CA SER A 81 34.93 4.82 8.97
C SER A 81 34.73 5.32 7.57
N GLN A 82 33.93 4.58 6.81
CA GLN A 82 33.67 4.95 5.44
C GLN A 82 32.25 5.40 5.16
N THR A 83 32.14 6.36 4.26
CA THR A 83 30.85 6.83 3.81
C THR A 83 30.70 6.25 2.41
N LEU A 84 29.74 5.34 2.25
CA LEU A 84 29.47 4.70 0.97
C LEU A 84 28.37 5.51 0.31
N GLN A 85 28.58 5.90 -0.94
CA GLN A 85 27.56 6.68 -1.63
C GLN A 85 27.32 6.33 -3.10
N THR A 86 26.04 6.28 -3.50
CA THR A 86 25.63 5.97 -4.87
C THR A 86 24.98 7.18 -5.53
N PHE A 87 25.36 7.45 -6.78
CA PHE A 87 24.84 8.58 -7.55
C PHE A 87 24.04 8.09 -8.76
N LYS A 88 22.76 8.45 -8.81
CA LYS A 88 21.88 8.03 -9.90
C LYS A 88 21.67 9.03 -11.03
N ALA A 89 22.37 10.16 -11.00
CA ALA A 89 22.19 11.14 -12.07
C ALA A 89 22.72 10.66 -13.41
N ARG A 90 21.83 10.51 -14.37
CA ARG A 90 22.18 10.05 -15.73
C ARG A 90 22.70 8.62 -15.73
N GLN A 91 22.26 7.83 -14.76
CA GLN A 91 22.69 6.45 -14.61
C GLN A 91 22.22 5.54 -15.75
N GLY A 92 21.24 6.03 -16.52
CA GLY A 92 20.70 5.27 -17.64
C GLY A 92 19.97 3.99 -17.28
N LEU A 93 19.07 4.05 -16.30
CA LEU A 93 18.29 2.86 -15.92
C LEU A 93 17.45 2.45 -17.13
N GLY A 94 17.58 1.18 -17.52
CA GLY A 94 16.84 0.69 -18.67
C GLY A 94 17.64 0.79 -19.97
N ALA A 95 18.96 0.90 -19.84
CA ALA A 95 19.83 0.95 -21.02
C ALA A 95 20.01 -0.49 -21.42
N SER A 96 19.46 -1.37 -20.60
CA SER A 96 19.52 -2.80 -20.79
C SER A 96 18.45 -3.47 -19.92
N VAL A 97 17.48 -4.12 -20.57
CA VAL A 97 16.42 -4.82 -19.84
C VAL A 97 16.36 -6.28 -20.27
N VAL A 98 15.92 -7.16 -19.38
CA VAL A 98 15.83 -8.56 -19.73
C VAL A 98 14.97 -9.32 -18.72
N SER A 99 13.95 -10.01 -19.23
CA SER A 99 13.06 -10.79 -18.39
C SER A 99 13.41 -12.27 -18.38
N TRP A 100 13.30 -12.89 -17.22
CA TRP A 100 13.57 -14.31 -17.06
C TRP A 100 12.46 -14.87 -16.22
N SER A 101 11.85 -15.91 -16.58
CA SER A 101 10.49 -16.36 -16.25
C SER A 101 9.68 -15.38 -15.39
N ASP A 102 9.72 -15.74 -14.03
CA ASP A 102 9.15 -14.61 -13.16
C ASP A 102 9.64 -13.17 -12.93
N VAL A 103 10.93 -12.93 -13.09
CA VAL A 103 11.50 -11.61 -12.85
C VAL A 103 12.02 -10.78 -14.03
N ILE A 104 12.02 -9.46 -13.87
CA ILE A 104 12.52 -8.53 -14.86
C ILE A 104 13.83 -7.95 -14.29
N VAL A 105 14.79 -7.64 -15.17
CA VAL A 105 16.08 -7.10 -14.75
C VAL A 105 16.49 -5.90 -15.59
N ALA A 106 16.53 -4.73 -14.98
CA ALA A 106 16.92 -3.50 -15.66
C ALA A 106 18.23 -3.00 -15.08
N CYS A 107 19.08 -2.41 -15.93
CA CYS A 107 20.38 -1.94 -15.48
C CYS A 107 20.74 -0.49 -15.82
N ALA A 108 21.50 0.10 -14.92
CA ALA A 108 21.99 1.47 -15.07
C ALA A 108 23.50 1.34 -15.18
N PRO A 109 24.02 1.22 -16.42
CA PRO A 109 25.44 1.08 -16.70
C PRO A 109 26.23 2.27 -16.18
N TRP A 110 25.59 3.43 -16.15
CA TRP A 110 26.27 4.66 -15.75
C TRP A 110 26.06 5.21 -14.35
N GLN A 111 25.48 4.41 -13.46
CA GLN A 111 25.29 4.86 -12.08
C GLN A 111 26.67 5.00 -11.44
N HIS A 112 26.97 6.15 -10.84
CA HIS A 112 28.26 6.32 -10.21
C HIS A 112 28.28 5.89 -8.76
N TRP A 113 29.49 5.75 -8.24
CA TRP A 113 29.71 5.27 -6.88
C TRP A 113 30.98 5.90 -6.33
N ASN A 114 31.09 5.94 -5.00
CA ASN A 114 32.25 6.49 -4.33
C ASN A 114 32.23 6.07 -2.88
N VAL A 115 33.41 6.13 -2.27
CA VAL A 115 33.58 5.80 -0.86
C VAL A 115 34.54 6.85 -0.34
N LEU A 116 34.22 7.37 0.85
CA LEU A 116 35.03 8.41 1.48
C LEU A 116 35.61 7.90 2.78
N GLU A 117 36.88 8.19 3.02
CA GLU A 117 37.50 7.78 4.28
C GLU A 117 38.52 8.85 4.69
N LYS A 118 38.06 9.71 5.58
CA LYS A 118 38.90 10.79 5.99
C LYS A 118 39.07 11.61 4.72
N THR A 119 40.33 11.84 4.41
CA THR A 119 40.74 12.75 3.33
C THR A 119 41.15 12.01 2.03
N GLU A 120 40.80 10.77 1.95
CA GLU A 120 41.06 9.93 0.80
C GLU A 120 39.70 9.43 0.32
N GLU A 121 39.66 9.16 -0.96
CA GLU A 121 38.47 8.62 -1.52
C GLU A 121 38.86 7.48 -2.40
N ALA A 122 37.91 6.98 -3.18
CA ALA A 122 38.21 5.68 -3.97
C ALA A 122 37.86 6.31 -5.27
N GLU A 123 37.17 6.70 -5.95
CA GLU A 123 36.77 7.89 -6.85
C GLU A 123 35.37 7.73 -7.15
N LYS A 124 34.81 9.00 -7.69
CA LYS A 124 33.56 8.77 -8.12
C LYS A 124 33.62 8.16 -9.53
N THR A 125 33.08 6.97 -9.69
CA THR A 125 33.13 6.29 -10.98
C THR A 125 31.88 5.49 -11.31
N PRO A 126 31.67 5.18 -12.61
CA PRO A 126 30.53 4.43 -13.15
C PRO A 126 30.63 2.93 -12.92
N VAL A 127 30.33 2.45 -11.73
CA VAL A 127 30.38 1.02 -11.51
C VAL A 127 29.17 0.35 -12.15
N GLY A 128 28.11 1.12 -12.34
CA GLY A 128 26.87 0.62 -12.91
C GLY A 128 26.12 -0.21 -11.89
N SER A 129 24.89 -0.62 -12.21
CA SER A 129 24.11 -1.41 -11.29
C SER A 129 22.85 -2.01 -11.94
N CYS A 130 22.41 -3.17 -11.48
CA CYS A 130 21.18 -3.77 -12.02
C CYS A 130 20.11 -3.86 -10.94
N PHE A 131 18.89 -3.56 -11.34
CA PHE A 131 17.75 -3.61 -10.46
C PHE A 131 16.86 -4.78 -10.85
N LEU A 132 16.64 -5.69 -9.92
CA LEU A 132 15.80 -6.86 -10.15
C LEU A 132 14.40 -6.61 -9.60
N ALA A 133 13.39 -7.04 -10.36
CA ALA A 133 11.99 -6.84 -9.96
C ALA A 133 11.11 -8.05 -10.26
N GLN A 134 10.18 -8.33 -9.37
CA GLN A 134 9.21 -9.42 -9.51
C GLN A 134 7.86 -8.70 -9.45
N PRO A 135 7.40 -8.14 -10.57
CA PRO A 135 6.15 -7.39 -10.76
C PRO A 135 4.90 -7.89 -10.06
N GLU A 136 4.80 -9.19 -9.85
CA GLU A 136 3.63 -9.76 -9.19
C GLU A 136 3.64 -9.37 -7.72
N SER A 137 4.67 -9.81 -7.01
CA SER A 137 4.82 -9.52 -5.60
C SER A 137 5.31 -8.09 -5.30
N GLY A 138 5.64 -7.35 -6.34
CA GLY A 138 6.13 -5.99 -6.18
C GLY A 138 7.52 -5.90 -5.56
N ARG A 139 8.12 -7.07 -5.31
CA ARG A 139 9.46 -7.16 -4.73
C ARG A 139 10.54 -6.55 -5.58
N ARG A 140 11.64 -6.21 -4.92
CA ARG A 140 12.80 -5.61 -5.56
C ARG A 140 14.07 -6.21 -4.96
N ALA A 141 15.17 -6.07 -5.68
CA ALA A 141 16.48 -6.54 -5.26
C ALA A 141 17.45 -5.77 -6.14
N GLU A 142 18.72 -5.79 -5.77
CA GLU A 142 19.73 -5.06 -6.52
C GLU A 142 20.96 -5.94 -6.64
N TYR A 143 21.77 -5.67 -7.64
CA TYR A 143 23.00 -6.42 -7.86
C TYR A 143 24.01 -5.49 -8.50
N SER A 144 25.10 -5.26 -7.78
CA SER A 144 26.14 -4.37 -8.27
C SER A 144 27.47 -4.95 -7.85
N PRO A 145 27.91 -6.00 -8.56
CA PRO A 145 29.17 -6.73 -8.31
C PRO A 145 30.47 -5.92 -8.40
N CYS A 146 30.43 -4.71 -8.91
CA CYS A 146 31.66 -3.93 -9.04
C CYS A 146 31.96 -2.86 -7.98
N ARG A 147 31.03 -2.60 -7.07
CA ARG A 147 31.24 -1.60 -6.04
C ARG A 147 32.36 -2.09 -5.13
N GLY A 148 33.27 -1.18 -4.80
CA GLY A 148 34.37 -1.54 -3.92
C GLY A 148 34.60 -0.50 -2.85
N ASN A 149 35.50 -0.79 -1.91
CA ASN A 149 35.81 0.15 -0.85
C ASN A 149 37.32 0.32 -0.65
N THR A 150 38.06 0.20 -1.74
CA THR A 150 39.50 0.37 -1.74
C THR A 150 39.79 1.82 -2.14
N LEU A 151 40.63 2.50 -1.36
CA LEU A 151 40.96 3.89 -1.62
C LEU A 151 41.85 4.10 -2.84
N SER A 152 41.64 5.22 -3.52
CA SER A 152 42.38 5.60 -4.71
C SER A 152 43.88 5.26 -4.67
N ARG A 153 44.55 5.69 -3.60
CA ARG A 153 45.99 5.45 -3.41
C ARG A 153 46.45 3.99 -3.55
N ILE A 154 45.63 3.05 -3.09
CA ILE A 154 45.98 1.63 -3.16
C ILE A 154 46.11 1.16 -4.60
N TYR A 155 45.19 1.58 -5.45
CA TYR A 155 45.21 1.19 -6.85
C TYR A 155 46.48 1.71 -7.51
N VAL A 156 46.89 2.92 -7.15
CA VAL A 156 48.09 3.51 -7.73
C VAL A 156 49.34 2.70 -7.37
N GLU A 157 49.36 2.13 -6.18
CA GLU A 157 50.50 1.32 -5.75
C GLU A 157 50.43 -0.09 -6.34
N ASN A 158 49.21 -0.60 -6.53
CA ASN A 158 48.99 -1.93 -7.10
C ASN A 158 49.12 -1.88 -8.60
N ASP A 159 49.28 -0.66 -9.10
CA ASP A 159 49.39 -0.39 -10.52
C ASP A 159 48.09 -0.71 -11.23
N PHE A 160 46.99 -0.43 -10.54
CA PHE A 160 45.64 -0.62 -11.05
C PHE A 160 45.23 -2.08 -11.26
N SER A 161 45.46 -2.91 -10.25
CA SER A 161 45.10 -4.32 -10.31
C SER A 161 43.68 -4.54 -9.86
N TRP A 162 42.93 -5.32 -10.65
CA TRP A 162 41.55 -5.67 -10.32
C TRP A 162 40.71 -4.44 -10.03
N ASP A 163 40.85 -3.46 -10.90
CA ASP A 163 40.18 -2.18 -10.82
C ASP A 163 38.81 -2.23 -11.51
N LYS A 164 37.78 -2.46 -10.71
CA LYS A 164 36.43 -2.56 -11.24
C LYS A 164 35.68 -1.25 -11.09
N ARG A 165 36.41 -0.15 -10.93
CA ARG A 165 35.75 1.13 -10.71
C ARG A 165 34.92 1.68 -11.86
N TYR A 166 35.24 1.28 -13.08
CA TYR A 166 34.54 1.80 -14.24
C TYR A 166 33.77 0.71 -15.01
N CYS A 167 33.51 -0.41 -14.34
CA CYS A 167 32.78 -1.55 -14.92
C CYS A 167 31.71 -1.24 -15.95
N GLU A 168 30.72 -0.46 -15.51
CA GLU A 168 29.54 -0.09 -16.27
C GLU A 168 28.73 -1.39 -16.35
N ALA A 169 28.72 -2.09 -15.22
CA ALA A 169 28.01 -3.34 -15.07
C ALA A 169 26.60 -3.21 -15.57
N GLY A 170 26.13 -4.25 -16.26
CA GLY A 170 24.78 -4.25 -16.80
C GLY A 170 24.70 -3.49 -18.11
N PHE A 171 25.85 -3.16 -18.67
CA PHE A 171 25.90 -2.46 -19.96
C PHE A 171 25.12 -3.33 -20.97
N SER A 172 25.30 -4.64 -20.83
CA SER A 172 24.65 -5.65 -21.65
C SER A 172 24.30 -6.79 -20.69
N SER A 173 23.29 -7.60 -21.01
CA SER A 173 22.90 -8.70 -20.10
C SER A 173 22.13 -9.87 -20.72
N VAL A 174 22.14 -11.00 -20.02
CA VAL A 174 21.44 -12.22 -20.42
C VAL A 174 21.21 -13.10 -19.20
N VAL A 175 20.18 -13.93 -19.25
CA VAL A 175 19.92 -14.84 -18.14
C VAL A 175 19.88 -16.22 -18.76
N THR A 176 20.69 -17.13 -18.26
CA THR A 176 20.66 -18.48 -18.81
C THR A 176 19.28 -19.06 -18.46
N GLN A 177 18.93 -20.18 -19.08
CA GLN A 177 17.64 -20.82 -18.82
C GLN A 177 17.53 -21.26 -17.36
N ALA A 178 18.65 -21.68 -16.78
CA ALA A 178 18.67 -22.14 -15.40
C ALA A 178 18.54 -21.01 -14.35
N GLY A 179 18.47 -19.77 -14.82
CA GLY A 179 18.33 -18.66 -13.90
C GLY A 179 19.58 -17.96 -13.40
N GLU A 180 20.68 -18.05 -14.15
CA GLU A 180 21.93 -17.37 -13.79
C GLU A 180 21.94 -16.07 -14.58
N LEU A 181 22.12 -14.94 -13.89
CA LEU A 181 22.16 -13.64 -14.55
C LEU A 181 23.61 -13.37 -14.95
N VAL A 182 23.83 -13.00 -16.20
CA VAL A 182 25.17 -12.70 -16.70
C VAL A 182 25.24 -11.24 -17.19
N LEU A 183 26.06 -10.47 -16.48
CA LEU A 183 26.25 -9.05 -16.78
C LEU A 183 27.54 -8.75 -17.54
N GLY A 184 27.44 -7.84 -18.50
CA GLY A 184 28.59 -7.45 -19.28
C GLY A 184 29.08 -6.10 -18.80
N ALA A 185 30.32 -6.04 -18.34
CA ALA A 185 30.92 -4.79 -17.85
C ALA A 185 32.12 -4.42 -18.73
N PRO A 186 31.88 -3.73 -19.85
CA PRO A 186 32.96 -3.35 -20.75
C PRO A 186 34.09 -2.46 -20.19
N GLY A 187 33.83 -1.80 -19.07
CA GLY A 187 34.83 -0.92 -18.49
C GLY A 187 35.67 -1.61 -17.44
N GLY A 188 35.26 -2.82 -17.06
CA GLY A 188 35.96 -3.58 -16.04
C GLY A 188 37.46 -3.74 -16.21
N TYR A 189 38.15 -3.84 -15.08
CA TYR A 189 39.60 -3.99 -15.03
C TYR A 189 40.30 -2.94 -15.87
N TYR A 190 39.95 -1.69 -15.60
CA TYR A 190 40.55 -0.56 -16.29
C TYR A 190 40.36 -0.61 -17.82
N PHE A 191 39.11 -0.85 -18.22
CA PHE A 191 38.68 -0.90 -19.62
C PHE A 191 38.99 -2.15 -20.44
N LEU A 192 39.37 -3.23 -19.77
CA LEU A 192 39.61 -4.47 -20.49
C LEU A 192 38.24 -5.05 -20.81
N GLY A 193 37.39 -5.07 -19.79
CA GLY A 193 36.05 -5.60 -19.90
C GLY A 193 35.98 -6.80 -18.98
N LEU A 194 34.82 -7.03 -18.39
CA LEU A 194 34.62 -8.16 -17.53
C LEU A 194 33.16 -8.59 -17.58
N LEU A 195 32.90 -9.76 -17.03
CA LEU A 195 31.57 -10.32 -17.02
C LEU A 195 31.38 -10.80 -15.61
N ALA A 196 30.19 -10.59 -15.07
CA ALA A 196 29.90 -11.02 -13.72
C ALA A 196 28.59 -11.77 -13.76
N GLN A 197 28.46 -12.81 -12.93
CA GLN A 197 27.23 -13.56 -12.91
C GLN A 197 26.93 -14.16 -11.57
N ALA A 198 25.65 -14.36 -11.33
CA ALA A 198 25.14 -14.95 -10.09
C ALA A 198 23.72 -15.42 -10.36
N PRO A 199 23.24 -16.36 -9.54
CA PRO A 199 21.89 -16.88 -9.71
C PRO A 199 20.86 -15.87 -9.21
N VAL A 200 19.89 -15.53 -10.05
CA VAL A 200 18.82 -14.60 -9.68
C VAL A 200 18.22 -14.93 -8.30
N ALA A 201 18.02 -16.20 -7.99
CA ALA A 201 17.49 -16.58 -6.69
C ALA A 201 18.41 -16.11 -5.56
N ASP A 202 19.73 -16.29 -5.74
CA ASP A 202 20.72 -15.88 -4.73
C ASP A 202 20.85 -14.37 -4.61
N ILE A 203 20.62 -13.66 -5.72
CA ILE A 203 20.68 -12.21 -5.70
C ILE A 203 19.57 -11.71 -4.81
N PHE A 204 18.37 -12.22 -5.02
CA PHE A 204 17.21 -11.85 -4.21
C PHE A 204 17.38 -12.21 -2.74
N SER A 205 17.81 -13.43 -2.46
CA SER A 205 17.95 -13.91 -1.09
C SER A 205 19.07 -13.26 -0.28
N SER A 206 20.18 -12.93 -0.93
CA SER A 206 21.29 -12.31 -0.22
C SER A 206 21.16 -10.79 -0.08
N TYR A 207 20.31 -10.17 -0.88
CA TYR A 207 20.10 -8.73 -0.81
C TYR A 207 19.47 -8.34 0.51
N ARG A 208 19.92 -7.21 1.04
CA ARG A 208 19.43 -6.65 2.31
C ARG A 208 19.27 -5.16 2.02
N PRO A 209 18.07 -4.61 2.25
CA PRO A 209 17.84 -3.18 1.99
C PRO A 209 18.61 -2.36 3.03
N GLY A 210 19.45 -1.45 2.55
CA GLY A 210 20.25 -0.66 3.48
C GLY A 210 21.74 -0.92 3.33
N ILE A 211 22.10 -2.16 2.98
CA ILE A 211 23.51 -2.53 2.76
C ILE A 211 23.85 -2.15 1.31
N LEU A 212 24.91 -1.36 1.13
CA LEU A 212 25.28 -0.91 -0.20
C LEU A 212 26.42 -1.67 -0.86
N LEU A 213 27.20 -2.38 -0.05
CA LEU A 213 28.31 -3.14 -0.54
C LEU A 213 28.22 -4.53 0.07
N TRP A 214 27.89 -5.51 -0.77
CA TRP A 214 27.76 -6.88 -0.29
C TRP A 214 28.28 -7.88 -1.31
N HIS A 215 28.55 -9.10 -0.85
CA HIS A 215 29.04 -10.15 -1.72
C HIS A 215 28.00 -11.26 -1.86
N VAL A 216 27.53 -11.47 -3.10
CA VAL A 216 26.56 -12.54 -3.38
C VAL A 216 27.45 -13.78 -3.46
N SER A 217 27.39 -14.60 -2.42
CA SER A 217 28.20 -15.81 -2.28
C SER A 217 28.44 -16.73 -3.49
N SER A 218 27.39 -16.98 -4.26
CA SER A 218 27.45 -17.86 -5.42
C SER A 218 27.76 -17.13 -6.72
N GLN A 219 28.54 -16.07 -6.63
CA GLN A 219 28.87 -15.25 -7.78
C GLN A 219 30.28 -15.48 -8.30
N SER A 220 30.51 -15.09 -9.55
CA SER A 220 31.83 -15.24 -10.14
C SER A 220 32.05 -14.24 -11.26
N LEU A 221 33.23 -13.63 -11.24
CA LEU A 221 33.58 -12.63 -12.25
C LEU A 221 34.76 -13.11 -13.11
N SER A 222 34.86 -12.55 -14.32
CA SER A 222 35.96 -12.88 -15.22
C SER A 222 37.30 -12.40 -14.63
N PHE A 223 38.38 -12.42 -15.41
CA PHE A 223 39.67 -12.04 -14.85
C PHE A 223 40.41 -10.88 -15.48
N ASP A 224 41.36 -10.34 -14.72
CA ASP A 224 42.18 -9.25 -15.22
C ASP A 224 43.32 -9.87 -16.05
N SER A 225 43.86 -9.14 -17.01
CA SER A 225 44.93 -9.67 -17.82
C SER A 225 46.03 -8.65 -18.03
N SER A 226 47.25 -9.13 -18.24
CA SER A 226 48.40 -8.25 -18.49
C SER A 226 48.79 -8.31 -19.97
N ASN A 227 48.03 -9.12 -20.72
CA ASN A 227 48.21 -9.32 -22.16
C ASN A 227 47.63 -8.09 -22.87
N PRO A 228 48.50 -7.33 -23.55
CA PRO A 228 48.12 -6.10 -24.28
C PRO A 228 46.95 -6.23 -25.24
N GLU A 229 46.73 -7.42 -25.77
CA GLU A 229 45.64 -7.66 -26.72
C GLU A 229 44.27 -7.33 -26.13
N TYR A 230 44.13 -7.46 -24.82
CA TYR A 230 42.87 -7.18 -24.17
C TYR A 230 42.69 -5.72 -23.77
N PHE A 231 43.77 -4.95 -23.76
CA PHE A 231 43.70 -3.55 -23.38
C PHE A 231 42.70 -2.78 -24.20
N ASP A 232 41.77 -2.12 -23.51
CA ASP A 232 40.74 -1.31 -24.14
C ASP A 232 39.87 -2.08 -25.15
N GLY A 233 39.69 -3.37 -24.86
CA GLY A 233 38.91 -4.25 -25.72
C GLY A 233 37.40 -4.15 -25.55
N TYR A 234 36.94 -3.82 -24.35
CA TYR A 234 35.52 -3.69 -24.05
C TYR A 234 34.83 -5.05 -24.05
N TRP A 235 35.60 -6.04 -23.61
CA TRP A 235 35.11 -7.39 -23.51
C TRP A 235 33.86 -7.32 -22.64
N GLY A 236 32.70 -7.56 -23.24
CA GLY A 236 31.48 -7.51 -22.46
C GLY A 236 30.53 -6.46 -22.97
N TYR A 237 30.89 -5.86 -24.10
CA TYR A 237 30.09 -4.83 -24.72
C TYR A 237 28.77 -5.47 -25.15
N SER A 238 28.76 -6.79 -25.22
CA SER A 238 27.56 -7.54 -25.62
C SER A 238 27.75 -8.98 -25.22
N VAL A 239 26.67 -9.66 -24.87
CA VAL A 239 26.73 -11.05 -24.45
C VAL A 239 25.56 -11.91 -24.91
N ALA A 240 25.75 -13.22 -24.82
CA ALA A 240 24.76 -14.19 -25.21
C ALA A 240 25.15 -15.53 -24.60
N VAL A 241 24.22 -16.48 -24.58
CA VAL A 241 24.49 -17.80 -24.03
C VAL A 241 24.11 -18.87 -25.05
N GLY A 242 24.57 -20.09 -24.82
CA GLY A 242 24.25 -21.17 -25.73
C GLY A 242 25.03 -22.45 -25.47
N GLU A 243 24.74 -23.48 -26.25
CA GLU A 243 25.43 -24.77 -26.12
C GLU A 243 26.46 -24.87 -27.25
N PHE A 244 27.73 -24.94 -26.88
CA PHE A 244 28.79 -25.00 -27.88
C PHE A 244 29.87 -26.06 -27.70
N ASP A 245 29.88 -26.74 -26.57
CA ASP A 245 30.90 -27.78 -26.34
C ASP A 245 30.33 -29.21 -26.38
N GLY A 246 29.08 -29.34 -26.78
CA GLY A 246 28.46 -30.66 -26.85
C GLY A 246 27.84 -31.15 -25.54
N ASP A 247 28.40 -30.73 -24.40
CA ASP A 247 27.87 -31.14 -23.09
C ASP A 247 26.70 -30.26 -22.69
N LEU A 248 25.49 -30.81 -22.80
CA LEU A 248 24.24 -30.10 -22.47
C LEU A 248 24.03 -29.85 -20.98
N ASN A 249 24.94 -30.37 -20.16
CA ASN A 249 24.86 -30.19 -18.71
C ASN A 249 25.52 -28.85 -18.35
N THR A 250 26.36 -28.35 -19.25
CA THR A 250 27.07 -27.09 -19.06
C THR A 250 26.69 -26.06 -20.12
N THR A 251 26.52 -24.80 -19.70
CA THR A 251 26.18 -23.71 -20.62
C THR A 251 27.42 -22.87 -20.87
N GLU A 252 27.55 -22.32 -22.07
CA GLU A 252 28.69 -21.48 -22.40
C GLU A 252 28.26 -20.07 -22.74
N TYR A 253 29.20 -19.14 -22.61
CA TYR A 253 28.96 -17.72 -22.85
C TYR A 253 29.62 -17.24 -24.13
N VAL A 254 28.99 -16.25 -24.76
CA VAL A 254 29.49 -15.66 -25.99
C VAL A 254 29.63 -14.19 -25.63
N VAL A 255 30.87 -13.69 -25.66
CA VAL A 255 31.16 -12.31 -25.31
C VAL A 255 31.68 -11.52 -26.48
N GLY A 256 31.25 -10.27 -26.60
CA GLY A 256 31.74 -9.43 -27.67
C GLY A 256 32.75 -8.42 -27.11
N ALA A 257 33.87 -8.25 -27.83
CA ALA A 257 34.94 -7.32 -27.46
C ALA A 257 35.27 -6.61 -28.76
N PRO A 258 34.40 -5.68 -29.16
CA PRO A 258 34.47 -4.88 -30.37
C PRO A 258 35.73 -4.09 -30.63
N THR A 259 36.59 -3.95 -29.64
CA THR A 259 37.84 -3.19 -29.82
C THR A 259 39.11 -3.98 -29.48
N TRP A 260 38.95 -5.28 -29.30
CA TRP A 260 40.05 -6.18 -28.96
C TRP A 260 41.23 -6.03 -29.91
N SER A 261 42.43 -6.35 -29.41
CA SER A 261 43.68 -6.25 -30.18
C SER A 261 43.78 -5.04 -31.09
N TRP A 262 43.82 -3.88 -30.48
CA TRP A 262 43.94 -2.63 -31.20
C TRP A 262 42.84 -2.43 -32.24
N THR A 263 41.59 -2.44 -31.76
CA THR A 263 40.39 -2.24 -32.57
C THR A 263 40.13 -3.28 -33.68
N LEU A 264 40.74 -4.44 -33.56
CA LEU A 264 40.55 -5.49 -34.54
C LEU A 264 39.22 -6.16 -34.23
N GLY A 265 38.82 -6.13 -32.96
CA GLY A 265 37.56 -6.74 -32.55
C GLY A 265 37.65 -8.25 -32.40
N ALA A 266 36.74 -8.83 -31.62
CA ALA A 266 36.73 -10.27 -31.41
C ALA A 266 35.48 -10.70 -30.65
N VAL A 267 35.22 -12.01 -30.65
CA VAL A 267 34.10 -12.60 -29.95
C VAL A 267 34.67 -13.87 -29.35
N GLU A 268 34.20 -14.28 -28.17
CA GLU A 268 34.75 -15.47 -27.53
C GLU A 268 33.69 -16.41 -26.95
N ILE A 269 34.01 -17.69 -26.95
CA ILE A 269 33.11 -18.68 -26.40
C ILE A 269 33.85 -19.16 -25.16
N LEU A 270 33.19 -19.09 -24.02
CA LEU A 270 33.80 -19.47 -22.73
C LEU A 270 32.86 -20.39 -22.00
N ASP A 271 33.39 -21.20 -21.09
CA ASP A 271 32.50 -22.03 -20.28
C ASP A 271 32.04 -21.14 -19.12
N SER A 272 31.32 -21.69 -18.14
CA SER A 272 30.84 -20.87 -17.04
C SER A 272 31.95 -20.43 -16.07
N TYR A 273 33.15 -20.99 -16.23
CA TYR A 273 34.29 -20.66 -15.38
C TYR A 273 35.25 -19.75 -16.12
N TYR A 274 34.74 -19.16 -17.19
CA TYR A 274 35.46 -18.20 -18.02
C TYR A 274 36.67 -18.71 -18.76
N GLN A 275 36.85 -20.03 -18.75
CA GLN A 275 37.97 -20.66 -19.45
C GLN A 275 37.63 -20.55 -20.95
N ARG A 276 38.58 -20.09 -21.75
CA ARG A 276 38.37 -19.95 -23.19
C ARG A 276 38.13 -21.24 -23.99
N LEU A 277 37.18 -21.18 -24.92
CA LEU A 277 36.84 -22.31 -25.78
C LEU A 277 37.19 -22.00 -27.23
N HIS A 278 37.02 -20.75 -27.62
CA HIS A 278 37.34 -20.35 -28.98
C HIS A 278 37.29 -18.83 -29.14
N ARG A 279 37.94 -18.33 -30.18
CA ARG A 279 37.94 -16.89 -30.43
C ARG A 279 37.84 -16.53 -31.90
N LEU A 280 36.77 -15.85 -32.27
CA LEU A 280 36.61 -15.40 -33.64
C LEU A 280 37.16 -13.99 -33.69
N ARG A 281 38.27 -13.81 -34.40
CA ARG A 281 38.87 -12.49 -34.54
C ARG A 281 38.12 -11.81 -35.67
N ALA A 282 38.30 -10.52 -35.83
CA ALA A 282 37.61 -9.85 -36.92
C ALA A 282 38.52 -9.71 -38.13
N GLU A 283 37.97 -9.13 -39.19
CA GLU A 283 38.74 -8.98 -40.41
C GLU A 283 39.05 -7.54 -40.77
N GLN A 284 38.44 -6.59 -40.08
CA GLN A 284 38.74 -5.19 -40.37
C GLN A 284 38.73 -4.34 -39.09
N MET A 285 39.75 -3.51 -38.97
CA MET A 285 39.89 -2.63 -37.80
C MET A 285 38.82 -1.57 -37.80
N ALA A 286 38.31 -1.28 -36.60
CA ALA A 286 37.28 -0.28 -36.39
C ALA A 286 35.91 -0.68 -36.94
N SER A 287 35.76 -1.93 -37.35
CA SER A 287 34.50 -2.42 -37.92
C SER A 287 33.50 -2.67 -36.82
N TYR A 288 34.01 -2.81 -35.61
CA TYR A 288 33.22 -3.07 -34.40
C TYR A 288 32.63 -4.47 -34.37
N PHE A 289 33.48 -5.41 -34.75
CA PHE A 289 33.13 -6.81 -34.78
C PHE A 289 32.92 -7.26 -33.34
N GLY A 290 31.69 -7.49 -32.97
CA GLY A 290 31.41 -7.94 -31.61
C GLY A 290 30.33 -7.06 -31.02
N HIS A 291 29.98 -6.01 -31.74
CA HIS A 291 28.95 -5.09 -31.31
C HIS A 291 27.70 -5.87 -30.90
N SER A 292 27.27 -6.79 -31.77
CA SER A 292 26.10 -7.63 -31.52
C SER A 292 26.49 -9.09 -31.59
N VAL A 293 25.78 -9.95 -30.86
CA VAL A 293 26.07 -11.38 -30.89
C VAL A 293 24.82 -12.20 -30.63
N ALA A 294 24.36 -12.95 -31.63
CA ALA A 294 23.17 -13.78 -31.50
C ALA A 294 23.48 -15.27 -31.53
N VAL A 295 22.62 -16.06 -30.91
CA VAL A 295 22.77 -17.50 -30.87
C VAL A 295 21.44 -18.19 -31.19
N THR A 296 21.51 -19.16 -32.11
CA THR A 296 20.35 -19.95 -32.54
C THR A 296 20.78 -20.96 -33.61
N ASP A 297 19.96 -22.00 -33.80
CA ASP A 297 20.22 -23.04 -34.80
C ASP A 297 19.47 -22.69 -36.08
N VAL A 298 20.18 -22.06 -37.02
CA VAL A 298 19.60 -21.63 -38.28
C VAL A 298 19.42 -22.66 -39.39
N ASN A 299 20.07 -23.82 -39.25
CA ASN A 299 20.00 -24.85 -40.29
C ASN A 299 19.44 -26.19 -39.80
N GLY A 300 18.64 -26.16 -38.75
CA GLY A 300 18.01 -27.37 -38.23
C GLY A 300 18.82 -28.59 -37.82
N ASP A 301 20.16 -28.49 -37.75
CA ASP A 301 20.95 -29.65 -37.35
C ASP A 301 20.99 -29.99 -35.85
N GLY A 302 20.24 -29.25 -35.03
CA GLY A 302 20.20 -29.49 -33.59
C GLY A 302 21.31 -28.84 -32.74
N ARG A 303 22.21 -28.11 -33.39
CA ARG A 303 23.32 -27.43 -32.71
C ARG A 303 23.31 -25.92 -32.94
N HIS A 304 23.53 -25.17 -31.86
CA HIS A 304 23.54 -23.70 -31.91
C HIS A 304 24.59 -23.12 -32.83
N ASP A 305 24.17 -22.12 -33.60
CA ASP A 305 25.06 -21.44 -34.51
C ASP A 305 25.32 -20.04 -33.95
N LEU A 306 26.33 -19.34 -34.50
CA LEU A 306 26.69 -18.01 -34.01
C LEU A 306 26.62 -16.90 -35.05
N LEU A 307 26.03 -15.78 -34.65
CA LEU A 307 25.90 -14.61 -35.51
C LEU A 307 26.63 -13.44 -34.85
N VAL A 308 27.43 -12.73 -35.64
CA VAL A 308 28.21 -11.62 -35.13
C VAL A 308 28.05 -10.38 -36.00
N GLY A 309 27.70 -9.26 -35.38
CA GLY A 309 27.54 -8.03 -36.14
C GLY A 309 28.79 -7.16 -36.07
N ALA A 310 29.09 -6.47 -37.16
CA ALA A 310 30.24 -5.55 -37.24
C ALA A 310 29.68 -4.39 -38.06
N PRO A 311 28.79 -3.62 -37.43
CA PRO A 311 28.10 -2.45 -37.98
C PRO A 311 28.90 -1.42 -38.70
N LEU A 312 30.19 -1.36 -38.40
CA LEU A 312 31.03 -0.36 -39.03
C LEU A 312 31.85 -0.86 -40.19
N TYR A 313 31.68 -2.13 -40.54
CA TYR A 313 32.42 -2.72 -41.64
C TYR A 313 32.41 -1.88 -42.91
N MET A 314 33.59 -1.60 -43.44
CA MET A 314 33.72 -0.84 -44.67
C MET A 314 33.97 -1.86 -45.78
N GLU A 315 33.05 -1.88 -46.74
CA GLU A 315 33.07 -2.81 -47.86
C GLU A 315 33.94 -2.34 -49.02
N SER A 316 34.54 -3.30 -49.73
CA SER A 316 35.40 -2.98 -50.87
C SER A 316 34.66 -2.71 -52.16
N ARG A 317 34.35 -1.45 -52.42
CA ARG A 317 33.68 -1.06 -53.66
C ARG A 317 34.73 -0.96 -54.78
N ALA A 318 34.26 -0.92 -56.02
CA ALA A 318 35.15 -0.80 -57.18
C ALA A 318 35.89 0.54 -57.19
N ASP A 319 37.11 0.52 -57.73
CA ASP A 319 37.96 1.70 -57.86
C ASP A 319 38.81 2.07 -56.63
N ARG A 320 39.28 1.05 -55.90
CA ARG A 320 40.13 1.25 -54.71
C ARG A 320 39.50 2.05 -53.56
N LYS A 321 38.17 2.08 -53.49
CA LYS A 321 37.50 2.81 -52.42
C LYS A 321 36.79 1.85 -51.47
N LEU A 322 36.45 2.36 -50.28
CA LEU A 322 35.76 1.59 -49.25
C LEU A 322 34.44 2.29 -48.90
N ALA A 323 33.47 1.52 -48.39
CA ALA A 323 32.19 2.10 -48.00
C ALA A 323 31.62 1.43 -46.75
N GLU A 324 31.37 2.26 -45.74
CA GLU A 324 30.82 1.79 -44.46
C GLU A 324 29.38 1.37 -44.65
N VAL A 325 29.11 0.08 -44.44
CA VAL A 325 27.77 -0.44 -44.62
C VAL A 325 27.37 -1.41 -43.52
N GLY A 326 28.37 -2.05 -42.93
CA GLY A 326 28.11 -3.01 -41.88
C GLY A 326 28.12 -4.40 -42.44
N ARG A 327 28.23 -5.41 -41.58
CA ARG A 327 28.25 -6.80 -42.05
C ARG A 327 27.99 -7.76 -40.91
N VAL A 328 27.36 -8.89 -41.21
CA VAL A 328 27.07 -9.92 -40.22
C VAL A 328 27.85 -11.16 -40.62
N TYR A 329 28.22 -11.99 -39.66
CA TYR A 329 28.98 -13.20 -39.91
C TYR A 329 28.28 -14.39 -39.31
N LEU A 330 28.16 -15.46 -40.09
CA LEU A 330 27.52 -16.68 -39.62
C LEU A 330 28.57 -17.75 -39.38
N PHE A 331 28.48 -18.42 -38.24
CA PHE A 331 29.42 -19.50 -37.90
C PHE A 331 28.56 -20.69 -37.51
N LEU A 332 28.63 -21.76 -38.28
CA LEU A 332 27.82 -22.94 -37.96
C LEU A 332 28.65 -23.81 -37.09
N GLN A 333 27.99 -24.51 -36.18
CA GLN A 333 28.69 -25.36 -35.27
C GLN A 333 29.01 -26.75 -35.78
N PRO A 334 30.28 -27.04 -35.98
CA PRO A 334 30.64 -28.37 -36.50
C PRO A 334 30.63 -29.41 -35.39
N ARG A 335 30.20 -30.60 -35.60
CA ARG A 335 29.66 -31.47 -34.55
C ARG A 335 30.76 -32.00 -33.65
N GLY A 336 30.51 -32.17 -32.34
CA GLY A 336 31.57 -32.73 -31.53
C GLY A 336 32.66 -31.73 -31.06
N PRO A 337 33.71 -32.32 -30.39
CA PRO A 337 34.90 -31.52 -29.96
C PRO A 337 35.69 -30.85 -31.09
N HIS A 338 35.06 -29.99 -31.87
CA HIS A 338 35.73 -29.34 -33.00
C HIS A 338 35.59 -27.82 -33.04
N ALA A 339 36.66 -27.17 -33.49
CA ALA A 339 36.73 -25.72 -33.59
C ALA A 339 35.85 -25.10 -34.67
N LEU A 340 35.25 -23.96 -34.36
CA LEU A 340 34.42 -23.23 -35.31
C LEU A 340 35.37 -22.58 -36.29
N GLY A 341 35.33 -23.01 -37.55
CA GLY A 341 36.22 -22.45 -38.54
C GLY A 341 35.80 -21.08 -39.04
N ALA A 342 36.27 -20.73 -40.23
CA ALA A 342 35.98 -19.45 -40.87
C ALA A 342 34.46 -19.22 -41.02
N PRO A 343 34.07 -17.99 -41.42
CA PRO A 343 32.64 -17.69 -41.58
C PRO A 343 31.99 -18.49 -42.70
N SER A 344 30.88 -19.15 -42.35
CA SER A 344 30.10 -19.94 -43.30
C SER A 344 29.28 -19.06 -44.24
N LEU A 345 29.11 -17.79 -43.86
CA LEU A 345 28.34 -16.84 -44.68
C LEU A 345 28.54 -15.37 -44.27
N LEU A 346 28.70 -14.51 -45.27
CA LEU A 346 28.92 -13.09 -45.06
C LEU A 346 27.80 -12.17 -45.56
N LEU A 347 26.81 -11.92 -44.71
CA LEU A 347 25.74 -10.98 -45.09
C LEU A 347 26.30 -9.58 -44.85
N THR A 348 26.21 -8.70 -45.85
CA THR A 348 26.73 -7.35 -45.71
C THR A 348 25.76 -6.29 -46.21
N GLY A 349 25.67 -5.18 -45.48
CA GLY A 349 24.77 -4.08 -45.81
C GLY A 349 24.90 -3.49 -47.19
N THR A 350 23.96 -2.60 -47.53
CA THR A 350 23.98 -1.96 -48.85
C THR A 350 23.93 -0.45 -48.77
N GLN A 351 23.17 0.07 -47.82
CA GLN A 351 23.04 1.51 -47.65
C GLN A 351 24.23 2.04 -46.86
N LEU A 352 24.76 3.19 -47.30
CA LEU A 352 25.91 3.83 -46.67
C LEU A 352 25.53 4.42 -45.32
N TYR A 353 26.34 4.10 -44.30
CA TYR A 353 26.17 4.58 -42.92
C TYR A 353 24.98 3.95 -42.18
N GLY A 354 24.34 2.96 -42.80
CA GLY A 354 23.19 2.33 -42.20
C GLY A 354 23.47 1.46 -41.00
N ARG A 355 24.74 1.13 -40.82
CA ARG A 355 25.18 0.31 -39.70
C ARG A 355 24.46 -1.02 -39.64
N PHE A 356 24.55 -1.76 -40.73
CA PHE A 356 23.95 -3.09 -40.83
C PHE A 356 24.71 -3.98 -39.86
N GLY A 357 24.00 -4.80 -39.09
CA GLY A 357 24.67 -5.66 -38.13
C GLY A 357 24.61 -5.07 -36.72
N SER A 358 24.12 -3.84 -36.66
CA SER A 358 23.95 -3.10 -35.42
C SER A 358 23.17 -3.88 -34.35
N ALA A 359 22.27 -4.78 -34.79
CA ALA A 359 21.46 -5.61 -33.87
C ALA A 359 21.03 -6.88 -34.59
N ILE A 360 21.07 -8.01 -33.89
CA ILE A 360 20.69 -9.28 -34.49
C ILE A 360 19.79 -10.05 -33.53
N ALA A 361 18.56 -10.31 -33.94
CA ALA A 361 17.63 -11.03 -33.09
C ALA A 361 17.14 -12.33 -33.68
N PRO A 362 17.31 -13.44 -32.94
CA PRO A 362 16.85 -14.72 -33.46
C PRO A 362 15.33 -14.86 -33.35
N LEU A 363 14.66 -14.89 -34.50
CA LEU A 363 13.22 -15.09 -34.56
C LEU A 363 13.08 -16.60 -34.35
N GLY A 364 11.86 -17.09 -34.27
CA GLY A 364 11.74 -18.53 -34.11
C GLY A 364 11.81 -19.14 -35.49
N ASP A 365 10.77 -19.91 -35.83
CA ASP A 365 10.68 -20.51 -37.14
C ASP A 365 9.47 -19.80 -37.75
N LEU A 366 9.72 -18.66 -38.37
CA LEU A 366 8.68 -17.85 -38.98
C LEU A 366 7.74 -18.63 -39.90
N ASP A 367 8.30 -19.19 -40.97
CA ASP A 367 7.55 -19.95 -41.95
C ASP A 367 7.20 -21.38 -41.52
N ARG A 368 7.69 -21.79 -40.36
CA ARG A 368 7.43 -23.13 -39.82
C ARG A 368 8.02 -24.26 -40.67
N ASP A 369 8.87 -23.93 -41.62
CA ASP A 369 9.49 -24.92 -42.49
C ASP A 369 10.51 -25.82 -41.79
N GLY A 370 10.62 -25.69 -40.47
CA GLY A 370 11.55 -26.48 -39.68
C GLY A 370 12.97 -25.92 -39.57
N TYR A 371 13.14 -24.67 -39.99
CA TYR A 371 14.43 -24.01 -39.95
C TYR A 371 14.29 -22.62 -39.33
N ASN A 372 14.99 -22.39 -38.23
CA ASN A 372 14.93 -21.10 -37.54
C ASN A 372 15.45 -19.97 -38.39
N ASP A 373 14.83 -18.80 -38.22
CA ASP A 373 15.20 -17.60 -38.98
C ASP A 373 15.71 -16.48 -38.06
N ILE A 374 16.22 -15.40 -38.66
CA ILE A 374 16.76 -14.29 -37.90
C ILE A 374 16.40 -12.95 -38.51
N ALA A 375 16.56 -11.88 -37.73
CA ALA A 375 16.27 -10.53 -38.20
C ALA A 375 17.49 -9.65 -37.88
N VAL A 376 17.93 -8.88 -38.88
CA VAL A 376 19.07 -8.02 -38.72
C VAL A 376 18.71 -6.55 -38.89
N ALA A 377 19.16 -5.74 -37.94
CA ALA A 377 18.88 -4.32 -37.96
C ALA A 377 19.98 -3.48 -38.62
N ALA A 378 19.54 -2.39 -39.26
CA ALA A 378 20.42 -1.42 -39.91
C ALA A 378 19.69 -0.11 -39.64
N PRO A 379 19.79 0.37 -38.40
CA PRO A 379 19.19 1.59 -37.86
C PRO A 379 19.23 2.83 -38.72
N TYR A 380 20.18 2.91 -39.64
CA TYR A 380 20.25 4.08 -40.50
C TYR A 380 20.26 3.65 -41.96
N GLY A 381 19.67 2.49 -42.21
CA GLY A 381 19.57 1.92 -43.55
C GLY A 381 18.33 2.28 -44.36
N GLY A 382 18.35 1.89 -45.63
CA GLY A 382 17.23 2.19 -46.51
C GLY A 382 17.59 3.40 -47.35
N PRO A 383 16.89 3.65 -48.48
CA PRO A 383 17.16 4.79 -49.35
C PRO A 383 17.09 6.13 -48.61
N SER A 384 16.12 6.21 -47.71
CA SER A 384 15.88 7.40 -46.89
C SER A 384 16.90 7.49 -45.76
N GLY A 385 17.36 6.33 -45.29
CA GLY A 385 18.30 6.29 -44.20
C GLY A 385 17.55 6.33 -42.88
N ARG A 386 16.26 6.00 -42.93
CA ARG A 386 15.42 6.00 -41.75
C ARG A 386 15.48 4.68 -41.00
N GLY A 387 16.27 3.74 -41.51
CA GLY A 387 16.41 2.45 -40.87
C GLY A 387 15.54 1.37 -41.45
N GLN A 388 15.97 0.12 -41.28
CA GLN A 388 15.21 -1.00 -41.78
C GLN A 388 15.71 -2.32 -41.24
N VAL A 389 14.78 -3.21 -40.93
CA VAL A 389 15.12 -4.53 -40.42
C VAL A 389 14.95 -5.52 -41.57
N LEU A 390 15.95 -6.39 -41.74
CA LEU A 390 15.93 -7.40 -42.78
C LEU A 390 15.76 -8.79 -42.17
N VAL A 391 14.91 -9.59 -42.79
CA VAL A 391 14.64 -10.96 -42.34
C VAL A 391 15.38 -11.95 -43.24
N PHE A 392 16.11 -12.87 -42.62
CA PHE A 392 16.85 -13.88 -43.37
C PHE A 392 16.34 -15.23 -42.88
N LEU A 393 16.02 -16.11 -43.83
CA LEU A 393 15.47 -17.42 -43.50
C LEU A 393 16.45 -18.56 -43.33
N GLY A 394 16.08 -19.49 -42.47
CA GLY A 394 16.93 -20.65 -42.22
C GLY A 394 16.91 -21.64 -43.37
N GLN A 395 18.10 -21.91 -43.90
CA GLN A 395 18.28 -22.84 -45.00
C GLN A 395 18.80 -24.17 -44.42
N SER A 396 19.61 -24.91 -45.17
CA SER A 396 20.16 -26.18 -44.71
C SER A 396 21.67 -26.06 -44.60
N GLU A 397 22.24 -25.15 -45.37
CA GLU A 397 23.68 -24.88 -45.39
C GLU A 397 23.99 -23.62 -44.58
N GLY A 398 22.94 -23.01 -44.02
CA GLY A 398 23.11 -21.80 -43.23
C GLY A 398 21.90 -20.87 -43.33
N LEU A 399 22.02 -19.86 -44.16
CA LEU A 399 20.95 -18.89 -44.37
C LEU A 399 20.92 -18.40 -45.79
N ARG A 400 19.76 -17.87 -46.19
CA ARG A 400 19.64 -17.36 -47.54
C ARG A 400 20.35 -16.02 -47.67
N SER A 401 21.24 -15.95 -48.65
CA SER A 401 22.00 -14.74 -48.91
C SER A 401 21.09 -13.55 -49.25
N ARG A 402 19.81 -13.82 -49.48
CA ARG A 402 18.85 -12.78 -49.82
C ARG A 402 17.76 -12.61 -48.76
N PRO A 403 17.44 -11.35 -48.40
CA PRO A 403 16.42 -11.05 -47.40
C PRO A 403 15.00 -11.32 -47.94
N SER A 404 14.30 -12.23 -47.27
CA SER A 404 12.93 -12.60 -47.65
C SER A 404 11.92 -11.48 -47.43
N GLN A 405 12.24 -10.59 -46.48
CA GLN A 405 11.35 -9.47 -46.15
C GLN A 405 12.17 -8.29 -45.67
N VAL A 406 11.78 -7.10 -46.08
CA VAL A 406 12.46 -5.88 -45.69
C VAL A 406 11.51 -4.87 -45.07
N LEU A 407 11.48 -4.85 -43.73
CA LEU A 407 10.65 -3.95 -42.94
C LEU A 407 11.26 -2.55 -42.85
N ASP A 408 10.59 -1.55 -43.40
CA ASP A 408 11.09 -0.18 -43.34
C ASP A 408 10.56 0.59 -42.14
N SER A 409 11.25 1.68 -41.79
CA SER A 409 10.86 2.49 -40.64
C SER A 409 9.68 3.43 -40.85
N PRO A 410 8.65 3.27 -40.02
CA PRO A 410 7.44 4.08 -40.05
C PRO A 410 7.67 5.37 -39.26
N PHE A 411 8.89 5.55 -38.77
CA PHE A 411 9.24 6.73 -37.98
C PHE A 411 10.06 7.75 -38.76
N PRO A 412 10.20 8.98 -38.23
CA PRO A 412 10.99 10.02 -38.91
C PRO A 412 12.49 9.72 -38.89
N THR A 413 13.29 10.70 -39.27
CA THR A 413 14.74 10.53 -39.27
C THR A 413 15.27 10.49 -37.84
N GLY A 414 16.42 9.85 -37.68
CA GLY A 414 17.04 9.75 -36.36
C GLY A 414 16.28 8.89 -35.37
N SER A 415 15.27 8.16 -35.84
CA SER A 415 14.48 7.30 -34.98
C SER A 415 15.31 6.16 -34.42
N ALA A 416 16.39 5.83 -35.13
CA ALA A 416 17.30 4.74 -34.76
C ALA A 416 16.53 3.44 -34.83
N PHE A 417 15.52 3.41 -35.70
CA PHE A 417 14.67 2.25 -35.91
C PHE A 417 15.50 0.99 -36.09
N GLY A 418 15.35 0.06 -35.15
CA GLY A 418 16.07 -1.19 -35.24
C GLY A 418 17.19 -1.40 -34.23
N PHE A 419 17.66 -0.32 -33.60
CA PHE A 419 18.74 -0.37 -32.59
C PHE A 419 18.59 -1.55 -31.61
N SER A 420 17.35 -1.90 -31.27
CA SER A 420 17.06 -3.04 -30.41
C SER A 420 15.97 -3.85 -31.11
N LEU A 421 16.04 -5.17 -30.95
CA LEU A 421 15.11 -6.11 -31.56
C LEU A 421 14.97 -7.34 -30.70
N ARG A 422 13.78 -7.92 -30.68
CA ARG A 422 13.57 -9.13 -29.92
C ARG A 422 12.43 -9.91 -30.60
N GLY A 423 12.65 -11.20 -30.80
CA GLY A 423 11.65 -12.05 -31.44
C GLY A 423 11.61 -13.42 -30.80
N ALA A 424 11.02 -14.37 -31.52
CA ALA A 424 10.90 -15.76 -31.08
C ALA A 424 9.84 -16.00 -29.99
N VAL A 425 8.85 -15.10 -29.92
CA VAL A 425 7.79 -15.23 -28.92
C VAL A 425 6.42 -14.95 -29.52
N ASP A 426 5.46 -15.82 -29.18
CA ASP A 426 4.10 -15.71 -29.66
C ASP A 426 3.32 -14.75 -28.75
N ILE A 427 3.29 -13.48 -29.14
CA ILE A 427 2.61 -12.45 -28.35
C ILE A 427 1.09 -12.47 -28.49
N ASP A 428 0.60 -12.51 -29.73
CA ASP A 428 -0.84 -12.52 -30.04
C ASP A 428 -1.47 -13.89 -29.81
N ASP A 429 -0.61 -14.88 -29.57
CA ASP A 429 -1.01 -16.26 -29.33
C ASP A 429 -1.68 -16.94 -30.53
N ASN A 430 -1.05 -16.79 -31.70
CA ASN A 430 -1.58 -17.41 -32.92
C ASN A 430 -0.66 -18.52 -33.43
N GLY A 431 0.10 -19.13 -32.52
CA GLY A 431 1.03 -20.20 -32.86
C GLY A 431 2.21 -19.78 -33.72
N TYR A 432 2.41 -18.47 -33.84
CA TYR A 432 3.51 -17.93 -34.65
C TYR A 432 4.30 -16.83 -33.94
N PRO A 433 5.65 -16.91 -34.02
CA PRO A 433 6.59 -15.95 -33.41
C PRO A 433 6.47 -14.56 -34.02
N ASP A 434 6.57 -13.53 -33.18
CA ASP A 434 6.47 -12.15 -33.64
C ASP A 434 7.80 -11.41 -33.42
N LEU A 435 7.82 -10.13 -33.80
CA LEU A 435 9.02 -9.31 -33.67
C LEU A 435 8.77 -7.89 -33.17
N ILE A 436 9.46 -7.51 -32.09
CA ILE A 436 9.33 -6.14 -31.54
C ILE A 436 10.57 -5.35 -31.96
N VAL A 437 10.35 -4.11 -32.35
CA VAL A 437 11.44 -3.25 -32.79
C VAL A 437 11.42 -1.92 -32.08
N GLY A 438 12.51 -1.62 -31.39
CA GLY A 438 12.62 -0.38 -30.67
C GLY A 438 13.21 0.71 -31.55
N ALA A 439 12.71 1.92 -31.35
CA ALA A 439 13.18 3.09 -32.07
C ALA A 439 13.28 4.19 -31.01
N TYR A 440 14.32 4.08 -30.17
CA TYR A 440 14.52 5.03 -29.06
C TYR A 440 14.55 6.49 -29.50
N GLY A 441 15.03 6.76 -30.71
CA GLY A 441 15.09 8.13 -31.18
C GLY A 441 13.72 8.76 -31.37
N ALA A 442 12.70 7.91 -31.48
CA ALA A 442 11.32 8.38 -31.64
C ALA A 442 10.51 8.11 -30.39
N ASN A 443 11.14 7.44 -29.43
CA ASN A 443 10.52 7.11 -28.15
C ASN A 443 9.42 6.06 -28.30
N GLN A 444 9.46 5.31 -29.39
CA GLN A 444 8.45 4.28 -29.63
C GLN A 444 8.97 2.86 -29.86
N VAL A 445 8.07 1.90 -29.74
CA VAL A 445 8.37 0.50 -29.97
C VAL A 445 7.28 -0.01 -30.91
N ALA A 446 7.69 -0.54 -32.06
CA ALA A 446 6.77 -1.09 -33.06
C ALA A 446 6.63 -2.60 -32.88
N VAL A 447 5.41 -3.11 -33.05
CA VAL A 447 5.17 -4.55 -32.91
C VAL A 447 4.70 -5.14 -34.24
N TYR A 448 5.44 -6.15 -34.72
CA TYR A 448 5.12 -6.82 -35.98
C TYR A 448 4.62 -8.24 -35.74
N ARG A 449 3.43 -8.51 -36.28
CA ARG A 449 2.84 -9.82 -36.11
C ARG A 449 3.04 -10.79 -37.25
N ALA A 450 3.16 -12.04 -36.84
CA ALA A 450 3.26 -13.16 -37.76
C ALA A 450 1.80 -13.51 -38.02
N GLN A 451 1.53 -13.72 -39.34
CA GLN A 451 0.13 -13.98 -39.72
C GLN A 451 0.06 -15.28 -40.56
N PRO A 452 -0.79 -16.18 -40.34
CA PRO A 452 -0.82 -17.53 -40.90
C PRO A 452 0.46 -18.05 -41.56
N GLY B 1 38.81 35.24 -112.79
CA GLY B 1 38.73 36.40 -113.68
C GLY B 1 37.78 37.41 -113.07
N PRO B 2 36.47 37.30 -113.36
CA PRO B 2 35.53 38.23 -112.76
C PRO B 2 35.62 37.70 -111.32
N ASN B 3 35.64 38.59 -110.37
CA ASN B 3 35.84 38.09 -109.05
C ASN B 3 34.86 38.79 -108.17
N ILE B 4 34.67 38.27 -106.97
CA ILE B 4 33.69 38.86 -106.07
C ILE B 4 33.87 40.31 -105.67
N CYS B 5 35.08 40.84 -105.87
CA CYS B 5 35.37 42.23 -105.51
C CYS B 5 34.83 43.16 -106.58
N THR B 6 34.76 42.65 -107.81
CA THR B 6 34.30 43.41 -108.95
C THR B 6 32.81 43.36 -109.18
N THR B 7 32.23 42.21 -108.89
CA THR B 7 30.81 41.97 -109.11
C THR B 7 29.96 42.95 -108.34
N ARG B 8 30.52 43.53 -107.32
CA ARG B 8 29.72 44.43 -106.53
C ARG B 8 30.28 45.78 -106.38
N GLY B 9 31.41 46.04 -107.03
CA GLY B 9 32.08 47.31 -106.88
C GLY B 9 31.11 48.41 -107.13
N VAL B 10 31.08 49.35 -106.18
CA VAL B 10 30.18 50.48 -106.21
C VAL B 10 30.73 51.92 -106.41
N SER B 11 31.46 52.50 -105.45
CA SER B 11 31.93 53.87 -105.68
C SER B 11 32.99 54.43 -104.70
N SER B 12 33.18 53.81 -103.54
CA SER B 12 34.15 54.31 -102.54
C SER B 12 35.27 53.29 -102.26
N CYS B 13 36.45 53.77 -101.85
CA CYS B 13 37.56 52.86 -101.54
C CYS B 13 37.16 52.04 -100.30
N GLN B 14 36.59 52.75 -99.33
CA GLN B 14 36.12 52.17 -98.08
C GLN B 14 35.17 51.00 -98.34
N GLN B 15 34.15 51.24 -99.16
CA GLN B 15 33.16 50.23 -99.51
C GLN B 15 33.79 49.00 -100.15
N CYS B 16 34.92 49.20 -100.83
CA CYS B 16 35.63 48.11 -101.49
C CYS B 16 36.30 47.19 -100.46
N LEU B 17 36.73 47.77 -99.34
CA LEU B 17 37.38 47.02 -98.28
C LEU B 17 36.35 46.29 -97.44
N ALA B 18 35.17 46.89 -97.31
CA ALA B 18 34.07 46.31 -96.54
C ALA B 18 33.46 45.09 -97.21
N VAL B 19 33.89 44.80 -98.44
CA VAL B 19 33.38 43.65 -99.16
C VAL B 19 34.09 42.37 -98.73
N SER B 20 35.41 42.42 -98.68
CA SER B 20 36.19 41.26 -98.29
C SER B 20 37.64 41.63 -97.99
N PRO B 21 38.29 40.85 -97.12
CA PRO B 21 39.68 41.07 -96.72
C PRO B 21 40.63 41.07 -97.93
N MET B 22 40.28 40.27 -98.94
CA MET B 22 41.10 40.14 -100.14
C MET B 22 40.96 41.24 -101.21
N CYS B 23 40.04 42.17 -101.02
CA CYS B 23 39.87 43.23 -102.02
C CYS B 23 40.81 44.40 -101.81
N ALA B 24 41.26 44.96 -102.93
CA ALA B 24 42.16 46.11 -102.95
C ALA B 24 41.47 47.27 -103.68
N TRP B 25 42.19 48.37 -103.87
CA TRP B 25 41.66 49.55 -104.55
C TRP B 25 42.77 50.18 -105.38
N CYS B 26 42.47 51.26 -106.09
CA CYS B 26 43.46 51.96 -106.92
C CYS B 26 42.94 53.33 -107.33
N SER B 27 43.44 54.38 -106.68
CA SER B 27 43.03 55.75 -106.96
C SER B 27 43.93 56.41 -108.03
N ASP B 28 44.41 55.59 -108.95
CA ASP B 28 45.26 56.03 -110.05
C ASP B 28 44.40 56.34 -111.27
N GLU B 29 44.44 57.60 -111.73
CA GLU B 29 43.64 58.02 -112.89
C GLU B 29 44.10 57.39 -114.19
N ALA B 30 45.36 56.94 -114.21
CA ALA B 30 45.97 56.32 -115.39
C ALA B 30 45.26 55.06 -115.87
N LEU B 31 44.14 54.72 -115.24
CA LEU B 31 43.35 53.55 -115.62
C LEU B 31 42.14 53.99 -116.43
N PRO B 32 41.73 53.17 -117.42
CA PRO B 32 40.57 53.46 -118.28
C PRO B 32 39.35 53.68 -117.39
N LEU B 33 38.59 54.75 -117.64
CA LEU B 33 37.40 55.05 -116.82
C LEU B 33 36.24 54.06 -117.04
N GLY B 34 36.57 52.77 -116.98
CA GLY B 34 35.61 51.69 -117.16
C GLY B 34 36.18 50.37 -116.68
N SER B 35 37.44 50.39 -116.24
CA SER B 35 38.15 49.22 -115.74
C SER B 35 37.84 48.98 -114.25
N PRO B 36 38.12 47.77 -113.75
CA PRO B 36 37.88 47.42 -112.34
C PRO B 36 38.67 48.29 -111.37
N ARG B 37 37.96 49.04 -110.53
CA ARG B 37 38.58 49.90 -109.53
C ARG B 37 38.85 49.09 -108.26
N CYS B 38 37.95 48.15 -107.99
CA CYS B 38 38.03 47.28 -106.84
C CYS B 38 38.24 45.85 -107.35
N ASP B 39 39.37 45.25 -107.00
CA ASP B 39 39.70 43.90 -107.44
C ASP B 39 40.88 43.37 -106.60
N LEU B 40 41.35 42.16 -106.92
CA LEU B 40 42.47 41.55 -106.21
C LEU B 40 43.74 42.36 -106.46
N LYS B 41 44.83 42.00 -105.78
CA LYS B 41 46.09 42.71 -105.94
C LYS B 41 46.76 42.37 -107.28
N GLU B 42 46.81 41.08 -107.61
CA GLU B 42 47.43 40.61 -108.85
C GLU B 42 46.66 41.11 -110.07
N ASN B 43 45.33 41.13 -109.95
CA ASN B 43 44.47 41.59 -111.03
C ASN B 43 44.69 43.08 -111.30
N LEU B 44 44.96 43.85 -110.25
CA LEU B 44 45.21 45.28 -110.39
C LEU B 44 46.58 45.57 -110.99
N LEU B 45 47.52 44.64 -110.81
CA LEU B 45 48.86 44.78 -111.36
C LEU B 45 48.83 44.56 -112.86
N LYS B 46 48.05 43.56 -113.29
CA LYS B 46 47.90 43.25 -114.70
C LYS B 46 47.14 44.36 -115.43
N ASP B 47 46.28 45.06 -114.69
CA ASP B 47 45.49 46.17 -115.23
C ASP B 47 46.32 47.46 -115.20
N ASN B 48 47.62 47.32 -114.92
CA ASN B 48 48.57 48.43 -114.86
C ASN B 48 48.26 49.53 -113.85
N CYS B 49 48.26 49.18 -112.56
CA CYS B 49 48.01 50.14 -111.49
C CYS B 49 49.30 50.55 -110.81
N ALA B 50 49.41 51.83 -110.49
CA ALA B 50 50.58 52.37 -109.81
C ALA B 50 50.55 51.92 -108.36
N PRO B 51 51.54 51.10 -107.93
CA PRO B 51 51.65 50.58 -106.57
C PRO B 51 51.74 51.66 -105.49
N GLU B 52 51.50 52.91 -105.89
CA GLU B 52 51.56 54.04 -104.97
C GLU B 52 50.15 54.47 -104.54
N SER B 53 49.19 54.39 -105.46
CA SER B 53 47.80 54.77 -105.19
C SER B 53 46.94 53.59 -104.73
N ILE B 54 47.55 52.41 -104.60
CA ILE B 54 46.86 51.20 -104.15
C ILE B 54 46.65 51.25 -102.64
N GLU B 55 45.46 50.86 -102.20
CA GLU B 55 45.15 50.82 -100.78
C GLU B 55 44.69 49.42 -100.41
N PHE B 56 45.65 48.59 -99.99
CA PHE B 56 45.37 47.22 -99.60
C PHE B 56 45.87 46.90 -98.19
N PRO B 57 45.12 47.32 -97.16
CA PRO B 57 45.47 47.10 -95.75
C PRO B 57 45.55 45.63 -95.39
N VAL B 58 46.34 45.33 -94.35
CA VAL B 58 46.52 43.97 -93.86
C VAL B 58 46.53 43.97 -92.34
N SER B 59 45.98 42.90 -91.76
CA SER B 59 45.93 42.74 -90.30
C SER B 59 47.29 42.21 -89.86
N GLU B 60 47.82 42.77 -88.77
CA GLU B 60 49.13 42.34 -88.31
C GLU B 60 49.23 41.94 -86.84
N ALA B 61 48.76 42.82 -85.95
CA ALA B 61 48.83 42.56 -84.50
C ALA B 61 50.29 42.42 -84.05
N ARG B 62 50.90 43.53 -83.66
CA ARG B 62 52.29 43.54 -83.22
C ARG B 62 52.48 43.39 -81.71
N VAL B 63 53.60 42.77 -81.36
CA VAL B 63 53.98 42.53 -79.97
C VAL B 63 54.67 43.77 -79.38
N LEU B 64 54.00 44.45 -78.45
CA LEU B 64 54.56 45.64 -77.81
C LEU B 64 55.58 45.27 -76.74
N GLU B 65 55.09 44.85 -75.57
CA GLU B 65 55.96 44.47 -74.46
C GLU B 65 55.92 42.96 -74.23
N ASP B 66 57.09 42.35 -74.06
CA ASP B 66 57.16 40.91 -73.85
C ASP B 66 58.46 40.36 -73.24
N ARG B 67 58.69 40.66 -71.95
CA ARG B 67 59.87 40.16 -71.26
C ARG B 67 59.65 38.68 -70.96
N PRO B 68 60.67 37.84 -71.22
CA PRO B 68 60.60 36.39 -70.99
C PRO B 68 60.05 35.97 -69.63
N LEU B 69 59.73 34.70 -69.52
CA LEU B 69 59.20 34.11 -68.29
C LEU B 69 60.39 33.84 -67.36
N SER B 70 60.27 34.28 -66.10
CA SER B 70 61.33 34.12 -65.12
C SER B 70 61.64 32.67 -64.71
N ASP B 71 62.65 32.50 -63.85
CA ASP B 71 63.06 31.17 -63.38
C ASP B 71 63.37 31.11 -61.87
N LYS B 72 62.78 32.01 -61.09
CA LYS B 72 62.99 32.02 -59.65
C LYS B 72 61.97 32.87 -58.88
N GLY B 73 62.09 32.86 -57.56
CA GLY B 73 61.19 33.62 -56.71
C GLY B 73 61.82 33.96 -55.36
N SER B 74 62.88 33.24 -55.00
CA SER B 74 63.58 33.45 -53.74
C SER B 74 64.48 34.69 -53.80
N GLY B 75 64.28 35.60 -52.85
CA GLY B 75 65.06 36.82 -52.80
C GLY B 75 64.12 38.01 -52.66
N ASP B 76 63.32 38.21 -53.70
CA ASP B 76 62.35 39.29 -53.73
C ASP B 76 61.46 39.05 -54.93
N SER B 77 60.18 38.75 -54.71
CA SER B 77 59.24 38.56 -55.81
C SER B 77 58.50 39.91 -55.99
N SER B 78 59.15 40.82 -56.71
CA SER B 78 58.65 42.19 -57.01
C SER B 78 57.30 42.20 -57.74
N GLN B 79 57.36 41.73 -58.97
CA GLN B 79 56.27 41.51 -59.92
C GLN B 79 57.12 40.68 -60.87
N VAL B 80 56.75 39.42 -61.02
CA VAL B 80 57.46 38.51 -61.89
C VAL B 80 56.55 38.25 -63.09
N THR B 81 57.12 37.78 -64.20
CA THR B 81 56.31 37.52 -65.40
C THR B 81 56.23 36.04 -65.77
N GLN B 82 55.02 35.51 -65.75
CA GLN B 82 54.76 34.10 -66.08
C GLN B 82 53.82 33.94 -67.28
N VAL B 83 53.58 35.05 -67.97
CA VAL B 83 52.73 35.09 -69.16
C VAL B 83 53.54 35.72 -70.31
N SER B 84 53.19 35.44 -71.54
CA SER B 84 54.04 35.78 -72.70
C SER B 84 53.26 36.94 -73.35
N PRO B 85 53.99 37.80 -74.03
CA PRO B 85 53.40 39.03 -74.58
C PRO B 85 52.36 39.86 -73.83
N GLN B 86 52.67 40.55 -72.75
CA GLN B 86 51.71 41.15 -71.82
C GLN B 86 50.82 42.17 -72.50
N ARG B 87 51.24 42.66 -73.65
CA ARG B 87 50.47 43.65 -74.40
C ARG B 87 50.77 43.63 -75.89
N ILE B 88 49.73 43.46 -76.71
CA ILE B 88 49.87 43.45 -78.16
C ILE B 88 48.79 44.32 -78.78
N ALA B 89 49.17 45.01 -79.86
CA ALA B 89 48.26 45.89 -80.59
C ALA B 89 47.75 45.15 -81.80
N LEU B 90 46.47 44.86 -81.80
CA LEU B 90 45.82 44.13 -82.89
C LEU B 90 45.07 45.11 -83.78
N ARG B 91 45.54 45.28 -85.01
CA ARG B 91 44.85 46.17 -85.95
C ARG B 91 44.37 45.35 -87.14
N LEU B 92 43.06 45.35 -87.37
CA LEU B 92 42.49 44.59 -88.48
C LEU B 92 41.37 45.26 -89.28
N ARG B 93 41.35 44.95 -90.57
CA ARG B 93 40.36 45.46 -91.52
C ARG B 93 39.04 44.70 -91.37
N PRO B 94 37.94 45.27 -91.92
CA PRO B 94 36.62 44.63 -91.82
C PRO B 94 36.57 43.16 -92.21
N ASP B 95 35.93 42.38 -91.33
CA ASP B 95 35.76 40.95 -91.50
C ASP B 95 37.01 40.07 -91.54
N ASP B 96 38.18 40.67 -91.31
CA ASP B 96 39.42 39.90 -91.34
C ASP B 96 39.68 39.20 -90.00
N SER B 97 40.69 38.35 -89.98
CA SER B 97 41.07 37.60 -88.79
C SER B 97 42.57 37.49 -88.67
N LYS B 98 43.09 37.92 -87.53
CA LYS B 98 44.53 37.83 -87.28
C LYS B 98 44.76 36.94 -86.07
N ASN B 99 45.78 36.09 -86.16
CA ASN B 99 46.11 35.18 -85.07
C ASN B 99 47.45 35.50 -84.42
N PHE B 100 47.49 35.38 -83.10
CA PHE B 100 48.68 35.64 -82.31
C PHE B 100 48.96 34.50 -81.33
N SER B 101 50.05 34.62 -80.58
CA SER B 101 50.45 33.61 -79.60
C SER B 101 50.59 34.13 -78.17
N ILE B 102 50.52 33.19 -77.23
CA ILE B 102 50.64 33.45 -75.79
C ILE B 102 51.05 32.15 -75.12
N GLN B 103 51.92 32.25 -74.13
CA GLN B 103 52.37 31.07 -73.39
C GLN B 103 52.61 31.42 -71.93
N VAL B 104 52.23 30.50 -71.04
CA VAL B 104 52.40 30.70 -69.62
C VAL B 104 53.30 29.64 -69.01
N ARG B 105 53.83 30.00 -67.84
CA ARG B 105 54.70 29.12 -67.06
C ARG B 105 54.34 29.32 -65.60
N GLN B 106 54.27 28.22 -64.84
CA GLN B 106 53.95 28.32 -63.42
C GLN B 106 55.23 28.69 -62.70
N VAL B 107 55.38 29.96 -62.35
CA VAL B 107 56.59 30.42 -61.66
C VAL B 107 56.39 30.67 -60.15
N GLU B 108 55.18 31.10 -59.77
CA GLU B 108 54.86 31.34 -58.37
C GLU B 108 54.81 30.05 -57.56
N ASP B 109 55.07 30.14 -56.26
CA ASP B 109 55.04 28.98 -55.39
C ASP B 109 53.60 28.64 -55.02
N TYR B 110 53.33 27.34 -54.90
CA TYR B 110 51.98 26.87 -54.56
C TYR B 110 51.57 27.27 -53.15
N PRO B 111 50.33 27.80 -53.01
CA PRO B 111 49.82 28.21 -51.70
C PRO B 111 49.62 26.94 -50.88
N VAL B 112 50.13 26.93 -49.64
CA VAL B 112 50.03 25.76 -48.77
C VAL B 112 49.50 26.12 -47.38
N ASP B 113 48.58 25.31 -46.88
CA ASP B 113 48.01 25.51 -45.55
C ASP B 113 48.26 24.32 -44.66
N ILE B 114 48.86 24.56 -43.50
CA ILE B 114 49.13 23.50 -42.56
C ILE B 114 48.43 23.77 -41.25
N TYR B 115 47.70 22.78 -40.75
CA TYR B 115 47.03 22.94 -39.47
C TYR B 115 47.53 21.84 -38.55
N TYR B 116 48.20 22.25 -37.47
CA TYR B 116 48.77 21.33 -36.49
C TYR B 116 47.72 20.94 -35.44
N LEU B 117 47.67 19.66 -35.12
CA LEU B 117 46.70 19.17 -34.14
C LEU B 117 47.48 18.52 -33.00
N MET B 118 47.53 19.22 -31.88
CA MET B 118 48.28 18.76 -30.73
C MET B 118 47.55 17.92 -29.69
N ASP B 119 48.09 16.74 -29.44
CA ASP B 119 47.55 15.85 -28.43
C ASP B 119 48.16 16.42 -27.18
N LEU B 120 47.33 16.96 -26.31
CA LEU B 120 47.81 17.56 -25.09
C LEU B 120 47.39 16.80 -23.83
N SER B 121 47.26 15.49 -23.94
CA SER B 121 46.90 14.67 -22.78
C SER B 121 48.16 14.41 -21.92
N TYR B 122 47.98 13.89 -20.72
CA TYR B 122 49.09 13.64 -19.80
C TYR B 122 50.21 12.74 -20.30
N SER B 123 49.87 11.69 -21.05
CA SER B 123 50.87 10.78 -21.59
C SER B 123 51.78 11.50 -22.59
N MET B 124 51.35 12.70 -23.00
CA MET B 124 52.11 13.53 -23.92
C MET B 124 53.17 14.34 -23.20
N LYS B 125 53.12 14.36 -21.87
CA LYS B 125 54.07 15.12 -21.06
C LYS B 125 55.52 14.94 -21.51
N ASP B 126 55.96 13.70 -21.55
CA ASP B 126 57.33 13.39 -21.97
C ASP B 126 57.54 13.62 -23.48
N ASP B 127 56.49 13.96 -24.22
CA ASP B 127 56.58 14.19 -25.67
C ASP B 127 56.39 15.65 -26.02
N LEU B 128 55.92 16.44 -25.04
CA LEU B 128 55.65 17.85 -25.26
C LEU B 128 56.74 18.61 -25.99
N TRP B 129 58.00 18.36 -25.65
CA TRP B 129 59.09 19.04 -26.32
C TRP B 129 59.07 18.69 -27.81
N SER B 130 58.96 17.40 -28.11
CA SER B 130 58.93 16.89 -29.47
C SER B 130 57.87 17.49 -30.36
N ILE B 131 56.64 17.61 -29.85
CA ILE B 131 55.56 18.18 -30.67
C ILE B 131 55.68 19.69 -30.83
N GLN B 132 56.36 20.35 -29.89
CA GLN B 132 56.56 21.78 -29.97
C GLN B 132 57.64 22.08 -31.00
N ASN B 133 58.71 21.28 -30.94
CA ASN B 133 59.82 21.39 -31.87
C ASN B 133 59.31 21.14 -33.29
N LEU B 134 58.52 20.07 -33.45
CA LEU B 134 57.94 19.69 -34.74
C LEU B 134 57.06 20.80 -35.28
N GLY B 135 56.18 21.30 -34.43
CA GLY B 135 55.29 22.38 -34.85
C GLY B 135 56.07 23.57 -35.33
N THR B 136 57.25 23.78 -34.73
CA THR B 136 58.13 24.90 -35.07
C THR B 136 58.90 24.61 -36.35
N LYS B 137 59.41 23.38 -36.45
CA LYS B 137 60.16 22.91 -37.60
C LYS B 137 59.26 22.79 -38.82
N LEU B 138 57.96 22.66 -38.58
CA LEU B 138 56.95 22.53 -39.62
C LEU B 138 56.91 23.84 -40.40
N ALA B 139 56.69 24.93 -39.68
CA ALA B 139 56.61 26.25 -40.29
C ALA B 139 57.88 26.62 -41.05
N THR B 140 59.01 26.07 -40.61
CA THR B 140 60.30 26.34 -41.26
C THR B 140 60.42 25.61 -42.60
N GLN B 141 60.23 24.29 -42.59
CA GLN B 141 60.32 23.47 -43.79
C GLN B 141 59.43 23.98 -44.92
N MET B 142 58.17 24.28 -44.62
CA MET B 142 57.26 24.78 -45.63
C MET B 142 57.67 26.14 -46.15
N ARG B 143 58.03 27.04 -45.24
CA ARG B 143 58.45 28.39 -45.62
C ARG B 143 59.63 28.34 -46.59
N LYS B 144 60.38 27.24 -46.57
CA LYS B 144 61.52 27.06 -47.45
C LYS B 144 61.11 26.48 -48.79
N LEU B 145 59.93 25.84 -48.81
CA LEU B 145 59.40 25.24 -50.02
C LEU B 145 58.42 26.18 -50.72
N THR B 146 57.80 27.09 -49.96
CA THR B 146 56.86 28.02 -50.54
C THR B 146 56.74 29.32 -49.73
N SER B 147 57.03 30.43 -50.39
CA SER B 147 56.96 31.75 -49.76
C SER B 147 55.52 32.19 -49.49
N ASN B 148 54.58 31.28 -49.74
CA ASN B 148 53.15 31.56 -49.53
C ASN B 148 52.61 30.49 -48.61
N LEU B 149 52.52 30.82 -47.31
CA LEU B 149 52.05 29.86 -46.31
C LEU B 149 51.14 30.49 -45.27
N ARG B 150 50.22 29.67 -44.77
CA ARG B 150 49.28 30.05 -43.72
C ARG B 150 49.22 28.86 -42.79
N ILE B 151 49.89 28.97 -41.65
CA ILE B 151 49.92 27.89 -40.68
C ILE B 151 49.03 28.23 -39.47
N GLY B 152 48.66 27.21 -38.71
CA GLY B 152 47.82 27.40 -37.55
C GLY B 152 47.80 26.11 -36.75
N PHE B 153 47.10 26.10 -35.62
CA PHE B 153 47.06 24.88 -34.82
C PHE B 153 45.96 24.86 -33.77
N GLY B 154 45.64 23.65 -33.31
CA GLY B 154 44.63 23.44 -32.30
C GLY B 154 45.05 22.26 -31.42
N ALA B 155 44.32 22.03 -30.34
CA ALA B 155 44.65 20.94 -29.42
C ALA B 155 43.46 20.08 -28.98
N PHE B 156 43.76 18.87 -28.55
CA PHE B 156 42.72 17.96 -28.10
C PHE B 156 43.20 17.07 -26.95
N VAL B 157 42.24 16.46 -26.27
CA VAL B 157 42.54 15.55 -25.17
C VAL B 157 41.54 14.39 -25.27
N ASP B 158 40.27 14.66 -25.01
CA ASP B 158 39.25 13.62 -25.05
C ASP B 158 37.89 14.21 -24.66
N LYS B 159 36.84 13.38 -24.62
CA LYS B 159 35.52 13.88 -24.24
C LYS B 159 35.48 14.12 -22.73
N PRO B 160 35.21 15.36 -22.30
CA PRO B 160 35.14 15.75 -20.89
C PRO B 160 33.96 15.10 -20.20
N VAL B 161 33.96 13.78 -20.13
CA VAL B 161 32.85 13.07 -19.50
C VAL B 161 33.35 11.83 -18.79
N SER B 162 32.69 11.50 -17.69
CA SER B 162 33.04 10.31 -16.96
C SER B 162 32.77 9.19 -17.98
N PRO B 163 33.59 8.13 -18.00
CA PRO B 163 34.75 7.84 -17.17
C PRO B 163 36.08 8.33 -17.70
N TYR B 164 36.05 9.05 -18.82
CA TYR B 164 37.30 9.55 -19.40
C TYR B 164 37.89 10.63 -18.48
N MET B 165 37.03 11.58 -18.10
CA MET B 165 37.40 12.68 -17.24
C MET B 165 37.25 12.35 -15.76
N TYR B 166 38.20 12.79 -14.95
CA TYR B 166 38.16 12.59 -13.51
C TYR B 166 37.12 13.59 -12.97
N ILE B 167 36.12 13.10 -12.26
CA ILE B 167 35.09 13.99 -11.73
C ILE B 167 35.08 14.12 -10.21
N SER B 168 36.15 13.69 -9.56
CA SER B 168 36.26 13.77 -8.10
C SER B 168 37.73 13.72 -7.67
N PRO B 169 38.12 14.47 -6.61
CA PRO B 169 37.30 15.36 -5.78
C PRO B 169 36.96 16.63 -6.55
N PRO B 170 36.25 17.59 -5.94
CA PRO B 170 35.91 18.84 -6.64
C PRO B 170 37.07 19.65 -7.22
N GLU B 171 38.26 19.50 -6.64
CA GLU B 171 39.44 20.21 -7.13
C GLU B 171 39.92 19.64 -8.46
N ALA B 172 39.66 18.35 -8.67
CA ALA B 172 40.05 17.65 -9.89
C ALA B 172 39.44 18.20 -11.17
N LEU B 173 38.27 18.81 -11.07
CA LEU B 173 37.64 19.39 -12.26
C LEU B 173 38.50 20.50 -12.85
N GLU B 174 39.10 21.32 -11.98
CA GLU B 174 39.96 22.42 -12.43
C GLU B 174 41.43 21.99 -12.50
N ASN B 175 41.80 20.96 -11.76
CA ASN B 175 43.16 20.43 -11.77
C ASN B 175 43.12 18.91 -11.67
N PRO B 176 43.09 18.22 -12.82
CA PRO B 176 43.05 16.76 -12.87
C PRO B 176 44.27 16.12 -12.24
N CYS B 177 45.37 16.87 -12.22
CA CYS B 177 46.61 16.38 -11.65
C CYS B 177 46.65 16.53 -10.13
N TYR B 178 45.62 17.15 -9.58
CA TYR B 178 45.47 17.37 -8.14
C TYR B 178 45.87 16.15 -7.28
N ASP B 179 45.36 14.98 -7.67
CA ASP B 179 45.63 13.72 -6.99
C ASP B 179 47.11 13.36 -6.93
N MET B 180 47.88 13.85 -7.89
CA MET B 180 49.30 13.56 -7.95
C MET B 180 50.19 14.62 -7.31
N LYS B 181 49.55 15.55 -6.60
CA LYS B 181 50.26 16.64 -5.93
C LYS B 181 50.94 17.60 -6.91
N THR B 182 50.63 17.45 -8.20
CA THR B 182 51.17 18.34 -9.23
C THR B 182 50.02 19.15 -9.83
N THR B 183 50.29 19.90 -10.88
CA THR B 183 49.23 20.71 -11.47
C THR B 183 49.23 20.80 -12.99
N CYS B 184 48.05 20.60 -13.57
CA CYS B 184 47.84 20.68 -15.02
C CYS B 184 46.52 21.39 -15.32
N LEU B 185 46.33 21.73 -16.59
CA LEU B 185 45.12 22.42 -17.04
C LEU B 185 43.90 21.53 -16.98
N PRO B 186 42.70 22.14 -16.95
CA PRO B 186 41.51 21.30 -16.91
C PRO B 186 41.27 20.64 -18.30
N MET B 187 40.59 19.51 -18.29
CA MET B 187 40.32 18.73 -19.50
C MET B 187 39.41 19.44 -20.50
N PHE B 188 39.58 19.06 -21.77
CA PHE B 188 38.78 19.59 -22.88
C PHE B 188 38.84 18.65 -24.10
N GLY B 189 37.75 18.63 -24.87
CA GLY B 189 37.67 17.80 -26.06
C GLY B 189 38.62 18.29 -27.15
N TYR B 190 38.25 19.38 -27.79
CA TYR B 190 39.05 19.98 -28.84
C TYR B 190 38.91 21.47 -28.72
N LYS B 191 40.03 22.16 -28.85
CA LYS B 191 40.08 23.60 -28.73
C LYS B 191 40.89 24.17 -29.89
N HIS B 192 40.28 25.13 -30.58
CA HIS B 192 40.95 25.79 -31.69
C HIS B 192 41.66 27.00 -31.10
N VAL B 193 42.99 26.94 -31.08
CA VAL B 193 43.77 28.03 -30.50
C VAL B 193 44.24 29.10 -31.49
N LEU B 194 44.81 28.70 -32.63
CA LEU B 194 45.31 29.69 -33.59
C LEU B 194 44.81 29.53 -35.01
N THR B 195 44.02 30.49 -35.47
CA THR B 195 43.50 30.45 -36.84
C THR B 195 44.66 30.54 -37.82
N LEU B 196 44.48 29.98 -39.01
CA LEU B 196 45.51 30.01 -40.04
C LEU B 196 45.95 31.44 -40.34
N THR B 197 47.26 31.67 -40.24
CA THR B 197 47.81 33.01 -40.49
C THR B 197 49.24 32.92 -41.03
N ASP B 198 49.71 34.02 -41.62
CA ASP B 198 51.07 34.09 -42.18
C ASP B 198 52.13 34.49 -41.16
N GLN B 199 51.66 34.87 -39.96
CA GLN B 199 52.54 35.28 -38.87
C GLN B 199 53.23 34.07 -38.24
N VAL B 200 54.28 33.59 -38.88
CA VAL B 200 55.05 32.43 -38.42
C VAL B 200 55.64 32.58 -37.02
N THR B 201 56.31 33.70 -36.75
CA THR B 201 56.93 33.92 -35.44
C THR B 201 55.92 33.94 -34.30
N ARG B 202 54.69 34.36 -34.58
CA ARG B 202 53.64 34.40 -33.57
C ARG B 202 53.06 33.00 -33.37
N PHE B 203 53.18 32.16 -34.38
CA PHE B 203 52.71 30.78 -34.31
C PHE B 203 53.64 30.02 -33.38
N ASN B 204 54.94 30.26 -33.53
CA ASN B 204 55.95 29.60 -32.72
C ASN B 204 55.88 29.94 -31.24
N GLU B 205 55.62 31.20 -30.92
CA GLU B 205 55.51 31.60 -29.52
C GLU B 205 54.32 30.90 -28.88
N GLU B 206 53.20 30.94 -29.59
CA GLU B 206 51.94 30.34 -29.15
C GLU B 206 52.02 28.84 -28.92
N VAL B 207 52.71 28.14 -29.82
CA VAL B 207 52.85 26.70 -29.71
C VAL B 207 53.69 26.31 -28.49
N LYS B 208 54.68 27.13 -28.17
CA LYS B 208 55.55 26.85 -27.03
C LYS B 208 54.95 27.17 -25.65
N LYS B 209 53.78 27.79 -25.63
CA LYS B 209 53.10 28.13 -24.38
C LYS B 209 52.11 27.03 -24.00
N GLN B 210 52.13 25.94 -24.74
CA GLN B 210 51.21 24.83 -24.53
C GLN B 210 51.68 23.81 -23.50
N SER B 211 50.76 23.42 -22.62
CA SER B 211 51.06 22.42 -21.60
C SER B 211 49.96 21.35 -21.57
N VAL B 212 50.26 20.21 -20.94
CA VAL B 212 49.33 19.10 -20.90
C VAL B 212 48.21 19.16 -19.89
N SER B 213 47.25 18.24 -20.06
CA SER B 213 46.09 18.09 -19.20
C SER B 213 46.08 16.62 -18.76
N ARG B 214 44.97 16.13 -18.23
CA ARG B 214 44.89 14.74 -17.78
C ARG B 214 43.57 14.12 -18.15
N ASN B 215 43.61 12.81 -18.31
CA ASN B 215 42.47 12.02 -18.75
C ASN B 215 42.71 10.64 -18.12
N ARG B 216 41.65 9.84 -17.99
CA ARG B 216 41.79 8.53 -17.38
C ARG B 216 42.22 7.41 -18.32
N ASP B 217 41.64 7.38 -19.52
CA ASP B 217 41.93 6.30 -20.44
C ASP B 217 42.87 6.62 -21.58
N ALA B 218 43.76 5.67 -21.85
CA ALA B 218 44.78 5.79 -22.90
C ALA B 218 44.25 6.29 -24.24
N PRO B 219 43.16 5.66 -24.77
CA PRO B 219 42.65 6.15 -26.06
C PRO B 219 42.19 7.59 -25.89
N GLU B 220 42.32 8.41 -26.93
CA GLU B 220 41.90 9.81 -26.84
C GLU B 220 40.91 10.21 -27.93
N GLY B 221 40.48 11.47 -27.90
CA GLY B 221 39.53 11.96 -28.88
C GLY B 221 40.15 12.75 -30.02
N GLY B 222 41.24 12.24 -30.59
CA GLY B 222 41.90 12.93 -31.68
C GLY B 222 41.05 13.02 -32.93
N PHE B 223 40.24 11.99 -33.15
CA PHE B 223 39.38 11.95 -34.31
C PHE B 223 38.27 12.98 -34.25
N ASP B 224 37.86 13.38 -33.05
CA ASP B 224 36.85 14.42 -32.90
C ASP B 224 37.49 15.70 -33.44
N ALA B 225 38.78 15.85 -33.15
CA ALA B 225 39.54 17.03 -33.57
C ALA B 225 39.83 17.03 -35.06
N ILE B 226 40.09 15.86 -35.63
CA ILE B 226 40.36 15.78 -37.05
C ILE B 226 39.09 16.14 -37.80
N MET B 227 37.95 15.65 -37.30
CA MET B 227 36.68 15.93 -37.92
C MET B 227 36.41 17.44 -37.93
N GLN B 228 36.47 18.04 -36.75
CA GLN B 228 36.22 19.47 -36.60
C GLN B 228 37.18 20.39 -37.35
N ALA B 229 38.46 20.07 -37.33
CA ALA B 229 39.44 20.88 -38.03
C ALA B 229 39.21 20.79 -39.55
N THR B 230 38.50 19.75 -39.96
CA THR B 230 38.20 19.51 -41.36
C THR B 230 36.94 20.22 -41.86
N VAL B 231 35.86 20.13 -41.08
CA VAL B 231 34.58 20.71 -41.46
C VAL B 231 34.26 22.13 -41.01
N CYS B 232 35.16 22.78 -40.29
CA CYS B 232 34.91 24.15 -39.84
C CYS B 232 35.65 25.16 -40.73
N ASP B 233 35.14 25.35 -41.94
CA ASP B 233 35.71 26.27 -42.93
C ASP B 233 36.21 27.60 -42.38
N GLU B 234 35.28 28.47 -42.04
CA GLU B 234 35.59 29.79 -41.52
C GLU B 234 36.48 29.81 -40.27
N LYS B 235 36.23 28.92 -39.33
CA LYS B 235 37.03 28.88 -38.10
C LYS B 235 38.50 28.60 -38.33
N ILE B 236 38.80 27.47 -38.96
CA ILE B 236 40.18 27.09 -39.22
C ILE B 236 40.88 28.08 -40.14
N GLY B 237 40.17 28.54 -41.16
CA GLY B 237 40.72 29.49 -42.09
C GLY B 237 41.36 28.93 -43.34
N TRP B 238 40.95 27.73 -43.76
CA TRP B 238 41.49 27.11 -44.97
C TRP B 238 41.17 28.04 -46.16
N ARG B 239 42.15 28.27 -47.02
CA ARG B 239 41.95 29.12 -48.20
C ARG B 239 41.76 28.23 -49.42
N ASN B 240 40.50 28.05 -49.80
CA ASN B 240 40.05 27.23 -50.94
C ASN B 240 40.99 27.01 -52.13
N ASP B 241 41.69 28.06 -52.55
CA ASP B 241 42.60 27.98 -53.69
C ASP B 241 43.91 27.22 -53.41
N ALA B 242 44.21 26.98 -52.14
CA ALA B 242 45.46 26.33 -51.74
C ALA B 242 45.38 24.86 -51.33
N SER B 243 46.57 24.27 -51.21
CA SER B 243 46.76 22.88 -50.81
C SER B 243 46.60 22.80 -49.30
N HIS B 244 45.80 21.85 -48.82
CA HIS B 244 45.54 21.73 -47.39
C HIS B 244 46.14 20.52 -46.68
N LEU B 245 47.16 20.77 -45.87
CA LEU B 245 47.84 19.73 -45.09
C LEU B 245 47.37 19.76 -43.62
N LEU B 246 46.96 18.61 -43.10
CA LEU B 246 46.50 18.49 -41.71
C LEU B 246 47.38 17.51 -40.93
N VAL B 247 48.37 18.04 -40.20
CA VAL B 247 49.25 17.18 -39.40
C VAL B 247 48.64 16.92 -38.02
N PHE B 248 48.56 15.63 -37.67
CA PHE B 248 47.98 15.14 -36.42
C PHE B 248 49.03 14.40 -35.60
N THR B 249 49.02 14.62 -34.28
CA THR B 249 49.99 13.99 -33.38
C THR B 249 49.34 13.27 -32.21
N THR B 250 50.03 12.24 -31.72
CA THR B 250 49.56 11.44 -30.59
C THR B 250 50.63 10.39 -30.28
N ASP B 251 50.61 9.90 -29.05
CA ASP B 251 51.56 8.90 -28.59
C ASP B 251 50.79 7.67 -28.12
N ALA B 252 49.48 7.67 -28.37
CA ALA B 252 48.61 6.58 -27.94
C ALA B 252 47.51 6.19 -28.94
N LYS B 253 46.72 5.19 -28.54
CA LYS B 253 45.60 4.70 -29.33
C LYS B 253 44.56 5.80 -29.50
N THR B 254 43.43 5.47 -30.11
CA THR B 254 42.40 6.46 -30.35
C THR B 254 40.99 5.91 -30.27
N HIS B 255 40.04 6.77 -29.92
CA HIS B 255 38.65 6.39 -29.85
C HIS B 255 38.06 6.49 -31.24
N ILE B 256 37.35 5.43 -31.62
CA ILE B 256 36.71 5.34 -32.92
C ILE B 256 35.22 5.39 -32.62
N ALA B 257 34.38 5.57 -33.64
CA ALA B 257 32.92 5.62 -33.45
C ALA B 257 32.39 4.39 -32.71
N LEU B 258 31.34 4.61 -31.91
CA LEU B 258 30.70 3.58 -31.09
C LEU B 258 31.37 3.38 -29.71
N ASP B 259 32.49 4.07 -29.49
CA ASP B 259 33.18 4.00 -28.22
C ASP B 259 32.40 4.86 -27.21
N GLY B 260 31.81 5.95 -27.71
CA GLY B 260 31.06 6.87 -26.88
C GLY B 260 29.96 6.32 -25.98
N ARG B 261 29.55 5.08 -26.21
CA ARG B 261 28.52 4.49 -25.40
C ARG B 261 28.98 4.30 -23.95
N LEU B 262 30.29 4.32 -23.72
CA LEU B 262 30.78 4.17 -22.34
C LEU B 262 30.54 5.48 -21.59
N ALA B 263 30.30 6.54 -22.35
CA ALA B 263 30.02 7.84 -21.78
C ALA B 263 28.54 8.18 -21.86
N GLY B 264 27.73 7.18 -22.24
CA GLY B 264 26.30 7.39 -22.40
C GLY B 264 25.94 8.13 -23.69
N ILE B 265 26.93 8.33 -24.56
CA ILE B 265 26.75 9.01 -25.82
C ILE B 265 26.39 8.00 -26.94
N VAL B 266 25.26 8.21 -27.60
CA VAL B 266 24.87 7.29 -28.66
C VAL B 266 24.60 7.93 -30.01
N GLN B 267 24.32 9.23 -30.02
CA GLN B 267 24.05 9.96 -31.25
C GLN B 267 25.21 9.89 -32.23
N PRO B 268 25.00 9.27 -33.40
CA PRO B 268 26.10 9.20 -34.36
C PRO B 268 26.56 10.59 -34.80
N ASN B 269 27.86 10.70 -35.05
CA ASN B 269 28.48 11.95 -35.47
C ASN B 269 27.83 12.54 -36.72
N ASP B 270 27.35 13.78 -36.62
CA ASP B 270 26.69 14.42 -37.75
C ASP B 270 27.62 14.97 -38.83
N GLY B 271 28.92 14.90 -38.60
CA GLY B 271 29.90 15.39 -39.57
C GLY B 271 29.86 16.89 -39.86
N GLN B 272 29.25 17.67 -38.98
CA GLN B 272 29.16 19.12 -39.15
C GLN B 272 29.98 19.92 -38.14
N CYS B 273 30.19 21.20 -38.44
CA CYS B 273 30.97 22.07 -37.55
C CYS B 273 30.22 22.46 -36.28
N HIS B 274 30.91 22.34 -35.15
CA HIS B 274 30.32 22.68 -33.88
C HIS B 274 31.26 23.48 -32.96
N VAL B 275 32.18 24.21 -33.57
CA VAL B 275 33.12 25.04 -32.82
C VAL B 275 32.58 26.48 -32.84
N GLY B 276 31.97 26.88 -31.72
CA GLY B 276 31.40 28.22 -31.62
C GLY B 276 32.37 29.36 -31.41
N SER B 277 31.89 30.40 -30.74
CA SER B 277 32.71 31.58 -30.45
C SER B 277 33.86 31.22 -29.52
N ASP B 278 33.54 30.46 -28.48
CA ASP B 278 34.51 30.03 -27.47
C ASP B 278 35.65 29.15 -27.98
N ASN B 279 35.61 28.77 -29.26
CA ASN B 279 36.65 27.94 -29.87
C ASN B 279 36.74 26.53 -29.32
N HIS B 280 35.62 26.00 -28.87
CA HIS B 280 35.57 24.65 -28.33
C HIS B 280 34.54 23.82 -29.08
N TYR B 281 34.83 22.53 -29.19
CA TYR B 281 33.92 21.61 -29.86
C TYR B 281 32.78 21.38 -28.85
N SER B 282 31.64 22.02 -29.10
CA SER B 282 30.49 21.95 -28.20
C SER B 282 29.77 20.62 -28.13
N ALA B 283 29.82 19.83 -29.21
CA ALA B 283 29.15 18.53 -29.26
C ALA B 283 29.93 17.40 -28.57
N SER B 284 31.17 17.71 -28.18
CA SER B 284 32.05 16.77 -27.52
C SER B 284 31.39 15.85 -26.50
N THR B 285 30.50 16.39 -25.69
CA THR B 285 29.84 15.60 -24.66
C THR B 285 28.51 14.97 -25.06
N THR B 286 28.01 15.31 -26.24
CA THR B 286 26.72 14.80 -26.71
C THR B 286 26.73 13.96 -27.98
N MET B 287 27.76 14.13 -28.80
CA MET B 287 27.86 13.41 -30.07
C MET B 287 28.99 12.39 -29.99
N ASP B 288 28.82 11.24 -30.65
CA ASP B 288 29.81 10.17 -30.63
C ASP B 288 31.01 10.54 -31.50
N TYR B 289 32.08 9.78 -31.36
CA TYR B 289 33.30 9.98 -32.15
C TYR B 289 32.92 9.62 -33.59
N PRO B 290 33.61 10.19 -34.59
CA PRO B 290 33.29 9.87 -35.98
C PRO B 290 33.89 8.53 -36.40
N SER B 291 33.24 7.84 -37.34
CA SER B 291 33.75 6.55 -37.84
C SER B 291 34.76 6.81 -38.94
N LEU B 292 35.59 5.82 -39.27
CA LEU B 292 36.58 6.03 -40.32
C LEU B 292 35.97 6.56 -41.62
N GLY B 293 34.86 5.96 -42.03
CA GLY B 293 34.17 6.37 -43.25
C GLY B 293 33.78 7.83 -43.34
N LEU B 294 33.13 8.34 -42.29
CA LEU B 294 32.70 9.75 -42.23
C LEU B 294 33.90 10.66 -42.36
N MET B 295 35.00 10.26 -41.73
CA MET B 295 36.23 11.04 -41.79
C MET B 295 36.71 11.16 -43.23
N THR B 296 36.89 10.02 -43.88
CA THR B 296 37.34 9.94 -45.27
C THR B 296 36.49 10.80 -46.21
N GLU B 297 35.16 10.67 -46.09
CA GLU B 297 34.21 11.43 -46.90
C GLU B 297 34.49 12.92 -46.77
N LYS B 298 34.54 13.39 -45.53
CA LYS B 298 34.78 14.80 -45.23
C LYS B 298 36.16 15.29 -45.65
N LEU B 299 37.17 14.45 -45.47
CA LEU B 299 38.54 14.82 -45.83
C LEU B 299 38.62 15.07 -47.33
N SER B 300 37.90 14.25 -48.09
CA SER B 300 37.86 14.37 -49.53
C SER B 300 37.00 15.57 -49.94
N GLN B 301 35.84 15.69 -49.32
CA GLN B 301 34.92 16.79 -49.58
C GLN B 301 35.56 18.17 -49.42
N LYS B 302 36.51 18.28 -48.50
CA LYS B 302 37.21 19.54 -48.22
C LYS B 302 38.64 19.59 -48.77
N ASN B 303 39.04 18.51 -49.44
CA ASN B 303 40.37 18.39 -50.03
C ASN B 303 41.47 18.69 -49.02
N ILE B 304 41.50 17.85 -47.99
CA ILE B 304 42.45 17.95 -46.91
C ILE B 304 43.29 16.68 -46.84
N ASN B 305 44.60 16.85 -46.84
CA ASN B 305 45.51 15.73 -46.76
C ASN B 305 45.92 15.46 -45.33
N LEU B 306 45.45 14.34 -44.78
CA LEU B 306 45.74 13.97 -43.41
C LEU B 306 47.10 13.29 -43.25
N ILE B 307 47.91 13.83 -42.34
CA ILE B 307 49.23 13.26 -42.07
C ILE B 307 49.32 12.90 -40.59
N PHE B 308 49.78 11.68 -40.33
CA PHE B 308 49.92 11.17 -38.97
C PHE B 308 51.34 11.24 -38.43
N ALA B 309 51.57 12.12 -37.46
CA ALA B 309 52.88 12.19 -36.83
C ALA B 309 52.67 11.50 -35.50
N VAL B 310 53.01 10.22 -35.39
CA VAL B 310 52.79 9.48 -34.16
C VAL B 310 54.03 8.79 -33.61
N THR B 311 54.05 8.53 -32.32
CA THR B 311 55.20 7.88 -31.70
C THR B 311 55.36 6.43 -32.16
N GLU B 312 56.59 5.93 -32.16
CA GLU B 312 56.88 4.59 -32.63
C GLU B 312 56.09 3.44 -32.01
N ASN B 313 55.64 3.61 -30.78
CA ASN B 313 54.90 2.54 -30.10
C ASN B 313 53.50 2.33 -30.68
N VAL B 314 53.06 3.29 -31.48
CA VAL B 314 51.73 3.25 -32.06
C VAL B 314 51.75 3.48 -33.60
N VAL B 315 52.94 3.41 -34.19
CA VAL B 315 53.12 3.61 -35.65
C VAL B 315 52.36 2.60 -36.52
N ASN B 316 52.54 1.30 -36.23
CA ASN B 316 51.88 0.25 -36.99
C ASN B 316 50.38 0.48 -36.99
N LEU B 317 49.83 0.75 -35.82
CA LEU B 317 48.42 1.02 -35.66
C LEU B 317 47.94 2.13 -36.60
N TYR B 318 48.69 3.21 -36.70
CA TYR B 318 48.26 4.31 -37.57
C TYR B 318 48.53 4.05 -39.04
N GLN B 319 49.41 3.10 -39.32
CA GLN B 319 49.69 2.73 -40.71
C GLN B 319 48.47 1.93 -41.15
N ASN B 320 48.01 1.01 -40.29
CA ASN B 320 46.84 0.22 -40.56
C ASN B 320 45.59 1.09 -40.77
N TYR B 321 45.45 2.17 -39.99
CA TYR B 321 44.31 3.05 -40.17
C TYR B 321 44.53 3.86 -41.44
N SER B 322 45.80 4.04 -41.79
CA SER B 322 46.17 4.80 -42.99
C SER B 322 45.66 4.11 -44.25
N GLU B 323 45.66 2.78 -44.23
CA GLU B 323 45.17 1.98 -45.35
C GLU B 323 43.66 2.04 -45.47
N LEU B 324 42.98 2.23 -44.34
CA LEU B 324 41.53 2.32 -44.33
C LEU B 324 41.04 3.73 -44.70
N ILE B 325 41.99 4.65 -44.90
CA ILE B 325 41.69 6.03 -45.28
C ILE B 325 42.77 6.37 -46.31
N PRO B 326 42.48 6.15 -47.60
CA PRO B 326 43.41 6.41 -48.72
C PRO B 326 43.87 7.86 -48.84
N GLY B 327 45.09 8.04 -49.33
CA GLY B 327 45.65 9.36 -49.51
C GLY B 327 46.26 9.98 -48.25
N THR B 328 46.35 9.18 -47.19
CA THR B 328 46.91 9.65 -45.91
C THR B 328 48.27 9.02 -45.65
N THR B 329 49.25 9.84 -45.29
CA THR B 329 50.61 9.37 -44.99
C THR B 329 50.85 9.31 -43.48
N VAL B 330 51.85 8.53 -43.07
CA VAL B 330 52.18 8.35 -41.67
C VAL B 330 53.67 8.52 -41.39
N GLY B 331 53.97 9.40 -40.44
CA GLY B 331 55.36 9.64 -40.05
C GLY B 331 55.53 9.35 -38.57
N VAL B 332 56.76 9.03 -38.16
CA VAL B 332 57.04 8.75 -36.76
C VAL B 332 57.57 10.01 -36.01
N LEU B 333 56.72 10.51 -35.12
CA LEU B 333 56.99 11.69 -34.30
C LEU B 333 58.02 11.37 -33.21
N SER B 334 59.00 12.25 -33.05
CA SER B 334 60.04 12.10 -32.03
C SER B 334 60.85 13.38 -31.90
N MET B 335 61.96 13.31 -31.18
CA MET B 335 62.83 14.47 -31.00
C MET B 335 63.42 14.87 -32.34
N ASP B 336 63.73 13.86 -33.14
CA ASP B 336 64.26 14.03 -34.50
C ASP B 336 63.08 14.28 -35.44
N SER B 337 63.11 15.37 -36.20
CA SER B 337 61.99 15.67 -37.10
C SER B 337 62.17 15.34 -38.59
N SER B 338 63.26 14.67 -38.95
CA SER B 338 63.52 14.34 -40.36
C SER B 338 62.32 13.67 -41.00
N ASN B 339 61.95 12.53 -40.42
CA ASN B 339 60.86 11.68 -40.86
C ASN B 339 59.54 12.38 -41.19
N VAL B 340 58.88 12.95 -40.19
CA VAL B 340 57.61 13.62 -40.42
C VAL B 340 57.71 14.81 -41.36
N LEU B 341 58.89 15.41 -41.46
CA LEU B 341 59.07 16.55 -42.36
C LEU B 341 59.06 16.10 -43.83
N GLN B 342 59.59 14.90 -44.09
CA GLN B 342 59.61 14.35 -45.44
C GLN B 342 58.20 14.32 -46.01
N LEU B 343 57.25 13.90 -45.18
CA LEU B 343 55.86 13.82 -45.59
C LEU B 343 55.32 15.17 -46.05
N ILE B 344 55.84 16.26 -45.49
CA ILE B 344 55.41 17.59 -45.88
C ILE B 344 56.05 17.96 -47.22
N VAL B 345 57.30 17.52 -47.40
CA VAL B 345 58.03 17.77 -48.63
C VAL B 345 57.29 17.06 -49.76
N ASP B 346 57.08 15.76 -49.58
CA ASP B 346 56.38 14.93 -50.58
C ASP B 346 55.05 15.54 -50.97
N ALA B 347 54.22 15.84 -49.98
CA ALA B 347 52.91 16.44 -50.24
C ALA B 347 53.01 17.61 -51.20
N TYR B 348 54.04 18.43 -51.04
CA TYR B 348 54.25 19.59 -51.91
C TYR B 348 54.58 19.17 -53.34
N GLY B 349 55.54 18.25 -53.47
CA GLY B 349 55.96 17.77 -54.78
C GLY B 349 54.85 17.13 -55.59
N LYS B 350 53.80 16.68 -54.90
CA LYS B 350 52.66 16.05 -55.56
C LYS B 350 51.60 17.06 -56.00
N ILE B 351 51.77 18.34 -55.66
CA ILE B 351 50.82 19.36 -56.05
C ILE B 351 50.88 19.67 -57.54
N ARG B 352 49.70 19.75 -58.17
CA ARG B 352 49.56 20.05 -59.60
C ARG B 352 48.62 21.22 -59.79
N SER B 353 48.97 22.12 -60.69
CA SER B 353 48.11 23.26 -60.97
C SER B 353 47.60 23.19 -62.40
N LYS B 354 46.79 24.16 -62.79
CA LYS B 354 46.24 24.17 -64.14
C LYS B 354 46.05 25.56 -64.73
N VAL B 355 46.33 25.66 -66.02
CA VAL B 355 46.19 26.92 -66.75
C VAL B 355 44.89 26.90 -67.52
N GLU B 356 43.92 27.68 -67.06
CA GLU B 356 42.62 27.77 -67.71
C GLU B 356 42.38 29.23 -68.09
N LEU B 357 42.46 29.52 -69.38
CA LEU B 357 42.30 30.88 -69.88
C LEU B 357 40.87 31.42 -69.77
N GLU B 358 40.76 32.71 -69.48
CA GLU B 358 39.47 33.39 -69.38
C GLU B 358 39.55 34.71 -70.14
N VAL B 359 38.43 35.11 -70.74
CA VAL B 359 38.40 36.34 -71.52
C VAL B 359 37.51 37.42 -70.89
N ARG B 360 38.13 38.51 -70.44
CA ARG B 360 37.37 39.58 -69.86
C ARG B 360 37.25 40.70 -70.86
N ASP B 361 36.09 41.35 -70.89
CA ASP B 361 35.80 42.48 -71.79
C ASP B 361 36.24 42.43 -73.24
N LEU B 362 35.53 41.66 -74.05
CA LEU B 362 35.88 41.62 -75.45
C LEU B 362 34.63 42.10 -76.23
N PRO B 363 34.83 43.03 -77.19
CA PRO B 363 33.68 43.52 -77.95
C PRO B 363 32.75 42.41 -78.41
N GLU B 364 31.45 42.71 -78.46
CA GLU B 364 30.45 41.73 -78.89
C GLU B 364 30.66 41.36 -80.36
N GLU B 365 31.16 42.32 -81.13
CA GLU B 365 31.43 42.12 -82.55
C GLU B 365 32.81 41.53 -82.80
N LEU B 366 33.28 40.72 -81.85
CA LEU B 366 34.59 40.07 -81.93
C LEU B 366 34.50 38.70 -81.27
N SER B 367 35.12 37.69 -81.89
CA SER B 367 35.10 36.33 -81.37
C SER B 367 36.45 35.62 -81.49
N LEU B 368 36.78 34.81 -80.49
CA LEU B 368 38.06 34.11 -80.46
C LEU B 368 37.96 32.58 -80.61
N SER B 369 39.11 31.96 -80.85
CA SER B 369 39.24 30.51 -80.98
C SER B 369 40.65 30.14 -80.54
N PHE B 370 40.80 28.99 -79.87
CA PHE B 370 42.10 28.58 -79.35
C PHE B 370 42.61 27.21 -79.78
N ASN B 371 43.92 27.09 -79.88
CA ASN B 371 44.59 25.83 -80.25
C ASN B 371 45.67 25.58 -79.20
N ALA B 372 45.27 24.84 -78.15
CA ALA B 372 46.16 24.52 -77.05
C ALA B 372 47.19 23.43 -77.31
N THR B 373 48.33 23.54 -76.62
CA THR B 373 49.43 22.59 -76.72
C THR B 373 49.97 22.37 -75.31
N CYS B 374 49.52 21.32 -74.65
CA CYS B 374 49.95 21.02 -73.28
C CYS B 374 51.35 20.42 -73.16
N LEU B 375 51.54 19.63 -72.10
CA LEU B 375 52.81 18.98 -71.81
C LEU B 375 53.26 18.03 -72.92
N ASN B 376 52.37 17.11 -73.29
CA ASN B 376 52.65 16.13 -74.34
C ASN B 376 52.83 16.73 -75.75
N ASN B 377 52.77 18.05 -75.83
CA ASN B 377 52.92 18.81 -77.08
C ASN B 377 51.91 18.43 -78.17
N GLU B 378 50.83 17.77 -77.76
CA GLU B 378 49.77 17.36 -78.67
C GLU B 378 48.78 18.52 -78.85
N VAL B 379 48.77 19.09 -80.06
CA VAL B 379 47.89 20.21 -80.38
C VAL B 379 46.43 19.78 -80.51
N ILE B 380 45.55 20.45 -79.78
CA ILE B 380 44.13 20.14 -79.82
C ILE B 380 43.34 21.44 -79.98
N PRO B 381 42.74 21.64 -81.17
CA PRO B 381 41.94 22.84 -81.46
C PRO B 381 40.70 22.94 -80.58
N GLY B 382 40.27 24.17 -80.31
CA GLY B 382 39.09 24.42 -79.50
C GLY B 382 39.36 24.55 -78.01
N LEU B 383 40.25 23.71 -77.51
CA LEU B 383 40.63 23.67 -76.09
C LEU B 383 41.51 24.84 -75.66
N LYS B 384 41.30 25.30 -74.43
CA LYS B 384 42.08 26.40 -73.86
C LYS B 384 42.38 26.18 -72.38
N SER B 385 42.72 24.94 -72.04
CA SER B 385 43.03 24.56 -70.67
C SER B 385 44.00 23.38 -70.62
N CYS B 386 45.03 23.49 -69.79
CA CYS B 386 46.01 22.42 -69.61
C CYS B 386 46.13 22.05 -68.14
N MET B 387 46.32 20.78 -67.85
CA MET B 387 46.43 20.31 -66.47
C MET B 387 47.69 19.51 -66.22
N GLY B 388 47.92 19.19 -64.94
CA GLY B 388 49.08 18.41 -64.54
C GLY B 388 50.45 19.04 -64.65
N LEU B 389 50.53 20.35 -64.50
CA LEU B 389 51.82 21.01 -64.59
C LEU B 389 52.39 21.37 -63.21
N LYS B 390 53.68 21.09 -63.05
CA LYS B 390 54.41 21.37 -61.81
C LYS B 390 54.95 22.80 -61.89
N ILE B 391 55.96 23.10 -61.07
CA ILE B 391 56.56 24.42 -61.07
C ILE B 391 57.54 24.47 -62.25
N GLY B 392 57.63 25.63 -62.89
CA GLY B 392 58.54 25.78 -64.02
C GLY B 392 58.03 25.38 -65.39
N ASP B 393 57.11 24.41 -65.43
CA ASP B 393 56.55 23.95 -66.69
C ASP B 393 55.93 25.07 -67.51
N THR B 394 56.00 24.92 -68.83
CA THR B 394 55.49 25.93 -69.75
C THR B 394 54.43 25.35 -70.70
N VAL B 395 53.38 26.13 -70.95
CA VAL B 395 52.29 25.74 -71.83
C VAL B 395 51.94 26.91 -72.74
N SER B 396 51.66 26.62 -74.01
CA SER B 396 51.31 27.67 -74.97
C SER B 396 49.95 27.47 -75.66
N PHE B 397 49.39 28.59 -76.13
CA PHE B 397 48.10 28.59 -76.81
C PHE B 397 48.16 29.45 -78.07
N SER B 398 47.38 29.07 -79.08
CA SER B 398 47.32 29.82 -80.33
C SER B 398 45.94 30.48 -80.39
N ILE B 399 45.92 31.81 -80.45
CA ILE B 399 44.66 32.53 -80.46
C ILE B 399 44.41 33.21 -81.78
N GLU B 400 43.14 33.18 -82.21
CA GLU B 400 42.71 33.79 -83.46
C GLU B 400 41.51 34.69 -83.20
N ALA B 401 41.65 35.97 -83.52
CA ALA B 401 40.58 36.94 -83.34
C ALA B 401 39.85 37.17 -84.65
N LYS B 402 38.53 37.26 -84.59
CA LYS B 402 37.72 37.47 -85.79
C LYS B 402 36.67 38.55 -85.56
N VAL B 403 36.51 39.43 -86.54
CA VAL B 403 35.52 40.51 -86.44
C VAL B 403 34.37 40.36 -87.44
N ARG B 404 33.29 41.07 -87.16
CA ARG B 404 32.11 41.06 -88.00
C ARG B 404 31.86 42.48 -88.45
N GLY B 405 32.41 42.82 -89.61
CA GLY B 405 32.25 44.15 -90.15
C GLY B 405 33.24 45.16 -89.63
N CYS B 406 32.81 46.41 -89.57
CA CYS B 406 33.67 47.50 -89.12
C CYS B 406 32.97 48.40 -88.10
N PRO B 407 33.18 48.11 -86.80
CA PRO B 407 32.65 48.86 -85.66
C PRO B 407 32.96 50.35 -85.61
N GLN B 408 32.02 51.11 -85.04
CA GLN B 408 32.16 52.53 -84.84
C GLN B 408 33.05 52.73 -83.62
N GLU B 409 33.24 51.67 -82.83
CA GLU B 409 34.20 51.72 -81.73
C GLU B 409 35.38 51.64 -82.65
N LYS B 410 36.31 52.55 -82.48
CA LYS B 410 37.46 52.59 -83.34
C LYS B 410 38.67 52.23 -82.48
N GLU B 411 38.42 52.22 -81.17
CA GLU B 411 39.45 51.94 -80.19
C GLU B 411 38.88 51.17 -78.99
N LYS B 412 39.36 49.95 -78.80
CA LYS B 412 38.93 49.10 -77.71
C LYS B 412 40.07 48.18 -77.26
N SER B 413 39.83 47.46 -76.18
CA SER B 413 40.82 46.52 -75.65
C SER B 413 40.19 45.49 -74.72
N PHE B 414 40.80 44.30 -74.71
CA PHE B 414 40.35 43.20 -73.89
C PHE B 414 41.50 42.44 -73.22
N THR B 415 41.16 41.57 -72.26
CA THR B 415 42.18 40.80 -71.54
C THR B 415 41.98 39.28 -71.50
N ILE B 416 43.09 38.57 -71.62
CA ILE B 416 43.11 37.13 -71.60
C ILE B 416 44.10 36.73 -70.52
N LYS B 417 43.59 36.21 -69.41
CA LYS B 417 44.47 35.79 -68.32
C LYS B 417 44.01 34.50 -67.70
N PRO B 418 44.96 33.62 -67.32
CA PRO B 418 44.59 32.36 -66.69
C PRO B 418 44.09 32.59 -65.25
N VAL B 419 43.14 31.78 -64.80
CA VAL B 419 42.61 31.92 -63.46
C VAL B 419 43.68 31.47 -62.48
N GLY B 420 43.72 32.13 -61.32
CA GLY B 420 44.72 31.80 -60.32
C GLY B 420 46.02 32.54 -60.56
N PHE B 421 46.00 33.45 -61.53
CA PHE B 421 47.16 34.25 -61.89
C PHE B 421 46.81 35.73 -61.84
N LYS B 422 47.84 36.58 -61.86
CA LYS B 422 47.66 38.02 -61.86
C LYS B 422 48.13 38.55 -63.22
N ASP B 423 49.14 37.86 -63.77
CA ASP B 423 49.73 38.20 -65.07
C ASP B 423 48.71 37.99 -66.18
N SER B 424 48.44 39.04 -66.95
CA SER B 424 47.49 38.96 -68.03
C SER B 424 48.03 39.51 -69.35
N LEU B 425 47.37 39.13 -70.43
CA LEU B 425 47.71 39.58 -71.77
C LEU B 425 46.63 40.58 -72.15
N ILE B 426 47.03 41.84 -72.28
CA ILE B 426 46.12 42.90 -72.65
C ILE B 426 46.27 43.10 -74.16
N VAL B 427 45.14 43.18 -74.86
CA VAL B 427 45.16 43.35 -76.30
C VAL B 427 44.43 44.62 -76.71
N GLN B 428 45.15 45.53 -77.35
CA GLN B 428 44.59 46.79 -77.82
C GLN B 428 44.09 46.56 -79.25
N VAL B 429 42.78 46.68 -79.44
CA VAL B 429 42.18 46.48 -80.75
C VAL B 429 41.91 47.78 -81.50
N THR B 430 42.32 47.82 -82.76
CA THR B 430 42.14 48.99 -83.62
C THR B 430 41.52 48.52 -84.94
N PHE B 431 40.40 49.11 -85.31
CA PHE B 431 39.71 48.75 -86.54
C PHE B 431 40.03 49.73 -87.67
N ASP B 432 40.79 49.25 -88.66
CA ASP B 432 41.18 50.06 -89.81
C ASP B 432 40.15 49.93 -90.94
N CYS B 433 39.20 50.86 -90.98
CA CYS B 433 38.16 50.85 -91.99
C CYS B 433 38.44 51.79 -93.14
N ASP B 434 38.50 53.07 -92.81
CA ASP B 434 38.73 54.12 -93.80
C ASP B 434 40.00 53.95 -94.58
N CYS B 435 39.98 54.43 -95.82
CA CYS B 435 41.15 54.37 -96.67
C CYS B 435 42.03 55.60 -96.54
N ALA B 436 43.15 55.56 -97.25
CA ALA B 436 44.14 56.64 -97.31
C ALA B 436 43.68 57.94 -97.98
N CYS B 437 42.39 58.24 -97.85
CA CYS B 437 41.77 59.45 -98.41
C CYS B 437 41.44 59.44 -99.91
N GLN B 438 41.38 58.23 -100.46
CA GLN B 438 41.07 57.99 -101.88
C GLN B 438 39.73 58.58 -102.36
N ALA B 439 39.82 59.41 -103.39
CA ALA B 439 38.64 60.06 -103.98
C ALA B 439 38.70 59.97 -105.51
N GLN B 440 37.52 59.99 -106.14
CA GLN B 440 37.39 59.93 -107.60
C GLN B 440 36.09 60.61 -108.06
N LEU C 1 13.15 -12.66 43.76
CA LEU C 1 12.86 -11.88 45.01
C LEU C 1 13.55 -10.52 44.93
N ASN C 2 14.69 -10.50 44.25
CA ASN C 2 15.45 -9.29 44.10
C ASN C 2 16.35 -9.37 42.87
N LEU C 3 16.72 -8.22 42.34
CA LEU C 3 17.59 -8.12 41.18
C LEU C 3 18.94 -7.62 41.67
N ASP C 4 20.00 -7.89 40.92
CA ASP C 4 21.34 -7.47 41.30
C ASP C 4 21.61 -6.01 40.93
N PRO C 5 21.66 -5.12 41.93
CA PRO C 5 21.91 -3.68 41.75
C PRO C 5 23.40 -3.32 41.62
N VAL C 6 24.27 -4.33 41.66
CA VAL C 6 25.71 -4.10 41.53
C VAL C 6 26.21 -4.64 40.19
N GLN C 7 25.86 -5.88 39.88
CA GLN C 7 26.25 -6.51 38.61
C GLN C 7 25.21 -6.15 37.54
N LEU C 8 25.39 -4.98 36.94
CA LEU C 8 24.46 -4.51 35.92
C LEU C 8 25.19 -4.27 34.60
N THR C 9 24.50 -4.47 33.49
CA THR C 9 25.07 -4.30 32.15
C THR C 9 24.65 -2.99 31.50
N PHE C 10 25.59 -2.28 30.90
CA PHE C 10 25.32 -1.01 30.25
C PHE C 10 25.41 -1.06 28.73
N TYR C 11 24.33 -0.63 28.08
CA TYR C 11 24.29 -0.56 26.63
C TYR C 11 24.25 0.92 26.28
N ALA C 12 24.94 1.31 25.22
CA ALA C 12 24.97 2.71 24.85
C ALA C 12 24.88 3.00 23.38
N GLY C 13 24.23 4.12 23.07
CA GLY C 13 24.08 4.56 21.70
C GLY C 13 24.76 5.90 21.52
N PRO C 14 24.82 6.42 20.29
CA PRO C 14 25.46 7.71 20.05
C PRO C 14 25.00 8.87 20.93
N ASN C 15 25.89 9.83 21.10
CA ASN C 15 25.62 11.00 21.93
C ASN C 15 24.56 11.88 21.25
N GLY C 16 23.50 12.18 21.99
CA GLY C 16 22.42 13.01 21.49
C GLY C 16 21.30 12.26 20.78
N SER C 17 21.46 10.96 20.63
CA SER C 17 20.49 10.11 19.95
C SER C 17 19.23 9.76 20.76
N GLN C 18 19.25 10.04 22.05
CA GLN C 18 18.14 9.69 22.93
C GLN C 18 17.96 8.17 22.95
N PHE C 19 19.06 7.48 22.71
CA PHE C 19 19.14 6.03 22.72
C PHE C 19 18.54 5.55 24.04
N GLY C 20 17.51 4.70 23.95
CA GLY C 20 16.87 4.19 25.15
C GLY C 20 15.52 4.78 25.43
N PHE C 21 15.05 5.65 24.53
CA PHE C 21 13.75 6.30 24.69
C PHE C 21 12.66 5.24 24.76
N SER C 22 12.90 4.13 24.07
CA SER C 22 11.97 3.00 24.07
C SER C 22 12.76 1.68 23.94
N LEU C 23 12.14 0.57 24.34
CA LEU C 23 12.81 -0.71 24.27
C LEU C 23 11.89 -1.90 24.44
N ASP C 24 12.40 -3.07 24.05
CA ASP C 24 11.65 -4.32 24.19
C ASP C 24 12.57 -5.50 23.99
N PHE C 25 12.12 -6.66 24.44
CA PHE C 25 12.86 -7.89 24.28
C PHE C 25 12.50 -8.50 22.93
N HIS C 26 13.51 -8.93 22.20
CA HIS C 26 13.33 -9.56 20.90
C HIS C 26 13.78 -11.01 21.01
N LYS C 27 12.98 -11.92 20.46
CA LYS C 27 13.31 -13.33 20.50
C LYS C 27 13.32 -13.89 19.08
N ASP C 28 14.51 -14.05 18.49
CA ASP C 28 14.63 -14.58 17.13
C ASP C 28 14.14 -16.03 17.03
N SER C 29 14.25 -16.60 15.83
CA SER C 29 13.84 -17.98 15.56
C SER C 29 14.56 -19.01 16.45
N HIS C 30 15.89 -18.86 16.57
CA HIS C 30 16.71 -19.75 17.40
C HIS C 30 16.37 -19.70 18.89
N GLY C 31 15.38 -18.87 19.26
CA GLY C 31 14.99 -18.73 20.65
C GLY C 31 15.84 -17.79 21.49
N ARG C 32 16.93 -17.27 20.91
CA ARG C 32 17.82 -16.37 21.63
C ARG C 32 17.21 -14.99 21.85
N VAL C 33 17.49 -14.39 23.01
CA VAL C 33 16.96 -13.08 23.36
C VAL C 33 17.95 -11.93 23.16
N ALA C 34 17.42 -10.82 22.66
CA ALA C 34 18.19 -9.60 22.42
C ALA C 34 17.35 -8.38 22.83
N ILE C 35 17.93 -7.19 22.75
CA ILE C 35 17.21 -5.98 23.15
C ILE C 35 17.06 -4.94 22.04
N VAL C 36 15.81 -4.63 21.68
CA VAL C 36 15.52 -3.63 20.66
C VAL C 36 15.50 -2.30 21.38
N VAL C 37 16.27 -1.34 20.88
CA VAL C 37 16.32 -0.02 21.49
C VAL C 37 16.00 1.10 20.51
N GLY C 38 15.07 1.97 20.89
CA GLY C 38 14.72 3.09 20.04
C GLY C 38 15.62 4.27 20.33
N ALA C 39 16.01 5.00 19.29
CA ALA C 39 16.87 6.18 19.44
C ALA C 39 16.36 7.25 18.50
N PRO C 40 15.22 7.86 18.87
CA PRO C 40 14.50 8.92 18.14
C PRO C 40 15.22 10.17 17.65
N ARG C 41 16.41 10.46 18.16
CA ARG C 41 17.11 11.64 17.70
C ARG C 41 18.37 11.29 16.95
N THR C 42 18.58 10.01 16.67
CA THR C 42 19.75 9.56 15.94
C THR C 42 19.87 10.30 14.61
N LEU C 43 21.08 10.71 14.29
CA LEU C 43 21.34 11.46 13.07
C LEU C 43 21.33 10.67 11.76
N GLY C 44 20.78 11.29 10.72
CA GLY C 44 20.74 10.67 9.40
C GLY C 44 22.07 10.98 8.73
N PRO C 45 22.44 10.25 7.67
CA PRO C 45 23.72 10.48 6.97
C PRO C 45 23.94 11.91 6.49
N SER C 46 22.86 12.64 6.23
CA SER C 46 22.95 14.02 5.78
C SER C 46 22.84 15.00 6.96
N GLN C 47 23.18 14.51 8.14
CA GLN C 47 23.15 15.28 9.39
C GLN C 47 21.81 15.85 9.86
N GLU C 48 20.70 15.19 9.48
CA GLU C 48 19.37 15.63 9.92
C GLU C 48 18.80 14.54 10.83
N GLU C 49 18.20 14.96 11.94
CA GLU C 49 17.64 14.01 12.90
C GLU C 49 16.44 13.27 12.33
N THR C 50 16.57 11.95 12.23
CA THR C 50 15.50 11.11 11.70
C THR C 50 15.15 10.01 12.70
N GLY C 51 16.08 9.69 13.57
CA GLY C 51 15.86 8.65 14.55
C GLY C 51 16.55 7.37 14.12
N GLY C 52 16.39 6.31 14.89
CA GLY C 52 17.01 5.06 14.55
C GLY C 52 16.67 3.99 15.56
N VAL C 53 16.94 2.75 15.20
CA VAL C 53 16.70 1.62 16.08
C VAL C 53 17.98 0.80 16.16
N PHE C 54 18.20 0.15 17.30
CA PHE C 54 19.39 -0.66 17.51
C PHE C 54 18.97 -2.02 18.01
N LEU C 55 19.70 -3.05 17.57
CA LEU C 55 19.40 -4.41 18.00
C LEU C 55 20.62 -4.90 18.78
N CYS C 56 20.48 -4.94 20.09
CA CYS C 56 21.57 -5.36 20.97
C CYS C 56 21.47 -6.80 21.39
N PRO C 57 22.51 -7.60 21.09
CA PRO C 57 22.55 -9.02 21.46
C PRO C 57 23.00 -9.10 22.92
N TRP C 58 22.53 -10.11 23.63
CA TRP C 58 22.90 -10.27 25.03
C TRP C 58 24.39 -10.54 25.24
N ARG C 59 24.96 -9.78 26.17
CA ARG C 59 26.37 -9.90 26.54
C ARG C 59 26.59 -9.09 27.81
N ALA C 60 27.07 -9.75 28.86
CA ALA C 60 27.30 -9.10 30.14
C ALA C 60 28.17 -7.85 30.10
N GLU C 61 29.04 -7.75 29.09
CA GLU C 61 29.91 -6.57 28.97
C GLU C 61 29.19 -5.35 28.38
N GLY C 62 28.17 -5.60 27.54
CA GLY C 62 27.43 -4.51 26.91
C GLY C 62 28.30 -3.65 26.01
N GLY C 63 27.85 -2.43 25.76
CA GLY C 63 28.59 -1.51 24.92
C GLY C 63 27.80 -1.12 23.69
N GLN C 64 28.49 -0.92 22.58
CA GLN C 64 27.89 -0.54 21.29
C GLN C 64 26.94 -1.61 20.72
N CYS C 65 25.97 -1.16 19.91
CA CYS C 65 25.01 -2.07 19.29
C CYS C 65 24.92 -1.85 17.79
N PRO C 66 24.56 -2.91 17.05
CA PRO C 66 24.44 -2.78 15.59
C PRO C 66 23.18 -1.99 15.25
N SER C 67 23.29 -1.20 14.19
CA SER C 67 22.18 -0.40 13.73
C SER C 67 21.23 -1.28 12.92
N LEU C 68 19.93 -1.21 13.23
CA LEU C 68 18.89 -1.97 12.50
C LEU C 68 18.39 -0.99 11.41
N LEU C 69 18.90 -1.16 10.19
CA LEU C 69 18.59 -0.26 9.07
C LEU C 69 17.15 -0.02 8.58
N PHE C 70 16.84 1.24 8.29
CA PHE C 70 15.53 1.66 7.78
C PHE C 70 15.73 2.80 6.78
N ASP C 71 14.72 3.08 5.96
CA ASP C 71 14.85 4.15 4.98
C ASP C 71 14.69 5.55 5.61
N LEU C 72 15.78 6.32 5.59
CA LEU C 72 15.79 7.66 6.15
C LEU C 72 15.71 8.76 5.09
N ARG C 73 15.28 8.42 3.89
CA ARG C 73 15.19 9.44 2.82
C ARG C 73 13.77 9.81 2.48
N ASP C 74 13.56 11.09 2.19
CA ASP C 74 12.24 11.61 1.83
C ASP C 74 11.77 11.01 0.51
N GLU C 75 10.51 10.62 0.45
CA GLU C 75 9.95 10.02 -0.76
C GLU C 75 8.94 10.94 -1.45
N THR C 76 8.90 10.85 -2.77
CA THR C 76 8.00 11.64 -3.61
C THR C 76 7.58 10.79 -4.81
N ARG C 77 6.28 10.65 -5.02
CA ARG C 77 5.73 9.89 -6.14
C ARG C 77 4.52 10.56 -6.78
N ASN C 78 4.51 10.63 -8.11
CA ASN C 78 3.36 11.20 -8.82
C ASN C 78 2.39 10.08 -9.11
N VAL C 79 1.13 10.26 -8.71
CA VAL C 79 0.09 9.25 -8.94
C VAL C 79 -1.12 10.00 -9.48
N GLY C 80 -1.15 10.11 -10.79
CA GLY C 80 -2.23 10.81 -11.47
C GLY C 80 -1.96 12.29 -11.50
N SER C 81 -2.82 13.03 -10.82
CA SER C 81 -2.76 14.48 -10.73
C SER C 81 -2.08 14.90 -9.45
N GLN C 82 -1.94 13.95 -8.53
CA GLN C 82 -1.35 14.19 -7.24
C GLN C 82 0.14 13.90 -7.09
N THR C 83 0.76 14.64 -6.17
CA THR C 83 2.17 14.44 -5.87
C THR C 83 2.21 14.07 -4.39
N LEU C 84 2.47 12.80 -4.13
CA LEU C 84 2.55 12.28 -2.78
C LEU C 84 3.95 12.48 -2.23
N GLN C 85 4.03 12.97 -0.99
CA GLN C 85 5.31 13.20 -0.36
C GLN C 85 5.38 12.94 1.13
N THR C 86 6.48 12.34 1.55
CA THR C 86 6.74 12.04 2.95
C THR C 86 7.98 12.84 3.34
N PHE C 87 8.01 13.30 4.59
CA PHE C 87 9.13 14.09 5.12
C PHE C 87 9.59 13.46 6.41
N LYS C 88 10.86 13.05 6.43
CA LYS C 88 11.41 12.36 7.60
C LYS C 88 12.25 13.16 8.58
N ALA C 89 12.32 14.48 8.37
CA ALA C 89 13.06 15.35 9.27
C ALA C 89 12.36 15.41 10.63
N ARG C 90 13.10 15.07 11.69
CA ARG C 90 12.61 15.08 13.08
C ARG C 90 11.44 14.13 13.31
N GLN C 91 11.33 13.11 12.46
CA GLN C 91 10.22 12.15 12.54
C GLN C 91 10.19 11.29 13.80
N GLY C 92 11.34 11.17 14.45
CA GLY C 92 11.44 10.37 15.65
C GLY C 92 11.34 8.86 15.48
N LEU C 93 12.09 8.30 14.54
CA LEU C 93 12.07 6.86 14.34
C LEU C 93 12.62 6.21 15.60
N GLY C 94 11.87 5.24 16.13
CA GLY C 94 12.30 4.57 17.33
C GLY C 94 11.68 5.21 18.57
N ALA C 95 10.78 6.17 18.38
CA ALA C 95 10.13 6.80 19.53
C ALA C 95 9.21 5.75 20.16
N SER C 96 9.15 4.61 19.50
CA SER C 96 8.33 3.48 19.91
C SER C 96 8.87 2.23 19.21
N VAL C 97 8.97 1.13 19.96
CA VAL C 97 9.44 -0.15 19.40
C VAL C 97 8.74 -1.30 20.11
N VAL C 98 8.51 -2.37 19.38
CA VAL C 98 7.84 -3.52 19.93
C VAL C 98 8.23 -4.71 19.08
N SER C 99 8.41 -5.85 19.73
CA SER C 99 8.80 -7.07 19.06
C SER C 99 7.75 -8.13 19.26
N TRP C 100 7.34 -8.74 18.15
CA TRP C 100 6.37 -9.82 18.20
C TRP C 100 6.95 -10.97 17.41
N SER C 101 6.99 -12.04 17.59
CA SER C 101 7.83 -13.25 17.61
C SER C 101 8.88 -13.24 16.54
N ASP C 102 9.17 -13.47 15.54
CA ASP C 102 9.65 -12.94 14.29
C ASP C 102 9.97 -11.50 13.88
N VAL C 103 9.08 -10.57 14.22
CA VAL C 103 9.25 -9.17 13.80
C VAL C 103 9.48 -8.04 14.83
N ILE C 104 10.03 -6.94 14.33
CA ILE C 104 10.32 -5.75 15.11
C ILE C 104 9.60 -4.56 14.50
N VAL C 105 8.68 -3.95 15.25
CA VAL C 105 7.94 -2.79 14.77
C VAL C 105 8.52 -1.51 15.38
N ALA C 106 9.02 -0.59 14.55
CA ALA C 106 9.59 0.65 15.05
C ALA C 106 8.83 1.80 14.41
N CYS C 107 8.35 2.75 15.21
CA CYS C 107 7.58 3.86 14.67
C CYS C 107 8.21 5.24 14.73
N ALA C 108 7.70 6.12 13.89
CA ALA C 108 8.17 7.50 13.79
C ALA C 108 6.89 8.36 13.76
N PRO C 109 6.35 8.69 14.94
CA PRO C 109 5.14 9.48 15.13
C PRO C 109 5.14 10.89 14.55
N TRP C 110 6.31 11.43 14.24
CA TRP C 110 6.33 12.81 13.74
C TRP C 110 6.70 12.96 12.30
N GLN C 111 6.61 11.87 11.56
CA GLN C 111 6.89 11.89 10.13
C GLN C 111 5.77 12.69 9.46
N HIS C 112 6.16 13.66 8.65
CA HIS C 112 5.19 14.48 7.96
C HIS C 112 4.82 13.95 6.57
N TRP C 113 3.60 14.26 6.17
CA TRP C 113 3.01 13.83 4.92
C TRP C 113 2.28 14.99 4.24
N ASN C 114 2.24 14.96 2.92
CA ASN C 114 1.53 15.98 2.17
C ASN C 114 1.18 15.45 0.79
N VAL C 115 0.20 16.08 0.15
CA VAL C 115 -0.24 15.70 -1.19
C VAL C 115 -0.55 16.98 -1.92
N LEU C 116 0.12 17.19 -3.05
CA LEU C 116 -0.08 18.38 -3.88
C LEU C 116 -0.94 18.05 -5.09
N GLU C 117 -1.87 18.94 -5.43
CA GLU C 117 -2.72 18.79 -6.61
C GLU C 117 -2.85 20.52 -7.22
N LYS C 118 -2.03 20.70 -8.23
CA LYS C 118 -2.03 21.91 -8.69
C LYS C 118 -1.77 22.95 -7.59
N THR C 119 -2.52 24.02 -7.57
CA THR C 119 -2.54 24.99 -6.48
C THR C 119 -3.13 24.63 -5.12
N GLU C 120 -3.54 23.37 -4.94
CA GLU C 120 -4.10 22.94 -3.67
C GLU C 120 -3.20 21.90 -3.02
N GLU C 121 -3.39 21.69 -1.72
CA GLU C 121 -2.61 20.69 -1.00
C GLU C 121 -3.46 20.10 0.11
N ALA C 122 -2.96 19.07 0.77
CA ALA C 122 -3.71 18.45 1.85
C ALA C 122 -3.63 19.34 3.18
N GLU C 123 -2.45 19.59 3.29
CA GLU C 123 -1.46 20.34 4.28
C GLU C 123 -0.25 19.42 4.44
N LYS C 124 0.82 19.81 4.91
CA LYS C 124 1.92 19.00 5.42
C LYS C 124 1.70 18.79 6.93
N THR C 125 1.30 17.58 7.30
CA THR C 125 0.97 17.26 8.68
C THR C 125 1.65 16.00 9.21
N PRO C 126 1.70 15.82 10.54
CA PRO C 126 2.32 14.65 11.19
C PRO C 126 1.47 13.38 11.26
N VAL C 127 1.34 12.67 10.14
CA VAL C 127 0.56 11.43 10.14
C VAL C 127 1.31 10.32 10.85
N GLY C 128 2.64 10.35 10.79
CA GLY C 128 3.43 9.32 11.43
C GLY C 128 3.45 8.04 10.62
N SER C 129 4.29 7.08 11.02
CA SER C 129 4.39 5.83 10.30
C SER C 129 5.16 4.77 11.07
N CYS C 130 4.82 3.50 10.87
CA CYS C 130 5.55 2.42 11.52
C CYS C 130 6.29 1.61 10.48
N PHE C 131 7.52 1.23 10.83
CA PHE C 131 8.37 0.43 9.98
C PHE C 131 8.46 -0.96 10.61
N LEU C 132 8.25 -1.98 9.79
CA LEU C 132 8.30 -3.37 10.25
C LEU C 132 9.56 -4.01 9.69
N ALA C 133 10.15 -4.93 10.45
CA ALA C 133 11.37 -5.62 10.02
C ALA C 133 11.48 -7.04 10.57
N GLN C 134 12.00 -7.91 9.72
CA GLN C 134 12.23 -9.31 10.04
C GLN C 134 13.75 -9.39 9.87
N PRO C 135 14.51 -9.11 10.95
CA PRO C 135 15.96 -9.10 11.02
C PRO C 135 16.71 -10.23 10.31
N GLU C 136 16.25 -11.47 10.51
CA GLU C 136 16.89 -12.61 9.89
C GLU C 136 16.79 -12.62 8.37
N SER C 137 15.57 -12.50 7.84
CA SER C 137 15.37 -12.51 6.40
C SER C 137 15.69 -11.20 5.68
N GLY C 138 15.79 -10.11 6.43
CA GLY C 138 16.08 -8.82 5.81
C GLY C 138 14.80 -8.08 5.39
N ARG C 139 13.70 -8.82 5.26
CA ARG C 139 12.39 -8.28 4.87
C ARG C 139 11.93 -7.05 5.65
N ARG C 140 11.41 -6.07 4.91
CA ARG C 140 10.92 -4.81 5.47
C ARG C 140 9.50 -4.54 5.00
N ALA C 141 8.73 -3.84 5.84
CA ALA C 141 7.35 -3.46 5.52
C ALA C 141 7.09 -2.11 6.19
N GLU C 142 6.00 -1.45 5.80
CA GLU C 142 5.66 -0.16 6.36
C GLU C 142 4.15 -0.09 6.54
N TYR C 143 3.71 0.69 7.53
CA TYR C 143 2.30 0.85 7.83
C TYR C 143 2.00 2.28 8.27
N SER C 144 1.21 2.99 7.47
CA SER C 144 0.87 4.36 7.77
C SER C 144 -0.61 4.54 7.45
N PRO C 145 -1.46 4.00 8.33
CA PRO C 145 -2.91 4.06 8.19
C PRO C 145 -3.55 5.44 8.10
N CYS C 146 -2.84 6.47 8.56
CA CYS C 146 -3.41 7.81 8.53
C CYS C 146 -3.13 8.70 7.34
N ARG C 147 -2.27 8.25 6.40
CA ARG C 147 -1.98 9.07 5.21
C ARG C 147 -3.27 9.11 4.39
N GLY C 148 -3.52 10.25 3.76
CA GLY C 148 -4.73 10.39 2.97
C GLY C 148 -4.46 11.25 1.76
N ASN C 149 -5.46 11.40 0.90
CA ASN C 149 -5.24 12.21 -0.27
C ASN C 149 -6.38 13.19 -0.55
N THR C 150 -7.13 13.51 0.50
CA THR C 150 -8.23 14.48 0.44
C THR C 150 -7.60 15.88 0.48
N LEU C 151 -8.08 16.79 -0.35
CA LEU C 151 -7.51 18.14 -0.36
C LEU C 151 -8.08 18.98 0.75
N SER C 152 -7.24 19.92 1.20
CA SER C 152 -7.54 20.82 2.29
C SER C 152 -8.95 21.41 2.33
N ARG C 153 -9.34 22.06 1.24
CA ARG C 153 -10.65 22.69 1.12
C ARG C 153 -11.81 21.78 1.53
N ILE C 154 -11.69 20.49 1.25
CA ILE C 154 -12.73 19.53 1.57
C ILE C 154 -12.98 19.42 3.06
N TYR C 155 -11.90 19.42 3.85
CA TYR C 155 -12.02 19.32 5.30
C TYR C 155 -12.73 20.52 5.88
N VAL C 156 -12.56 21.69 5.26
CA VAL C 156 -13.22 22.89 5.74
C VAL C 156 -14.74 22.77 5.54
N GLU C 157 -15.17 22.47 4.32
CA GLU C 157 -16.59 22.32 4.03
C GLU C 157 -17.14 21.13 4.85
N ASN C 158 -16.25 20.19 5.15
CA ASN C 158 -16.56 18.99 5.93
C ASN C 158 -16.77 19.30 7.40
N ASP C 159 -16.17 20.39 7.85
CA ASP C 159 -16.19 20.80 9.25
C ASP C 159 -15.25 19.82 9.95
N PHE C 160 -14.11 19.59 9.30
CA PHE C 160 -13.05 18.71 9.76
C PHE C 160 -13.44 17.31 10.21
N SER C 161 -14.21 16.63 9.35
CA SER C 161 -14.67 15.27 9.59
C SER C 161 -13.66 14.25 9.04
N TRP C 162 -13.60 13.08 9.67
CA TRP C 162 -12.67 12.02 9.27
C TRP C 162 -11.27 12.63 9.04
N ASP C 163 -10.86 13.54 9.91
CA ASP C 163 -9.57 14.21 9.76
C ASP C 163 -8.45 13.50 10.50
N LYS C 164 -7.72 12.66 9.78
CA LYS C 164 -6.62 11.91 10.38
C LYS C 164 -5.27 12.52 10.03
N ARG C 165 -5.25 13.80 9.66
CA ARG C 165 -4.00 14.46 9.26
C ARG C 165 -2.92 14.62 10.33
N TYR C 166 -3.27 14.48 11.60
CA TYR C 166 -2.27 14.69 12.66
C TYR C 166 -2.25 13.54 13.66
N CYS C 167 -2.60 12.35 13.20
CA CYS C 167 -2.65 11.15 14.02
C CYS C 167 -1.46 10.93 14.90
N GLU C 168 -0.30 10.96 14.24
CA GLU C 168 0.98 10.66 14.87
C GLU C 168 0.90 9.17 15.19
N ALA C 169 0.51 8.38 14.20
CA ALA C 169 0.36 6.94 14.35
C ALA C 169 1.66 6.36 14.87
N GLY C 170 1.56 5.45 15.82
CA GLY C 170 2.75 4.85 16.39
C GLY C 170 3.28 5.59 17.63
N PHE C 171 2.50 6.54 18.15
CA PHE C 171 2.90 7.28 19.35
C PHE C 171 3.06 6.23 20.45
N SER C 172 2.17 5.25 20.42
CA SER C 172 2.18 4.12 21.34
C SER C 172 1.91 2.88 20.49
N SER C 173 2.27 1.70 20.98
CA SER C 173 2.06 0.47 20.21
C SER C 173 2.14 -0.83 21.00
N VAL C 174 1.37 -1.81 20.57
CA VAL C 174 1.32 -3.14 21.18
C VAL C 174 0.88 -4.12 20.11
N VAL C 175 1.20 -5.38 20.32
CA VAL C 175 0.81 -6.42 19.37
C VAL C 175 0.09 -7.49 20.16
N THR C 176 -1.06 -7.93 19.68
CA THR C 176 -1.80 -9.00 20.36
C THR C 176 -1.02 -10.30 20.11
N GLN C 177 -1.29 -11.34 20.90
CA GLN C 177 -0.60 -12.63 20.72
C GLN C 177 -0.75 -13.18 19.31
N ALA C 178 -1.97 -13.09 18.78
CA ALA C 178 -2.30 -13.54 17.45
C ALA C 178 -1.64 -12.69 16.35
N GLY C 179 -0.71 -11.81 16.74
CA GLY C 179 -0.02 -10.96 15.77
C GLY C 179 -0.70 -9.76 15.13
N GLU C 180 -1.61 -9.12 15.86
CA GLU C 180 -2.31 -7.95 15.34
C GLU C 180 -1.67 -6.69 15.93
N LEU C 181 -1.15 -5.84 15.05
CA LEU C 181 -0.50 -4.60 15.45
C LEU C 181 -1.54 -3.55 15.82
N VAL C 182 -1.44 -3.00 17.03
CA VAL C 182 -2.37 -1.97 17.46
C VAL C 182 -1.63 -0.66 17.67
N LEU C 183 -1.95 0.33 16.84
CA LEU C 183 -1.33 1.65 16.92
C LEU C 183 -2.17 2.71 17.63
N GLY C 184 -1.52 3.47 18.51
CA GLY C 184 -2.19 4.56 19.20
C GLY C 184 -1.84 5.84 18.44
N ALA C 185 -2.85 6.65 18.10
CA ALA C 185 -2.61 7.90 17.38
C ALA C 185 -3.36 9.05 18.07
N PRO C 186 -2.75 9.62 19.12
CA PRO C 186 -3.33 10.72 19.91
C PRO C 186 -3.79 11.97 19.15
N GLY C 187 -3.17 12.24 18.00
CA GLY C 187 -3.58 13.40 17.23
C GLY C 187 -4.73 13.13 16.30
N GLY C 188 -5.16 11.86 16.22
CA GLY C 188 -6.25 11.47 15.33
C GLY C 188 -7.56 12.21 15.49
N TYR C 189 -8.23 12.46 14.37
CA TYR C 189 -9.52 13.16 14.34
C TYR C 189 -9.45 14.52 14.99
N TYR C 190 -8.54 15.34 14.52
CA TYR C 190 -8.35 16.68 15.06
C TYR C 190 -8.07 16.72 16.58
N PHE C 191 -7.22 15.83 17.03
CA PHE C 191 -6.78 15.74 18.42
C PHE C 191 -7.60 15.02 19.46
N LEU C 192 -8.53 14.20 19.00
CA LEU C 192 -9.30 13.39 19.94
C LEU C 192 -8.45 12.16 20.18
N GLY C 193 -7.78 11.70 19.11
CA GLY C 193 -6.95 10.52 19.19
C GLY C 193 -7.69 9.30 18.66
N LEU C 194 -6.97 8.38 18.03
CA LEU C 194 -7.56 7.15 17.50
C LEU C 194 -6.62 5.96 17.58
N LEU C 195 -7.19 4.78 17.37
CA LEU C 195 -6.44 3.53 17.35
C LEU C 195 -6.60 2.90 15.98
N ALA C 196 -5.52 2.31 15.48
CA ALA C 196 -5.56 1.62 14.19
C ALA C 196 -5.01 0.22 14.40
N GLN C 197 -5.78 -0.81 13.99
CA GLN C 197 -5.31 -2.20 14.11
C GLN C 197 -5.26 -2.89 12.75
N ALA C 198 -4.27 -3.74 12.59
CA ALA C 198 -4.09 -4.50 11.35
C ALA C 198 -3.15 -5.65 11.68
N PRO C 199 -3.43 -6.85 11.13
CA PRO C 199 -2.60 -8.04 11.35
C PRO C 199 -1.22 -7.86 10.74
N VAL C 200 -0.17 -8.14 11.51
CA VAL C 200 1.19 -7.99 11.03
C VAL C 200 1.40 -8.69 9.69
N ALA C 201 0.81 -9.87 9.57
CA ALA C 201 0.91 -10.66 8.33
C ALA C 201 0.41 -9.85 7.14
N ASP C 202 -0.79 -9.31 7.29
CA ASP C 202 -1.46 -8.51 6.26
C ASP C 202 -0.74 -7.20 5.93
N ILE C 203 -0.04 -6.64 6.90
CA ILE C 203 0.70 -5.41 6.69
C ILE C 203 1.87 -5.76 5.78
N PHE C 204 2.48 -6.91 6.02
CA PHE C 204 3.61 -7.39 5.23
C PHE C 204 3.24 -7.76 3.80
N SER C 205 2.08 -8.38 3.64
CA SER C 205 1.65 -8.80 2.31
C SER C 205 1.01 -7.72 1.48
N SER C 206 0.77 -6.55 2.04
CA SER C 206 0.16 -5.46 1.28
C SER C 206 1.15 -4.35 0.95
N TYR C 207 2.30 -4.37 1.63
CA TYR C 207 3.33 -3.38 1.39
C TYR C 207 4.01 -3.62 0.05
N ARG C 208 4.31 -2.54 -0.65
CA ARG C 208 4.97 -2.62 -1.95
C ARG C 208 5.85 -1.41 -2.14
N PRO C 209 7.17 -1.63 -2.24
CA PRO C 209 8.16 -0.56 -2.42
C PRO C 209 7.74 0.39 -3.55
N GLY C 210 7.86 1.69 -3.28
CA GLY C 210 7.52 2.69 -4.27
C GLY C 210 6.12 3.27 -4.18
N ILE C 211 5.22 2.55 -3.50
CA ILE C 211 3.86 3.03 -3.33
C ILE C 211 3.73 3.69 -1.95
N LEU C 212 3.40 4.98 -1.97
CA LEU C 212 3.27 5.76 -0.75
C LEU C 212 1.95 5.69 0.00
N LEU C 213 0.86 5.53 -0.76
CA LEU C 213 -0.49 5.50 -0.20
C LEU C 213 -1.30 4.25 -0.54
N TRP C 214 -1.55 3.40 0.45
CA TRP C 214 -2.33 2.20 0.20
C TRP C 214 -3.20 1.86 1.41
N HIS C 215 -4.05 0.85 1.27
CA HIS C 215 -4.94 0.47 2.36
C HIS C 215 -4.93 -1.01 2.61
N VAL C 216 -4.69 -1.38 3.86
CA VAL C 216 -4.68 -2.78 4.23
C VAL C 216 -6.14 -3.15 4.41
N SER C 217 -6.67 -3.97 3.49
CA SER C 217 -8.07 -4.37 3.53
C SER C 217 -8.61 -4.87 4.88
N SER C 218 -7.75 -5.42 5.72
CA SER C 218 -8.21 -5.93 6.99
C SER C 218 -8.07 -4.99 8.18
N GLN C 219 -7.54 -3.79 7.94
CA GLN C 219 -7.36 -2.84 9.02
C GLN C 219 -8.67 -2.30 9.57
N SER C 220 -8.66 -2.04 10.87
CA SER C 220 -9.78 -1.50 11.62
C SER C 220 -9.36 -0.27 12.42
N LEU C 221 -10.05 0.85 12.21
CA LEU C 221 -9.74 2.11 12.90
C LEU C 221 -10.88 2.60 13.82
N SER C 222 -10.53 3.18 14.97
CA SER C 222 -11.55 3.70 15.87
C SER C 222 -12.28 4.90 15.25
N PHE C 223 -13.28 5.42 15.94
CA PHE C 223 -14.11 6.48 15.39
C PHE C 223 -14.02 7.90 15.95
N ASP C 224 -14.64 8.83 15.23
CA ASP C 224 -14.69 10.24 15.63
C ASP C 224 -15.85 10.39 16.65
N SER C 225 -15.94 11.55 17.28
CA SER C 225 -16.97 11.82 18.27
C SER C 225 -17.30 13.29 18.32
N SER C 226 -18.54 13.62 18.65
CA SER C 226 -18.93 15.03 18.74
C SER C 226 -19.06 15.45 20.21
N ASN C 227 -18.80 14.51 21.12
CA ASN C 227 -18.84 14.72 22.56
C ASN C 227 -17.59 15.50 22.99
N PRO C 228 -17.76 16.75 23.47
CA PRO C 228 -16.64 17.59 23.90
C PRO C 228 -15.72 17.01 24.96
N GLU C 229 -16.18 15.99 25.67
CA GLU C 229 -15.36 15.34 26.69
C GLU C 229 -14.13 14.71 26.00
N TYR C 230 -14.26 14.35 24.72
CA TYR C 230 -13.15 13.75 23.99
C TYR C 230 -12.21 14.75 23.31
N PHE C 231 -12.66 15.98 23.13
CA PHE C 231 -11.84 17.00 22.50
C PHE C 231 -10.48 17.19 23.18
N ASP C 232 -9.42 17.18 22.37
CA ASP C 232 -8.05 17.35 22.83
C ASP C 232 -7.67 16.35 23.92
N GLY C 233 -8.39 15.23 23.97
CA GLY C 233 -8.14 14.21 24.96
C GLY C 233 -6.95 13.30 24.73
N TYR C 234 -6.37 13.32 23.53
CA TYR C 234 -5.21 12.49 23.22
C TYR C 234 -5.40 11.00 23.50
N TRP C 235 -6.60 10.52 23.20
CA TRP C 235 -6.97 9.13 23.37
C TRP C 235 -5.99 8.28 22.53
N GLY C 236 -5.18 7.46 23.20
CA GLY C 236 -4.22 6.65 22.50
C GLY C 236 -2.79 7.07 22.77
N TYR C 237 -2.59 7.81 23.87
CA TYR C 237 -1.27 8.29 24.28
C TYR C 237 -0.48 7.05 24.76
N SER C 238 -1.24 6.03 25.19
CA SER C 238 -0.64 4.78 25.64
C SER C 238 -1.63 3.65 25.33
N VAL C 239 -1.10 2.43 25.12
CA VAL C 239 -1.94 1.27 24.82
C VAL C 239 -1.45 -0.04 25.39
N ALA C 240 -2.40 -0.96 25.55
CA ALA C 240 -2.09 -2.28 26.06
C ALA C 240 -3.28 -3.17 25.81
N VAL C 241 -3.06 -4.48 25.83
CA VAL C 241 -4.12 -5.45 25.61
C VAL C 241 -4.20 -6.40 26.78
N GLY C 242 -5.36 -7.03 26.94
CA GLY C 242 -5.54 -7.98 28.03
C GLY C 242 -6.85 -8.74 27.93
N GLU C 243 -7.20 -9.43 29.01
CA GLU C 243 -8.43 -10.21 29.09
C GLU C 243 -9.39 -9.58 30.08
N PHE C 244 -10.46 -8.95 29.60
CA PHE C 244 -11.40 -8.29 30.50
C PHE C 244 -12.88 -8.62 30.36
N ASP C 245 -13.21 -9.67 29.62
CA ASP C 245 -14.63 -10.04 29.49
C ASP C 245 -14.86 -11.55 29.67
N GLY C 246 -13.86 -12.22 30.24
CA GLY C 246 -13.96 -13.66 30.48
C GLY C 246 -13.77 -14.53 29.26
N ASP C 247 -14.37 -14.11 28.15
CA ASP C 247 -14.31 -14.81 26.87
C ASP C 247 -12.88 -14.74 26.31
N LEU C 248 -12.18 -15.87 26.30
CA LEU C 248 -10.81 -15.94 25.81
C LEU C 248 -10.72 -15.85 24.29
N ASN C 249 -11.85 -16.03 23.62
CA ASN C 249 -11.90 -15.97 22.17
C ASN C 249 -11.85 -14.51 21.68
N THR C 250 -11.94 -13.57 22.61
CA THR C 250 -11.92 -12.14 22.29
C THR C 250 -10.81 -11.41 23.06
N THR C 251 -10.18 -10.43 22.42
CA THR C 251 -9.13 -9.65 23.10
C THR C 251 -9.68 -8.24 23.32
N GLU C 252 -9.20 -7.58 24.36
CA GLU C 252 -9.66 -6.21 24.63
C GLU C 252 -8.50 -5.25 24.77
N TYR C 253 -8.76 -4.00 24.41
CA TYR C 253 -7.76 -2.95 24.45
C TYR C 253 -7.90 -1.99 25.65
N VAL C 254 -6.76 -1.48 26.09
CA VAL C 254 -6.69 -0.52 27.18
C VAL C 254 -6.02 0.71 26.57
N VAL C 255 -6.75 1.81 26.53
CA VAL C 255 -6.26 3.05 25.94
C VAL C 255 -6.15 4.18 26.98
N GLY C 256 -5.04 4.91 26.95
CA GLY C 256 -4.89 6.02 27.87
C GLY C 256 -5.15 7.35 27.19
N ALA C 257 -6.07 8.14 27.76
CA ALA C 257 -6.41 9.48 27.25
C ALA C 257 -6.10 10.46 28.39
N PRO C 258 -4.82 10.75 28.60
CA PRO C 258 -4.38 11.65 29.67
C PRO C 258 -4.99 13.04 29.81
N THR C 259 -5.51 13.61 28.73
CA THR C 259 -6.11 14.94 28.81
C THR C 259 -7.62 14.90 28.53
N TRP C 260 -8.22 13.71 28.67
CA TRP C 260 -9.65 13.52 28.44
C TRP C 260 -10.49 14.34 29.39
N SER C 261 -11.61 14.85 28.87
CA SER C 261 -12.54 15.67 29.63
C SER C 261 -11.87 16.84 30.35
N TRP C 262 -11.44 17.84 29.58
CA TRP C 262 -10.79 19.01 30.13
C TRP C 262 -9.70 18.69 31.15
N THR C 263 -8.72 17.93 30.67
CA THR C 263 -7.53 17.50 31.42
C THR C 263 -7.76 16.66 32.68
N LEU C 264 -8.95 16.07 32.81
CA LEU C 264 -9.22 15.21 33.95
C LEU C 264 -8.37 13.95 33.74
N GLY C 265 -8.43 13.41 32.52
CA GLY C 265 -7.70 12.19 32.19
C GLY C 265 -8.63 11.01 32.27
N ALA C 266 -8.30 9.92 31.56
CA ALA C 266 -9.13 8.72 31.57
C ALA C 266 -8.45 7.53 30.90
N VAL C 267 -8.96 6.35 31.17
CA VAL C 267 -8.44 5.13 30.58
C VAL C 267 -9.62 4.25 30.28
N GLU C 268 -9.78 3.88 29.01
CA GLU C 268 -10.90 3.03 28.63
C GLU C 268 -10.51 1.60 28.31
N ILE C 269 -11.45 0.69 28.56
CA ILE C 269 -11.28 -0.73 28.29
C ILE C 269 -12.33 -0.99 27.22
N LEU C 270 -11.91 -1.49 26.06
CA LEU C 270 -12.84 -1.78 24.98
C LEU C 270 -12.53 -3.03 24.17
N ASP C 271 -13.54 -3.60 23.51
CA ASP C 271 -13.34 -4.79 22.69
C ASP C 271 -12.69 -4.44 21.35
N SER C 272 -12.36 -5.44 20.55
CA SER C 272 -11.70 -5.23 19.24
C SER C 272 -12.46 -4.37 18.23
N TYR C 273 -13.75 -4.13 18.50
CA TYR C 273 -14.55 -3.29 17.60
C TYR C 273 -14.69 -1.88 18.15
N TYR C 274 -13.82 -1.55 19.10
CA TYR C 274 -13.76 -0.24 19.76
C TYR C 274 -15.00 0.17 20.54
N GLN C 275 -15.75 -0.80 21.04
CA GLN C 275 -16.94 -0.51 21.82
C GLN C 275 -16.53 -0.39 23.27
N ARG C 276 -16.98 0.69 23.91
CA ARG C 276 -16.66 0.99 25.30
C ARG C 276 -17.16 -0.05 26.31
N LEU C 277 -16.22 -0.68 27.02
CA LEU C 277 -16.57 -1.67 28.03
C LEU C 277 -16.63 -1.04 29.43
N HIS C 278 -15.60 -0.26 29.75
CA HIS C 278 -15.53 0.43 31.03
C HIS C 278 -14.63 1.65 30.93
N ARG C 279 -14.97 2.71 31.66
CA ARG C 279 -14.14 3.92 31.65
C ARG C 279 -13.70 4.31 33.05
N LEU C 280 -12.40 4.44 33.21
CA LEU C 280 -11.78 4.82 34.48
C LEU C 280 -11.40 6.30 34.45
N ARG C 281 -12.07 7.10 35.28
CA ARG C 281 -11.81 8.53 35.37
C ARG C 281 -10.61 8.83 36.24
N ALA C 282 -9.99 9.97 36.02
CA ALA C 282 -8.85 10.38 36.84
C ALA C 282 -9.38 11.07 38.10
N GLU C 283 -8.52 11.30 39.08
CA GLU C 283 -9.01 11.95 40.28
C GLU C 283 -8.60 13.41 40.42
N GLN C 284 -7.65 13.83 39.61
CA GLN C 284 -7.17 15.20 39.66
C GLN C 284 -6.76 15.74 38.30
N MET C 285 -7.23 16.94 38.00
CA MET C 285 -6.91 17.58 36.73
C MET C 285 -5.42 17.80 36.57
N ALA C 286 -4.95 17.60 35.35
CA ALA C 286 -3.56 17.77 34.96
C ALA C 286 -2.62 16.72 35.53
N SER C 287 -3.14 15.77 36.29
CA SER C 287 -2.27 14.72 36.86
C SER C 287 -1.67 13.79 35.79
N TYR C 288 -2.34 13.73 34.64
CA TYR C 288 -1.96 12.93 33.48
C TYR C 288 -2.28 11.45 33.64
N PHE C 289 -3.44 11.19 34.20
CA PHE C 289 -3.94 9.84 34.40
C PHE C 289 -4.10 9.22 33.02
N GLY C 290 -3.53 8.03 32.85
CA GLY C 290 -3.62 7.36 31.56
C GLY C 290 -2.37 7.56 30.71
N HIS C 291 -1.36 8.19 31.28
CA HIS C 291 -0.10 8.43 30.60
C HIS C 291 0.58 7.10 30.38
N SER C 292 0.35 6.18 31.31
CA SER C 292 0.94 4.83 31.27
C SER C 292 -0.07 3.80 31.72
N VAL C 293 -0.14 2.70 31.00
CA VAL C 293 -1.07 1.63 31.34
C VAL C 293 -0.33 0.31 31.18
N ALA C 294 -0.50 -0.57 32.16
CA ALA C 294 0.12 -1.88 32.12
C ALA C 294 -0.93 -2.91 32.52
N VAL C 295 -0.83 -4.11 31.95
CA VAL C 295 -1.77 -5.17 32.25
C VAL C 295 -1.01 -6.38 32.80
N THR C 296 -1.55 -6.99 33.84
CA THR C 296 -0.94 -8.18 34.46
C THR C 296 -1.73 -8.66 35.67
N ASP C 297 -1.66 -9.95 35.94
CA ASP C 297 -2.36 -10.53 37.08
C ASP C 297 -1.44 -10.53 38.30
N VAL C 298 -1.70 -9.59 39.20
CA VAL C 298 -0.92 -9.43 40.41
C VAL C 298 -1.37 -10.28 41.60
N ASN C 299 -2.66 -10.54 41.70
CA ASN C 299 -3.19 -11.31 42.82
C ASN C 299 -3.29 -12.84 42.64
N GLY C 300 -2.70 -13.36 41.57
CA GLY C 300 -2.73 -14.80 41.31
C GLY C 300 -4.09 -15.45 41.04
N ASP C 301 -5.15 -14.66 40.91
CA ASP C 301 -6.48 -15.21 40.64
C ASP C 301 -6.69 -15.69 39.20
N GLY C 302 -5.71 -15.44 38.34
CA GLY C 302 -5.83 -15.83 36.94
C GLY C 302 -6.46 -14.73 36.08
N ARG C 303 -7.10 -13.76 36.72
CA ARG C 303 -7.75 -12.64 36.04
C ARG C 303 -6.73 -11.52 35.83
N HIS C 304 -6.80 -10.87 34.66
CA HIS C 304 -5.89 -9.78 34.32
C HIS C 304 -6.18 -8.55 35.16
N ASP C 305 -5.12 -7.91 35.66
CA ASP C 305 -5.31 -6.71 36.48
C ASP C 305 -4.74 -5.48 35.77
N LEU C 306 -5.28 -4.31 36.13
CA LEU C 306 -4.88 -3.04 35.51
C LEU C 306 -4.07 -2.08 36.38
N LEU C 307 -3.14 -1.37 35.75
CA LEU C 307 -2.28 -0.39 36.41
C LEU C 307 -2.22 0.89 35.56
N VAL C 308 -2.58 2.01 36.16
CA VAL C 308 -2.57 3.30 35.46
C VAL C 308 -1.60 4.25 36.13
N GLY C 309 -0.85 4.99 35.34
CA GLY C 309 0.11 5.95 35.89
C GLY C 309 -0.31 7.40 35.66
N ALA C 310 -0.21 8.23 36.70
CA ALA C 310 -0.54 9.67 36.66
C ALA C 310 0.69 10.37 37.22
N PRO C 311 1.76 10.42 36.43
CA PRO C 311 3.04 11.03 36.81
C PRO C 311 3.03 12.44 37.35
N LEU C 312 2.00 13.21 37.05
CA LEU C 312 1.93 14.61 37.50
C LEU C 312 0.95 14.85 38.64
N TYR C 313 0.58 13.80 39.34
CA TYR C 313 -0.37 13.90 40.45
C TYR C 313 0.19 14.67 41.64
N MET C 314 -0.55 15.69 42.07
CA MET C 314 -0.16 16.48 43.22
C MET C 314 -0.78 15.89 44.51
N GLU C 315 0.09 15.58 45.46
CA GLU C 315 -0.28 14.99 46.76
C GLU C 315 -0.59 16.06 47.80
N SER C 316 -1.50 15.72 48.71
CA SER C 316 -1.90 16.63 49.80
C SER C 316 -1.00 16.61 51.02
N ARG C 317 0.00 17.50 51.03
CA ARG C 317 0.94 17.65 52.14
C ARG C 317 0.27 18.48 53.26
N ALA C 318 0.84 18.42 54.46
CA ALA C 318 0.32 19.18 55.59
C ALA C 318 0.44 20.68 55.37
N ASP C 319 -0.52 21.43 55.92
CA ASP C 319 -0.57 22.89 55.84
C ASP C 319 -1.24 23.49 54.58
N ARG C 320 -2.25 22.81 54.06
CA ARG C 320 -2.99 23.28 52.88
C ARG C 320 -2.19 23.42 51.58
N LYS C 321 -1.09 22.67 51.46
CA LYS C 321 -0.27 22.73 50.26
C LYS C 321 -0.33 21.41 49.48
N LEU C 322 0.10 21.45 48.23
CA LEU C 322 0.11 20.28 47.36
C LEU C 322 1.52 20.06 46.83
N ALA C 323 1.84 18.81 46.47
CA ALA C 323 3.16 18.50 45.94
C ALA C 323 3.15 17.44 44.83
N GLU C 324 3.71 17.80 43.68
CA GLU C 324 3.77 16.92 42.53
C GLU C 324 4.76 15.79 42.78
N VAL C 325 4.23 14.56 42.86
CA VAL C 325 5.04 13.38 43.11
C VAL C 325 4.72 12.20 42.19
N GLY C 326 3.49 12.15 41.69
CA GLY C 326 3.09 11.06 40.82
C GLY C 326 2.30 10.02 41.58
N ARG C 327 1.50 9.24 40.87
CA ARG C 327 0.70 8.20 41.51
C ARG C 327 0.34 7.07 40.54
N VAL C 328 0.20 5.88 41.08
CA VAL C 328 -0.17 4.69 40.31
C VAL C 328 -1.45 4.09 40.90
N TYR C 329 -2.37 3.70 40.03
CA TYR C 329 -3.62 3.13 40.48
C TYR C 329 -3.60 1.68 40.05
N LEU C 330 -4.18 0.82 40.88
CA LEU C 330 -4.25 -0.60 40.61
C LEU C 330 -5.70 -1.02 40.66
N PHE C 331 -6.21 -1.51 39.55
CA PHE C 331 -7.59 -1.96 39.50
C PHE C 331 -7.59 -3.48 39.35
N LEU C 332 -8.15 -4.18 40.33
CA LEU C 332 -8.21 -5.64 40.30
C LEU C 332 -9.50 -6.08 39.60
N GLN C 333 -9.41 -7.16 38.84
CA GLN C 333 -10.56 -7.68 38.13
C GLN C 333 -11.19 -8.82 38.93
N PRO C 334 -12.56 -8.68 39.05
CA PRO C 334 -13.43 -9.66 39.77
C PRO C 334 -13.57 -11.04 39.19
N ARG C 335 -14.65 -11.66 39.58
CA ARG C 335 -15.04 -12.94 39.01
C ARG C 335 -16.46 -12.87 38.41
N GLY C 336 -17.50 -13.43 39.03
CA GLY C 336 -18.81 -13.49 38.36
C GLY C 336 -19.22 -12.33 37.42
N PRO C 337 -19.86 -11.37 38.10
CA PRO C 337 -20.42 -10.14 37.51
C PRO C 337 -19.34 -9.10 37.35
N HIS C 338 -18.16 -9.59 37.05
CA HIS C 338 -16.96 -8.74 36.86
C HIS C 338 -17.28 -7.43 36.15
N ALA C 339 -16.68 -6.33 36.60
CA ALA C 339 -16.82 -4.96 36.11
C ALA C 339 -16.02 -4.11 37.07
N LEU C 340 -14.79 -3.78 36.66
CA LEU C 340 -13.86 -2.99 37.47
C LEU C 340 -14.52 -1.81 38.19
N GLY C 341 -14.21 -1.65 39.47
CA GLY C 341 -14.79 -0.57 40.26
C GLY C 341 -13.77 0.49 40.63
N ALA C 342 -13.68 0.78 41.92
CA ALA C 342 -12.75 1.77 42.44
C ALA C 342 -11.37 1.15 42.56
N PRO C 343 -10.31 1.99 42.53
CA PRO C 343 -8.95 1.43 42.65
C PRO C 343 -8.87 0.52 43.89
N SER C 344 -7.95 -0.43 43.85
CA SER C 344 -7.80 -1.36 44.94
C SER C 344 -6.55 -1.07 45.77
N LEU C 345 -5.77 -0.08 45.34
CA LEU C 345 -4.54 0.31 46.01
C LEU C 345 -3.98 1.55 45.33
N LEU C 346 -3.43 2.48 46.12
CA LEU C 346 -2.88 3.68 45.55
C LEU C 346 -1.41 3.90 45.90
N LEU C 347 -0.53 3.51 44.99
CA LEU C 347 0.90 3.70 45.21
C LEU C 347 1.23 5.14 44.78
N THR C 348 1.75 5.94 45.69
CA THR C 348 2.08 7.32 45.38
C THR C 348 3.54 7.67 45.64
N GLY C 349 4.08 8.53 44.78
CA GLY C 349 5.48 8.93 44.86
C GLY C 349 5.86 9.71 46.10
N THR C 350 7.17 9.86 46.30
CA THR C 350 7.68 10.56 47.46
C THR C 350 8.46 11.81 47.11
N GLN C 351 9.35 11.71 46.14
CA GLN C 351 10.17 12.85 45.73
C GLN C 351 9.40 13.87 44.88
N LEU C 352 9.62 15.15 45.17
CA LEU C 352 8.96 16.24 44.44
C LEU C 352 9.45 16.25 42.99
N TYR C 353 8.51 16.36 42.06
CA TYR C 353 8.79 16.40 40.62
C TYR C 353 9.37 15.08 40.12
N GLY C 354 9.16 14.00 40.88
CA GLY C 354 9.71 12.71 40.50
C GLY C 354 9.10 12.00 39.31
N ARG C 355 7.83 12.33 39.03
CA ARG C 355 7.10 11.73 37.92
C ARG C 355 6.93 10.22 38.07
N PHE C 356 6.59 9.81 39.29
CA PHE C 356 6.35 8.42 39.64
C PHE C 356 5.09 7.98 38.88
N GLY C 357 5.19 6.88 38.16
CA GLY C 357 4.05 6.39 37.41
C GLY C 357 4.13 6.75 35.94
N SER C 358 5.31 7.21 35.55
CA SER C 358 5.62 7.62 34.19
C SER C 358 5.83 6.40 33.29
N ALA C 359 5.97 5.23 33.91
CA ALA C 359 6.20 3.97 33.21
C ALA C 359 5.98 2.80 34.16
N ILE C 360 5.18 1.84 33.74
CA ILE C 360 4.92 0.67 34.57
C ILE C 360 5.17 -0.56 33.73
N ALA C 361 6.18 -1.32 34.11
CA ALA C 361 6.50 -2.53 33.36
C ALA C 361 6.27 -3.78 34.17
N PRO C 362 5.29 -4.60 33.75
CA PRO C 362 5.03 -5.85 34.48
C PRO C 362 6.23 -6.78 34.37
N LEU C 363 6.73 -7.24 35.51
CA LEU C 363 7.85 -8.17 35.56
C LEU C 363 7.16 -9.53 35.62
N GLY C 364 7.93 -10.60 35.53
CA GLY C 364 7.29 -11.91 35.60
C GLY C 364 6.92 -12.21 37.03
N ASP C 365 7.67 -13.12 37.63
CA ASP C 365 7.48 -13.52 39.03
C ASP C 365 8.92 -13.64 39.49
N LEU C 366 9.40 -12.58 40.14
CA LEU C 366 10.77 -12.53 40.63
C LEU C 366 11.05 -13.56 41.72
N ASP C 367 10.21 -13.58 42.74
CA ASP C 367 10.39 -14.51 43.87
C ASP C 367 9.76 -15.89 43.69
N ARG C 368 9.18 -16.13 42.51
CA ARG C 368 8.56 -17.42 42.18
C ARG C 368 7.52 -17.86 43.21
N ASP C 369 7.02 -16.92 44.01
CA ASP C 369 6.03 -17.25 45.03
C ASP C 369 4.62 -17.45 44.46
N GLY C 370 4.52 -17.38 43.13
CA GLY C 370 3.25 -17.58 42.46
C GLY C 370 2.40 -16.33 42.29
N TYR C 371 2.98 -15.18 42.61
CA TYR C 371 2.30 -13.90 42.49
C TYR C 371 3.16 -13.00 41.63
N ASN C 372 2.62 -12.55 40.51
CA ASN C 372 3.35 -11.68 39.57
C ASN C 372 3.72 -10.33 40.14
N ASP C 373 4.91 -9.84 39.77
CA ASP C 373 5.41 -8.56 40.25
C ASP C 373 5.47 -7.46 39.17
N ILE C 374 5.68 -6.22 39.60
CA ILE C 374 5.76 -5.09 38.67
C ILE C 374 6.85 -4.12 39.10
N ALA C 375 7.25 -3.26 38.17
CA ALA C 375 8.26 -2.23 38.44
C ALA C 375 7.66 -0.89 38.02
N VAL C 376 7.92 0.16 38.80
CA VAL C 376 7.41 1.49 38.52
C VAL C 376 8.56 2.47 38.49
N ALA C 377 8.55 3.34 37.48
CA ALA C 377 9.59 4.34 37.33
C ALA C 377 9.21 5.71 37.85
N ALA C 378 10.24 6.51 38.13
CA ALA C 378 10.13 7.88 38.60
C ALA C 378 11.44 8.47 38.11
N PRO C 379 11.53 8.71 36.80
CA PRO C 379 12.70 9.26 36.09
C PRO C 379 13.42 10.42 36.77
N TYR C 380 12.71 11.16 37.60
CA TYR C 380 13.34 12.29 38.28
C TYR C 380 13.20 12.16 39.80
N GLY C 381 12.86 10.95 40.23
CA GLY C 381 12.69 10.65 41.65
C GLY C 381 14.00 10.33 42.35
N GLY C 382 13.88 9.83 43.59
CA GLY C 382 15.05 9.52 44.37
C GLY C 382 15.52 10.77 45.10
N PRO C 383 16.27 10.63 46.19
CA PRO C 383 16.76 11.78 46.96
C PRO C 383 17.50 12.80 46.09
N SER C 384 18.44 12.35 45.29
CA SER C 384 19.19 13.26 44.43
C SER C 384 18.38 13.66 43.19
N GLY C 385 17.19 13.08 43.07
CA GLY C 385 16.31 13.36 41.94
C GLY C 385 16.81 12.83 40.60
N ARG C 386 17.77 11.92 40.65
CA ARG C 386 18.35 11.35 39.43
C ARG C 386 17.57 10.19 38.84
N GLY C 387 16.45 9.85 39.49
CA GLY C 387 15.61 8.77 39.02
C GLY C 387 15.78 7.44 39.74
N GLN C 388 14.70 6.66 39.78
CA GLN C 388 14.74 5.36 40.41
C GLN C 388 13.54 4.48 40.06
N VAL C 389 13.79 3.18 40.01
CA VAL C 389 12.74 2.23 39.70
C VAL C 389 12.38 1.50 41.00
N LEU C 390 11.09 1.29 41.23
CA LEU C 390 10.64 0.62 42.44
C LEU C 390 9.88 -0.67 42.14
N VAL C 391 10.39 -1.79 42.65
CA VAL C 391 9.75 -3.10 42.46
C VAL C 391 8.68 -3.35 43.53
N PHE C 392 7.51 -3.78 43.10
CA PHE C 392 6.41 -4.08 44.02
C PHE C 392 6.01 -5.52 43.77
N LEU C 393 6.02 -6.33 44.82
CA LEU C 393 5.67 -7.73 44.69
C LEU C 393 4.17 -7.99 44.72
N GLY C 394 3.78 -9.07 44.05
CA GLY C 394 2.39 -9.46 43.99
C GLY C 394 2.03 -10.10 45.30
N GLN C 395 0.73 -10.20 45.56
CA GLN C 395 0.24 -10.76 46.80
C GLN C 395 -1.26 -11.02 46.69
N SER C 396 -1.79 -11.80 47.63
CA SER C 396 -3.20 -12.15 47.65
C SER C 396 -4.17 -11.00 47.45
N GLU C 397 -3.98 -9.91 48.19
CA GLU C 397 -4.86 -8.74 48.10
C GLU C 397 -4.57 -7.76 46.96
N GLY C 398 -3.47 -8.01 46.24
CA GLY C 398 -3.10 -7.15 45.13
C GLY C 398 -1.60 -6.93 45.11
N LEU C 399 -1.18 -5.79 45.66
CA LEU C 399 0.23 -5.45 45.73
C LEU C 399 0.42 -4.85 47.10
N ARG C 400 1.64 -4.86 47.60
CA ARG C 400 1.90 -4.26 48.90
C ARG C 400 2.34 -2.81 48.74
N SER C 401 1.86 -1.94 49.63
CA SER C 401 2.20 -0.53 49.57
C SER C 401 3.69 -0.28 49.78
N ARG C 402 4.38 -1.27 50.33
CA ARG C 402 5.81 -1.18 50.57
C ARG C 402 6.63 -1.74 49.41
N PRO C 403 7.47 -0.90 48.77
CA PRO C 403 8.29 -1.39 47.66
C PRO C 403 9.36 -2.33 48.20
N SER C 404 9.39 -3.55 47.68
CA SER C 404 10.37 -4.53 48.14
C SER C 404 11.74 -4.37 47.51
N GLN C 405 12.04 -3.18 47.00
CA GLN C 405 13.34 -2.89 46.39
C GLN C 405 13.32 -1.52 45.70
N VAL C 406 14.49 -0.93 45.53
CA VAL C 406 14.59 0.39 44.91
C VAL C 406 15.91 0.53 44.13
N LEU C 407 15.79 0.69 42.82
CA LEU C 407 16.96 0.82 41.97
C LEU C 407 17.27 2.29 41.70
N ASP C 408 18.45 2.74 42.09
CA ASP C 408 18.83 4.12 41.87
C ASP C 408 19.59 4.27 40.57
N SER C 409 19.36 5.41 39.91
CA SER C 409 20.01 5.69 38.66
C SER C 409 21.52 5.68 38.74
N PRO C 410 22.16 4.85 37.91
CA PRO C 410 23.61 4.75 37.87
C PRO C 410 24.10 5.77 36.84
N PHE C 411 23.26 6.78 36.58
CA PHE C 411 23.57 7.81 35.59
C PHE C 411 23.46 9.21 36.18
N PRO C 412 24.09 10.21 35.53
CA PRO C 412 24.09 11.61 35.97
C PRO C 412 22.70 12.26 35.99
N THR C 413 22.67 13.54 36.34
CA THR C 413 21.42 14.29 36.40
C THR C 413 20.87 14.52 35.00
N GLY C 414 19.56 14.33 34.86
CA GLY C 414 18.90 14.52 33.58
C GLY C 414 19.08 13.35 32.62
N SER C 415 19.03 12.13 33.13
CA SER C 415 19.20 10.96 32.29
C SER C 415 17.84 10.39 31.96
N ALA C 416 16.83 10.80 32.74
CA ALA C 416 15.48 10.32 32.54
C ALA C 416 15.41 8.82 32.81
N PHE C 417 16.39 8.32 33.56
CA PHE C 417 16.48 6.93 33.94
C PHE C 417 15.11 6.48 34.42
N GLY C 418 14.52 5.53 33.71
CA GLY C 418 13.21 5.04 34.11
C GLY C 418 12.09 5.36 33.13
N PHE C 419 12.35 6.26 32.18
CA PHE C 419 11.34 6.62 31.19
C PHE C 419 10.77 5.37 30.50
N SER C 420 11.64 4.45 30.10
CA SER C 420 11.22 3.21 29.46
C SER C 420 11.62 1.97 30.28
N LEU C 421 10.65 1.09 30.51
CA LEU C 421 10.87 -0.12 31.29
C LEU C 421 10.32 -1.34 30.61
N ARG C 422 10.98 -2.47 30.80
CA ARG C 422 10.54 -3.73 30.23
C ARG C 422 11.12 -4.94 30.99
N GLY C 423 10.26 -5.89 31.30
CA GLY C 423 10.68 -7.08 32.02
C GLY C 423 9.92 -8.34 31.62
N ALA C 424 9.86 -9.31 32.54
CA ALA C 424 9.15 -10.57 32.34
C ALA C 424 9.75 -11.49 31.26
N VAL C 425 11.06 -11.35 31.03
CA VAL C 425 11.74 -12.14 30.02
C VAL C 425 13.12 -12.57 30.52
N ASP C 426 13.44 -13.84 30.34
CA ASP C 426 14.71 -14.38 30.77
C ASP C 426 15.76 -14.13 29.70
N ILE C 427 16.57 -13.11 29.91
CA ILE C 427 17.60 -12.74 28.93
C ILE C 427 18.93 -13.49 29.10
N ASP C 428 19.26 -13.86 30.34
CA ASP C 428 20.51 -14.57 30.64
C ASP C 428 20.31 -16.09 30.68
N ASP C 429 19.05 -16.51 30.65
CA ASP C 429 18.69 -17.92 30.70
C ASP C 429 19.10 -18.54 32.04
N ASN C 430 18.21 -18.46 33.01
CA ASN C 430 18.47 -18.99 34.35
C ASN C 430 17.17 -19.18 35.11
N GLY C 431 16.07 -19.34 34.36
CA GLY C 431 14.75 -19.54 34.96
C GLY C 431 14.25 -18.38 35.80
N TYR C 432 14.85 -17.21 35.62
CA TYR C 432 14.47 -16.01 36.37
C TYR C 432 14.33 -14.80 35.45
N PRO C 433 13.17 -14.13 35.49
CA PRO C 433 12.86 -12.95 34.67
C PRO C 433 13.80 -11.78 34.98
N ASP C 434 14.08 -10.95 33.99
CA ASP C 434 14.97 -9.81 34.19
C ASP C 434 14.29 -8.46 33.88
N LEU C 435 15.09 -7.40 33.86
CA LEU C 435 14.59 -6.06 33.62
C LEU C 435 15.56 -5.11 32.89
N ILE C 436 15.06 -4.46 31.85
CA ILE C 436 15.86 -3.48 31.11
C ILE C 436 15.27 -2.12 31.41
N VAL C 437 16.14 -1.13 31.62
CA VAL C 437 15.71 0.22 31.95
C VAL C 437 16.39 1.23 31.03
N GLY C 438 15.60 2.05 30.37
CA GLY C 438 16.15 3.04 29.47
C GLY C 438 16.43 4.38 30.13
N ALA C 439 17.42 5.09 29.62
CA ALA C 439 17.79 6.40 30.13
C ALA C 439 18.17 7.29 28.95
N TYR C 440 17.15 7.78 28.25
CA TYR C 440 17.37 8.60 27.06
C TYR C 440 18.22 9.85 27.26
N GLY C 441 18.20 10.40 28.47
CA GLY C 441 18.98 11.58 28.75
C GLY C 441 20.46 11.23 28.77
N ALA C 442 20.75 10.00 29.14
CA ALA C 442 22.14 9.52 29.21
C ALA C 442 22.54 8.73 27.96
N ASN C 443 21.60 8.56 27.02
CA ASN C 443 21.89 7.81 25.80
C ASN C 443 22.33 6.38 26.13
N GLN C 444 21.72 5.80 27.15
CA GLN C 444 22.04 4.45 27.56
C GLN C 444 20.86 3.63 28.07
N VAL C 445 21.08 2.32 28.16
CA VAL C 445 20.09 1.39 28.65
C VAL C 445 20.83 0.56 29.70
N ALA C 446 20.11 0.10 30.71
CA ALA C 446 20.71 -0.69 31.76
C ALA C 446 19.93 -1.97 32.01
N VAL C 447 20.64 -3.10 32.09
CA VAL C 447 20.02 -4.41 32.31
C VAL C 447 20.22 -4.88 33.74
N TYR C 448 19.12 -5.24 34.40
CA TYR C 448 19.16 -5.73 35.77
C TYR C 448 18.77 -7.20 35.84
N ARG C 449 19.75 -8.05 36.14
CA ARG C 449 19.53 -9.48 36.24
C ARG C 449 19.03 -9.95 37.60
N ALA C 450 18.21 -10.99 37.59
CA ALA C 450 17.65 -11.55 38.82
C ALA C 450 18.69 -12.24 39.73
N GLN C 451 19.19 -13.40 39.32
CA GLN C 451 20.17 -14.13 40.14
C GLN C 451 21.44 -14.47 39.32
N PRO C 452 22.35 -13.49 39.13
CA PRO C 452 23.59 -13.69 38.37
C PRO C 452 24.52 -14.75 38.97
N GLY D 1 18.75 58.89 105.54
CA GLY D 1 19.99 58.23 106.03
C GLY D 1 21.16 58.43 105.09
N PRO D 2 22.12 57.49 105.06
CA PRO D 2 23.31 57.55 104.20
C PRO D 2 22.95 57.14 102.77
N ASN D 3 23.41 57.92 101.79
CA ASN D 3 23.13 57.62 100.39
C ASN D 3 24.40 57.54 99.56
N ILE D 4 24.27 57.02 98.35
CA ILE D 4 25.37 56.84 97.41
C ILE D 4 26.27 58.08 97.21
N CYS D 5 25.70 59.28 97.38
CA CYS D 5 26.48 60.52 97.22
C CYS D 5 27.35 60.76 98.44
N THR D 6 26.71 60.77 99.61
CA THR D 6 27.36 60.97 100.90
C THR D 6 28.43 59.93 101.20
N THR D 7 28.23 58.71 100.74
CA THR D 7 29.15 57.62 101.00
C THR D 7 30.57 57.66 100.41
N ARG D 8 30.85 57.14 99.37
CA ARG D 8 32.14 56.89 98.76
C ARG D 8 32.64 58.06 97.96
N GLY D 9 31.96 59.17 98.03
CA GLY D 9 32.28 60.43 97.35
C GLY D 9 33.66 60.94 97.74
N VAL D 10 34.30 61.53 96.81
CA VAL D 10 35.65 62.09 96.83
C VAL D 10 35.50 63.47 96.39
N SER D 11 36.01 64.43 97.14
CA SER D 11 35.91 65.84 96.70
C SER D 11 36.23 66.25 95.22
N SER D 12 35.24 66.98 94.78
CA SER D 12 35.13 67.52 93.44
C SER D 12 33.68 67.49 92.93
N CYS D 13 33.30 68.53 92.22
CA CYS D 13 31.95 68.62 91.70
C CYS D 13 31.75 67.63 90.60
N GLN D 14 32.80 67.39 89.84
CA GLN D 14 32.72 66.49 88.72
C GLN D 14 32.55 65.04 89.11
N GLN D 15 33.32 64.59 90.09
CA GLN D 15 33.23 63.22 90.55
C GLN D 15 31.87 62.97 91.21
N CYS D 16 31.34 64.01 91.86
CA CYS D 16 30.05 63.95 92.52
C CYS D 16 28.92 63.61 91.56
N LEU D 17 28.98 64.19 90.36
CA LEU D 17 27.97 63.96 89.35
C LEU D 17 28.14 62.59 88.68
N ALA D 18 29.37 62.08 88.69
CA ALA D 18 29.68 60.79 88.10
C ALA D 18 29.26 59.60 88.96
N VAL D 19 28.87 59.86 90.20
CA VAL D 19 28.45 58.81 91.13
C VAL D 19 27.09 58.22 90.74
N SER D 20 26.10 59.09 90.61
CA SER D 20 24.73 58.70 90.26
C SER D 20 23.95 59.93 89.84
N PRO D 21 22.99 59.75 88.93
CA PRO D 21 22.14 60.84 88.44
C PRO D 21 21.45 61.63 89.55
N MET D 22 21.31 61.03 90.72
CA MET D 22 20.65 61.70 91.84
C MET D 22 21.51 62.64 92.67
N CYS D 23 22.82 62.52 92.56
CA CYS D 23 23.75 63.35 93.30
C CYS D 23 23.84 64.78 92.81
N ALA D 24 23.87 65.72 93.74
CA ALA D 24 23.97 67.13 93.44
C ALA D 24 25.12 67.71 94.25
N TRP D 25 25.81 68.70 93.69
CA TRP D 25 26.92 69.35 94.37
C TRP D 25 26.53 70.77 94.75
N CYS D 26 27.08 71.26 95.86
CA CYS D 26 26.77 72.62 96.30
C CYS D 26 27.99 73.37 96.79
N SER D 27 28.79 73.83 95.84
CA SER D 27 30.01 74.59 96.16
C SER D 27 29.60 76.03 96.49
N ASP D 28 29.26 76.24 97.75
CA ASP D 28 28.88 77.57 98.24
C ASP D 28 29.98 78.04 99.18
N GLU D 29 29.58 78.70 100.27
CA GLU D 29 30.51 79.22 101.25
C GLU D 29 29.81 79.37 102.61
N ALA D 30 28.51 79.69 102.57
CA ALA D 30 27.71 79.86 103.79
C ALA D 30 27.64 78.54 104.56
N LEU D 31 27.84 77.45 103.84
CA LEU D 31 27.78 76.09 104.40
C LEU D 31 29.02 75.76 105.24
N PRO D 32 28.81 75.13 106.41
CA PRO D 32 29.87 74.73 107.35
C PRO D 32 30.95 73.83 106.71
N LEU D 33 31.94 73.45 107.51
CA LEU D 33 33.02 72.57 107.04
C LEU D 33 32.68 71.10 107.27
N GLY D 34 31.80 70.85 108.24
CA GLY D 34 31.40 69.48 108.54
C GLY D 34 30.23 69.01 107.70
N SER D 35 29.53 69.95 107.06
CA SER D 35 28.38 69.62 106.22
C SER D 35 28.83 69.02 104.88
N PRO D 36 28.11 67.98 104.40
CA PRO D 36 28.39 67.28 103.14
C PRO D 36 28.18 68.18 101.92
N ARG D 37 29.12 68.13 100.99
CA ARG D 37 29.03 68.95 99.78
C ARG D 37 28.45 68.22 98.57
N CYS D 38 28.36 66.89 98.65
CA CYS D 38 27.80 66.08 97.57
C CYS D 38 26.68 65.22 98.14
N ASP D 39 25.44 65.69 97.97
CA ASP D 39 24.27 64.98 98.48
C ASP D 39 23.10 65.17 97.51
N LEU D 40 21.93 64.64 97.86
CA LEU D 40 20.73 64.79 97.05
C LEU D 40 20.39 66.28 97.06
N LYS D 41 19.67 66.76 96.05
CA LYS D 41 19.32 68.19 96.02
C LYS D 41 18.48 68.61 97.22
N GLU D 42 17.53 67.76 97.61
CA GLU D 42 16.66 68.04 98.76
C GLU D 42 17.43 68.19 100.07
N ASN D 43 18.50 67.41 100.22
CA ASN D 43 19.32 67.48 101.42
C ASN D 43 20.11 68.77 101.46
N LEU D 44 20.79 69.09 100.36
CA LEU D 44 21.57 70.32 100.29
C LEU D 44 20.71 71.55 100.57
N LEU D 45 19.43 71.46 100.21
CA LEU D 45 18.49 72.56 100.43
C LEU D 45 18.14 72.70 101.91
N LYS D 46 17.76 71.58 102.51
CA LYS D 46 17.39 71.51 103.93
C LYS D 46 18.50 72.06 104.83
N ASP D 47 19.76 71.74 104.54
CA ASP D 47 20.88 72.25 105.32
C ASP D 47 21.17 73.74 105.13
N ASN D 48 20.35 74.35 104.28
CA ASN D 48 20.36 75.76 103.89
C ASN D 48 21.58 76.29 103.12
N CYS D 49 21.98 75.50 102.12
CA CYS D 49 23.09 75.80 101.25
C CYS D 49 22.89 77.15 100.54
N ALA D 50 22.31 77.13 99.34
CA ALA D 50 22.05 78.34 98.57
C ALA D 50 21.57 77.87 97.21
N PRO D 51 20.29 78.08 96.90
CA PRO D 51 19.68 77.67 95.64
C PRO D 51 20.53 78.03 94.41
N GLU D 52 21.06 79.25 94.40
CA GLU D 52 21.88 79.72 93.28
C GLU D 52 23.27 79.10 93.18
N SER D 53 23.62 78.23 94.11
CA SER D 53 24.93 77.58 94.13
C SER D 53 24.86 76.06 94.01
N ILE D 54 23.65 75.54 93.88
CA ILE D 54 23.47 74.10 93.74
C ILE D 54 23.66 73.68 92.30
N GLU D 55 24.62 72.80 92.07
CA GLU D 55 24.91 72.30 90.73
C GLU D 55 24.20 70.97 90.53
N PHE D 56 23.04 71.01 89.87
CA PHE D 56 22.28 69.78 89.62
C PHE D 56 21.76 69.65 88.19
N PRO D 57 22.58 69.08 87.30
CA PRO D 57 22.24 68.89 85.89
C PRO D 57 21.19 67.80 85.75
N VAL D 58 20.17 68.06 84.95
CA VAL D 58 19.08 67.09 84.70
C VAL D 58 19.03 66.70 83.23
N SER D 59 18.89 65.40 82.97
CA SER D 59 18.80 64.92 81.59
C SER D 59 17.47 65.41 81.03
N GLU D 60 17.48 65.86 79.78
CA GLU D 60 16.27 66.41 79.19
C GLU D 60 15.69 65.85 77.90
N ALA D 61 16.41 66.00 76.78
CA ALA D 61 15.93 65.56 75.47
C ALA D 61 14.78 66.46 74.99
N ARG D 62 15.12 67.52 74.26
CA ARG D 62 14.13 68.48 73.78
C ARG D 62 13.67 68.19 72.33
N VAL D 63 12.37 68.34 72.09
CA VAL D 63 11.77 68.11 70.77
C VAL D 63 11.99 69.32 69.88
N LEU D 64 12.96 69.25 68.98
CA LEU D 64 13.27 70.35 68.06
C LEU D 64 12.22 70.54 66.98
N GLU D 65 12.42 69.88 65.83
CA GLU D 65 11.50 69.97 64.70
C GLU D 65 10.57 68.76 64.66
N ASP D 66 9.27 69.01 64.60
CA ASP D 66 8.29 67.93 64.53
C ASP D 66 7.02 68.26 63.73
N ARG D 67 7.10 68.00 62.42
CA ARG D 67 5.98 68.21 61.51
C ARG D 67 4.95 67.14 61.79
N PRO D 68 3.66 67.49 61.74
CA PRO D 68 2.57 66.53 61.98
C PRO D 68 2.50 65.42 60.94
N LEU D 69 1.63 64.44 61.18
CA LEU D 69 1.45 63.31 60.26
C LEU D 69 0.39 63.64 59.22
N SER D 70 0.76 63.50 57.94
CA SER D 70 -0.11 63.80 56.79
C SER D 70 -1.40 62.95 56.69
N ASP D 71 -2.31 63.35 55.81
CA ASP D 71 -3.59 62.64 55.61
C ASP D 71 -4.04 62.51 54.14
N LYS D 72 -3.32 61.73 53.34
CA LYS D 72 -3.69 61.52 51.93
C LYS D 72 -2.83 60.53 51.14
N GLY D 73 -1.55 60.85 50.99
CA GLY D 73 -0.65 59.98 50.24
C GLY D 73 -0.54 60.35 48.78
N SER D 74 -1.48 61.16 48.31
CA SER D 74 -1.52 61.62 46.92
C SER D 74 -1.54 63.14 46.87
N GLY D 75 -1.63 63.69 45.65
CA GLY D 75 -1.66 65.14 45.49
C GLY D 75 -0.25 65.72 45.44
N ASP D 76 0.25 66.13 46.60
CA ASP D 76 1.60 66.71 46.69
C ASP D 76 2.53 65.76 47.45
N SER D 77 2.73 64.60 46.83
CA SER D 77 3.54 63.51 47.35
C SER D 77 5.08 63.68 47.34
N SER D 78 5.57 64.85 46.92
CA SER D 78 7.02 65.07 46.80
C SER D 78 7.87 65.20 48.08
N GLN D 79 7.28 65.67 49.18
CA GLN D 79 8.03 65.86 50.42
C GLN D 79 7.12 65.74 51.64
N VAL D 80 6.53 64.56 51.82
CA VAL D 80 5.61 64.34 52.92
C VAL D 80 6.19 63.75 54.24
N THR D 81 5.44 63.91 55.34
CA THR D 81 5.88 63.42 56.65
C THR D 81 4.97 62.35 57.26
N GLN D 82 5.59 61.23 57.61
CA GLN D 82 4.89 60.10 58.22
C GLN D 82 5.65 59.56 59.43
N VAL D 83 6.48 60.43 60.01
CA VAL D 83 7.29 60.11 61.19
C VAL D 83 7.30 61.32 62.16
N SER D 84 6.86 61.08 63.41
CA SER D 84 6.81 62.07 64.49
C SER D 84 8.22 62.65 64.73
N PRO D 85 8.76 63.24 65.56
CA PRO D 85 9.70 64.23 65.94
C PRO D 85 10.82 63.84 65.05
N GLN D 86 11.06 64.70 63.97
CA GLN D 86 12.11 64.44 62.99
C GLN D 86 13.50 64.55 63.58
N ARG D 87 13.67 65.46 64.52
CA ARG D 87 14.97 65.67 65.16
C ARG D 87 14.83 66.12 66.60
N ILE D 88 15.61 65.50 67.50
CA ILE D 88 15.59 65.86 68.91
C ILE D 88 16.99 65.95 69.48
N ALA D 89 17.15 66.84 70.45
CA ALA D 89 18.42 67.05 71.15
C ALA D 89 18.36 66.29 72.47
N LEU D 90 19.18 65.26 72.59
CA LEU D 90 19.22 64.42 73.79
C LEU D 90 20.40 64.75 74.72
N ARG D 91 20.13 65.47 75.81
CA ARG D 91 21.19 65.80 76.76
C ARG D 91 21.02 64.95 78.02
N LEU D 92 22.11 64.30 78.44
CA LEU D 92 22.06 63.47 79.63
C LEU D 92 23.38 63.36 80.39
N ARG D 93 23.29 63.39 81.73
CA ARG D 93 24.45 63.30 82.62
C ARG D 93 24.94 61.87 82.72
N PRO D 94 26.15 61.66 83.26
CA PRO D 94 26.72 60.31 83.40
C PRO D 94 25.82 59.23 84.00
N ASP D 95 25.79 58.09 83.31
CA ASP D 95 25.00 56.93 83.70
C ASP D 95 23.48 57.10 83.73
N ASP D 96 23.00 58.30 83.42
CA ASP D 96 21.56 58.54 83.40
C ASP D 96 20.93 58.02 82.12
N SER D 97 19.62 58.21 81.98
CA SER D 97 18.91 57.76 80.79
C SER D 97 17.72 58.68 80.60
N LYS D 98 17.18 58.68 79.38
CA LYS D 98 16.04 59.50 79.05
C LYS D 98 15.16 58.77 78.03
N ASN D 99 13.89 59.15 77.99
CA ASN D 99 12.95 58.53 77.06
C ASN D 99 12.29 59.58 76.18
N PHE D 100 11.81 59.13 75.01
CA PHE D 100 11.14 59.97 74.04
C PHE D 100 10.31 59.06 73.17
N SER D 101 9.16 59.54 72.71
CA SER D 101 8.29 58.73 71.86
C SER D 101 8.39 59.08 70.37
N ILE D 102 7.94 58.16 69.53
CA ILE D 102 7.97 58.35 68.09
C ILE D 102 6.73 57.71 67.45
N GLN D 103 6.09 58.45 66.55
CA GLN D 103 4.90 57.95 65.85
C GLN D 103 5.20 57.74 64.37
N VAL D 104 4.69 56.63 63.83
CA VAL D 104 4.88 56.32 62.42
C VAL D 104 3.55 55.90 61.82
N ARG D 105 3.25 56.40 60.62
CA ARG D 105 2.01 56.04 59.92
C ARG D 105 2.26 55.85 58.43
N GLN D 106 1.60 54.85 57.86
CA GLN D 106 1.72 54.58 56.44
C GLN D 106 0.82 55.59 55.74
N VAL D 107 1.43 56.54 55.05
CA VAL D 107 0.65 57.56 54.36
C VAL D 107 0.78 57.47 52.83
N GLU D 108 2.00 57.24 52.35
CA GLU D 108 2.25 57.10 50.91
C GLU D 108 1.45 55.91 50.35
N ASP D 109 1.43 55.80 49.03
CA ASP D 109 0.71 54.71 48.37
C ASP D 109 1.61 53.50 48.15
N TYR D 110 1.01 52.32 48.21
CA TYR D 110 1.73 51.06 48.01
C TYR D 110 2.19 50.87 46.58
N PRO D 111 3.43 50.39 46.38
CA PRO D 111 3.92 50.19 45.01
C PRO D 111 3.25 48.94 44.45
N VAL D 112 2.69 49.04 43.25
CA VAL D 112 2.03 47.92 42.61
C VAL D 112 2.49 47.74 41.17
N ASP D 113 2.69 46.47 40.79
CA ASP D 113 3.11 46.09 39.45
C ASP D 113 2.04 45.24 38.78
N ILE D 114 1.62 45.62 37.58
CA ILE D 114 0.64 44.83 36.85
C ILE D 114 1.12 44.48 35.45
N TYR D 115 1.21 43.17 35.21
CA TYR D 115 1.61 42.65 33.90
C TYR D 115 0.42 41.96 33.28
N TYR D 116 0.08 42.38 32.07
CA TYR D 116 -1.02 41.84 31.33
C TYR D 116 -0.48 40.79 30.33
N LEU D 117 -1.10 39.61 30.31
CA LEU D 117 -0.69 38.55 29.38
C LEU D 117 -1.87 38.29 28.44
N MET D 118 -1.71 38.68 27.18
CA MET D 118 -2.77 38.54 26.17
C MET D 118 -2.72 37.29 25.28
N ASP D 119 -3.88 36.65 25.12
CA ASP D 119 -4.01 35.48 24.25
C ASP D 119 -4.30 36.10 22.89
N LEU D 120 -3.31 36.06 22.00
CA LEU D 120 -3.45 36.64 20.68
C LEU D 120 -3.70 35.61 19.57
N SER D 121 -4.23 34.45 19.93
CA SER D 121 -4.52 33.42 18.94
C SER D 121 -5.81 33.81 18.22
N TYR D 122 -6.01 33.26 17.03
CA TYR D 122 -7.17 33.57 16.19
C TYR D 122 -8.55 33.45 16.85
N SER D 123 -8.68 32.62 17.89
CA SER D 123 -9.98 32.47 18.55
C SER D 123 -10.34 33.71 19.37
N MET D 124 -9.37 34.60 19.47
CA MET D 124 -9.51 35.83 20.23
C MET D 124 -9.84 37.02 19.35
N LYS D 125 -10.04 36.79 18.05
CA LYS D 125 -10.36 37.83 17.09
C LYS D 125 -11.63 38.57 17.53
N ASP D 126 -12.62 37.80 17.93
CA ASP D 126 -13.89 38.36 18.38
C ASP D 126 -13.84 38.81 19.86
N ASP D 127 -12.69 38.58 20.50
CA ASP D 127 -12.48 38.93 21.90
C ASP D 127 -11.50 40.08 22.04
N LEU D 128 -10.86 40.46 20.94
CA LEU D 128 -9.85 41.51 20.94
C LEU D 128 -10.27 42.83 21.58
N TRP D 129 -11.48 43.28 21.27
CA TRP D 129 -11.98 44.52 21.84
C TRP D 129 -12.09 44.39 23.36
N SER D 130 -12.62 43.24 23.81
CA SER D 130 -12.78 42.98 25.24
C SER D 130 -11.50 43.03 26.03
N ILE D 131 -10.44 42.42 25.50
CA ILE D 131 -9.17 42.42 26.21
C ILE D 131 -8.41 43.73 26.11
N GLN D 132 -8.64 44.49 25.04
CA GLN D 132 -7.96 45.78 24.90
C GLN D 132 -8.63 46.76 25.85
N ASN D 133 -9.92 46.55 26.05
CA ASN D 133 -10.73 47.36 26.95
C ASN D 133 -10.29 47.08 28.37
N LEU D 134 -10.22 45.81 28.75
CA LEU D 134 -9.78 45.41 30.08
C LEU D 134 -8.36 45.90 30.35
N GLY D 135 -7.55 45.96 29.30
CA GLY D 135 -6.18 46.42 29.46
C GLY D 135 -6.15 47.88 29.82
N THR D 136 -7.06 48.66 29.24
CA THR D 136 -7.15 50.09 29.49
C THR D 136 -7.74 50.35 30.89
N LYS D 137 -8.87 49.73 31.16
CA LYS D 137 -9.57 49.85 32.43
C LYS D 137 -8.68 49.43 33.61
N LEU D 138 -7.71 48.55 33.35
CA LEU D 138 -6.81 48.06 34.38
C LEU D 138 -5.97 49.18 34.95
N ALA D 139 -5.31 49.94 34.07
CA ALA D 139 -4.47 51.04 34.50
C ALA D 139 -5.30 52.18 35.10
N THR D 140 -6.60 52.17 34.78
CA THR D 140 -7.52 53.16 35.30
C THR D 140 -7.88 52.78 36.72
N GLN D 141 -8.48 51.60 36.89
CA GLN D 141 -8.90 51.09 38.20
C GLN D 141 -7.79 51.20 39.25
N MET D 142 -6.55 50.94 38.87
CA MET D 142 -5.44 51.04 39.81
C MET D 142 -4.97 52.46 40.05
N ARG D 143 -5.10 53.31 39.04
CA ARG D 143 -4.71 54.72 39.14
C ARG D 143 -5.54 55.38 40.25
N LYS D 144 -6.76 54.89 40.44
CA LYS D 144 -7.67 55.40 41.46
C LYS D 144 -7.56 54.62 42.76
N LEU D 145 -6.43 53.97 42.98
CA LEU D 145 -6.20 53.16 44.17
C LEU D 145 -4.78 53.36 44.68
N THR D 146 -3.92 53.84 43.79
CA THR D 146 -2.52 54.13 44.11
C THR D 146 -1.96 55.00 43.00
N SER D 147 -0.75 55.52 43.23
CA SER D 147 -0.12 56.39 42.26
C SER D 147 1.27 55.85 41.95
N ASN D 148 1.64 54.79 42.67
CA ASN D 148 2.93 54.18 42.44
C ASN D 148 2.74 52.91 41.63
N LEU D 149 2.10 53.08 40.48
CA LEU D 149 1.80 51.99 39.57
C LEU D 149 2.81 51.86 38.43
N ARG D 150 3.08 50.61 38.07
CA ARG D 150 3.97 50.27 36.97
C ARG D 150 3.18 49.20 36.20
N ILE D 151 3.02 49.40 34.90
CA ILE D 151 2.26 48.47 34.10
C ILE D 151 2.94 48.12 32.78
N GLY D 152 2.59 46.96 32.24
CA GLY D 152 3.17 46.51 30.98
C GLY D 152 2.45 45.25 30.53
N PHE D 153 2.90 44.65 29.43
CA PHE D 153 2.25 43.44 28.96
C PHE D 153 3.02 42.60 27.98
N GLY D 154 2.50 41.40 27.77
CA GLY D 154 3.09 40.46 26.85
C GLY D 154 2.00 39.66 26.17
N ALA D 155 2.36 38.97 25.10
CA ALA D 155 1.39 38.17 24.37
C ALA D 155 1.88 36.75 24.10
N PHE D 156 0.93 35.84 23.87
CA PHE D 156 1.27 34.45 23.58
C PHE D 156 0.23 33.82 22.66
N VAL D 157 0.67 32.80 21.91
CA VAL D 157 -0.22 32.05 21.05
C VAL D 157 -0.05 30.59 21.46
N ASP D 158 1.01 29.95 20.94
CA ASP D 158 1.31 28.56 21.24
C ASP D 158 2.72 28.22 20.74
N LYS D 159 3.20 27.01 21.02
CA LYS D 159 4.54 26.62 20.55
C LYS D 159 4.60 26.64 19.02
N PRO D 160 5.52 27.42 18.44
CA PRO D 160 5.68 27.54 16.97
C PRO D 160 6.24 26.27 16.33
N VAL D 161 5.49 25.18 16.42
CA VAL D 161 5.88 23.90 15.85
C VAL D 161 4.66 23.12 15.41
N SER D 162 4.89 22.19 14.49
CA SER D 162 3.86 21.33 14.00
C SER D 162 3.64 20.31 15.12
N PRO D 163 2.39 19.87 15.33
CA PRO D 163 1.17 20.18 14.60
C PRO D 163 0.46 21.48 15.00
N TYR D 164 0.91 22.13 16.07
CA TYR D 164 0.28 23.37 16.52
C TYR D 164 0.31 24.46 15.45
N MET D 165 1.48 24.61 14.82
CA MET D 165 1.68 25.62 13.79
C MET D 165 1.52 25.13 12.36
N TYR D 166 0.79 25.88 11.53
CA TYR D 166 0.63 25.50 10.13
C TYR D 166 2.01 25.66 9.49
N ILE D 167 2.50 24.61 8.84
CA ILE D 167 3.83 24.68 8.21
C ILE D 167 3.86 24.56 6.70
N SER D 168 2.70 24.72 6.08
CA SER D 168 2.54 24.66 4.63
C SER D 168 1.18 25.28 4.30
N PRO D 169 1.07 25.97 3.16
CA PRO D 169 2.11 26.23 2.15
C PRO D 169 3.12 27.17 2.74
N PRO D 170 4.17 27.54 1.99
CA PRO D 170 5.16 28.47 2.56
C PRO D 170 4.59 29.86 2.91
N GLU D 171 3.46 30.24 2.28
CA GLU D 171 2.81 31.53 2.56
C GLU D 171 2.28 31.56 4.00
N ALA D 172 2.16 30.39 4.61
CA ALA D 172 1.63 30.27 5.96
C ALA D 172 2.59 30.70 7.07
N LEU D 173 3.89 30.52 6.86
CA LEU D 173 4.85 30.93 7.89
C LEU D 173 4.85 32.45 8.10
N GLU D 174 4.21 33.18 7.18
CA GLU D 174 4.16 34.62 7.25
C GLU D 174 2.75 35.11 7.43
N ASN D 175 1.80 34.34 6.90
CA ASN D 175 0.39 34.67 7.03
C ASN D 175 -0.35 33.36 7.25
N PRO D 176 -0.44 32.91 8.51
CA PRO D 176 -1.12 31.68 8.86
C PRO D 176 -2.59 31.74 8.47
N CYS D 177 -3.03 32.93 8.07
CA CYS D 177 -4.41 33.13 7.67
C CYS D 177 -4.60 33.09 6.14
N TYR D 178 -3.49 32.91 5.44
CA TYR D 178 -3.44 32.86 3.97
C TYR D 178 -4.53 31.97 3.37
N ASP D 179 -4.61 30.77 3.92
CA ASP D 179 -5.58 29.76 3.53
C ASP D 179 -7.05 30.21 3.63
N MET D 180 -7.30 31.23 4.45
CA MET D 180 -8.67 31.75 4.65
C MET D 180 -9.00 32.97 3.78
N LYS D 181 -8.02 33.41 2.98
CA LYS D 181 -8.17 34.58 2.12
C LYS D 181 -8.34 35.83 2.97
N THR D 182 -7.54 35.87 4.03
CA THR D 182 -7.50 36.97 4.98
C THR D 182 -6.03 37.09 5.41
N THR D 183 -5.76 37.87 6.45
CA THR D 183 -4.38 38.03 6.90
C THR D 183 -4.25 38.21 8.42
N CYS D 184 -3.14 37.71 8.95
CA CYS D 184 -2.82 37.82 10.37
C CYS D 184 -1.32 37.71 10.58
N LEU D 185 -0.88 37.94 11.80
CA LEU D 185 0.54 37.92 12.12
C LEU D 185 1.12 36.54 12.28
N PRO D 186 2.42 36.37 11.99
CA PRO D 186 3.02 35.05 12.16
C PRO D 186 2.84 34.56 13.60
N MET D 187 3.06 33.27 13.81
CA MET D 187 2.90 32.67 15.12
C MET D 187 4.17 32.79 15.97
N PHE D 188 3.96 32.93 17.29
CA PHE D 188 5.05 33.02 18.27
C PHE D 188 4.62 32.33 19.56
N GLY D 189 5.61 32.02 20.40
CA GLY D 189 5.32 31.35 21.67
C GLY D 189 4.82 32.36 22.68
N TYR D 190 5.77 33.09 23.24
CA TYR D 190 5.52 34.14 24.21
C TYR D 190 6.38 35.31 23.77
N LYS D 191 5.75 36.46 23.64
CA LYS D 191 6.45 37.66 23.22
C LYS D 191 6.22 38.72 24.27
N HIS D 192 7.32 39.25 24.80
CA HIS D 192 7.29 40.32 25.80
C HIS D 192 7.28 41.61 24.99
N VAL D 193 6.20 42.38 25.08
CA VAL D 193 6.11 43.61 24.30
C VAL D 193 6.44 44.93 25.03
N LEU D 194 5.83 45.14 26.20
CA LEU D 194 6.06 46.36 26.97
C LEU D 194 6.47 46.09 28.42
N THR D 195 7.65 46.58 28.80
CA THR D 195 8.15 46.41 30.17
C THR D 195 7.29 47.22 31.15
N LEU D 196 7.39 46.91 32.44
CA LEU D 196 6.63 47.62 33.46
C LEU D 196 7.06 49.09 33.50
N THR D 197 6.17 49.96 33.04
CA THR D 197 6.42 51.40 32.99
C THR D 197 5.23 52.15 33.60
N ASP D 198 5.42 53.44 33.83
CA ASP D 198 4.37 54.28 34.40
C ASP D 198 3.66 55.09 33.31
N GLN D 199 4.22 55.05 32.11
CA GLN D 199 3.68 55.77 30.97
C GLN D 199 2.38 55.14 30.46
N VAL D 200 1.36 55.15 31.31
CA VAL D 200 0.05 54.59 30.98
C VAL D 200 -0.47 54.95 29.60
N THR D 201 -0.08 56.12 29.09
CA THR D 201 -0.52 56.55 27.76
C THR D 201 0.04 55.62 26.70
N ARG D 202 1.32 55.28 26.83
CA ARG D 202 2.03 54.39 25.91
C ARG D 202 1.44 52.97 25.98
N PHE D 203 1.23 52.50 27.21
CA PHE D 203 0.65 51.18 27.43
C PHE D 203 -0.71 51.04 26.74
N ASN D 204 -1.55 52.06 26.85
CA ASN D 204 -2.87 52.00 26.23
C ASN D 204 -2.80 52.03 24.71
N GLU D 205 -1.73 52.61 24.17
CA GLU D 205 -1.54 52.68 22.73
C GLU D 205 -1.12 51.31 22.21
N GLU D 206 -0.08 50.76 22.82
CA GLU D 206 0.43 49.45 22.43
C GLU D 206 -0.64 48.36 22.48
N VAL D 207 -1.45 48.37 23.53
CA VAL D 207 -2.51 47.39 23.68
C VAL D 207 -3.53 47.47 22.53
N LYS D 208 -3.65 48.64 21.91
CA LYS D 208 -4.59 48.82 20.81
C LYS D 208 -3.96 48.56 19.44
N LYS D 209 -2.63 48.50 19.39
CA LYS D 209 -1.91 48.20 18.16
C LYS D 209 -1.61 46.70 18.09
N GLN D 210 -2.47 45.90 18.73
CA GLN D 210 -2.28 44.46 18.75
C GLN D 210 -3.34 43.77 17.93
N SER D 211 -2.99 42.60 17.37
CA SER D 211 -3.90 41.81 16.55
C SER D 211 -3.56 40.30 16.60
N VAL D 212 -4.57 39.48 16.29
CA VAL D 212 -4.47 38.02 16.31
C VAL D 212 -3.53 37.32 15.32
N SER D 213 -3.32 36.03 15.58
CA SER D 213 -2.48 35.17 14.76
C SER D 213 -3.26 33.87 14.57
N ARG D 214 -2.61 32.81 14.07
CA ARG D 214 -3.29 31.53 13.85
C ARG D 214 -2.51 30.34 14.38
N ASN D 215 -3.27 29.35 14.78
CA ASN D 215 -2.75 28.14 15.41
C ASN D 215 -3.72 27.06 14.95
N ARG D 216 -3.34 25.79 15.07
CA ARG D 216 -4.27 24.75 14.66
C ARG D 216 -5.16 24.17 15.76
N ASP D 217 -4.63 24.04 16.97
CA ASP D 217 -5.43 23.45 18.06
C ASP D 217 -5.98 24.38 19.15
N ALA D 218 -7.21 24.08 19.57
CA ALA D 218 -7.91 24.84 20.61
C ALA D 218 -7.00 25.28 21.78
N PRO D 219 -6.40 24.32 22.52
CA PRO D 219 -5.52 24.70 23.64
C PRO D 219 -4.36 25.57 23.14
N GLU D 220 -3.97 26.56 23.96
CA GLU D 220 -2.85 27.45 23.64
C GLU D 220 -1.73 27.27 24.68
N GLY D 221 -0.65 28.02 24.51
CA GLY D 221 0.48 27.91 25.40
C GLY D 221 0.68 29.03 26.41
N GLY D 222 -0.40 29.43 27.08
CA GLY D 222 -0.32 30.50 28.05
C GLY D 222 0.54 30.17 29.26
N PHE D 223 0.45 28.93 29.73
CA PHE D 223 1.24 28.50 30.87
C PHE D 223 2.72 28.69 30.57
N ASP D 224 3.09 28.61 29.31
CA ASP D 224 4.48 28.81 28.93
C ASP D 224 4.85 30.28 29.19
N ALA D 225 3.89 31.17 28.98
CA ALA D 225 4.08 32.61 29.18
C ALA D 225 4.03 32.99 30.65
N ILE D 226 3.15 32.34 31.41
CA ILE D 226 3.02 32.61 32.83
C ILE D 226 4.36 32.32 33.50
N MET D 227 4.99 31.23 33.11
CA MET D 227 6.28 30.85 33.68
C MET D 227 7.31 31.93 33.38
N GLN D 228 7.47 32.25 32.11
CA GLN D 228 8.44 33.26 31.69
C GLN D 228 8.21 34.66 32.25
N ALA D 229 6.96 35.05 32.39
CA ALA D 229 6.64 36.38 32.92
C ALA D 229 6.92 36.43 34.42
N THR D 230 6.85 35.26 35.04
CA THR D 230 7.08 35.12 36.46
C THR D 230 8.56 35.10 36.81
N VAL D 231 9.37 34.47 35.97
CA VAL D 231 10.80 34.33 36.27
C VAL D 231 11.80 35.20 35.53
N CYS D 232 11.33 36.09 34.67
CA CYS D 232 12.26 36.95 33.94
C CYS D 232 12.25 38.34 34.56
N ASP D 233 12.74 38.39 35.80
CA ASP D 233 12.82 39.61 36.59
C ASP D 233 13.26 40.84 35.81
N GLU D 234 14.50 40.82 35.32
CA GLU D 234 15.03 41.94 34.57
C GLU D 234 14.24 42.29 33.31
N LYS D 235 13.74 41.29 32.59
CA LYS D 235 12.98 41.56 31.38
C LYS D 235 11.63 42.19 31.66
N ILE D 236 10.88 41.62 32.59
CA ILE D 236 9.56 42.15 32.93
C ILE D 236 9.68 43.44 33.71
N GLY D 237 10.64 43.49 34.63
CA GLY D 237 10.87 44.68 35.42
C GLY D 237 10.16 44.77 36.75
N TRP D 238 9.81 43.62 37.35
CA TRP D 238 9.14 43.60 38.64
C TRP D 238 10.09 44.25 39.64
N ARG D 239 9.58 45.16 40.44
CA ARG D 239 10.40 45.83 41.46
C ARG D 239 10.16 45.14 42.80
N ASN D 240 11.25 44.86 43.50
CA ASN D 240 11.26 44.17 44.80
C ASN D 240 10.26 44.61 45.88
N ASP D 241 10.18 45.91 46.11
CA ASP D 241 9.28 46.46 47.12
C ASP D 241 7.86 46.74 46.61
N ALA D 242 7.32 45.84 45.79
CA ALA D 242 5.97 46.06 45.25
C ALA D 242 5.13 44.81 45.22
N SER D 243 3.81 45.00 45.14
CA SER D 243 2.88 43.90 45.03
C SER D 243 2.76 43.59 43.55
N HIS D 244 2.98 42.32 43.21
CA HIS D 244 2.96 41.86 41.83
C HIS D 244 1.72 41.12 41.41
N LEU D 245 1.05 41.64 40.40
CA LEU D 245 -0.15 41.02 39.85
C LEU D 245 0.15 40.57 38.41
N LEU D 246 -0.41 39.42 38.03
CA LEU D 246 -0.22 38.88 36.68
C LEU D 246 -1.60 38.51 36.13
N VAL D 247 -2.12 39.39 35.27
CA VAL D 247 -3.43 39.14 34.65
C VAL D 247 -3.27 38.32 33.37
N PHE D 248 -3.98 37.20 33.33
CA PHE D 248 -3.93 36.26 32.24
C PHE D 248 -5.27 36.17 31.51
N THR D 249 -5.25 36.37 30.20
CA THR D 249 -6.48 36.28 29.38
C THR D 249 -6.42 35.18 28.33
N THR D 250 -7.54 34.49 28.15
CA THR D 250 -7.65 33.43 27.16
C THR D 250 -9.13 33.15 26.97
N ASP D 251 -9.47 32.46 25.88
CA ASP D 251 -10.86 32.12 25.62
C ASP D 251 -11.01 30.63 25.41
N ALA D 252 -9.94 29.88 25.64
CA ALA D 252 -9.98 28.44 25.45
C ALA D 252 -9.20 27.69 26.52
N LYS D 253 -9.16 26.36 26.38
CA LYS D 253 -8.43 25.53 27.31
C LYS D 253 -6.93 25.80 27.15
N THR D 254 -6.11 25.01 27.84
CA THR D 254 -4.66 25.25 27.81
C THR D 254 -3.85 23.98 27.82
N HIS D 255 -2.62 24.08 27.33
CA HIS D 255 -1.71 22.96 27.35
C HIS D 255 -1.08 22.88 28.74
N ILE D 256 -0.70 21.67 29.13
CA ILE D 256 -0.08 21.41 30.41
C ILE D 256 1.13 20.51 30.16
N ALA D 257 1.96 20.33 31.18
CA ALA D 257 3.13 19.48 31.05
C ALA D 257 2.75 18.10 30.50
N LEU D 258 3.59 17.58 29.62
CA LEU D 258 3.43 16.28 28.95
C LEU D 258 2.67 16.33 27.62
N ASP D 259 2.21 17.52 27.24
CA ASP D 259 1.51 17.70 25.98
C ASP D 259 2.54 17.90 24.87
N GLY D 260 3.71 18.42 25.22
CA GLY D 260 4.75 18.69 24.25
C GLY D 260 5.24 17.48 23.48
N ARG D 261 4.96 16.29 24.01
CA ARG D 261 5.39 15.10 23.31
C ARG D 261 4.75 15.11 21.91
N LEU D 262 3.53 15.65 21.80
CA LEU D 262 2.89 15.71 20.50
C LEU D 262 3.72 16.48 19.49
N ALA D 263 4.70 17.25 19.95
CA ALA D 263 5.56 17.99 19.03
C ALA D 263 7.01 17.49 19.13
N GLY D 264 7.15 16.27 19.65
CA GLY D 264 8.46 15.68 19.85
C GLY D 264 9.28 16.35 20.94
N ILE D 265 8.63 17.10 21.83
CA ILE D 265 9.32 17.80 22.91
C ILE D 265 9.14 17.04 24.22
N VAL D 266 10.23 16.53 24.77
CA VAL D 266 10.11 15.77 25.99
C VAL D 266 10.91 16.26 27.18
N GLN D 267 11.66 17.35 26.97
CA GLN D 267 12.45 17.93 28.06
C GLN D 267 11.56 18.70 29.04
N PRO D 268 11.46 18.20 30.28
CA PRO D 268 10.63 18.88 31.27
C PRO D 268 11.09 20.32 31.46
N ASN D 269 10.13 21.21 31.74
CA ASN D 269 10.40 22.65 31.92
C ASN D 269 11.38 22.92 33.06
N ASP D 270 12.48 23.63 32.78
CA ASP D 270 13.48 23.92 33.79
C ASP D 270 13.16 25.05 34.77
N GLY D 271 12.07 25.76 34.52
CA GLY D 271 11.68 26.84 35.39
C GLY D 271 12.55 28.10 35.32
N GLN D 272 13.53 28.12 34.42
CA GLN D 272 14.39 29.28 34.29
C GLN D 272 13.94 30.27 33.22
N CYS D 273 14.53 31.47 33.20
CA CYS D 273 14.16 32.47 32.21
C CYS D 273 14.84 32.22 30.88
N HIS D 274 14.09 32.36 29.79
CA HIS D 274 14.63 32.14 28.45
C HIS D 274 14.16 33.19 27.45
N VAL D 275 13.96 34.42 27.93
CA VAL D 275 13.54 35.53 27.07
C VAL D 275 14.72 36.47 26.90
N GLY D 276 15.37 36.42 25.73
CA GLY D 276 16.51 37.27 25.48
C GLY D 276 16.24 38.61 24.82
N SER D 277 17.27 39.13 24.17
CA SER D 277 17.21 40.42 23.47
C SER D 277 16.04 40.54 22.50
N ASP D 278 15.72 39.46 21.80
CA ASP D 278 14.63 39.50 20.84
C ASP D 278 13.23 39.55 21.50
N ASN D 279 13.19 39.44 22.82
CA ASN D 279 11.93 39.47 23.58
C ASN D 279 11.04 38.26 23.40
N HIS D 280 11.53 37.25 22.70
CA HIS D 280 10.76 36.02 22.48
C HIS D 280 11.26 34.92 23.40
N TYR D 281 10.34 34.03 23.79
CA TYR D 281 10.68 32.89 24.63
C TYR D 281 11.39 31.91 23.68
N SER D 282 12.69 31.72 23.89
CA SER D 282 13.49 30.86 23.01
C SER D 282 13.38 29.35 23.14
N ALA D 283 13.13 28.84 24.33
CA ALA D 283 13.02 27.39 24.51
C ALA D 283 11.60 26.88 24.24
N SER D 284 10.76 27.74 23.68
CA SER D 284 9.38 27.41 23.37
C SER D 284 9.21 26.15 22.49
N THR D 285 10.24 25.84 21.69
CA THR D 285 10.19 24.70 20.80
C THR D 285 11.14 23.59 21.24
N THR D 286 11.75 23.75 22.41
CA THR D 286 12.71 22.75 22.89
C THR D 286 12.48 22.33 24.34
N MET D 287 11.43 22.86 24.96
CA MET D 287 11.14 22.56 26.35
C MET D 287 9.63 22.39 26.52
N ASP D 288 9.23 21.40 27.30
CA ASP D 288 7.82 21.10 27.50
C ASP D 288 7.10 22.20 28.28
N TYR D 289 5.78 22.16 28.29
CA TYR D 289 4.99 23.12 29.02
C TYR D 289 5.21 22.79 30.50
N PRO D 290 5.05 23.78 31.39
CA PRO D 290 5.25 23.53 32.82
C PRO D 290 4.07 22.86 33.53
N SER D 291 4.37 22.17 34.61
CA SER D 291 3.36 21.49 35.43
C SER D 291 2.78 22.47 36.41
N LEU D 292 1.52 22.27 36.81
CA LEU D 292 0.89 23.17 37.77
C LEU D 292 1.79 23.43 38.96
N GLY D 293 2.34 22.35 39.52
CA GLY D 293 3.23 22.43 40.67
C GLY D 293 4.40 23.37 40.44
N LEU D 294 5.10 23.20 39.33
CA LEU D 294 6.24 24.05 39.00
C LEU D 294 5.81 25.53 38.93
N MET D 295 4.64 25.81 38.37
CA MET D 295 4.13 27.18 38.29
C MET D 295 3.88 27.70 39.71
N THR D 296 3.22 26.88 40.53
CA THR D 296 2.92 27.22 41.92
C THR D 296 4.20 27.63 42.65
N GLU D 297 5.24 26.81 42.53
CA GLU D 297 6.53 27.08 43.16
C GLU D 297 7.11 28.44 42.78
N LYS D 298 7.19 28.73 41.49
CA LYS D 298 7.72 30.00 41.02
C LYS D 298 6.84 31.19 41.37
N LEU D 299 5.53 30.98 41.36
CA LEU D 299 4.62 32.06 41.68
C LEU D 299 4.83 32.50 43.12
N SER D 300 5.13 31.53 43.98
CA SER D 300 5.36 31.81 45.39
C SER D 300 6.75 32.40 45.59
N GLN D 301 7.74 31.74 45.01
CA GLN D 301 9.13 32.15 45.10
C GLN D 301 9.40 33.58 44.61
N LYS D 302 8.60 34.06 43.65
CA LYS D 302 8.80 35.40 43.11
C LYS D 302 7.72 36.35 43.62
N ASN D 303 6.86 35.82 44.47
CA ASN D 303 5.76 36.59 45.06
C ASN D 303 4.97 37.34 44.01
N ILE D 304 4.26 36.56 43.20
CA ILE D 304 3.44 37.07 42.13
C ILE D 304 2.05 36.50 42.30
N ASN D 305 1.05 37.34 42.15
CA ASN D 305 -0.32 36.89 42.27
C ASN D 305 -0.95 36.70 40.91
N LEU D 306 -1.36 35.48 40.62
CA LEU D 306 -1.94 35.16 39.33
C LEU D 306 -3.45 35.35 39.34
N ILE D 307 -3.95 36.07 38.34
CA ILE D 307 -5.37 36.29 38.19
C ILE D 307 -5.79 35.83 36.80
N PHE D 308 -6.77 34.93 36.77
CA PHE D 308 -7.30 34.39 35.52
C PHE D 308 -8.49 35.19 34.98
N ALA D 309 -8.30 35.88 33.87
CA ALA D 309 -9.39 36.64 33.22
C ALA D 309 -9.79 35.86 31.95
N VAL D 310 -10.74 34.94 32.11
CA VAL D 310 -11.17 34.08 31.02
C VAL D 310 -12.65 34.21 30.67
N THR D 311 -13.01 33.82 29.45
CA THR D 311 -14.39 33.92 28.99
C THR D 311 -15.30 32.86 29.61
N GLU D 312 -16.59 33.16 29.65
CA GLU D 312 -17.63 32.30 30.21
C GLU D 312 -17.51 30.81 29.98
N ASN D 313 -17.46 30.41 28.71
CA ASN D 313 -17.37 29.01 28.32
C ASN D 313 -16.25 28.21 28.97
N VAL D 314 -15.26 28.90 29.52
CA VAL D 314 -14.14 28.20 30.11
C VAL D 314 -13.83 28.54 31.59
N VAL D 315 -14.72 29.32 32.21
CA VAL D 315 -14.57 29.74 33.60
C VAL D 315 -14.47 28.58 34.59
N ASN D 316 -15.37 27.60 34.47
CA ASN D 316 -15.33 26.45 35.38
C ASN D 316 -13.99 25.72 35.26
N LEU D 317 -13.41 25.72 34.06
CA LEU D 317 -12.12 25.06 33.84
C LEU D 317 -11.04 25.78 34.65
N TYR D 318 -10.93 27.08 34.47
CA TYR D 318 -9.92 27.84 35.20
C TYR D 318 -10.15 27.96 36.72
N GLN D 319 -11.41 27.84 37.14
CA GLN D 319 -11.73 27.87 38.54
C GLN D 319 -11.11 26.62 39.13
N ASN D 320 -11.29 25.50 38.43
CA ASN D 320 -10.75 24.22 38.86
C ASN D 320 -9.23 24.22 38.91
N TYR D 321 -8.59 24.92 37.99
CA TYR D 321 -7.13 25.00 37.98
C TYR D 321 -6.69 25.91 39.12
N SER D 322 -7.55 26.87 39.45
CA SER D 322 -7.28 27.83 40.51
C SER D 322 -7.15 27.15 41.88
N GLU D 323 -7.97 26.11 42.08
CA GLU D 323 -7.96 25.36 43.32
C GLU D 323 -6.72 24.50 43.44
N LEU D 324 -5.96 24.40 42.36
CA LEU D 324 -4.74 23.60 42.39
C LEU D 324 -3.51 24.48 42.50
N ILE D 325 -3.72 25.79 42.37
CA ILE D 325 -2.64 26.78 42.51
C ILE D 325 -3.24 27.78 43.50
N PRO D 326 -3.05 27.54 44.81
CA PRO D 326 -3.57 28.42 45.88
C PRO D 326 -3.17 29.88 45.80
N GLY D 327 -4.16 30.73 46.06
CA GLY D 327 -3.93 32.16 46.05
C GLY D 327 -4.14 32.82 44.70
N THR D 328 -4.76 32.09 43.77
CA THR D 328 -5.03 32.61 42.43
C THR D 328 -6.53 32.83 42.32
N THR D 329 -6.90 33.89 41.61
CA THR D 329 -8.32 34.20 41.45
C THR D 329 -8.77 34.12 39.98
N VAL D 330 -10.05 33.87 39.80
CA VAL D 330 -10.60 33.73 38.46
C VAL D 330 -11.81 34.64 38.26
N GLY D 331 -11.73 35.45 37.21
CA GLY D 331 -12.80 36.36 36.90
C GLY D 331 -13.21 36.21 35.45
N VAL D 332 -14.50 36.35 35.18
CA VAL D 332 -15.01 36.22 33.83
C VAL D 332 -14.76 37.45 32.97
N LEU D 333 -14.12 37.22 31.83
CA LEU D 333 -13.78 38.25 30.86
C LEU D 333 -14.94 38.49 29.89
N SER D 334 -15.16 39.76 29.56
CA SER D 334 -16.21 40.19 28.62
C SER D 334 -16.15 41.71 28.49
N MET D 335 -17.13 42.24 27.76
CA MET D 335 -17.23 43.68 27.54
C MET D 335 -17.45 44.39 28.87
N ASP D 336 -17.98 43.65 29.84
CA ASP D 336 -18.24 44.14 31.21
C ASP D 336 -17.04 43.70 32.07
N SER D 337 -16.08 44.61 32.28
CA SER D 337 -14.89 44.29 33.06
C SER D 337 -15.01 44.40 34.59
N SER D 338 -16.24 44.56 35.09
CA SER D 338 -16.49 44.67 36.52
C SER D 338 -15.85 43.55 37.30
N ASN D 339 -16.21 42.32 36.93
CA ASN D 339 -15.72 41.09 37.56
C ASN D 339 -14.22 41.02 37.74
N VAL D 340 -13.48 41.26 36.66
CA VAL D 340 -12.03 41.20 36.71
C VAL D 340 -11.46 42.37 37.49
N LEU D 341 -11.96 43.56 37.22
CA LEU D 341 -11.53 44.78 37.90
C LEU D 341 -11.65 44.63 39.42
N GLN D 342 -12.76 44.04 39.87
CA GLN D 342 -12.99 43.81 41.28
C GLN D 342 -11.86 43.00 41.89
N LEU D 343 -11.42 41.96 41.20
CA LEU D 343 -10.33 41.10 41.68
C LEU D 343 -9.04 41.89 41.87
N ILE D 344 -8.85 42.92 41.05
CA ILE D 344 -7.67 43.76 41.15
C ILE D 344 -7.75 44.61 42.44
N VAL D 345 -8.98 45.00 42.80
CA VAL D 345 -9.24 45.78 44.01
C VAL D 345 -9.04 44.90 45.24
N ASP D 346 -9.63 43.70 45.22
CA ASP D 346 -9.51 42.73 46.31
C ASP D 346 -8.05 42.49 46.63
N ALA D 347 -7.23 42.46 45.58
CA ALA D 347 -5.79 42.25 45.73
C ALA D 347 -5.17 43.40 46.50
N TYR D 348 -5.51 44.64 46.12
CA TYR D 348 -4.98 45.83 46.77
C TYR D 348 -5.43 45.91 48.22
N GLY D 349 -6.67 45.49 48.46
CA GLY D 349 -7.21 45.51 49.80
C GLY D 349 -6.58 44.50 50.75
N LYS D 350 -5.68 43.66 50.24
CA LYS D 350 -5.01 42.65 51.05
C LYS D 350 -3.59 43.06 51.37
N ILE D 351 -3.06 43.99 50.58
CA ILE D 351 -1.70 44.47 50.76
C ILE D 351 -1.52 45.01 52.18
N ARG D 352 -0.42 44.60 52.82
CA ARG D 352 -0.10 45.01 54.18
C ARG D 352 1.35 45.49 54.25
N SER D 353 1.60 46.39 55.18
CA SER D 353 2.96 46.91 55.38
C SER D 353 3.34 46.76 56.84
N LYS D 354 4.63 46.93 57.13
CA LYS D 354 5.13 46.79 58.48
C LYS D 354 6.09 47.91 58.86
N VAL D 355 6.01 48.34 60.11
CA VAL D 355 6.90 49.39 60.62
C VAL D 355 7.97 48.71 61.45
N GLU D 356 9.19 48.70 60.94
CA GLU D 356 10.30 48.07 61.65
C GLU D 356 11.45 49.05 61.78
N LEU D 357 11.64 49.57 62.98
CA LEU D 357 12.70 50.52 63.23
C LEU D 357 14.07 49.86 63.17
N GLU D 358 15.05 50.61 62.67
CA GLU D 358 16.42 50.13 62.59
C GLU D 358 17.30 51.24 63.14
N VAL D 359 18.29 50.85 63.94
CA VAL D 359 19.19 51.82 64.54
C VAL D 359 20.49 52.00 63.77
N ARG D 360 20.62 53.14 63.12
CA ARG D 360 21.78 53.51 62.35
C ARG D 360 22.66 54.37 63.26
N ASP D 361 23.98 54.11 63.30
CA ASP D 361 24.97 54.83 64.13
C ASP D 361 24.66 55.12 65.57
N LEU D 362 24.86 54.18 66.45
CA LEU D 362 24.60 54.56 67.81
C LEU D 362 25.93 54.39 68.56
N PRO D 363 26.40 55.49 69.21
CA PRO D 363 27.67 55.29 69.91
C PRO D 363 27.72 54.00 70.70
N GLU D 364 28.90 53.42 70.81
CA GLU D 364 29.07 52.16 71.53
C GLU D 364 28.74 52.30 73.02
N GLU D 365 28.79 53.55 73.49
CA GLU D 365 28.51 53.87 74.88
C GLU D 365 27.02 54.14 75.14
N LEU D 366 26.18 53.85 74.15
CA LEU D 366 24.74 54.04 74.29
C LEU D 366 23.95 52.79 73.93
N SER D 367 22.81 52.64 74.58
CA SER D 367 21.91 51.52 74.33
C SER D 367 20.47 52.04 74.37
N LEU D 368 19.61 51.45 73.53
CA LEU D 368 18.22 51.89 73.46
C LEU D 368 17.24 50.80 73.89
N SER D 369 16.09 51.23 74.39
CA SER D 369 15.03 50.31 74.82
C SER D 369 13.78 50.70 74.05
N PHE D 370 13.05 49.71 73.56
CA PHE D 370 11.85 49.99 72.79
C PHE D 370 10.54 49.42 73.34
N ASN D 371 9.49 50.22 73.23
CA ASN D 371 8.16 49.82 73.67
C ASN D 371 7.21 50.09 72.51
N ALA D 372 6.82 49.04 71.82
CA ALA D 372 5.92 49.16 70.67
C ALA D 372 4.45 49.17 71.06
N THR D 373 3.69 50.01 70.35
CA THR D 373 2.25 50.14 70.55
C THR D 373 1.64 50.12 69.14
N CYS D 374 1.19 48.93 68.72
CA CYS D 374 0.62 48.74 67.39
C CYS D 374 -0.84 49.18 67.23
N LEU D 375 -1.54 48.54 66.29
CA LEU D 375 -2.94 48.85 66.03
C LEU D 375 -3.84 48.37 67.15
N ASN D 376 -3.52 47.19 67.67
CA ASN D 376 -4.28 46.57 68.76
C ASN D 376 -4.13 47.31 70.10
N ASN D 377 -3.51 48.49 70.06
CA ASN D 377 -3.29 49.32 71.25
C ASN D 377 -2.77 48.55 72.46
N GLU D 378 -1.75 47.74 72.22
CA GLU D 378 -1.16 46.95 73.29
C GLU D 378 0.32 47.33 73.39
N VAL D 379 0.71 47.87 74.54
CA VAL D 379 2.09 48.27 74.76
C VAL D 379 2.94 47.06 75.15
N ILE D 380 3.62 46.49 74.16
CA ILE D 380 4.47 45.33 74.37
C ILE D 380 5.93 45.76 74.45
N PRO D 381 6.56 45.56 75.62
CA PRO D 381 7.97 45.91 75.85
C PRO D 381 8.94 45.06 75.03
N GLY D 382 10.10 45.63 74.73
CA GLY D 382 11.11 44.91 73.96
C GLY D 382 10.96 44.96 72.45
N LEU D 383 9.73 44.80 71.97
CA LEU D 383 9.41 44.80 70.54
C LEU D 383 9.58 46.15 69.86
N LYS D 384 10.24 46.16 68.70
CA LYS D 384 10.43 47.40 67.96
C LYS D 384 9.95 47.30 66.52
N SER D 385 8.84 46.58 66.34
CA SER D 385 8.23 46.36 65.02
C SER D 385 6.76 45.95 65.08
N CYS D 386 5.92 46.64 64.30
CA CYS D 386 4.50 46.33 64.23
C CYS D 386 4.11 45.92 62.82
N MET D 387 3.20 44.96 62.70
CA MET D 387 2.75 44.47 61.39
C MET D 387 1.25 44.64 61.19
N GLY D 388 0.79 44.41 59.96
CA GLY D 388 -0.62 44.53 59.65
C GLY D 388 -1.09 45.95 59.35
N LEU D 389 -0.15 46.79 58.92
CA LEU D 389 -0.44 48.18 58.61
C LEU D 389 -1.10 48.38 57.25
N LYS D 390 -2.12 49.23 57.21
CA LYS D 390 -2.82 49.58 55.97
C LYS D 390 -2.47 51.04 55.70
N ILE D 391 -3.17 51.65 54.75
CA ILE D 391 -2.92 53.05 54.44
C ILE D 391 -3.58 53.92 55.50
N GLY D 392 -2.84 54.90 56.01
CA GLY D 392 -3.36 55.81 57.02
C GLY D 392 -3.21 55.36 58.46
N ASP D 393 -2.93 54.08 58.68
CA ASP D 393 -2.76 53.54 60.03
C ASP D 393 -1.51 54.10 60.71
N THR D 394 -1.64 54.39 62.00
CA THR D 394 -0.54 54.95 62.79
C THR D 394 -0.13 54.02 63.93
N VAL D 395 1.18 53.97 64.17
CA VAL D 395 1.76 53.14 65.22
C VAL D 395 2.80 53.96 65.98
N SER D 396 2.82 53.83 67.30
CA SER D 396 3.77 54.57 68.11
C SER D 396 4.75 53.71 68.90
N PHE D 397 5.92 54.29 69.18
CA PHE D 397 6.97 53.62 69.93
C PHE D 397 7.51 54.55 71.03
N SER D 398 7.89 53.93 72.15
CA SER D 398 8.48 54.67 73.25
C SER D 398 9.93 54.18 73.29
N ILE D 399 10.87 55.11 73.23
CA ILE D 399 12.29 54.77 73.25
C ILE D 399 13.02 55.35 74.46
N GLU D 400 13.93 54.56 75.02
CA GLU D 400 14.72 55.00 76.18
C GLU D 400 16.21 54.81 75.90
N ALA D 401 16.97 55.91 75.99
CA ALA D 401 18.41 55.88 75.75
C ALA D 401 19.20 55.92 77.05
N LYS D 402 20.03 54.90 77.26
CA LYS D 402 20.84 54.80 78.47
C LYS D 402 22.34 54.88 78.19
N VAL D 403 23.04 55.77 78.90
CA VAL D 403 24.48 55.94 78.70
C VAL D 403 25.34 55.26 79.76
N ARG D 404 26.56 54.91 79.35
CA ARG D 404 27.51 54.26 80.24
C ARG D 404 28.62 55.25 80.52
N GLY D 405 28.59 55.85 81.70
CA GLY D 405 29.59 56.84 82.07
C GLY D 405 29.39 58.15 81.33
N CYS D 406 30.46 58.93 81.17
CA CYS D 406 30.38 60.21 80.47
C CYS D 406 31.54 60.46 79.49
N PRO D 407 31.36 60.03 78.22
CA PRO D 407 32.28 60.17 77.09
C PRO D 407 32.85 61.56 76.73
N GLN D 408 34.02 61.52 76.11
CA GLN D 408 34.76 62.69 75.64
C GLN D 408 34.16 63.23 74.37
N GLU D 409 33.68 62.33 73.47
CA GLU D 409 32.99 62.79 72.26
C GLU D 409 31.95 63.60 72.99
N LYS D 410 31.78 64.82 72.54
CA LYS D 410 30.89 65.73 73.20
C LYS D 410 29.61 65.91 72.39
N GLU D 411 29.79 65.85 71.08
CA GLU D 411 28.69 66.03 70.15
C GLU D 411 28.69 64.92 69.09
N LYS D 412 27.62 64.14 69.11
CA LYS D 412 27.40 63.05 68.16
C LYS D 412 25.92 62.98 67.84
N SER D 413 25.55 62.05 66.96
CA SER D 413 24.16 61.87 66.58
C SER D 413 23.93 60.55 65.89
N PHE D 414 22.68 60.09 65.97
CA PHE D 414 22.26 58.84 65.36
C PHE D 414 20.88 58.94 64.75
N THR D 415 20.51 57.94 63.96
CA THR D 415 19.21 57.94 63.28
C THR D 415 18.34 56.74 63.63
N ILE D 416 17.04 56.93 63.56
CA ILE D 416 16.08 55.87 63.82
C ILE D 416 15.02 55.97 62.73
N LYS D 417 15.08 55.07 61.75
CA LYS D 417 14.10 55.09 60.68
C LYS D 417 13.55 53.72 60.36
N PRO D 418 12.25 53.64 60.10
CA PRO D 418 11.61 52.36 59.78
C PRO D 418 12.09 51.82 58.43
N VAL D 419 12.34 50.52 58.38
CA VAL D 419 12.80 49.86 57.16
C VAL D 419 11.85 50.14 56.01
N GLY D 420 12.38 50.72 54.94
CA GLY D 420 11.58 51.02 53.77
C GLY D 420 10.96 52.40 53.73
N PHE D 421 11.40 53.28 54.64
CA PHE D 421 10.89 54.65 54.70
C PHE D 421 12.02 55.66 54.50
N LYS D 422 11.65 56.83 53.98
CA LYS D 422 12.60 57.91 53.74
C LYS D 422 12.69 58.80 54.99
N ASP D 423 11.55 58.92 55.68
CA ASP D 423 11.46 59.73 56.90
C ASP D 423 12.26 59.08 58.03
N SER D 424 13.00 59.89 58.76
CA SER D 424 13.82 59.41 59.86
C SER D 424 13.90 60.37 61.03
N LEU D 425 14.31 59.85 62.18
CA LEU D 425 14.46 60.65 63.39
C LEU D 425 15.95 60.77 63.72
N ILE D 426 16.41 62.01 63.85
CA ILE D 426 17.80 62.27 64.18
C ILE D 426 17.93 62.70 65.64
N VAL D 427 18.65 61.89 66.41
CA VAL D 427 18.86 62.16 67.83
C VAL D 427 20.27 62.72 68.00
N GLN D 428 20.37 63.93 68.55
CA GLN D 428 21.65 64.57 68.79
C GLN D 428 22.02 64.51 70.27
N VAL D 429 22.95 63.61 70.60
CA VAL D 429 23.39 63.43 71.98
C VAL D 429 24.39 64.47 72.45
N THR D 430 24.19 64.95 73.68
CA THR D 430 25.07 65.92 74.31
C THR D 430 25.28 65.41 75.73
N PHE D 431 26.53 65.37 76.16
CA PHE D 431 26.86 64.89 77.50
C PHE D 431 27.14 66.02 78.49
N ASP D 432 26.49 65.96 79.64
CA ASP D 432 26.63 66.98 80.68
C ASP D 432 27.43 66.43 81.87
N CYS D 433 28.75 66.37 81.72
CA CYS D 433 29.62 65.83 82.78
C CYS D 433 30.19 66.85 83.77
N ASP D 434 30.50 68.05 83.28
CA ASP D 434 31.10 69.08 84.11
C ASP D 434 30.10 70.00 84.81
N CYS D 435 30.59 70.74 85.80
CA CYS D 435 29.79 71.67 86.58
C CYS D 435 30.17 73.10 86.18
N ALA D 436 29.36 74.07 86.60
CA ALA D 436 29.63 75.47 86.31
C ALA D 436 30.80 76.03 87.11
N CYS D 437 32.01 75.56 86.79
CA CYS D 437 33.25 76.06 87.42
C CYS D 437 33.34 76.01 88.98
N GLN D 438 32.40 75.32 89.63
CA GLN D 438 32.41 75.29 91.11
C GLN D 438 33.34 74.23 91.69
N ALA D 439 34.28 74.67 92.53
CA ALA D 439 35.29 73.82 93.16
C ALA D 439 36.06 74.54 94.26
N GLN D 440 36.25 73.87 95.39
CA GLN D 440 36.98 74.41 96.56
C GLN D 440 38.45 73.99 96.54
N LEU E 1 -9.16 -30.40 -21.35
CA LEU E 1 -10.54 -30.97 -21.43
C LEU E 1 -11.08 -31.28 -20.03
N ASN E 2 -10.17 -31.42 -19.08
CA ASN E 2 -10.58 -31.72 -17.72
C ASN E 2 -9.76 -30.96 -16.68
N LEU E 3 -10.25 -31.00 -15.44
CA LEU E 3 -9.62 -30.33 -14.32
C LEU E 3 -8.89 -31.38 -13.50
N ASP E 4 -7.71 -31.03 -13.01
CA ASP E 4 -6.90 -31.92 -12.19
C ASP E 4 -7.59 -32.12 -10.84
N PRO E 5 -8.12 -33.31 -10.59
CA PRO E 5 -8.82 -33.64 -9.34
C PRO E 5 -7.89 -34.09 -8.21
N VAL E 6 -6.58 -34.07 -8.48
CA VAL E 6 -5.57 -34.48 -7.51
C VAL E 6 -4.85 -33.28 -6.89
N GLN E 7 -4.31 -32.42 -7.76
CA GLN E 7 -3.60 -31.22 -7.34
C GLN E 7 -4.59 -30.07 -7.19
N LEU E 8 -5.24 -30.00 -6.03
CA LEU E 8 -6.22 -28.97 -5.78
C LEU E 8 -5.91 -28.12 -4.55
N THR E 9 -6.20 -26.83 -4.66
CA THR E 9 -5.94 -25.87 -3.59
C THR E 9 -7.11 -25.68 -2.63
N PHE E 10 -6.81 -25.52 -1.35
CA PHE E 10 -7.83 -25.33 -0.32
C PHE E 10 -7.71 -24.05 0.49
N TYR E 11 -8.84 -23.37 0.68
CA TYR E 11 -8.88 -22.14 1.47
C TYR E 11 -9.84 -22.37 2.62
N ALA E 12 -9.50 -21.81 3.78
CA ALA E 12 -10.35 -21.97 4.95
C ALA E 12 -10.65 -20.67 5.70
N GLY E 13 -11.88 -20.60 6.22
CA GLY E 13 -12.30 -19.45 6.99
C GLY E 13 -12.57 -19.92 8.41
N PRO E 14 -12.96 -19.00 9.31
CA PRO E 14 -13.24 -19.38 10.70
C PRO E 14 -14.39 -20.37 10.80
N ASN E 15 -14.30 -21.22 11.80
CA ASN E 15 -15.29 -22.26 12.05
C ASN E 15 -16.70 -21.70 12.30
N GLY E 16 -17.69 -22.24 11.58
CA GLY E 16 -19.07 -21.82 11.75
C GLY E 16 -19.50 -20.58 10.98
N SER E 17 -18.55 -19.96 10.29
CA SER E 17 -18.79 -18.74 9.52
C SER E 17 -19.47 -18.91 8.17
N GLN E 18 -19.60 -20.16 7.73
CA GLN E 18 -20.20 -20.51 6.43
C GLN E 18 -19.38 -19.93 5.29
N PHE E 19 -18.07 -19.84 5.54
CA PHE E 19 -17.08 -19.35 4.59
C PHE E 19 -17.23 -20.25 3.37
N GLY E 20 -17.52 -19.66 2.22
CA GLY E 20 -17.68 -20.46 1.01
C GLY E 20 -19.11 -20.41 0.50
N PHE E 21 -20.00 -19.82 1.28
CA PHE E 21 -21.40 -19.69 0.89
C PHE E 21 -21.55 -19.00 -0.47
N SER E 22 -20.66 -18.06 -0.76
CA SER E 22 -20.68 -17.39 -2.06
C SER E 22 -19.23 -17.08 -2.44
N LEU E 23 -19.00 -16.77 -3.71
CA LEU E 23 -17.64 -16.46 -4.15
C LEU E 23 -17.56 -15.89 -5.54
N ASP E 24 -16.40 -15.34 -5.90
CA ASP E 24 -16.19 -14.79 -7.23
C ASP E 24 -14.72 -14.46 -7.40
N PHE E 25 -14.29 -14.38 -8.65
CA PHE E 25 -12.91 -14.04 -8.97
C PHE E 25 -12.82 -12.53 -9.03
N HIS E 26 -11.79 -12.00 -8.40
CA HIS E 26 -11.56 -10.56 -8.40
C HIS E 26 -10.16 -10.30 -8.94
N LYS E 27 -10.05 -9.31 -9.83
CA LYS E 27 -8.77 -8.96 -10.41
C LYS E 27 -8.29 -7.58 -9.92
N ASP E 28 -7.16 -7.56 -9.21
CA ASP E 28 -6.60 -6.31 -8.71
C ASP E 28 -5.84 -5.61 -9.83
N SER E 29 -5.27 -4.43 -9.53
CA SER E 29 -4.54 -3.66 -10.54
C SER E 29 -3.13 -4.18 -10.80
N HIS E 30 -2.58 -4.89 -9.82
CA HIS E 30 -1.25 -5.45 -9.95
C HIS E 30 -1.25 -6.68 -10.86
N GLY E 31 -2.42 -6.97 -11.43
CA GLY E 31 -2.57 -8.09 -12.34
C GLY E 31 -3.14 -9.37 -11.74
N ARG E 32 -2.69 -9.70 -10.53
CA ARG E 32 -3.13 -10.92 -9.83
C ARG E 32 -4.63 -11.06 -9.68
N VAL E 33 -5.09 -12.31 -9.75
CA VAL E 33 -6.50 -12.64 -9.59
C VAL E 33 -6.61 -13.18 -8.17
N ALA E 34 -7.69 -12.82 -7.49
CA ALA E 34 -7.93 -13.28 -6.14
C ALA E 34 -9.32 -13.89 -6.02
N ILE E 35 -9.58 -14.56 -4.91
CA ILE E 35 -10.86 -15.18 -4.67
C ILE E 35 -11.65 -14.47 -3.55
N VAL E 36 -12.75 -13.82 -3.93
CA VAL E 36 -13.62 -13.12 -2.99
C VAL E 36 -14.52 -14.19 -2.40
N VAL E 37 -14.50 -14.32 -1.08
CA VAL E 37 -15.31 -15.33 -0.41
C VAL E 37 -16.25 -14.75 0.65
N GLY E 38 -17.53 -15.08 0.55
CA GLY E 38 -18.51 -14.62 1.53
C GLY E 38 -18.62 -15.63 2.66
N ALA E 39 -18.86 -15.15 3.88
CA ALA E 39 -18.99 -16.03 5.04
C ALA E 39 -20.07 -15.40 5.90
N PRO E 40 -21.33 -15.46 5.45
CA PRO E 40 -22.51 -14.90 6.11
C PRO E 40 -22.79 -15.12 7.60
N ARG E 41 -22.08 -16.04 8.24
CA ARG E 41 -22.33 -16.25 9.67
C ARG E 41 -21.13 -15.91 10.54
N THR E 42 -20.17 -15.17 9.98
CA THR E 42 -18.97 -14.76 10.71
C THR E 42 -19.35 -13.86 11.88
N LEU E 43 -18.69 -14.08 13.03
CA LEU E 43 -18.94 -13.29 14.23
C LEU E 43 -18.49 -11.85 14.05
N GLY E 44 -19.34 -10.93 14.48
CA GLY E 44 -19.02 -9.52 14.39
C GLY E 44 -18.96 -8.92 15.79
N PRO E 45 -19.45 -7.70 15.98
CA PRO E 45 -19.45 -7.02 17.28
C PRO E 45 -20.18 -7.83 18.35
N SER E 46 -19.59 -7.91 19.53
CA SER E 46 -20.16 -8.64 20.67
C SER E 46 -20.56 -10.10 20.34
N GLN E 47 -19.62 -10.82 19.75
CA GLN E 47 -19.76 -12.23 19.37
C GLN E 47 -21.05 -12.70 18.70
N GLU E 48 -21.75 -11.78 18.04
CA GLU E 48 -22.97 -12.14 17.36
C GLU E 48 -22.71 -12.26 15.86
N GLU E 49 -23.30 -13.27 15.22
CA GLU E 49 -23.15 -13.50 13.79
C GLU E 49 -23.60 -12.28 12.99
N THR E 50 -22.73 -11.78 12.12
CA THR E 50 -23.09 -10.62 11.28
C THR E 50 -22.68 -10.89 9.85
N GLY E 51 -21.66 -11.74 9.68
CA GLY E 51 -21.19 -12.04 8.35
C GLY E 51 -19.87 -11.38 8.07
N GLY E 52 -19.18 -11.85 7.03
CA GLY E 52 -17.90 -11.31 6.68
C GLY E 52 -17.54 -11.59 5.24
N VAL E 53 -16.45 -10.98 4.80
CA VAL E 53 -15.96 -11.14 3.44
C VAL E 53 -14.47 -11.34 3.56
N PHE E 54 -13.92 -12.21 2.71
CA PHE E 54 -12.50 -12.48 2.70
C PHE E 54 -11.96 -12.35 1.30
N LEU E 55 -10.72 -11.91 1.19
CA LEU E 55 -10.09 -11.74 -0.11
C LEU E 55 -8.84 -12.60 -0.18
N CYS E 56 -9.01 -13.80 -0.72
CA CYS E 56 -7.92 -14.79 -0.87
C CYS E 56 -7.05 -14.55 -2.07
N PRO E 57 -5.74 -14.40 -1.86
CA PRO E 57 -4.85 -14.18 -3.00
C PRO E 57 -4.54 -15.55 -3.57
N TRP E 58 -4.29 -15.63 -4.86
CA TRP E 58 -3.98 -16.92 -5.44
C TRP E 58 -2.61 -17.40 -5.00
N ARG E 59 -2.60 -18.54 -4.32
CA ARG E 59 -1.38 -19.17 -3.86
C ARG E 59 -1.69 -20.67 -3.86
N ALA E 60 -0.90 -21.42 -4.63
CA ALA E 60 -1.08 -22.86 -4.81
C ALA E 60 -1.27 -23.69 -3.55
N GLU E 61 -0.71 -23.23 -2.43
CA GLU E 61 -0.82 -23.95 -1.17
C GLU E 61 -2.02 -23.57 -0.33
N GLY E 62 -2.88 -22.69 -0.85
CA GLY E 62 -4.09 -22.27 -0.15
C GLY E 62 -3.90 -21.61 1.21
N GLY E 63 -4.64 -22.11 2.20
CA GLY E 63 -4.54 -21.59 3.56
C GLY E 63 -5.57 -20.55 3.94
N GLN E 64 -5.24 -19.74 4.95
CA GLN E 64 -6.10 -18.66 5.49
C GLN E 64 -6.05 -17.38 4.63
N CYS E 65 -7.14 -16.62 4.62
CA CYS E 65 -7.20 -15.39 3.84
C CYS E 65 -7.43 -14.14 4.69
N PRO E 66 -6.98 -12.97 4.20
CA PRO E 66 -7.15 -11.68 4.88
C PRO E 66 -8.61 -11.23 4.75
N SER E 67 -9.07 -10.38 5.66
CA SER E 67 -10.44 -9.88 5.60
C SER E 67 -10.57 -8.59 4.84
N LEU E 68 -11.80 -8.31 4.39
CA LEU E 68 -12.12 -7.07 3.71
C LEU E 68 -13.18 -6.49 4.64
N LEU E 69 -12.73 -5.70 5.61
CA LEU E 69 -13.63 -5.13 6.61
C LEU E 69 -14.65 -4.12 6.16
N PHE E 70 -15.78 -4.12 6.86
CA PHE E 70 -16.89 -3.20 6.61
C PHE E 70 -17.43 -2.76 7.98
N ASP E 71 -18.05 -1.59 8.05
CA ASP E 71 -18.60 -1.11 9.31
C ASP E 71 -19.71 -2.06 9.75
N LEU E 72 -19.52 -2.69 10.90
CA LEU E 72 -20.50 -3.62 11.44
C LEU E 72 -21.34 -3.06 12.60
N ARG E 73 -21.28 -1.74 12.80
CA ARG E 73 -22.02 -1.08 13.87
C ARG E 73 -23.44 -0.76 13.46
N ASP E 74 -24.37 -0.86 14.41
CA ASP E 74 -25.75 -0.53 14.13
C ASP E 74 -25.82 1.00 14.07
N GLU E 75 -26.68 1.54 13.21
CA GLU E 75 -26.78 2.98 13.05
C GLU E 75 -28.11 3.58 13.47
N THR E 76 -28.07 4.86 13.85
CA THR E 76 -29.27 5.61 14.26
C THR E 76 -29.07 7.04 13.81
N ARG E 77 -30.11 7.64 13.24
CA ARG E 77 -30.07 9.05 12.80
C ARG E 77 -31.43 9.66 13.01
N ASN E 78 -31.45 10.92 13.45
CA ASN E 78 -32.70 11.61 13.65
C ASN E 78 -32.84 12.61 12.53
N VAL E 79 -33.92 12.47 11.79
CA VAL E 79 -34.20 13.33 10.66
C VAL E 79 -35.62 13.85 10.83
N GLY E 80 -35.70 14.96 11.55
CA GLY E 80 -36.96 15.61 11.82
C GLY E 80 -37.70 15.01 12.98
N SER E 81 -38.79 14.33 12.65
CA SER E 81 -39.64 13.70 13.64
C SER E 81 -39.41 12.21 13.67
N GLN E 82 -38.53 11.74 12.79
CA GLN E 82 -38.21 10.33 12.66
C GLN E 82 -36.85 9.88 13.17
N THR E 83 -36.83 8.64 13.63
CA THR E 83 -35.61 8.00 14.09
C THR E 83 -35.35 6.84 13.13
N LEU E 84 -34.26 6.95 12.38
CA LEU E 84 -33.85 5.96 11.41
C LEU E 84 -32.92 4.96 12.06
N GLN E 85 -33.16 3.67 11.82
CA GLN E 85 -32.31 2.65 12.43
C GLN E 85 -32.04 1.38 11.61
N THR E 86 -30.78 0.93 11.63
CA THR E 86 -30.33 -0.27 10.94
C THR E 86 -29.81 -1.26 11.97
N PHE E 87 -30.13 -2.54 11.79
CA PHE E 87 -29.68 -3.61 12.70
C PHE E 87 -28.95 -4.66 11.89
N LYS E 88 -27.64 -4.75 12.11
CA LYS E 88 -26.78 -5.67 11.40
C LYS E 88 -26.61 -7.07 11.99
N ALA E 89 -27.30 -7.37 13.08
CA ALA E 89 -27.17 -8.70 13.69
C ALA E 89 -27.88 -9.73 12.83
N ARG E 90 -27.18 -10.84 12.56
CA ARG E 90 -27.70 -11.95 11.74
C ARG E 90 -28.03 -11.47 10.34
N GLN E 91 -27.31 -10.44 9.93
CA GLN E 91 -27.42 -9.76 8.66
C GLN E 91 -27.10 -10.62 7.42
N GLY E 92 -26.14 -11.52 7.58
CA GLY E 92 -25.72 -12.39 6.50
C GLY E 92 -24.79 -11.73 5.51
N LEU E 93 -23.94 -10.83 5.98
CA LEU E 93 -23.02 -10.15 5.08
C LEU E 93 -22.12 -11.22 4.45
N GLY E 94 -22.10 -11.25 3.12
CA GLY E 94 -21.29 -12.23 2.44
C GLY E 94 -22.15 -13.36 1.92
N ALA E 95 -23.46 -13.26 2.12
CA ALA E 95 -24.41 -14.26 1.65
C ALA E 95 -24.52 -14.13 0.14
N SER E 96 -23.72 -13.22 -0.41
CA SER E 96 -23.72 -12.93 -1.85
C SER E 96 -22.60 -11.94 -2.16
N VAL E 97 -21.69 -12.30 -3.06
CA VAL E 97 -20.61 -11.40 -3.45
C VAL E 97 -20.36 -11.40 -4.95
N VAL E 98 -19.85 -10.30 -5.46
CA VAL E 98 -19.58 -10.18 -6.87
C VAL E 98 -18.54 -9.09 -7.13
N SER E 99 -17.58 -9.39 -8.01
CA SER E 99 -16.56 -8.44 -8.38
C SER E 99 -16.79 -7.93 -9.80
N TRP E 100 -16.54 -6.64 -9.98
CA TRP E 100 -16.67 -6.00 -11.28
C TRP E 100 -15.50 -5.02 -11.31
N SER E 101 -14.73 -4.78 -12.02
CA SER E 101 -13.34 -4.52 -12.39
C SER E 101 -12.55 -4.17 -11.13
N ASP E 102 -12.65 -2.93 -10.72
CA ASP E 102 -12.04 -2.37 -9.54
C ASP E 102 -12.76 -2.66 -8.21
N VAL E 103 -14.08 -2.82 -8.25
CA VAL E 103 -14.89 -3.03 -7.04
C VAL E 103 -15.44 -4.41 -6.68
N ILE E 104 -15.63 -4.60 -5.38
CA ILE E 104 -16.18 -5.82 -4.78
C ILE E 104 -17.53 -5.43 -4.16
N VAL E 105 -18.54 -6.28 -4.36
CA VAL E 105 -19.87 -6.02 -3.81
C VAL E 105 -20.31 -7.21 -2.99
N ALA E 106 -20.44 -6.99 -1.68
CA ALA E 106 -20.87 -8.02 -0.77
C ALA E 106 -22.21 -7.58 -0.20
N CYS E 107 -23.17 -8.48 -0.10
CA CYS E 107 -24.48 -8.12 0.41
C CYS E 107 -24.90 -8.82 1.70
N ALA E 108 -25.91 -8.26 2.34
CA ALA E 108 -26.43 -8.80 3.59
C ALA E 108 -27.94 -8.67 3.48
N PRO E 109 -28.58 -9.68 2.90
CA PRO E 109 -30.02 -9.75 2.67
C PRO E 109 -30.88 -9.67 3.91
N TRP E 110 -30.34 -10.06 5.05
CA TRP E 110 -31.14 -10.06 6.25
C TRP E 110 -30.82 -8.93 7.22
N GLN E 111 -30.31 -7.84 6.69
CA GLN E 111 -30.04 -6.68 7.54
C GLN E 111 -31.41 -6.06 7.84
N HIS E 112 -31.67 -5.74 9.11
CA HIS E 112 -32.96 -5.13 9.47
C HIS E 112 -32.97 -3.60 9.55
N TRP E 113 -34.17 -3.03 9.39
CA TRP E 113 -34.39 -1.59 9.35
C TRP E 113 -35.67 -1.10 10.01
N ASN E 114 -35.67 0.09 10.57
CA ASN E 114 -36.92 0.56 11.12
C ASN E 114 -36.91 2.06 11.13
N VAL E 115 -38.10 2.64 11.28
CA VAL E 115 -38.24 4.08 11.32
C VAL E 115 -39.27 4.37 12.38
N LEU E 116 -38.84 5.09 13.42
CA LEU E 116 -39.71 5.47 14.52
C LEU E 116 -40.18 6.93 14.39
N GLU E 117 -41.47 7.15 14.64
CA GLU E 117 -42.05 8.49 14.57
C GLU E 117 -43.09 8.54 15.67
N LYS E 118 -42.66 9.01 16.83
CA LYS E 118 -43.53 9.07 18.00
C LYS E 118 -43.90 7.64 18.37
N THR E 119 -45.24 7.51 18.70
CA THR E 119 -45.70 6.10 18.99
C THR E 119 -45.78 5.09 17.84
N GLU E 120 -45.66 5.57 16.60
CA GLU E 120 -45.72 4.70 15.43
C GLU E 120 -44.35 4.33 14.89
N GLU E 121 -44.33 3.34 13.99
CA GLU E 121 -43.09 2.86 13.36
C GLU E 121 -43.37 2.26 11.98
N ALA E 122 -42.31 2.03 11.23
CA ALA E 122 -42.43 1.43 9.90
C ALA E 122 -42.73 -0.02 9.97
N GLU E 123 -41.70 -0.56 11.12
CA GLU E 123 -41.71 -1.96 11.56
C GLU E 123 -40.30 -2.52 11.69
N LYS E 124 -39.80 -3.24 12.08
CA LYS E 124 -38.44 -3.75 11.92
C LYS E 124 -38.46 -4.93 10.95
N THR E 125 -38.04 -4.69 9.71
CA THR E 125 -38.06 -5.72 8.69
C THR E 125 -36.71 -5.86 7.96
N PRO E 126 -36.54 -6.96 7.19
CA PRO E 126 -35.32 -7.27 6.41
C PRO E 126 -35.28 -6.62 5.03
N VAL E 127 -34.88 -5.35 4.98
CA VAL E 127 -34.80 -4.70 3.68
C VAL E 127 -33.55 -5.10 2.91
N GLY E 128 -32.57 -5.63 3.63
CA GLY E 128 -31.31 -6.03 3.04
C GLY E 128 -30.45 -4.84 2.68
N SER E 129 -29.17 -5.08 2.45
CA SER E 129 -28.24 -4.02 2.09
C SER E 129 -26.96 -4.59 1.41
N CYS E 130 -26.37 -3.81 0.49
CA CYS E 130 -25.13 -4.25 -0.16
C CYS E 130 -24.03 -3.25 0.15
N PHE E 131 -22.88 -3.76 0.56
CA PHE E 131 -21.72 -2.93 0.87
C PHE E 131 -20.78 -2.96 -0.32
N LEU E 132 -20.30 -1.79 -0.75
CA LEU E 132 -19.37 -1.70 -1.88
C LEU E 132 -17.99 -1.35 -1.34
N ALA E 133 -16.95 -1.87 -2.00
CA ALA E 133 -15.57 -1.62 -1.59
C ALA E 133 -14.65 -1.60 -2.79
N GLN E 134 -13.70 -0.67 -2.78
CA GLN E 134 -12.71 -0.53 -3.82
C GLN E 134 -11.38 -0.68 -3.05
N PRO E 135 -10.97 -1.95 -2.79
CA PRO E 135 -9.75 -2.32 -2.07
C PRO E 135 -8.46 -1.54 -2.29
N GLU E 136 -8.21 -1.11 -3.51
CA GLU E 136 -6.96 -0.39 -3.75
C GLU E 136 -7.04 1.13 -3.67
N SER E 137 -7.94 1.61 -2.82
CA SER E 137 -8.11 3.04 -2.59
C SER E 137 -8.79 3.23 -1.25
N GLY E 138 -9.24 2.10 -0.69
CA GLY E 138 -9.89 2.06 0.60
C GLY E 138 -11.26 2.69 0.62
N ARG E 139 -11.86 2.90 -0.54
CA ARG E 139 -13.17 3.50 -0.59
C ARG E 139 -14.26 2.49 -0.23
N ARG E 140 -15.30 2.97 0.46
CA ARG E 140 -16.44 2.15 0.84
C ARG E 140 -17.70 2.90 0.43
N ALA E 141 -18.78 2.16 0.16
CA ALA E 141 -20.07 2.76 -0.20
C ALA E 141 -21.15 1.75 0.11
N GLU E 142 -22.41 2.18 0.12
CA GLU E 142 -23.52 1.28 0.42
C GLU E 142 -24.70 1.53 -0.47
N TYR E 143 -25.52 0.50 -0.64
CA TYR E 143 -26.71 0.57 -1.46
C TYR E 143 -27.78 -0.29 -0.79
N SER E 144 -28.91 0.32 -0.51
CA SER E 144 -29.99 -0.34 0.18
C SER E 144 -31.24 0.33 -0.36
N PRO E 145 -31.61 0.02 -1.61
CA PRO E 145 -32.76 0.57 -2.31
C PRO E 145 -34.13 0.32 -1.72
N CYS E 146 -34.22 -0.59 -0.77
CA CYS E 146 -35.51 -0.90 -0.19
C CYS E 146 -35.90 -0.20 1.12
N ARG E 147 -34.96 0.56 1.71
CA ARG E 147 -35.24 1.28 2.95
C ARG E 147 -36.30 2.34 2.67
N GLY E 148 -37.21 2.51 3.62
CA GLY E 148 -38.26 3.50 3.46
C GLY E 148 -38.53 4.22 4.75
N ASN E 149 -39.48 5.15 4.74
CA ASN E 149 -39.85 5.88 5.94
C ASN E 149 -41.36 6.06 6.02
N THR E 150 -42.11 5.20 5.34
CA THR E 150 -43.56 5.25 5.39
C THR E 150 -43.93 4.52 6.67
N LEU E 151 -44.89 5.06 7.40
CA LEU E 151 -45.31 4.43 8.66
C LEU E 151 -46.26 3.28 8.39
N SER E 152 -46.22 2.30 9.29
CA SER E 152 -47.03 1.10 9.23
C SER E 152 -48.48 1.29 8.77
N ARG E 153 -49.20 2.14 9.51
CA ARG E 153 -50.60 2.46 9.24
C ARG E 153 -50.90 2.76 7.75
N ILE E 154 -50.00 3.46 7.08
CA ILE E 154 -50.19 3.81 5.68
C ILE E 154 -50.35 2.57 4.79
N TYR E 155 -49.50 1.57 5.02
CA TYR E 155 -49.55 0.35 4.23
C TYR E 155 -50.85 -0.41 4.42
N VAL E 156 -51.39 -0.38 5.63
CA VAL E 156 -52.64 -1.07 5.91
C VAL E 156 -53.79 -0.45 5.10
N GLU E 157 -53.82 0.87 5.03
CA GLU E 157 -54.86 1.57 4.29
C GLU E 157 -54.66 1.47 2.78
N ASN E 158 -53.39 1.42 2.37
CA ASN E 158 -52.96 1.29 0.95
C ASN E 158 -53.24 -0.10 0.44
N ASP E 159 -53.46 -1.01 1.38
CA ASP E 159 -53.67 -2.42 1.13
C ASP E 159 -52.32 -3.01 0.71
N PHE E 160 -51.28 -2.52 1.39
CA PHE E 160 -49.89 -2.91 1.20
C PHE E 160 -49.30 -2.65 -0.18
N SER E 161 -49.51 -1.44 -0.69
CA SER E 161 -49.00 -1.07 -2.01
C SER E 161 -47.57 -0.56 -1.91
N TRP E 162 -46.72 -1.00 -2.84
CA TRP E 162 -45.32 -0.61 -2.89
C TRP E 162 -44.59 -0.93 -1.59
N ASP E 163 -44.84 -2.11 -1.06
CA ASP E 163 -44.27 -2.55 0.19
C ASP E 163 -42.91 -3.20 0.01
N LYS E 164 -41.86 -2.41 0.14
CA LYS E 164 -40.50 -2.93 0.00
C LYS E 164 -39.87 -3.31 1.34
N ARG E 165 -40.68 -3.40 2.39
CA ARG E 165 -40.16 -3.71 3.73
C ARG E 165 -39.37 -4.98 3.95
N TYR E 166 -39.72 -6.05 3.24
CA TYR E 166 -39.04 -7.34 3.41
C TYR E 166 -38.31 -7.79 2.14
N CYS E 167 -37.82 -6.82 1.38
CA CYS E 167 -37.09 -7.05 0.14
C CYS E 167 -36.04 -8.12 0.18
N GLU E 168 -35.12 -7.96 1.12
CA GLU E 168 -33.97 -8.84 1.29
C GLU E 168 -33.10 -8.57 0.07
N ALA E 169 -32.95 -7.30 -0.24
CA ALA E 169 -32.17 -6.84 -1.39
C ALA E 169 -30.75 -7.36 -1.27
N GLY E 170 -30.27 -7.97 -2.35
CA GLY E 170 -28.93 -8.52 -2.32
C GLY E 170 -28.94 -10.02 -2.07
N PHE E 171 -30.13 -10.59 -1.95
CA PHE E 171 -30.30 -12.03 -1.73
C PHE E 171 -29.47 -12.72 -2.81
N SER E 172 -29.52 -12.13 -4.00
CA SER E 172 -28.79 -12.54 -5.19
C SER E 172 -28.31 -11.25 -5.88
N SER E 173 -27.22 -11.34 -6.64
CA SER E 173 -26.67 -10.16 -7.32
C SER E 173 -25.87 -10.42 -8.60
N VAL E 174 -25.78 -9.39 -9.44
CA VAL E 174 -25.04 -9.44 -10.70
C VAL E 174 -24.67 -8.02 -11.16
N VAL E 175 -23.56 -7.90 -11.87
CA VAL E 175 -23.17 -6.62 -12.41
C VAL E 175 -23.04 -6.84 -13.92
N THR E 176 -23.50 -5.88 -14.70
CA THR E 176 -23.41 -5.94 -16.16
C THR E 176 -22.03 -5.44 -16.57
N GLN E 177 -21.71 -5.58 -17.86
CA GLN E 177 -20.42 -5.13 -18.39
C GLN E 177 -20.21 -3.64 -18.23
N ALA E 178 -21.29 -2.86 -18.35
CA ALA E 178 -21.20 -1.41 -18.21
C ALA E 178 -21.03 -1.00 -16.75
N GLY E 179 -21.14 -1.96 -15.84
CA GLY E 179 -20.97 -1.69 -14.42
C GLY E 179 -22.24 -1.34 -13.67
N GLU E 180 -23.34 -1.96 -14.09
CA GLU E 180 -24.63 -1.74 -13.46
C GLU E 180 -24.89 -2.88 -12.48
N LEU E 181 -25.16 -2.52 -11.23
CA LEU E 181 -25.42 -3.52 -10.19
C LEU E 181 -26.90 -3.92 -10.19
N VAL E 182 -27.15 -5.21 -10.34
CA VAL E 182 -28.52 -5.72 -10.36
C VAL E 182 -28.74 -6.63 -9.17
N LEU E 183 -29.70 -6.24 -8.34
CA LEU E 183 -30.01 -6.96 -7.14
C LEU E 183 -31.36 -7.67 -7.17
N GLY E 184 -31.36 -8.91 -6.70
CA GLY E 184 -32.58 -9.67 -6.64
C GLY E 184 -33.10 -9.50 -5.22
N ALA E 185 -34.37 -9.15 -5.10
CA ALA E 185 -34.98 -8.96 -3.79
C ALA E 185 -36.31 -9.74 -3.75
N PRO E 186 -36.21 -11.06 -3.51
CA PRO E 186 -37.32 -12.03 -3.44
C PRO E 186 -38.44 -11.63 -2.48
N GLY E 187 -38.09 -10.85 -1.46
CA GLY E 187 -39.09 -10.40 -0.50
C GLY E 187 -39.88 -9.21 -1.00
N GLY E 188 -39.42 -8.60 -2.10
CA GLY E 188 -40.10 -7.43 -2.63
C GLY E 188 -41.61 -7.46 -2.76
N TYR E 189 -42.23 -6.30 -2.58
CA TYR E 189 -43.68 -6.13 -2.67
C TYR E 189 -44.49 -7.21 -1.99
N TYR E 190 -44.26 -7.38 -0.70
CA TYR E 190 -44.95 -8.39 0.09
C TYR E 190 -44.76 -9.80 -0.49
N PHE E 191 -43.50 -10.17 -0.64
CA PHE E 191 -43.09 -11.49 -1.14
C PHE E 191 -43.30 -11.84 -2.59
N LEU E 192 -43.60 -10.86 -3.44
CA LEU E 192 -43.72 -11.12 -4.87
C LEU E 192 -42.30 -11.18 -5.44
N GLY E 193 -41.42 -10.35 -4.86
CA GLY E 193 -40.04 -10.25 -5.29
C GLY E 193 -39.84 -9.12 -6.28
N LEU E 194 -38.66 -8.49 -6.25
CA LEU E 194 -38.34 -7.43 -7.18
C LEU E 194 -36.87 -7.38 -7.56
N LEU E 195 -36.58 -6.50 -8.52
CA LEU E 195 -35.23 -6.28 -9.00
C LEU E 195 -34.89 -4.79 -8.88
N ALA E 196 -33.72 -4.52 -8.31
CA ALA E 196 -33.28 -3.15 -8.18
C ALA E 196 -31.94 -3.04 -8.91
N GLN E 197 -31.79 -2.01 -9.73
CA GLN E 197 -30.54 -1.82 -10.46
C GLN E 197 -30.08 -0.36 -10.43
N ALA E 198 -28.76 -0.19 -10.38
CA ALA E 198 -28.15 1.12 -10.36
C ALA E 198 -26.68 0.99 -10.71
N PRO E 199 -26.13 2.00 -11.40
CA PRO E 199 -24.73 2.01 -11.81
C PRO E 199 -23.82 2.09 -10.59
N VAL E 200 -22.78 1.24 -10.56
CA VAL E 200 -21.82 1.22 -9.47
C VAL E 200 -21.18 2.61 -9.25
N ALA E 201 -20.90 3.32 -10.33
CA ALA E 201 -20.32 4.64 -10.22
C ALA E 201 -21.27 5.62 -9.51
N ASP E 202 -22.57 5.52 -9.82
CA ASP E 202 -23.57 6.39 -9.21
C ASP E 202 -23.86 5.99 -7.76
N ILE E 203 -23.64 4.72 -7.43
CA ILE E 203 -23.84 4.28 -6.06
C ILE E 203 -22.76 4.93 -5.19
N PHE E 204 -21.53 4.91 -5.68
CA PHE E 204 -20.40 5.50 -4.96
C PHE E 204 -20.50 7.02 -4.83
N SER E 205 -20.77 7.71 -5.94
CA SER E 205 -20.83 9.16 -5.88
C SER E 205 -21.97 9.72 -5.04
N SER E 206 -23.10 9.03 -5.01
CA SER E 206 -24.24 9.52 -4.26
C SER E 206 -24.23 9.14 -2.78
N TYR E 207 -23.35 8.22 -2.40
CA TYR E 207 -23.27 7.78 -1.01
C TYR E 207 -22.61 8.79 -0.08
N ARG E 208 -23.25 9.04 1.05
CA ARG E 208 -22.75 9.96 2.08
C ARG E 208 -22.76 9.20 3.39
N PRO E 209 -21.60 9.02 4.01
CA PRO E 209 -21.57 8.29 5.29
C PRO E 209 -22.45 9.01 6.29
N GLY E 210 -23.23 8.27 7.06
CA GLY E 210 -24.08 8.89 8.04
C GLY E 210 -25.53 9.04 7.65
N ILE E 211 -25.78 9.29 6.36
CA ILE E 211 -27.14 9.40 5.87
C ILE E 211 -27.61 7.96 5.66
N LEU E 212 -28.74 7.59 6.24
CA LEU E 212 -29.23 6.22 6.11
C LEU E 212 -30.23 6.05 5.00
N LEU E 213 -30.93 7.12 4.66
CA LEU E 213 -31.96 7.06 3.66
C LEU E 213 -31.71 8.03 2.53
N TRP E 214 -31.41 7.49 1.35
CA TRP E 214 -31.15 8.34 0.21
C TRP E 214 -31.66 7.67 -1.06
N HIS E 215 -31.75 8.45 -2.12
CA HIS E 215 -32.26 7.98 -3.40
C HIS E 215 -31.22 8.16 -4.50
N VAL E 216 -30.77 7.05 -5.09
CA VAL E 216 -29.80 7.11 -6.17
C VAL E 216 -30.60 7.51 -7.40
N SER E 217 -30.27 8.67 -7.96
CA SER E 217 -30.96 9.20 -9.12
C SER E 217 -31.23 8.22 -10.27
N SER E 218 -30.19 7.50 -10.69
CA SER E 218 -30.28 6.56 -11.80
C SER E 218 -30.75 5.15 -11.45
N GLN E 219 -31.26 5.00 -10.24
CA GLN E 219 -31.78 3.73 -9.77
C GLN E 219 -33.00 3.31 -10.60
N SER E 220 -33.28 2.01 -10.61
CA SER E 220 -34.41 1.47 -11.36
C SER E 220 -34.98 0.22 -10.70
N LEU E 221 -36.27 0.25 -10.37
CA LEU E 221 -36.92 -0.88 -9.73
C LEU E 221 -37.99 -1.51 -10.58
N SER E 222 -38.13 -2.83 -10.44
CA SER E 222 -39.16 -3.60 -11.16
C SER E 222 -40.57 -3.31 -10.60
N PHE E 223 -41.59 -3.95 -11.13
CA PHE E 223 -42.93 -3.62 -10.68
C PHE E 223 -43.69 -4.56 -9.76
N ASP E 224 -44.80 -4.04 -9.26
CA ASP E 224 -45.68 -4.81 -8.38
C ASP E 224 -46.75 -5.39 -9.32
N SER E 225 -47.52 -6.35 -8.82
CA SER E 225 -48.56 -6.98 -9.64
C SER E 225 -49.76 -7.39 -8.85
N SER E 226 -50.92 -7.32 -9.48
CA SER E 226 -52.14 -7.76 -8.83
C SER E 226 -52.34 -9.27 -9.07
N ASN E 227 -51.75 -9.74 -10.17
CA ASN E 227 -51.79 -11.13 -10.61
C ASN E 227 -51.35 -12.14 -9.55
N PRO E 228 -52.28 -12.97 -9.08
CA PRO E 228 -52.01 -14.00 -8.06
C PRO E 228 -50.90 -14.98 -8.43
N GLU E 229 -50.67 -15.18 -9.73
CA GLU E 229 -49.61 -16.10 -10.15
C GLU E 229 -48.26 -15.71 -9.52
N TYR E 230 -48.08 -14.40 -9.27
CA TYR E 230 -46.86 -13.89 -8.67
C TYR E 230 -46.81 -13.90 -7.13
N PHE E 231 -47.95 -14.10 -6.47
CA PHE E 231 -47.94 -14.07 -5.02
C PHE E 231 -47.04 -15.14 -4.44
N ASP E 232 -46.12 -14.73 -3.58
CA ASP E 232 -45.19 -15.62 -2.93
C ASP E 232 -44.20 -16.26 -3.89
N GLY E 233 -44.14 -15.73 -5.11
CA GLY E 233 -43.24 -16.23 -6.14
C GLY E 233 -41.73 -16.12 -5.92
N TYR E 234 -41.30 -15.17 -5.07
CA TYR E 234 -39.87 -14.97 -4.79
C TYR E 234 -39.07 -14.65 -6.03
N TRP E 235 -39.68 -13.84 -6.89
CA TRP E 235 -39.09 -13.39 -8.12
C TRP E 235 -37.84 -12.58 -7.76
N GLY E 236 -36.67 -13.19 -7.95
CA GLY E 236 -35.42 -12.51 -7.65
C GLY E 236 -34.54 -13.40 -6.78
N TYR E 237 -34.99 -14.63 -6.58
CA TYR E 237 -34.26 -15.60 -5.78
C TYR E 237 -32.90 -15.86 -6.44
N SER E 238 -32.84 -15.69 -7.76
CA SER E 238 -31.61 -15.85 -8.51
C SER E 238 -31.69 -14.97 -9.75
N VAL E 239 -30.53 -14.43 -10.19
CA VAL E 239 -30.50 -13.57 -11.37
C VAL E 239 -29.21 -13.66 -12.18
N ALA E 240 -29.31 -13.22 -13.43
CA ALA E 240 -28.19 -13.19 -14.36
C ALA E 240 -28.52 -12.21 -15.45
N VAL E 241 -27.54 -11.86 -16.26
CA VAL E 241 -27.79 -10.94 -17.36
C VAL E 241 -27.25 -11.55 -18.63
N GLY E 242 -27.73 -11.07 -19.77
CA GLY E 242 -27.27 -11.59 -21.05
C GLY E 242 -27.81 -10.80 -22.21
N GLU E 243 -27.50 -11.26 -23.42
CA GLU E 243 -28.00 -10.63 -24.64
C GLU E 243 -29.05 -11.57 -25.20
N PHE E 244 -30.30 -11.10 -25.26
CA PHE E 244 -31.39 -11.94 -25.74
C PHE E 244 -32.35 -11.27 -26.69
N ASP E 245 -32.03 -10.08 -27.18
CA ASP E 245 -32.92 -9.42 -28.11
C ASP E 245 -32.18 -8.96 -29.35
N GLY E 246 -31.00 -9.53 -29.56
CA GLY E 246 -30.18 -9.19 -30.71
C GLY E 246 -29.96 -7.68 -30.82
N ASP E 247 -29.44 -7.09 -29.76
CA ASP E 247 -29.15 -5.66 -29.71
C ASP E 247 -28.14 -5.44 -28.58
N LEU E 248 -26.88 -5.29 -28.94
CA LEU E 248 -25.81 -5.10 -27.96
C LEU E 248 -25.95 -3.80 -27.18
N ASN E 249 -26.66 -2.84 -27.74
CA ASN E 249 -26.85 -1.56 -27.06
C ASN E 249 -27.79 -1.70 -25.87
N THR E 250 -28.47 -2.84 -25.76
CA THR E 250 -29.40 -3.08 -24.67
C THR E 250 -29.16 -4.42 -23.97
N THR E 251 -29.30 -4.41 -22.65
CA THR E 251 -29.08 -5.61 -21.85
C THR E 251 -30.41 -6.20 -21.40
N GLU E 252 -30.46 -7.52 -21.21
CA GLU E 252 -31.67 -8.18 -20.75
C GLU E 252 -31.42 -8.94 -19.45
N TYR E 253 -32.43 -8.94 -18.60
CA TYR E 253 -32.37 -9.58 -17.30
C TYR E 253 -32.99 -10.97 -17.27
N VAL E 254 -32.33 -11.86 -16.53
CA VAL E 254 -32.77 -13.24 -16.37
C VAL E 254 -33.02 -13.40 -14.86
N VAL E 255 -34.29 -13.55 -14.51
CA VAL E 255 -34.71 -13.66 -13.12
C VAL E 255 -35.38 -14.99 -12.78
N GLY E 256 -34.97 -15.60 -11.68
CA GLY E 256 -35.58 -16.85 -11.26
C GLY E 256 -36.62 -16.63 -10.19
N ALA E 257 -37.83 -17.15 -10.40
CA ALA E 257 -38.95 -17.05 -9.45
C ALA E 257 -39.34 -18.49 -9.09
N PRO E 258 -38.50 -19.17 -8.31
CA PRO E 258 -38.66 -20.54 -7.86
C PRO E 258 -40.00 -21.03 -7.31
N THR E 259 -40.86 -20.13 -6.87
CA THR E 259 -42.14 -20.55 -6.32
C THR E 259 -43.31 -19.87 -7.00
N TRP E 260 -43.06 -19.34 -8.20
CA TRP E 260 -44.09 -18.67 -8.97
C TRP E 260 -45.31 -19.58 -9.22
N SER E 261 -46.46 -18.98 -9.48
CA SER E 261 -47.71 -19.68 -9.75
C SER E 261 -47.97 -20.91 -8.88
N TRP E 262 -48.08 -20.68 -7.57
CA TRP E 262 -48.34 -21.76 -6.62
C TRP E 262 -47.28 -22.84 -6.77
N THR E 263 -46.05 -22.51 -6.38
CA THR E 263 -44.91 -23.42 -6.40
C THR E 263 -44.56 -24.09 -7.75
N LEU E 264 -45.18 -23.61 -8.82
CA LEU E 264 -44.90 -24.15 -10.13
C LEU E 264 -43.49 -23.71 -10.58
N GLY E 265 -43.05 -22.54 -10.11
CA GLY E 265 -41.73 -22.01 -10.47
C GLY E 265 -41.73 -21.39 -11.87
N ALA E 266 -40.80 -20.47 -12.12
CA ALA E 266 -40.68 -19.83 -13.43
C ALA E 266 -39.39 -19.01 -13.56
N VAL E 267 -38.96 -18.76 -14.78
CA VAL E 267 -37.78 -17.96 -15.03
C VAL E 267 -38.19 -17.01 -16.14
N GLU E 268 -37.84 -15.73 -16.03
CA GLU E 268 -38.24 -14.77 -17.06
C GLU E 268 -37.06 -14.02 -17.62
N ILE E 269 -37.21 -13.57 -18.86
CA ILE E 269 -36.18 -12.79 -19.54
C ILE E 269 -36.87 -11.44 -19.70
N LEU E 270 -36.30 -10.38 -19.14
CA LEU E 270 -36.91 -9.06 -19.22
C LEU E 270 -35.98 -8.08 -19.93
N ASP E 271 -36.53 -7.03 -20.52
CA ASP E 271 -35.68 -6.02 -21.13
C ASP E 271 -35.31 -5.00 -20.05
N SER E 272 -34.54 -3.99 -20.42
CA SER E 272 -34.12 -2.96 -19.45
C SER E 272 -35.28 -2.26 -18.75
N TYR E 273 -36.41 -2.13 -19.44
CA TYR E 273 -37.58 -1.47 -18.88
C TYR E 273 -38.46 -2.45 -18.10
N TYR E 274 -37.89 -3.58 -17.74
CA TYR E 274 -38.56 -4.63 -16.99
C TYR E 274 -39.80 -5.22 -17.67
N GLN E 275 -39.79 -5.23 -19.00
CA GLN E 275 -40.89 -5.78 -19.80
C GLN E 275 -40.59 -7.23 -20.16
N ARG E 276 -41.53 -8.12 -19.85
CA ARG E 276 -41.39 -9.56 -20.14
C ARG E 276 -41.09 -9.83 -21.61
N LEU E 277 -39.97 -10.52 -21.85
CA LEU E 277 -39.57 -10.89 -23.20
C LEU E 277 -39.93 -12.35 -23.44
N HIS E 278 -39.74 -13.18 -22.41
CA HIS E 278 -40.04 -14.63 -22.43
C HIS E 278 -40.32 -15.07 -21.01
N ARG E 279 -41.07 -16.16 -20.87
CA ARG E 279 -41.34 -16.77 -19.57
C ARG E 279 -41.32 -18.28 -19.69
N LEU E 280 -40.33 -18.89 -19.05
CA LEU E 280 -40.23 -20.34 -19.08
C LEU E 280 -40.85 -20.89 -17.82
N ARG E 281 -41.94 -21.65 -17.98
CA ARG E 281 -42.62 -22.25 -16.82
C ARG E 281 -41.94 -23.55 -16.45
N ALA E 282 -42.10 -23.99 -15.21
CA ALA E 282 -41.49 -25.24 -14.80
C ALA E 282 -42.44 -26.40 -15.09
N GLU E 283 -41.99 -27.61 -14.80
CA GLU E 283 -42.79 -28.79 -15.07
C GLU E 283 -43.36 -29.48 -13.84
N GLN E 284 -42.68 -29.35 -12.70
CA GLN E 284 -43.15 -30.01 -11.49
C GLN E 284 -43.20 -29.10 -10.24
N MET E 285 -44.37 -29.03 -9.63
CA MET E 285 -44.56 -28.24 -8.41
C MET E 285 -43.57 -28.61 -7.33
N ALA E 286 -43.06 -27.60 -6.63
CA ALA E 286 -42.08 -27.76 -5.55
C ALA E 286 -40.70 -28.17 -6.03
N SER E 287 -40.51 -28.28 -7.34
CA SER E 287 -39.21 -28.68 -7.87
C SER E 287 -38.17 -27.55 -7.82
N TYR E 288 -38.62 -26.36 -7.40
CA TYR E 288 -37.79 -25.16 -7.27
C TYR E 288 -37.12 -24.73 -8.57
N PHE E 289 -37.89 -24.76 -9.63
CA PHE E 289 -37.41 -24.36 -10.93
C PHE E 289 -37.12 -22.87 -10.91
N GLY E 290 -35.86 -22.52 -11.13
CA GLY E 290 -35.48 -21.11 -11.13
C GLY E 290 -34.61 -20.77 -9.94
N HIS E 291 -34.22 -21.77 -9.18
CA HIS E 291 -33.37 -21.58 -8.03
C HIS E 291 -31.98 -21.14 -8.49
N SER E 292 -31.61 -21.57 -9.70
CA SER E 292 -30.34 -21.25 -10.30
C SER E 292 -30.61 -20.86 -11.73
N VAL E 293 -29.77 -20.01 -12.28
CA VAL E 293 -29.90 -19.59 -13.67
C VAL E 293 -28.51 -19.23 -14.12
N ALA E 294 -28.21 -19.52 -15.39
CA ALA E 294 -26.89 -19.23 -15.93
C ALA E 294 -27.02 -18.84 -17.39
N VAL E 295 -26.14 -17.94 -17.83
CA VAL E 295 -26.17 -17.49 -19.20
C VAL E 295 -24.80 -17.71 -19.82
N THR E 296 -24.76 -18.50 -20.89
CA THR E 296 -23.52 -18.81 -21.59
C THR E 296 -23.83 -19.44 -22.93
N ASP E 297 -23.04 -19.07 -23.93
CA ASP E 297 -23.19 -19.59 -25.29
C ASP E 297 -22.47 -20.93 -25.35
N VAL E 298 -23.23 -22.02 -25.24
CA VAL E 298 -22.67 -23.39 -25.25
C VAL E 298 -22.52 -24.05 -26.62
N ASN E 299 -23.06 -23.43 -27.67
CA ASN E 299 -22.98 -24.03 -29.01
C ASN E 299 -22.30 -23.14 -30.06
N GLY E 300 -21.40 -22.28 -29.62
CA GLY E 300 -20.67 -21.42 -30.53
C GLY E 300 -21.41 -20.61 -31.57
N ASP E 301 -22.73 -20.46 -31.45
CA ASP E 301 -23.48 -19.68 -32.45
C ASP E 301 -23.36 -18.16 -32.26
N GLY E 302 -22.72 -17.74 -31.18
CA GLY E 302 -22.58 -16.32 -30.89
C GLY E 302 -23.83 -15.73 -30.26
N ARG E 303 -24.64 -16.61 -29.65
CA ARG E 303 -25.87 -16.19 -29.00
C ARG E 303 -26.02 -16.89 -27.67
N HIS E 304 -26.27 -16.10 -26.63
CA HIS E 304 -26.43 -16.62 -25.29
C HIS E 304 -27.47 -17.71 -25.16
N ASP E 305 -27.14 -18.74 -24.40
CA ASP E 305 -28.03 -19.85 -24.18
C ASP E 305 -28.34 -19.86 -22.67
N LEU E 306 -29.58 -20.19 -22.33
CA LEU E 306 -30.03 -20.19 -20.95
C LEU E 306 -30.01 -21.54 -20.24
N LEU E 307 -29.62 -21.54 -18.98
CA LEU E 307 -29.59 -22.76 -18.17
C LEU E 307 -30.36 -22.55 -16.89
N VAL E 308 -31.27 -23.47 -16.56
CA VAL E 308 -32.08 -23.34 -15.36
C VAL E 308 -31.99 -24.55 -14.45
N GLY E 309 -31.95 -24.32 -13.14
CA GLY E 309 -31.88 -25.43 -12.20
C GLY E 309 -33.13 -25.63 -11.36
N ALA E 310 -33.47 -26.89 -11.10
CA ALA E 310 -34.64 -27.25 -10.28
C ALA E 310 -34.17 -28.39 -9.37
N PRO E 311 -33.30 -28.06 -8.41
CA PRO E 311 -32.69 -28.96 -7.42
C PRO E 311 -33.59 -29.97 -6.71
N LEU E 312 -34.88 -29.69 -6.70
CA LEU E 312 -35.83 -30.56 -6.02
C LEU E 312 -36.74 -31.37 -6.92
N TYR E 313 -36.44 -31.38 -8.22
CA TYR E 313 -37.26 -32.13 -9.17
C TYR E 313 -37.30 -33.60 -8.85
N MET E 314 -38.52 -34.14 -8.82
CA MET E 314 -38.73 -35.58 -8.55
C MET E 314 -38.88 -36.31 -9.87
N GLU E 315 -37.98 -37.26 -10.07
CA GLU E 315 -37.92 -38.06 -11.28
C GLU E 315 -38.87 -39.27 -11.26
N SER E 316 -39.38 -39.64 -12.42
CA SER E 316 -40.29 -40.78 -12.53
C SER E 316 -39.59 -42.15 -12.61
N ARG E 317 -39.42 -42.78 -11.46
CA ARG E 317 -38.79 -44.11 -11.39
C ARG E 317 -39.85 -45.18 -11.72
N ALA E 318 -39.39 -46.39 -12.04
CA ALA E 318 -40.29 -47.50 -12.36
C ALA E 318 -41.13 -47.89 -11.14
N ASP E 319 -42.37 -48.32 -11.42
CA ASP E 319 -43.33 -48.76 -10.40
C ASP E 319 -44.20 -47.65 -9.75
N ARG E 320 -44.55 -46.63 -10.55
CA ARG E 320 -45.40 -45.53 -10.06
C ARG E 320 -44.85 -44.69 -8.91
N LYS E 321 -43.53 -44.68 -8.75
CA LYS E 321 -42.89 -43.90 -7.68
C LYS E 321 -42.08 -42.74 -8.26
N LEU E 322 -41.78 -41.77 -7.38
CA LEU E 322 -41.01 -40.59 -7.75
C LEU E 322 -39.77 -40.49 -6.87
N ALA E 323 -38.74 -39.85 -7.39
CA ALA E 323 -37.49 -39.69 -6.63
C ALA E 323 -36.85 -38.31 -6.84
N GLU E 324 -36.64 -37.61 -5.73
CA GLU E 324 -36.04 -36.28 -5.72
C GLU E 324 -34.56 -36.38 -6.03
N VAL E 325 -34.15 -35.79 -7.15
CA VAL E 325 -32.76 -35.82 -7.55
C VAL E 325 -32.36 -34.49 -8.17
N GLY E 326 -33.35 -33.72 -8.58
CA GLY E 326 -33.11 -32.43 -9.19
C GLY E 326 -32.78 -32.57 -10.66
N ARG E 327 -33.14 -31.57 -11.45
CA ARG E 327 -32.91 -31.58 -12.89
C ARG E 327 -32.45 -30.20 -13.36
N VAL E 328 -31.78 -30.15 -14.52
CA VAL E 328 -31.28 -28.92 -15.13
C VAL E 328 -31.85 -28.83 -16.53
N TYR E 329 -32.19 -27.62 -16.98
CA TYR E 329 -32.79 -27.42 -18.30
C TYR E 329 -31.90 -26.54 -19.17
N LEU E 330 -31.86 -26.84 -20.45
CA LEU E 330 -31.05 -26.05 -21.37
C LEU E 330 -31.94 -25.37 -22.39
N PHE E 331 -31.83 -24.05 -22.51
CA PHE E 331 -32.62 -23.31 -23.48
C PHE E 331 -31.68 -22.63 -24.46
N LEU E 332 -31.84 -22.97 -25.74
CA LEU E 332 -30.94 -22.41 -26.75
C LEU E 332 -31.56 -21.24 -27.45
N GLN E 333 -30.84 -20.13 -27.47
CA GLN E 333 -31.38 -18.98 -28.15
C GLN E 333 -31.19 -19.19 -29.66
N PRO E 334 -32.33 -18.96 -30.38
CA PRO E 334 -32.37 -19.09 -31.85
C PRO E 334 -31.48 -18.07 -32.54
N ARG E 335 -31.63 -17.99 -33.85
CA ARG E 335 -30.83 -17.13 -34.67
C ARG E 335 -31.71 -16.21 -35.50
N GLY E 336 -32.89 -16.67 -35.79
CA GLY E 336 -33.83 -15.91 -36.57
C GLY E 336 -34.42 -14.77 -35.75
N PRO E 337 -35.41 -14.07 -36.30
CA PRO E 337 -36.03 -13.04 -35.55
C PRO E 337 -36.67 -13.61 -34.27
N HIS E 338 -36.59 -14.95 -33.97
CA HIS E 338 -37.37 -15.29 -32.78
C HIS E 338 -36.68 -15.58 -31.45
N ALA E 339 -37.45 -16.35 -30.70
CA ALA E 339 -37.16 -16.57 -29.33
C ALA E 339 -37.13 -17.97 -28.81
N LEU E 340 -36.79 -18.06 -27.53
CA LEU E 340 -36.72 -19.33 -26.81
C LEU E 340 -38.04 -20.07 -26.88
N GLY E 341 -37.95 -21.39 -26.90
CA GLY E 341 -39.15 -22.20 -26.95
C GLY E 341 -39.06 -23.25 -25.87
N ALA E 342 -39.09 -24.51 -26.26
CA ALA E 342 -39.00 -25.60 -25.30
C ALA E 342 -37.56 -26.00 -25.03
N PRO E 343 -37.31 -26.75 -23.94
CA PRO E 343 -35.97 -27.19 -23.58
C PRO E 343 -35.28 -28.06 -24.63
N SER E 344 -34.01 -27.76 -24.90
CA SER E 344 -33.19 -28.48 -25.88
C SER E 344 -32.51 -29.71 -25.31
N LEU E 345 -32.41 -29.79 -23.98
CA LEU E 345 -31.79 -30.94 -23.32
C LEU E 345 -32.17 -30.92 -21.85
N LEU E 346 -32.32 -32.09 -21.25
CA LEU E 346 -32.70 -32.19 -19.85
C LEU E 346 -31.74 -33.05 -19.06
N LEU E 347 -30.82 -32.40 -18.33
CA LEU E 347 -29.85 -33.14 -17.53
C LEU E 347 -30.50 -33.39 -16.17
N THR E 348 -30.57 -34.65 -15.75
CA THR E 348 -31.21 -34.92 -14.47
C THR E 348 -30.40 -35.79 -13.50
N GLY E 349 -30.51 -35.44 -12.22
CA GLY E 349 -29.78 -36.11 -11.15
C GLY E 349 -29.90 -37.60 -11.06
N THR E 350 -28.93 -38.21 -10.37
CA THR E 350 -28.89 -39.65 -10.22
C THR E 350 -28.97 -40.10 -8.77
N GLN E 351 -28.41 -39.29 -7.88
CA GLN E 351 -28.43 -39.62 -6.45
C GLN E 351 -29.64 -39.02 -5.75
N LEU E 352 -30.29 -39.83 -4.92
CA LEU E 352 -31.48 -39.38 -4.16
C LEU E 352 -31.10 -38.27 -3.18
N TYR E 353 -31.91 -37.20 -3.18
CA TYR E 353 -31.74 -36.04 -2.31
C TYR E 353 -30.44 -35.28 -2.61
N GLY E 354 -29.94 -35.41 -3.84
CA GLY E 354 -28.69 -34.77 -4.21
C GLY E 354 -28.76 -33.31 -4.56
N ARG E 355 -29.98 -32.80 -4.73
CA ARG E 355 -30.18 -31.41 -5.05
C ARG E 355 -29.35 -31.02 -6.27
N PHE E 356 -29.37 -31.88 -7.27
CA PHE E 356 -28.65 -31.64 -8.52
C PHE E 356 -29.27 -30.41 -9.16
N GLY E 357 -28.44 -29.50 -9.64
CA GLY E 357 -28.94 -28.29 -10.29
C GLY E 357 -29.11 -27.08 -9.38
N SER E 358 -28.58 -27.15 -8.17
CA SER E 358 -28.68 -26.05 -7.23
C SER E 358 -27.63 -24.98 -7.49
N ALA E 359 -26.73 -25.23 -8.45
CA ALA E 359 -25.67 -24.28 -8.79
C ALA E 359 -25.19 -24.62 -10.19
N ILE E 360 -25.08 -23.61 -11.05
CA ILE E 360 -24.63 -23.84 -12.43
C ILE E 360 -23.66 -22.75 -12.85
N ALA E 361 -22.37 -23.10 -12.90
CA ALA E 361 -21.32 -22.17 -13.26
C ALA E 361 -20.79 -22.33 -14.68
N PRO E 362 -20.86 -21.27 -15.49
CA PRO E 362 -20.34 -21.41 -16.85
C PRO E 362 -18.83 -21.27 -16.89
N LEU E 363 -18.13 -22.37 -17.20
CA LEU E 363 -16.67 -22.36 -17.34
C LEU E 363 -16.46 -21.74 -18.71
N GLY E 364 -15.22 -21.42 -19.07
CA GLY E 364 -15.02 -20.86 -20.39
C GLY E 364 -14.99 -21.97 -21.42
N ASP E 365 -13.86 -22.14 -22.08
CA ASP E 365 -13.68 -23.21 -23.03
C ASP E 365 -12.61 -24.09 -22.40
N LEU E 366 -13.04 -24.85 -21.40
CA LEU E 366 -12.19 -25.76 -20.65
C LEU E 366 -11.23 -26.58 -21.50
N ASP E 367 -11.71 -27.06 -22.64
CA ASP E 367 -10.92 -27.90 -23.55
C ASP E 367 -10.36 -27.22 -24.79
N ARG E 368 -10.66 -25.94 -24.98
CA ARG E 368 -10.19 -25.17 -26.13
C ARG E 368 -10.78 -25.60 -27.49
N ASP E 369 -11.83 -26.42 -27.44
CA ASP E 369 -12.46 -26.90 -28.68
C ASP E 369 -13.30 -25.88 -29.44
N GLY E 370 -13.62 -24.76 -28.82
CA GLY E 370 -14.42 -23.72 -29.47
C GLY E 370 -15.87 -23.64 -29.03
N TYR E 371 -16.28 -24.54 -28.14
CA TYR E 371 -17.64 -24.57 -27.62
C TYR E 371 -17.57 -24.43 -26.10
N ASN E 372 -18.22 -23.41 -25.56
CA ASN E 372 -18.18 -23.18 -24.11
C ASN E 372 -18.80 -24.32 -23.32
N ASP E 373 -18.15 -24.68 -22.21
CA ASP E 373 -18.60 -25.75 -21.34
C ASP E 373 -19.19 -25.19 -20.03
N ILE E 374 -19.79 -26.06 -19.21
CA ILE E 374 -20.39 -25.65 -17.94
C ILE E 374 -20.18 -26.69 -16.83
N ALA E 375 -20.48 -26.30 -15.60
CA ALA E 375 -20.35 -27.20 -14.44
C ALA E 375 -21.63 -27.14 -13.63
N VAL E 376 -22.06 -28.26 -13.06
CA VAL E 376 -23.31 -28.33 -12.31
C VAL E 376 -23.16 -28.94 -10.93
N ALA E 377 -23.72 -28.28 -9.92
CA ALA E 377 -23.60 -28.77 -8.56
C ALA E 377 -24.76 -29.63 -8.05
N ALA E 378 -24.41 -30.55 -7.17
CA ALA E 378 -25.32 -31.48 -6.50
C ALA E 378 -24.63 -31.66 -5.15
N PRO E 379 -24.78 -30.66 -4.26
CA PRO E 379 -24.24 -30.54 -2.91
C PRO E 379 -24.40 -31.74 -2.02
N TYR E 380 -25.34 -32.61 -2.36
CA TYR E 380 -25.56 -33.79 -1.55
C TYR E 380 -25.63 -35.03 -2.43
N GLY E 381 -25.04 -34.91 -3.63
CA GLY E 381 -24.99 -36.00 -4.59
C GLY E 381 -23.84 -36.98 -4.38
N GLY E 382 -23.57 -37.81 -5.39
CA GLY E 382 -22.50 -38.78 -5.26
C GLY E 382 -22.97 -39.97 -4.41
N PRO E 383 -22.32 -41.14 -4.54
CA PRO E 383 -22.66 -42.35 -3.80
C PRO E 383 -22.75 -42.17 -2.28
N SER E 384 -21.75 -41.48 -1.72
CA SER E 384 -21.70 -41.23 -0.29
C SER E 384 -22.64 -40.11 0.18
N GLY E 385 -23.20 -39.37 -0.77
CA GLY E 385 -24.10 -38.27 -0.44
C GLY E 385 -23.37 -37.05 0.08
N ARG E 386 -22.06 -37.02 -0.15
CA ARG E 386 -21.20 -35.93 0.29
C ARG E 386 -21.09 -34.80 -0.72
N GLY E 387 -21.80 -34.93 -1.84
CA GLY E 387 -21.81 -33.89 -2.86
C GLY E 387 -20.81 -34.04 -3.99
N GLN E 388 -21.18 -33.52 -5.16
CA GLN E 388 -20.30 -33.57 -6.33
C GLN E 388 -20.62 -32.56 -7.43
N VAL E 389 -19.61 -32.21 -8.22
CA VAL E 389 -19.77 -31.27 -9.31
C VAL E 389 -19.57 -32.02 -10.63
N LEU E 390 -20.49 -31.83 -11.56
CA LEU E 390 -20.41 -32.50 -12.84
C LEU E 390 -20.09 -31.54 -13.99
N VAL E 391 -19.05 -31.86 -14.76
CA VAL E 391 -18.68 -31.00 -15.89
C VAL E 391 -19.39 -31.48 -17.16
N PHE E 392 -20.01 -30.55 -17.87
CA PHE E 392 -20.72 -30.88 -19.10
C PHE E 392 -20.15 -30.02 -20.22
N LEU E 393 -19.63 -30.66 -21.25
CA LEU E 393 -19.02 -29.95 -22.37
C LEU E 393 -19.97 -29.42 -23.41
N GLY E 394 -19.59 -28.31 -24.01
CA GLY E 394 -20.39 -27.70 -25.05
C GLY E 394 -20.18 -28.44 -26.35
N GLN E 395 -21.23 -28.49 -27.15
CA GLN E 395 -21.23 -29.21 -28.42
C GLN E 395 -22.00 -28.40 -29.47
N SER E 396 -21.88 -28.81 -30.72
CA SER E 396 -22.59 -28.12 -31.81
C SER E 396 -24.10 -28.15 -31.62
N GLU E 397 -24.60 -29.21 -30.99
CA GLU E 397 -26.02 -29.40 -30.75
C GLU E 397 -26.51 -28.92 -29.39
N GLY E 398 -25.60 -28.39 -28.58
CA GLY E 398 -25.95 -27.90 -27.25
C GLY E 398 -24.99 -28.38 -26.18
N LEU E 399 -25.35 -29.46 -25.50
CA LEU E 399 -24.53 -30.04 -24.44
C LEU E 399 -24.60 -31.56 -24.49
N ARG E 400 -23.55 -32.23 -24.04
CA ARG E 400 -23.53 -33.69 -24.02
C ARG E 400 -24.42 -34.13 -22.88
N SER E 401 -25.20 -35.18 -23.10
CA SER E 401 -26.11 -35.68 -22.07
C SER E 401 -25.31 -36.35 -20.94
N ARG E 402 -24.05 -36.62 -21.22
CA ARG E 402 -23.17 -37.27 -20.27
C ARG E 402 -22.03 -36.38 -19.82
N PRO E 403 -21.75 -36.38 -18.50
CA PRO E 403 -20.67 -35.57 -17.94
C PRO E 403 -19.27 -36.01 -18.38
N SER E 404 -18.47 -35.06 -18.86
CA SER E 404 -17.10 -35.33 -19.29
C SER E 404 -16.20 -35.60 -18.08
N GLN E 405 -16.67 -35.25 -16.89
CA GLN E 405 -15.93 -35.46 -15.65
C GLN E 405 -16.84 -35.26 -14.44
N VAL E 406 -16.47 -35.88 -13.32
CA VAL E 406 -17.22 -35.76 -12.09
C VAL E 406 -16.26 -35.51 -10.94
N LEU E 407 -16.42 -34.35 -10.30
CA LEU E 407 -15.58 -33.96 -9.18
C LEU E 407 -16.24 -34.33 -7.86
N ASP E 408 -15.66 -35.28 -7.14
CA ASP E 408 -16.20 -35.70 -5.86
C ASP E 408 -15.71 -34.82 -4.71
N SER E 409 -16.62 -34.52 -3.79
CA SER E 409 -16.30 -33.68 -2.64
C SER E 409 -15.21 -34.25 -1.78
N PRO E 410 -14.16 -33.45 -1.53
CA PRO E 410 -13.02 -33.84 -0.72
C PRO E 410 -13.25 -33.49 0.75
N PHE E 411 -14.46 -33.02 1.08
CA PHE E 411 -14.83 -32.61 2.44
C PHE E 411 -15.81 -33.58 3.12
N PRO E 412 -16.03 -33.43 4.45
CA PRO E 412 -16.95 -34.31 5.18
C PRO E 412 -18.40 -34.24 4.71
N THR E 413 -19.28 -34.92 5.45
CA THR E 413 -20.70 -34.96 5.14
C THR E 413 -21.30 -33.62 5.60
N GLY E 414 -22.26 -33.11 4.85
CA GLY E 414 -22.89 -31.86 5.21
C GLY E 414 -22.07 -30.62 4.84
N SER E 415 -20.95 -30.83 4.15
CA SER E 415 -20.10 -29.73 3.72
C SER E 415 -20.78 -28.88 2.65
N ALA E 416 -21.88 -29.38 2.10
CA ALA E 416 -22.63 -28.66 1.07
C ALA E 416 -21.79 -28.28 -0.13
N PHE E 417 -20.73 -29.06 -0.34
CA PHE E 417 -19.79 -28.92 -1.48
C PHE E 417 -20.50 -28.63 -2.81
N GLY E 418 -20.20 -27.49 -3.41
CA GLY E 418 -20.81 -27.14 -4.68
C GLY E 418 -21.93 -26.12 -4.61
N PHE E 419 -22.49 -25.91 -3.42
CA PHE E 419 -23.58 -24.94 -3.23
C PHE E 419 -23.22 -23.62 -3.93
N SER E 420 -21.93 -23.31 -3.94
CA SER E 420 -21.38 -22.13 -4.55
C SER E 420 -20.39 -22.57 -5.64
N LEU E 421 -20.50 -21.98 -6.83
CA LEU E 421 -19.64 -22.32 -7.97
C LEU E 421 -19.24 -21.14 -8.83
N ARG E 422 -17.98 -21.13 -9.24
CA ARG E 422 -17.52 -20.08 -10.14
C ARG E 422 -16.37 -20.57 -10.99
N GLY E 423 -16.36 -20.11 -12.24
CA GLY E 423 -15.31 -20.48 -13.17
C GLY E 423 -15.16 -19.44 -14.27
N ALA E 424 -14.61 -19.87 -15.41
CA ALA E 424 -14.38 -19.01 -16.59
C ALA E 424 -13.27 -17.98 -16.43
N VAL E 425 -12.37 -18.21 -15.47
CA VAL E 425 -11.24 -17.31 -15.22
C VAL E 425 -9.93 -18.06 -14.96
N ASP E 426 -8.84 -17.50 -15.49
CA ASP E 426 -7.49 -18.05 -15.36
C ASP E 426 -6.85 -17.66 -14.01
N ILE E 427 -7.05 -18.48 -12.99
CA ILE E 427 -6.50 -18.19 -11.64
C ILE E 427 -4.97 -18.22 -11.57
N ASP E 428 -4.37 -19.25 -12.16
CA ASP E 428 -2.91 -19.42 -12.18
C ASP E 428 -2.33 -18.85 -13.47
N ASP E 429 -3.21 -18.65 -14.44
CA ASP E 429 -2.90 -18.11 -15.77
C ASP E 429 -1.97 -18.99 -16.63
N ASN E 430 -2.48 -20.15 -17.00
CA ASN E 430 -1.73 -21.07 -17.85
C ASN E 430 -2.44 -21.15 -19.21
N GLY E 431 -3.26 -20.13 -19.49
CA GLY E 431 -4.02 -20.06 -20.73
C GLY E 431 -5.31 -20.87 -20.71
N TYR E 432 -5.62 -21.46 -19.56
CA TYR E 432 -6.81 -22.30 -19.37
C TYR E 432 -7.69 -21.90 -18.17
N PRO E 433 -9.02 -21.80 -18.39
CA PRO E 433 -10.01 -21.44 -17.37
C PRO E 433 -10.00 -22.42 -16.19
N ASP E 434 -10.26 -21.92 -14.99
CA ASP E 434 -10.27 -22.76 -13.79
C ASP E 434 -11.61 -22.73 -13.06
N LEU E 435 -11.72 -23.54 -12.00
CA LEU E 435 -12.96 -23.63 -11.26
C LEU E 435 -12.78 -23.62 -9.75
N ILE E 436 -13.53 -22.74 -9.08
CA ILE E 436 -13.53 -22.65 -7.62
C ILE E 436 -14.89 -23.17 -7.14
N VAL E 437 -14.85 -23.98 -6.09
CA VAL E 437 -16.04 -24.59 -5.53
C VAL E 437 -16.14 -24.31 -4.03
N GLY E 438 -17.31 -23.86 -3.59
CA GLY E 438 -17.49 -23.54 -2.19
C GLY E 438 -18.20 -24.60 -1.39
N ALA E 439 -17.68 -24.89 -0.22
CA ALA E 439 -18.27 -25.87 0.68
C ALA E 439 -18.53 -25.14 1.98
N TYR E 440 -19.59 -24.32 1.99
CA TYR E 440 -19.93 -23.52 3.17
C TYR E 440 -20.10 -24.32 4.44
N GLY E 441 -20.45 -25.59 4.30
CA GLY E 441 -20.64 -26.44 5.47
C GLY E 441 -19.34 -26.73 6.18
N ALA E 442 -18.24 -26.79 5.45
CA ALA E 442 -16.94 -27.05 6.07
C ALA E 442 -16.12 -25.78 6.21
N ASN E 443 -16.73 -24.65 5.84
CA ASN E 443 -16.09 -23.35 5.91
C ASN E 443 -14.87 -23.32 5.00
N GLN E 444 -14.91 -24.08 3.91
CA GLN E 444 -13.80 -24.12 2.98
C GLN E 444 -14.15 -23.95 1.52
N VAL E 445 -13.14 -23.61 0.73
CA VAL E 445 -13.29 -23.42 -0.70
C VAL E 445 -12.20 -24.26 -1.36
N ALA E 446 -12.54 -24.95 -2.46
CA ALA E 446 -11.58 -25.78 -3.16
C ALA E 446 -11.39 -25.33 -4.59
N VAL E 447 -10.14 -25.07 -4.98
CA VAL E 447 -9.81 -24.64 -6.33
C VAL E 447 -9.37 -25.81 -7.21
N TYR E 448 -9.84 -25.82 -8.45
CA TYR E 448 -9.51 -26.85 -9.43
C TYR E 448 -8.86 -26.21 -10.66
N ARG E 449 -7.68 -26.70 -11.04
CA ARG E 449 -6.99 -26.15 -12.20
C ARG E 449 -7.05 -27.02 -13.46
N ALA E 450 -7.01 -26.36 -14.62
CA ALA E 450 -7.06 -27.03 -15.92
C ALA E 450 -5.78 -27.83 -16.28
N GLN E 451 -4.71 -27.14 -16.66
CA GLN E 451 -3.45 -27.80 -17.04
C GLN E 451 -2.29 -27.36 -16.12
N PRO E 452 -2.27 -27.84 -14.85
CA PRO E 452 -1.21 -27.49 -13.88
C PRO E 452 0.19 -27.91 -14.34
N GLY F 1 -51.25 -111.54 1.55
CA GLY F 1 -49.86 -112.08 1.58
C GLY F 1 -49.09 -111.64 2.83
N PRO F 2 -47.74 -111.62 2.77
CA PRO F 2 -46.88 -111.23 3.88
C PRO F 2 -46.88 -109.73 4.09
N ASN F 3 -47.04 -109.28 5.33
CA ASN F 3 -47.03 -107.86 5.63
C ASN F 3 -46.00 -107.48 6.68
N ILE F 4 -45.78 -106.18 6.80
CA ILE F 4 -44.82 -105.62 7.75
C ILE F 4 -44.94 -106.15 9.19
N CYS F 5 -46.16 -106.52 9.61
CA CYS F 5 -46.37 -107.05 10.96
C CYS F 5 -45.91 -108.51 11.07
N THR F 6 -46.42 -109.35 10.15
CA THR F 6 -46.07 -110.74 10.10
C THR F 6 -44.56 -110.93 9.90
N THR F 7 -43.85 -110.01 9.15
CA THR F 7 -42.45 -110.34 8.69
C THR F 7 -41.20 -110.17 9.57
N ARG F 8 -40.99 -109.05 10.22
CA ARG F 8 -39.92 -108.94 11.17
C ARG F 8 -40.70 -108.44 12.37
N GLY F 9 -41.43 -109.37 12.98
CA GLY F 9 -42.19 -109.06 14.15
C GLY F 9 -41.59 -109.84 15.29
N VAL F 10 -41.25 -109.14 16.36
CA VAL F 10 -40.69 -109.81 17.52
C VAL F 10 -41.76 -109.89 18.61
N SER F 11 -41.45 -110.69 19.63
CA SER F 11 -42.28 -111.06 20.78
C SER F 11 -42.89 -110.14 21.88
N SER F 12 -43.69 -109.14 21.56
CA SER F 12 -44.27 -108.35 22.62
C SER F 12 -45.32 -107.46 22.06
N CYS F 13 -46.41 -107.29 22.79
CA CYS F 13 -47.49 -106.46 22.31
C CYS F 13 -47.06 -105.02 22.12
N GLN F 14 -46.16 -104.58 22.99
CA GLN F 14 -45.67 -103.21 22.97
C GLN F 14 -44.72 -102.87 21.82
N GLN F 15 -43.86 -103.83 21.44
CA GLN F 15 -42.90 -103.63 20.35
C GLN F 15 -43.52 -103.84 18.98
N CYS F 16 -44.69 -104.50 18.96
CA CYS F 16 -45.42 -104.77 17.73
C CYS F 16 -45.98 -103.46 17.19
N LEU F 17 -46.57 -102.67 18.08
CA LEU F 17 -47.16 -101.39 17.73
C LEU F 17 -46.10 -100.44 17.19
N ALA F 18 -44.84 -100.70 17.54
CA ALA F 18 -43.73 -99.87 17.11
C ALA F 18 -43.30 -100.06 15.67
N VAL F 19 -43.97 -100.97 14.96
CA VAL F 19 -43.63 -101.25 13.56
C VAL F 19 -44.48 -100.47 12.55
N SER F 20 -45.76 -100.28 12.85
CA SER F 20 -46.65 -99.55 11.96
C SER F 20 -48.05 -99.36 12.54
N PRO F 21 -48.65 -98.18 12.30
CA PRO F 21 -49.99 -97.79 12.76
C PRO F 21 -51.10 -98.78 12.45
N MET F 22 -50.79 -99.75 11.59
CA MET F 22 -51.76 -100.77 11.19
C MET F 22 -51.59 -102.09 11.95
N CYS F 23 -50.39 -102.34 12.48
CA CYS F 23 -50.12 -103.56 13.22
C CYS F 23 -50.96 -103.69 14.48
N ALA F 24 -51.33 -104.92 14.80
CA ALA F 24 -52.12 -105.19 15.99
C ALA F 24 -51.46 -106.30 16.81
N TRP F 25 -52.23 -106.85 17.74
CA TRP F 25 -51.78 -107.93 18.62
C TRP F 25 -53.00 -108.56 19.30
N CYS F 26 -52.98 -109.88 19.40
CA CYS F 26 -54.08 -110.62 20.03
C CYS F 26 -53.54 -111.59 21.07
N SER F 27 -53.41 -111.12 22.31
CA SER F 27 -52.92 -111.93 23.43
C SER F 27 -54.10 -112.71 24.01
N ASP F 28 -54.12 -114.02 23.74
CA ASP F 28 -55.19 -114.90 24.20
C ASP F 28 -54.64 -116.31 24.43
N GLU F 29 -55.54 -117.27 24.65
CA GLU F 29 -55.16 -118.66 24.87
C GLU F 29 -55.43 -119.48 23.60
N ALA F 30 -56.60 -119.27 23.01
CA ALA F 30 -57.03 -119.97 21.79
C ALA F 30 -56.23 -119.51 20.56
N LEU F 31 -54.93 -119.81 20.59
CA LEU F 31 -54.00 -119.44 19.51
C LEU F 31 -52.89 -120.45 19.26
N PRO F 32 -52.86 -121.05 18.05
CA PRO F 32 -51.83 -122.04 17.69
C PRO F 32 -50.46 -121.36 17.69
N LEU F 33 -49.40 -122.11 17.96
CA LEU F 33 -48.06 -121.53 17.97
C LEU F 33 -47.58 -121.15 16.57
N GLY F 34 -48.36 -121.55 15.56
CA GLY F 34 -48.02 -121.26 14.17
C GLY F 34 -48.66 -119.98 13.64
N SER F 35 -49.61 -119.44 14.40
CA SER F 35 -50.33 -118.21 14.03
C SER F 35 -49.83 -117.05 14.89
N PRO F 36 -48.84 -116.27 14.39
CA PRO F 36 -48.29 -115.12 15.13
C PRO F 36 -49.34 -114.11 15.55
N ARG F 37 -49.04 -113.36 16.62
CA ARG F 37 -49.96 -112.36 17.15
C ARG F 37 -49.79 -110.97 16.52
N CYS F 38 -48.54 -110.60 16.22
CA CYS F 38 -48.27 -109.31 15.61
C CYS F 38 -48.61 -109.32 14.13
N ASP F 39 -49.81 -108.82 13.82
CA ASP F 39 -50.31 -108.79 12.45
C ASP F 39 -51.52 -107.84 12.33
N LEU F 40 -51.98 -107.62 11.10
CA LEU F 40 -53.12 -106.75 10.84
C LEU F 40 -54.34 -107.22 11.65
N LYS F 41 -55.15 -106.28 12.10
CA LYS F 41 -56.34 -106.60 12.89
C LYS F 41 -57.31 -107.49 12.12
N GLU F 42 -57.59 -107.12 10.88
CA GLU F 42 -58.51 -107.87 10.03
C GLU F 42 -58.11 -109.34 9.87
N ASN F 43 -56.81 -109.61 9.95
CA ASN F 43 -56.30 -110.97 9.81
C ASN F 43 -56.14 -111.65 11.17
N LEU F 44 -56.91 -111.21 12.15
CA LEU F 44 -56.90 -111.78 13.48
C LEU F 44 -58.30 -112.29 13.77
N LEU F 45 -59.30 -111.49 13.38
CA LEU F 45 -60.69 -111.88 13.56
C LEU F 45 -61.01 -112.94 12.50
N LYS F 46 -60.04 -113.18 11.62
CA LYS F 46 -60.15 -114.17 10.55
C LYS F 46 -59.51 -115.46 11.07
N ASP F 47 -58.44 -115.31 11.85
CA ASP F 47 -57.72 -116.44 12.44
C ASP F 47 -58.36 -116.92 13.74
N ASN F 48 -59.64 -116.57 13.93
CA ASN F 48 -60.42 -116.95 15.10
C ASN F 48 -59.80 -116.51 16.43
N CYS F 49 -59.62 -115.19 16.57
CA CYS F 49 -59.06 -114.63 17.79
C CYS F 49 -60.14 -113.87 18.53
N ALA F 50 -60.17 -114.02 19.85
CA ALA F 50 -61.16 -113.37 20.69
C ALA F 50 -61.14 -111.86 20.49
N PRO F 51 -62.28 -111.29 20.08
CA PRO F 51 -62.42 -109.84 19.85
C PRO F 51 -62.13 -109.03 21.11
N GLU F 52 -61.95 -109.73 22.23
CA GLU F 52 -61.68 -109.08 23.52
C GLU F 52 -60.20 -109.12 23.92
N SER F 53 -59.42 -109.95 23.23
CA SER F 53 -57.99 -110.08 23.51
C SER F 53 -57.12 -109.23 22.60
N ILE F 54 -57.73 -108.65 21.58
CA ILE F 54 -57.03 -107.81 20.60
C ILE F 54 -56.64 -106.42 21.13
N GLU F 55 -55.38 -106.06 20.90
CA GLU F 55 -54.85 -104.77 21.32
C GLU F 55 -54.54 -103.91 20.09
N PHE F 56 -55.54 -103.16 19.63
CA PHE F 56 -55.39 -102.29 18.46
C PHE F 56 -55.58 -100.81 18.79
N PRO F 57 -54.48 -100.12 19.13
CA PRO F 57 -54.46 -98.70 19.48
C PRO F 57 -54.84 -97.78 18.32
N VAL F 58 -55.99 -97.10 18.46
CA VAL F 58 -56.49 -96.18 17.43
C VAL F 58 -56.36 -94.71 17.83
N SER F 59 -55.68 -93.93 16.99
CA SER F 59 -55.48 -92.51 17.25
C SER F 59 -56.79 -91.76 17.00
N GLU F 60 -57.13 -90.84 17.89
CA GLU F 60 -58.39 -90.11 17.75
C GLU F 60 -58.33 -88.58 17.64
N ALA F 61 -57.80 -87.91 18.66
CA ALA F 61 -57.73 -86.45 18.69
C ALA F 61 -59.14 -85.86 18.67
N ARG F 62 -59.82 -85.93 19.82
CA ARG F 62 -61.18 -85.44 19.96
C ARG F 62 -61.26 -84.02 20.51
N VAL F 63 -62.28 -83.28 20.04
CA VAL F 63 -62.53 -81.89 20.44
C VAL F 63 -62.82 -81.81 21.94
N LEU F 64 -61.82 -81.40 22.71
CA LEU F 64 -61.96 -81.29 24.16
C LEU F 64 -62.97 -80.22 24.57
N GLU F 65 -62.75 -78.98 24.14
CA GLU F 65 -63.67 -77.88 24.47
C GLU F 65 -63.60 -76.70 23.51
N ASP F 66 -64.77 -76.16 23.16
CA ASP F 66 -64.86 -75.03 22.24
C ASP F 66 -66.25 -74.36 22.26
N ARG F 67 -66.40 -73.36 21.39
CA ARG F 67 -67.65 -72.61 21.23
C ARG F 67 -67.54 -71.84 19.91
N PRO F 68 -68.68 -71.50 19.30
CA PRO F 68 -68.72 -70.77 18.02
C PRO F 68 -68.07 -69.37 18.06
N LEU F 69 -67.83 -68.82 16.87
CA LEU F 69 -67.23 -67.50 16.72
C LEU F 69 -68.28 -66.43 16.95
N SER F 70 -67.97 -65.46 17.82
CA SER F 70 -68.88 -64.36 18.16
C SER F 70 -69.26 -63.51 16.94
N ASP F 71 -69.95 -62.39 17.19
CA ASP F 71 -70.30 -61.44 16.15
C ASP F 71 -69.85 -60.05 16.68
N LYS F 72 -70.74 -59.09 16.86
CA LYS F 72 -70.33 -57.74 17.30
C LYS F 72 -69.45 -57.39 18.53
N GLY F 73 -68.31 -56.74 18.26
CA GLY F 73 -67.42 -56.30 19.33
C GLY F 73 -67.75 -54.87 19.77
N SER F 74 -68.69 -54.26 19.06
CA SER F 74 -69.15 -52.90 19.33
C SER F 74 -70.40 -52.88 20.23
N GLY F 75 -70.24 -53.33 21.46
CA GLY F 75 -71.36 -53.35 22.38
C GLY F 75 -70.92 -53.96 23.69
N ASP F 76 -70.27 -55.11 23.61
CA ASP F 76 -69.81 -55.76 24.81
C ASP F 76 -68.69 -56.74 24.58
N SER F 77 -67.46 -56.25 24.49
CA SER F 77 -66.36 -57.19 24.40
C SER F 77 -66.49 -57.62 25.85
N SER F 78 -66.74 -58.91 26.03
CA SER F 78 -66.93 -59.51 27.34
C SER F 78 -65.73 -60.43 27.51
N GLN F 79 -65.81 -61.57 26.82
CA GLN F 79 -64.80 -62.60 26.77
C GLN F 79 -65.09 -63.22 25.38
N VAL F 80 -64.87 -62.43 24.34
CA VAL F 80 -65.12 -62.79 22.93
C VAL F 80 -64.05 -63.69 22.22
N THR F 81 -64.51 -64.81 21.65
CA THR F 81 -63.62 -65.74 20.93
C THR F 81 -63.74 -65.65 19.40
N GLN F 82 -62.59 -65.67 18.73
CA GLN F 82 -62.53 -65.57 17.26
C GLN F 82 -61.76 -66.72 16.61
N VAL F 83 -61.65 -67.83 17.34
CA VAL F 83 -60.96 -69.01 16.87
C VAL F 83 -61.70 -70.22 17.35
N SER F 84 -61.82 -71.16 16.41
CA SER F 84 -62.38 -72.45 16.49
C SER F 84 -61.51 -73.35 17.27
N PRO F 85 -62.07 -74.47 17.52
CA PRO F 85 -61.75 -75.33 18.68
C PRO F 85 -60.40 -75.11 19.45
N GLN F 86 -60.49 -74.18 20.49
CA GLN F 86 -59.42 -73.63 21.40
C GLN F 86 -58.62 -74.66 22.17
N ARG F 87 -59.19 -75.85 22.32
CA ARG F 87 -58.53 -76.92 23.06
C ARG F 87 -58.90 -78.28 22.49
N ILE F 88 -57.90 -79.14 22.34
CA ILE F 88 -58.10 -80.50 21.83
C ILE F 88 -57.12 -81.51 22.44
N ALA F 89 -57.61 -82.73 22.63
CA ALA F 89 -56.81 -83.83 23.17
C ALA F 89 -56.30 -84.60 21.96
N LEU F 90 -54.99 -84.67 21.81
CA LEU F 90 -54.39 -85.36 20.67
C LEU F 90 -53.79 -86.73 21.02
N ARG F 91 -54.56 -87.78 20.81
CA ARG F 91 -54.07 -89.14 21.08
C ARG F 91 -53.58 -89.76 19.79
N LEU F 92 -52.30 -90.14 19.77
CA LEU F 92 -51.70 -90.76 18.60
C LEU F 92 -50.61 -91.77 18.95
N ARG F 93 -50.64 -92.90 18.24
CA ARG F 93 -49.67 -93.99 18.44
C ARG F 93 -48.38 -93.76 17.65
N PRO F 94 -47.31 -94.52 17.96
CA PRO F 94 -46.02 -94.37 17.27
C PRO F 94 -46.06 -94.28 15.74
N ASP F 95 -45.39 -93.25 15.23
CA ASP F 95 -45.28 -92.97 13.79
C ASP F 95 -46.58 -92.63 13.07
N ASP F 96 -47.71 -92.67 13.78
CA ASP F 96 -49.00 -92.38 13.16
C ASP F 96 -49.23 -90.90 12.95
N SER F 97 -50.31 -90.56 12.26
CA SER F 97 -50.67 -89.18 11.97
C SER F 97 -52.13 -88.95 12.27
N LYS F 98 -52.49 -87.70 12.57
CA LYS F 98 -53.88 -87.36 12.86
C LYS F 98 -54.15 -85.91 12.50
N ASN F 99 -55.25 -85.69 11.80
CA ASN F 99 -55.64 -84.35 11.34
C ASN F 99 -56.81 -83.74 12.11
N PHE F 100 -56.84 -82.41 12.17
CA PHE F 100 -57.90 -81.67 12.85
C PHE F 100 -58.22 -80.32 12.19
N SER F 101 -59.37 -79.78 12.55
CA SER F 101 -59.85 -78.50 12.02
C SER F 101 -59.65 -77.29 12.94
N ILE F 102 -59.86 -76.11 12.37
CA ILE F 102 -59.75 -74.82 13.08
C ILE F 102 -60.22 -73.69 12.15
N GLN F 103 -61.00 -72.77 12.70
CA GLN F 103 -61.53 -71.64 11.93
C GLN F 103 -61.29 -70.32 12.65
N VAL F 104 -60.84 -69.30 11.91
CA VAL F 104 -60.56 -67.99 12.48
C VAL F 104 -61.49 -66.95 11.87
N ARG F 105 -61.82 -65.92 12.65
CA ARG F 105 -62.69 -64.84 12.19
C ARG F 105 -62.29 -63.51 12.80
N GLN F 106 -62.12 -62.50 11.95
CA GLN F 106 -61.75 -61.15 12.40
C GLN F 106 -63.04 -60.47 12.83
N VAL F 107 -63.36 -60.65 14.09
CA VAL F 107 -64.57 -60.10 14.62
C VAL F 107 -64.38 -58.83 15.45
N GLU F 108 -63.15 -58.65 15.93
CA GLU F 108 -62.80 -57.48 16.71
C GLU F 108 -62.62 -56.23 15.84
N ASP F 109 -62.87 -55.07 16.43
CA ASP F 109 -62.73 -53.80 15.73
C ASP F 109 -61.26 -53.43 15.51
N TYR F 110 -60.97 -52.89 14.32
CA TYR F 110 -59.63 -52.48 13.95
C TYR F 110 -59.13 -51.27 14.74
N PRO F 111 -57.86 -51.30 15.18
CA PRO F 111 -57.30 -50.18 15.96
C PRO F 111 -57.05 -49.00 14.99
N VAL F 112 -57.47 -47.80 15.39
CA VAL F 112 -57.28 -46.61 14.55
C VAL F 112 -56.69 -45.42 15.31
N ASP F 113 -55.63 -44.86 14.75
CA ASP F 113 -54.94 -43.70 15.32
C ASP F 113 -55.21 -42.45 14.48
N ILE F 114 -55.80 -41.42 15.09
CA ILE F 114 -56.09 -40.18 14.38
C ILE F 114 -55.47 -38.98 15.10
N TYR F 115 -54.52 -38.34 14.44
CA TYR F 115 -53.86 -37.16 14.97
C TYR F 115 -54.30 -35.96 14.15
N TYR F 116 -54.92 -35.00 14.82
CA TYR F 116 -55.42 -33.79 14.18
C TYR F 116 -54.36 -32.69 14.14
N LEU F 117 -54.18 -32.09 12.97
CA LEU F 117 -53.18 -31.03 12.80
C LEU F 117 -53.86 -29.70 12.44
N MET F 118 -53.97 -28.81 13.43
CA MET F 118 -54.63 -27.52 13.25
C MET F 118 -53.76 -26.31 12.87
N ASP F 119 -54.24 -25.55 11.89
CA ASP F 119 -53.59 -24.33 11.44
C ASP F 119 -54.17 -23.26 12.37
N LEU F 120 -53.33 -22.67 13.22
CA LEU F 120 -53.79 -21.66 14.16
C LEU F 120 -53.33 -20.25 13.84
N SER F 121 -53.12 -19.96 12.56
CA SER F 121 -52.70 -18.64 12.12
C SER F 121 -53.93 -17.73 12.00
N TYR F 122 -53.70 -16.42 11.98
CA TYR F 122 -54.80 -15.44 11.90
C TYR F 122 -55.76 -15.57 10.72
N SER F 123 -55.33 -16.22 9.64
CA SER F 123 -56.21 -16.40 8.48
C SER F 123 -57.24 -17.47 8.78
N MET F 124 -57.04 -18.14 9.92
CA MET F 124 -57.90 -19.20 10.39
C MET F 124 -58.97 -18.70 11.34
N LYS F 125 -58.88 -17.42 11.71
CA LYS F 125 -59.83 -16.81 12.65
C LYS F 125 -61.28 -17.14 12.30
N ASP F 126 -61.73 -16.75 11.10
CA ASP F 126 -63.11 -17.01 10.68
C ASP F 126 -63.31 -18.48 10.26
N ASP F 127 -62.30 -19.31 10.51
CA ASP F 127 -62.35 -20.74 10.18
C ASP F 127 -62.19 -21.57 11.44
N LEU F 128 -61.87 -20.91 12.55
CA LEU F 128 -61.65 -21.60 13.82
C LEU F 128 -62.79 -22.52 14.22
N TRP F 129 -64.03 -22.07 14.03
CA TRP F 129 -65.17 -22.88 14.38
C TRP F 129 -65.24 -24.14 13.52
N SER F 130 -65.02 -23.97 12.21
CA SER F 130 -65.05 -25.07 11.25
C SER F 130 -64.07 -26.19 11.57
N ILE F 131 -62.88 -25.82 12.01
CA ILE F 131 -61.88 -26.82 12.35
C ILE F 131 -62.15 -27.40 13.73
N GLN F 132 -62.78 -26.59 14.59
CA GLN F 132 -63.14 -27.03 15.94
C GLN F 132 -64.26 -28.06 15.82
N ASN F 133 -65.17 -27.82 14.88
CA ASN F 133 -66.30 -28.72 14.63
C ASN F 133 -65.76 -30.02 14.04
N LEU F 134 -65.02 -29.90 12.94
CA LEU F 134 -64.44 -31.05 12.27
C LEU F 134 -63.57 -31.89 13.20
N GLY F 135 -63.07 -31.28 14.27
CA GLY F 135 -62.24 -31.99 15.22
C GLY F 135 -63.07 -32.88 16.15
N THR F 136 -64.14 -32.31 16.68
CA THR F 136 -65.04 -33.01 17.58
C THR F 136 -65.93 -33.98 16.78
N LYS F 137 -66.44 -33.49 15.66
CA LYS F 137 -67.30 -34.27 14.77
C LYS F 137 -66.53 -35.41 14.12
N LEU F 138 -65.21 -35.39 14.27
CA LEU F 138 -64.34 -36.41 13.70
C LEU F 138 -64.33 -37.66 14.58
N ALA F 139 -64.19 -37.45 15.88
CA ALA F 139 -64.16 -38.54 16.86
C ALA F 139 -65.49 -39.28 16.91
N THR F 140 -66.56 -38.57 16.58
CA THR F 140 -67.91 -39.14 16.57
C THR F 140 -68.05 -40.16 15.44
N GLN F 141 -67.54 -39.81 14.26
CA GLN F 141 -67.61 -40.67 13.08
C GLN F 141 -66.82 -41.97 13.23
N MET F 142 -65.69 -41.91 13.93
CA MET F 142 -64.85 -43.09 14.13
C MET F 142 -65.32 -43.96 15.29
N ARG F 143 -65.96 -43.35 16.28
CA ARG F 143 -66.45 -44.08 17.44
C ARG F 143 -67.58 -45.00 16.98
N LYS F 144 -68.38 -44.50 16.04
CA LYS F 144 -69.50 -45.26 15.48
C LYS F 144 -69.05 -46.16 14.34
N LEU F 145 -67.77 -46.54 14.35
CA LEU F 145 -67.22 -47.40 13.31
C LEU F 145 -66.17 -48.34 13.88
N THR F 146 -65.76 -48.06 15.12
CA THR F 146 -64.77 -48.88 15.82
C THR F 146 -64.54 -48.32 17.22
N SER F 147 -64.60 -49.20 18.23
CA SER F 147 -64.40 -48.80 19.62
C SER F 147 -62.92 -48.73 19.98
N ASN F 148 -62.07 -49.33 19.15
CA ASN F 148 -60.62 -49.33 19.38
C ASN F 148 -60.04 -48.11 18.68
N LEU F 149 -60.15 -46.96 19.34
CA LEU F 149 -59.66 -45.70 18.79
C LEU F 149 -58.89 -44.87 19.80
N ARG F 150 -57.93 -44.11 19.28
CA ARG F 150 -57.11 -43.21 20.07
C ARG F 150 -57.08 -41.91 19.27
N ILE F 151 -57.04 -40.78 19.96
CA ILE F 151 -57.03 -39.51 19.26
C ILE F 151 -56.31 -38.40 20.04
N GLY F 152 -55.61 -37.56 19.29
CA GLY F 152 -54.88 -36.45 19.88
C GLY F 152 -54.67 -35.38 18.83
N PHE F 153 -54.10 -34.24 19.22
CA PHE F 153 -53.87 -33.18 18.26
C PHE F 153 -52.72 -32.23 18.58
N GLY F 154 -52.39 -31.41 17.59
CA GLY F 154 -51.34 -30.42 17.72
C GLY F 154 -51.66 -29.30 16.75
N ALA F 155 -51.02 -28.15 16.95
CA ALA F 155 -51.26 -27.03 16.07
C ALA F 155 -49.95 -26.45 15.55
N PHE F 156 -50.06 -25.55 14.57
CA PHE F 156 -48.90 -24.89 13.97
C PHE F 156 -49.29 -23.53 13.41
N VAL F 157 -48.27 -22.73 13.09
CA VAL F 157 -48.47 -21.41 12.48
C VAL F 157 -47.38 -21.23 11.41
N ASP F 158 -46.15 -21.00 11.86
CA ASP F 158 -45.03 -20.82 10.94
C ASP F 158 -43.74 -20.67 11.74
N LYS F 159 -42.59 -20.70 11.06
CA LYS F 159 -41.31 -20.56 11.75
C LYS F 159 -41.28 -19.21 12.43
N PRO F 160 -41.03 -19.16 13.75
CA PRO F 160 -40.97 -17.95 14.57
C PRO F 160 -39.72 -17.12 14.28
N VAL F 161 -39.61 -16.62 13.05
CA VAL F 161 -38.46 -15.83 12.66
C VAL F 161 -38.88 -14.75 11.67
N SER F 162 -38.11 -13.67 11.63
CA SER F 162 -38.37 -12.60 10.69
C SER F 162 -37.94 -13.17 9.34
N PRO F 163 -38.66 -12.85 8.25
CA PRO F 163 -39.83 -11.98 8.14
C PRO F 163 -41.18 -12.64 8.41
N TYR F 164 -41.19 -13.94 8.68
CA TYR F 164 -42.48 -14.59 8.91
C TYR F 164 -43.14 -14.02 10.16
N MET F 165 -42.35 -13.87 11.21
CA MET F 165 -42.81 -13.36 12.50
C MET F 165 -42.62 -11.85 12.69
N TYR F 166 -43.58 -11.19 13.35
CA TYR F 166 -43.48 -9.75 13.63
C TYR F 166 -42.55 -9.59 14.83
N ILE F 167 -41.50 -8.79 14.66
CA ILE F 167 -40.54 -8.61 15.75
C ILE F 167 -40.49 -7.21 16.33
N SER F 168 -41.53 -6.42 16.04
CA SER F 168 -41.63 -5.06 16.56
C SER F 168 -43.10 -4.62 16.54
N PRO F 169 -43.52 -3.86 17.57
CA PRO F 169 -42.79 -3.37 18.74
C PRO F 169 -42.52 -4.53 19.70
N PRO F 170 -41.80 -4.28 20.81
CA PRO F 170 -41.52 -5.38 21.75
C PRO F 170 -42.80 -6.07 22.23
N GLU F 171 -43.89 -5.31 22.27
CA GLU F 171 -45.17 -5.84 22.71
C GLU F 171 -45.72 -6.92 21.77
N ALA F 172 -45.33 -6.83 20.49
CA ALA F 172 -45.77 -7.78 19.47
C ALA F 172 -45.27 -9.22 19.62
N LEU F 173 -44.25 -9.42 20.45
CA LEU F 173 -43.70 -10.76 20.70
C LEU F 173 -44.69 -11.62 21.49
N GLU F 174 -45.39 -11.01 22.45
CA GLU F 174 -46.37 -11.72 23.28
C GLU F 174 -47.77 -11.56 22.70
N ASN F 175 -47.95 -10.52 21.89
CA ASN F 175 -49.24 -10.29 21.24
C ASN F 175 -49.03 -9.74 19.83
N PRO F 176 -48.93 -10.65 18.84
CA PRO F 176 -48.73 -10.34 17.41
C PRO F 176 -49.86 -9.49 16.83
N CYS F 177 -50.94 -9.37 17.60
CA CYS F 177 -52.10 -8.59 17.18
C CYS F 177 -52.11 -7.22 17.83
N TYR F 178 -51.05 -6.93 18.59
CA TYR F 178 -50.88 -5.65 19.26
C TYR F 178 -51.12 -4.50 18.29
N ASP F 179 -50.48 -4.60 17.13
CA ASP F 179 -50.58 -3.64 16.04
C ASP F 179 -52.04 -3.36 15.64
N MET F 180 -52.90 -4.37 15.75
CA MET F 180 -54.32 -4.24 15.39
C MET F 180 -55.24 -3.81 16.54
N LYS F 181 -54.64 -3.49 17.68
CA LYS F 181 -55.38 -3.07 18.87
C LYS F 181 -56.20 -4.19 19.50
N THR F 182 -56.28 -5.33 18.81
CA THR F 182 -56.99 -6.48 19.36
C THR F 182 -55.94 -7.37 20.02
N THR F 183 -56.28 -8.62 20.33
CA THR F 183 -55.29 -9.46 21.00
C THR F 183 -55.36 -10.96 20.67
N CYS F 184 -54.20 -11.53 20.39
CA CYS F 184 -54.07 -12.95 20.06
C CYS F 184 -52.87 -13.60 20.73
N LEU F 185 -52.69 -14.89 20.49
CA LEU F 185 -51.59 -15.65 21.08
C LEU F 185 -50.27 -15.43 20.38
N PRO F 186 -49.14 -15.65 21.08
CA PRO F 186 -47.82 -15.48 20.48
C PRO F 186 -47.62 -16.49 19.35
N MET F 187 -46.51 -16.39 18.63
CA MET F 187 -46.27 -17.30 17.52
C MET F 187 -45.42 -18.53 17.85
N PHE F 188 -45.64 -19.60 17.09
CA PHE F 188 -44.93 -20.87 17.25
C PHE F 188 -44.94 -21.64 15.94
N GLY F 189 -43.94 -22.50 15.77
CA GLY F 189 -43.84 -23.30 14.55
C GLY F 189 -44.81 -24.47 14.57
N TYR F 190 -44.56 -25.40 15.49
CA TYR F 190 -45.40 -26.58 15.66
C TYR F 190 -45.41 -26.94 17.12
N LYS F 191 -46.62 -27.10 17.66
CA LYS F 191 -46.79 -27.44 19.06
C LYS F 191 -47.65 -28.69 19.22
N HIS F 192 -47.14 -29.65 19.98
CA HIS F 192 -47.86 -30.87 20.26
C HIS F 192 -48.59 -30.64 21.58
N VAL F 193 -49.92 -30.76 21.55
CA VAL F 193 -50.69 -30.52 22.76
C VAL F 193 -51.31 -31.77 23.41
N LEU F 194 -51.92 -32.63 22.61
CA LEU F 194 -52.54 -33.83 23.16
C LEU F 194 -52.06 -35.14 22.54
N THR F 195 -51.55 -36.03 23.39
CA THR F 195 -51.07 -37.34 22.96
C THR F 195 -52.28 -38.21 22.65
N LEU F 196 -52.10 -39.16 21.73
CA LEU F 196 -53.18 -40.08 21.33
C LEU F 196 -53.78 -40.85 22.50
N THR F 197 -55.03 -40.54 22.81
CA THR F 197 -55.73 -41.17 23.92
C THR F 197 -57.18 -41.49 23.57
N ASP F 198 -57.79 -42.36 24.37
CA ASP F 198 -59.17 -42.79 24.19
C ASP F 198 -60.20 -41.80 24.72
N GLN F 199 -59.77 -40.94 25.64
CA GLN F 199 -60.62 -39.93 26.26
C GLN F 199 -61.14 -38.87 25.28
N VAL F 200 -62.17 -39.22 24.54
CA VAL F 200 -62.77 -38.31 23.55
C VAL F 200 -63.25 -37.01 24.18
N THR F 201 -63.66 -37.08 25.45
CA THR F 201 -64.16 -35.90 26.17
C THR F 201 -63.04 -34.91 26.48
N ARG F 202 -61.87 -35.43 26.83
CA ARG F 202 -60.71 -34.60 27.16
C ARG F 202 -60.16 -33.95 25.89
N PHE F 203 -60.47 -34.57 24.75
CA PHE F 203 -60.05 -34.09 23.44
C PHE F 203 -60.87 -32.88 23.04
N ASN F 204 -62.19 -33.01 23.11
CA ASN F 204 -63.12 -31.95 22.75
C ASN F 204 -62.95 -30.68 23.61
N GLU F 205 -62.71 -30.86 24.90
CA GLU F 205 -62.49 -29.73 25.81
C GLU F 205 -61.26 -28.96 25.38
N GLU F 206 -60.24 -29.71 24.94
CA GLU F 206 -58.97 -29.15 24.49
C GLU F 206 -59.12 -28.41 23.16
N VAL F 207 -59.65 -29.09 22.15
CA VAL F 207 -59.85 -28.54 20.82
C VAL F 207 -60.62 -27.22 20.80
N LYS F 208 -61.57 -27.06 21.71
CA LYS F 208 -62.37 -25.84 21.77
C LYS F 208 -61.70 -24.67 22.48
N LYS F 209 -60.63 -24.96 23.23
CA LYS F 209 -59.90 -23.92 23.95
C LYS F 209 -58.86 -23.26 23.04
N GLN F 210 -58.74 -23.77 21.83
CA GLN F 210 -57.79 -23.25 20.85
C GLN F 210 -58.19 -21.91 20.24
N SER F 211 -57.19 -21.07 19.98
CA SER F 211 -57.38 -19.76 19.38
C SER F 211 -56.21 -19.40 18.47
N VAL F 212 -56.48 -18.59 17.46
CA VAL F 212 -55.47 -18.17 16.47
C VAL F 212 -54.34 -17.27 16.98
N SER F 213 -53.32 -17.14 16.14
CA SER F 213 -52.13 -16.33 16.40
C SER F 213 -51.90 -15.47 15.15
N ARG F 214 -50.74 -14.85 15.01
CA ARG F 214 -50.46 -14.03 13.82
C ARG F 214 -49.12 -14.32 13.19
N ASN F 215 -49.07 -14.08 11.90
CA ASN F 215 -47.90 -14.34 11.08
C ASN F 215 -47.94 -13.30 9.96
N ARG F 216 -46.83 -13.13 9.24
CA ARG F 216 -46.83 -12.13 8.19
C ARG F 216 -47.20 -12.62 6.78
N ASP F 217 -46.76 -13.82 6.41
CA ASP F 217 -47.06 -14.32 5.07
C ASP F 217 -48.06 -15.46 4.95
N ALA F 218 -48.83 -15.40 3.88
CA ALA F 218 -49.86 -16.40 3.58
C ALA F 218 -49.37 -17.84 3.77
N PRO F 219 -48.28 -18.25 3.08
CA PRO F 219 -47.79 -19.61 3.25
C PRO F 219 -47.46 -19.86 4.70
N GLU F 220 -47.72 -21.08 5.17
CA GLU F 220 -47.46 -21.46 6.57
C GLU F 220 -46.52 -22.65 6.66
N GLY F 221 -46.10 -22.96 7.88
CA GLY F 221 -45.19 -24.07 8.11
C GLY F 221 -45.85 -25.40 8.42
N GLY F 222 -46.92 -25.72 7.70
CA GLY F 222 -47.63 -26.97 7.94
C GLY F 222 -46.81 -28.23 7.73
N PHE F 223 -46.00 -28.25 6.67
CA PHE F 223 -45.18 -29.41 6.39
C PHE F 223 -44.18 -29.65 7.50
N ASP F 224 -43.82 -28.60 8.22
CA ASP F 224 -42.90 -28.73 9.34
C ASP F 224 -43.63 -29.55 10.41
N ALA F 225 -44.92 -29.28 10.56
CA ALA F 225 -45.75 -29.97 11.54
C ALA F 225 -45.97 -31.42 11.16
N ILE F 226 -46.35 -31.65 9.90
CA ILE F 226 -46.58 -33.01 9.40
C ILE F 226 -45.37 -33.88 9.70
N MET F 227 -44.20 -33.46 9.21
CA MET F 227 -42.96 -34.18 9.40
C MET F 227 -42.69 -34.59 10.86
N GLN F 228 -42.90 -33.66 11.78
CA GLN F 228 -42.66 -33.98 13.19
C GLN F 228 -43.70 -34.95 13.75
N ALA F 229 -44.96 -34.78 13.35
CA ALA F 229 -46.03 -35.64 13.81
C ALA F 229 -45.79 -37.05 13.31
N THR F 230 -45.18 -37.14 12.14
CA THR F 230 -44.88 -38.41 11.49
C THR F 230 -43.67 -39.15 12.07
N VAL F 231 -42.66 -38.43 12.53
CA VAL F 231 -41.47 -39.10 13.04
C VAL F 231 -41.20 -39.09 14.55
N CYS F 232 -42.07 -38.47 15.34
CA CYS F 232 -41.87 -38.44 16.79
C CYS F 232 -42.76 -39.48 17.47
N ASP F 233 -42.68 -40.71 16.98
CA ASP F 233 -43.46 -41.85 17.46
C ASP F 233 -43.92 -41.83 18.92
N GLU F 234 -42.96 -41.74 19.84
CA GLU F 234 -43.28 -41.72 21.26
C GLU F 234 -44.14 -40.52 21.66
N LYS F 235 -43.71 -39.33 21.28
CA LYS F 235 -44.44 -38.10 21.60
C LYS F 235 -45.89 -38.18 21.16
N ILE F 236 -46.11 -38.39 19.86
CA ILE F 236 -47.46 -38.48 19.31
C ILE F 236 -48.19 -39.69 19.91
N GLY F 237 -47.46 -40.78 20.11
CA GLY F 237 -48.03 -41.98 20.69
C GLY F 237 -48.65 -42.96 19.72
N TRP F 238 -48.12 -43.04 18.50
CA TRP F 238 -48.65 -43.98 17.50
C TRP F 238 -48.34 -45.39 18.00
N ARG F 239 -49.38 -46.21 18.15
CA ARG F 239 -49.19 -47.59 18.59
C ARG F 239 -48.93 -48.51 17.41
N ASN F 240 -47.83 -49.27 17.49
CA ASN F 240 -47.37 -50.20 16.44
C ASN F 240 -48.43 -50.90 15.59
N ASP F 241 -49.14 -51.85 16.19
CA ASP F 241 -50.18 -52.59 15.48
C ASP F 241 -51.46 -51.76 15.42
N ALA F 242 -51.59 -50.95 14.36
CA ALA F 242 -52.76 -50.09 14.16
C ALA F 242 -52.74 -49.34 12.83
N SER F 243 -53.88 -48.74 12.52
CA SER F 243 -54.05 -47.94 11.32
C SER F 243 -53.79 -46.50 11.74
N HIS F 244 -52.96 -45.78 10.98
CA HIS F 244 -52.61 -44.41 11.32
C HIS F 244 -53.17 -43.35 10.37
N LEU F 245 -53.79 -42.32 10.94
CA LEU F 245 -54.39 -41.23 10.17
C LEU F 245 -53.97 -39.83 10.63
N LEU F 246 -53.57 -39.00 9.67
CA LEU F 246 -53.14 -37.62 9.90
C LEU F 246 -54.05 -36.65 9.15
N VAL F 247 -54.91 -35.96 9.89
CA VAL F 247 -55.79 -34.98 9.26
C VAL F 247 -55.13 -33.61 9.36
N PHE F 248 -54.91 -32.99 8.20
CA PHE F 248 -54.25 -31.70 8.08
C PHE F 248 -55.21 -30.59 7.63
N THR F 249 -55.23 -29.48 8.36
CA THR F 249 -56.10 -28.35 8.01
C THR F 249 -55.34 -27.04 7.81
N THR F 250 -55.79 -26.29 6.81
CA THR F 250 -55.20 -25.00 6.47
C THR F 250 -56.13 -24.35 5.45
N ASP F 251 -56.05 -23.03 5.33
CA ASP F 251 -56.87 -22.30 4.37
C ASP F 251 -56.02 -21.59 3.33
N ALA F 252 -54.71 -21.83 3.38
CA ALA F 252 -53.78 -21.19 2.44
C ALA F 252 -52.62 -22.07 2.00
N LYS F 253 -51.85 -21.57 1.03
CA LYS F 253 -50.68 -22.24 0.49
C LYS F 253 -49.64 -22.58 1.57
N THR F 254 -48.70 -23.46 1.24
CA THR F 254 -47.70 -23.88 2.21
C THR F 254 -46.25 -23.67 1.81
N HIS F 255 -45.38 -23.58 2.82
CA HIS F 255 -43.96 -23.44 2.58
C HIS F 255 -43.41 -24.82 2.30
N ILE F 256 -42.63 -24.92 1.23
CA ILE F 256 -41.98 -26.16 0.82
C ILE F 256 -40.49 -26.01 1.14
N ALA F 257 -39.69 -27.03 0.89
CA ALA F 257 -38.25 -26.96 1.18
C ALA F 257 -37.58 -25.84 0.36
N LEU F 258 -36.49 -25.31 0.89
CA LEU F 258 -35.72 -24.22 0.26
C LEU F 258 -36.31 -22.80 0.41
N ASP F 259 -37.49 -22.70 1.02
CA ASP F 259 -38.12 -21.41 1.26
C ASP F 259 -37.41 -20.78 2.45
N GLY F 260 -36.97 -21.61 3.37
CA GLY F 260 -36.31 -21.14 4.58
C GLY F 260 -35.11 -20.22 4.43
N ARG F 261 -34.67 -20.03 3.19
CA ARG F 261 -33.52 -19.16 2.95
C ARG F 261 -33.91 -17.70 3.12
N LEU F 262 -35.22 -17.42 3.08
CA LEU F 262 -35.67 -16.05 3.28
C LEU F 262 -35.56 -15.67 4.73
N ALA F 263 -35.24 -16.65 5.57
CA ALA F 263 -35.10 -16.41 6.98
C ALA F 263 -33.70 -16.79 7.42
N GLY F 264 -32.78 -16.83 6.45
CA GLY F 264 -31.40 -17.18 6.72
C GLY F 264 -31.20 -18.64 7.07
N ILE F 265 -32.23 -19.46 6.83
CA ILE F 265 -32.15 -20.88 7.12
C ILE F 265 -31.77 -21.69 5.88
N VAL F 266 -30.58 -22.31 5.93
CA VAL F 266 -30.14 -23.10 4.79
C VAL F 266 -29.96 -24.61 5.06
N GLN F 267 -29.88 -25.01 6.33
CA GLN F 267 -29.71 -26.42 6.67
C GLN F 267 -30.91 -27.25 6.25
N PRO F 268 -30.70 -28.23 5.34
CA PRO F 268 -31.77 -29.10 4.84
C PRO F 268 -32.37 -29.96 5.95
N ASN F 269 -33.68 -30.19 5.86
CA ASN F 269 -34.41 -30.98 6.85
C ASN F 269 -33.80 -32.37 7.01
N ASP F 270 -33.47 -32.74 8.24
CA ASP F 270 -32.85 -34.04 8.52
C ASP F 270 -33.80 -35.25 8.64
N GLY F 271 -35.11 -34.99 8.66
CA GLY F 271 -36.10 -36.05 8.77
C GLY F 271 -36.26 -36.66 10.16
N GLN F 272 -35.44 -36.23 11.11
CA GLN F 272 -35.49 -36.75 12.47
C GLN F 272 -36.42 -35.95 13.39
N CYS F 273 -36.72 -36.52 14.55
CA CYS F 273 -37.59 -35.86 15.52
C CYS F 273 -36.85 -34.84 16.36
N HIS F 274 -37.49 -33.71 16.61
CA HIS F 274 -36.91 -32.65 17.42
C HIS F 274 -37.91 -32.02 18.39
N VAL F 275 -38.95 -32.78 18.75
CA VAL F 275 -39.94 -32.30 19.70
C VAL F 275 -39.61 -32.95 21.04
N GLY F 276 -39.05 -32.18 21.97
CA GLY F 276 -38.67 -32.72 23.27
C GLY F 276 -39.61 -32.52 24.46
N SER F 277 -39.07 -31.98 25.54
CA SER F 277 -39.82 -31.74 26.78
C SER F 277 -40.93 -30.69 26.66
N ASP F 278 -40.56 -29.50 26.20
CA ASP F 278 -41.50 -28.38 26.06
C ASP F 278 -42.68 -28.62 25.12
N ASN F 279 -42.62 -29.69 24.33
CA ASN F 279 -43.66 -30.05 23.36
C ASN F 279 -43.66 -29.16 22.12
N HIS F 280 -42.52 -28.53 21.86
CA HIS F 280 -42.39 -27.65 20.70
C HIS F 280 -41.32 -28.15 19.74
N TYR F 281 -41.49 -27.82 18.45
CA TYR F 281 -40.52 -28.18 17.43
C TYR F 281 -39.35 -27.19 17.60
N SER F 282 -38.31 -27.64 18.28
CA SER F 282 -37.15 -26.80 18.57
C SER F 282 -36.21 -26.49 17.42
N ALA F 283 -36.40 -27.15 16.27
CA ALA F 283 -35.54 -26.90 15.13
C ALA F 283 -36.20 -25.97 14.13
N SER F 284 -37.37 -25.46 14.48
CA SER F 284 -38.13 -24.58 13.59
C SER F 284 -37.36 -23.34 13.13
N THR F 285 -36.46 -22.84 13.96
CA THR F 285 -35.70 -21.65 13.61
C THR F 285 -34.32 -21.94 13.04
N THR F 286 -33.92 -23.21 12.99
CA THR F 286 -32.60 -23.56 12.48
C THR F 286 -32.54 -24.50 11.27
N MET F 287 -33.63 -25.22 11.00
CA MET F 287 -33.68 -26.18 9.90
C MET F 287 -34.73 -25.77 8.87
N ASP F 288 -34.49 -26.11 7.60
CA ASP F 288 -35.39 -25.74 6.54
C ASP F 288 -36.67 -26.55 6.59
N TYR F 289 -37.64 -26.16 5.76
CA TYR F 289 -38.89 -26.87 5.66
C TYR F 289 -38.55 -28.18 4.94
N PRO F 290 -39.38 -29.22 5.12
CA PRO F 290 -39.11 -30.49 4.45
C PRO F 290 -39.53 -30.49 2.98
N SER F 291 -38.88 -31.32 2.16
CA SER F 291 -39.22 -31.44 0.75
C SER F 291 -40.31 -32.49 0.59
N LEU F 292 -40.99 -32.52 -0.56
CA LEU F 292 -42.04 -33.51 -0.77
C LEU F 292 -41.51 -34.96 -0.63
N GLY F 293 -40.42 -35.25 -1.31
CA GLY F 293 -39.82 -36.58 -1.24
C GLY F 293 -39.50 -37.05 0.17
N LEU F 294 -38.93 -36.18 1.00
CA LEU F 294 -38.57 -36.53 2.36
C LEU F 294 -39.83 -36.86 3.16
N MET F 295 -40.91 -36.15 2.88
CA MET F 295 -42.18 -36.37 3.57
C MET F 295 -42.71 -37.73 3.14
N THR F 296 -42.73 -37.96 1.84
CA THR F 296 -43.20 -39.23 1.28
C THR F 296 -42.43 -40.39 1.91
N GLU F 297 -41.10 -40.30 1.93
CA GLU F 297 -40.28 -41.36 2.51
C GLU F 297 -40.66 -41.68 3.95
N LYS F 298 -40.83 -40.65 4.77
CA LYS F 298 -41.18 -40.85 6.17
C LYS F 298 -42.62 -41.32 6.38
N LEU F 299 -43.52 -40.91 5.47
CA LEU F 299 -44.92 -41.33 5.57
C LEU F 299 -45.03 -42.83 5.28
N SER F 300 -44.15 -43.33 4.42
CA SER F 300 -44.14 -44.75 4.07
C SER F 300 -43.49 -45.56 5.18
N GLN F 301 -42.36 -45.09 5.68
CA GLN F 301 -41.63 -45.77 6.74
C GLN F 301 -42.49 -46.00 7.98
N LYS F 302 -43.00 -44.92 8.58
CA LYS F 302 -43.83 -45.01 9.78
C LYS F 302 -45.25 -45.46 9.44
N ASN F 303 -45.48 -45.68 8.15
CA ASN F 303 -46.76 -46.12 7.62
C ASN F 303 -47.92 -45.28 8.14
N ILE F 304 -48.07 -44.09 7.56
CA ILE F 304 -49.12 -43.16 7.93
C ILE F 304 -49.79 -42.58 6.68
N ASN F 305 -51.12 -42.53 6.71
CA ASN F 305 -51.90 -41.98 5.59
C ASN F 305 -52.13 -40.51 5.85
N LEU F 306 -52.01 -39.71 4.80
CA LEU F 306 -52.19 -38.28 4.94
C LEU F 306 -53.48 -37.83 4.28
N ILE F 307 -54.24 -37.02 5.00
CA ILE F 307 -55.50 -36.48 4.49
C ILE F 307 -55.51 -34.97 4.62
N PHE F 308 -55.67 -34.29 3.49
CA PHE F 308 -55.71 -32.85 3.45
C PHE F 308 -57.13 -32.33 3.56
N ALA F 309 -57.41 -31.64 4.67
CA ALA F 309 -58.72 -31.04 4.90
C ALA F 309 -58.51 -29.53 4.76
N VAL F 310 -58.56 -29.06 3.51
CA VAL F 310 -58.31 -27.67 3.20
C VAL F 310 -59.55 -26.93 2.70
N THR F 311 -59.56 -25.60 2.84
CA THR F 311 -60.71 -24.80 2.39
C THR F 311 -60.83 -24.82 0.86
N GLU F 312 -62.01 -24.51 0.35
CA GLU F 312 -62.24 -24.57 -1.09
C GLU F 312 -61.29 -23.80 -1.99
N ASN F 313 -60.92 -22.59 -1.59
CA ASN F 313 -60.03 -21.72 -2.39
C ASN F 313 -58.64 -22.31 -2.64
N VAL F 314 -58.25 -23.25 -1.78
CA VAL F 314 -56.94 -23.86 -1.87
C VAL F 314 -57.00 -25.39 -2.12
N VAL F 315 -58.14 -25.85 -2.64
CA VAL F 315 -58.33 -27.28 -2.92
C VAL F 315 -57.47 -27.83 -4.06
N ASN F 316 -57.48 -27.16 -5.21
CA ASN F 316 -56.68 -27.60 -6.35
C ASN F 316 -55.20 -27.65 -5.99
N LEU F 317 -54.77 -26.74 -5.14
CA LEU F 317 -53.40 -26.68 -4.72
C LEU F 317 -52.99 -27.97 -4.04
N TYR F 318 -53.73 -28.35 -3.00
CA TYR F 318 -53.43 -29.56 -2.28
C TYR F 318 -53.72 -30.83 -3.05
N GLN F 319 -54.60 -30.73 -4.06
CA GLN F 319 -54.93 -31.85 -4.90
C GLN F 319 -53.69 -32.20 -5.72
N ASN F 320 -53.09 -31.17 -6.32
CA ASN F 320 -51.88 -31.32 -7.13
C ASN F 320 -50.72 -31.81 -6.29
N TYR F 321 -50.78 -31.55 -4.98
CA TYR F 321 -49.73 -31.99 -4.08
C TYR F 321 -49.89 -33.46 -3.77
N SER F 322 -51.09 -33.99 -4.01
CA SER F 322 -51.40 -35.39 -3.76
C SER F 322 -50.68 -36.33 -4.71
N GLU F 323 -50.74 -36.03 -6.02
CA GLU F 323 -50.07 -36.89 -7.01
C GLU F 323 -48.57 -36.98 -6.75
N LEU F 324 -48.01 -35.97 -6.11
CA LEU F 324 -46.59 -35.97 -5.82
C LEU F 324 -46.30 -36.77 -4.55
N ILE F 325 -47.35 -37.00 -3.74
CA ILE F 325 -47.23 -37.80 -2.53
C ILE F 325 -48.31 -38.88 -2.66
N PRO F 326 -47.99 -39.99 -3.36
CA PRO F 326 -48.90 -41.11 -3.58
C PRO F 326 -49.52 -41.71 -2.32
N GLY F 327 -50.85 -41.79 -2.33
CA GLY F 327 -51.60 -42.33 -1.20
C GLY F 327 -52.37 -41.27 -0.43
N THR F 328 -52.16 -40.00 -0.78
CA THR F 328 -52.83 -38.90 -0.10
C THR F 328 -54.14 -38.48 -0.75
N THR F 329 -55.11 -38.12 0.11
CA THR F 329 -56.43 -37.69 -0.33
C THR F 329 -56.80 -36.30 0.17
N VAL F 330 -57.59 -35.58 -0.64
CA VAL F 330 -57.99 -34.22 -0.30
C VAL F 330 -59.49 -34.04 -0.06
N GLY F 331 -59.81 -33.47 1.10
CA GLY F 331 -61.20 -33.20 1.45
C GLY F 331 -61.40 -31.72 1.73
N VAL F 332 -62.47 -31.15 1.18
CA VAL F 332 -62.77 -29.74 1.38
C VAL F 332 -63.33 -29.40 2.78
N LEU F 333 -62.55 -28.62 3.52
CA LEU F 333 -62.89 -28.16 4.86
C LEU F 333 -63.91 -27.03 4.78
N SER F 334 -64.89 -27.09 5.68
CA SER F 334 -65.96 -26.09 5.78
C SER F 334 -66.81 -26.44 6.99
N MET F 335 -67.95 -25.78 7.12
CA MET F 335 -68.87 -26.03 8.22
C MET F 335 -69.50 -27.42 8.10
N ASP F 336 -69.48 -27.97 6.89
CA ASP F 336 -70.04 -29.29 6.61
C ASP F 336 -68.94 -30.36 6.65
N SER F 337 -69.04 -31.25 7.65
CA SER F 337 -68.07 -32.32 7.85
C SER F 337 -68.21 -33.48 6.85
N SER F 338 -69.30 -33.48 6.11
CA SER F 338 -69.60 -34.53 5.13
C SER F 338 -68.41 -35.00 4.29
N ASN F 339 -67.87 -34.11 3.46
CA ASN F 339 -66.76 -34.42 2.56
C ASN F 339 -65.51 -34.95 3.24
N VAL F 340 -65.10 -34.31 4.32
CA VAL F 340 -63.91 -34.72 5.04
C VAL F 340 -64.11 -36.06 5.76
N LEU F 341 -65.28 -36.22 6.37
CA LEU F 341 -65.62 -37.44 7.10
C LEU F 341 -65.68 -38.68 6.21
N GLN F 342 -66.18 -38.50 4.98
CA GLN F 342 -66.28 -39.59 4.03
C GLN F 342 -64.93 -40.24 3.76
N LEU F 343 -63.87 -39.43 3.75
CA LEU F 343 -62.51 -39.93 3.52
C LEU F 343 -62.03 -40.76 4.69
N ILE F 344 -62.66 -40.58 5.85
CA ILE F 344 -62.33 -41.34 7.05
C ILE F 344 -62.95 -42.73 6.91
N VAL F 345 -64.18 -42.76 6.38
CA VAL F 345 -64.91 -44.00 6.15
C VAL F 345 -64.24 -44.80 5.03
N ASP F 346 -63.90 -44.12 3.93
CA ASP F 346 -63.24 -44.76 2.79
C ASP F 346 -61.92 -45.39 3.22
N ALA F 347 -61.32 -44.82 4.26
CA ALA F 347 -60.05 -45.30 4.81
C ALA F 347 -60.24 -46.60 5.57
N TYR F 348 -61.30 -46.65 6.38
CA TYR F 348 -61.61 -47.83 7.18
C TYR F 348 -61.96 -49.00 6.27
N GLY F 349 -62.63 -48.70 5.16
CA GLY F 349 -63.02 -49.72 4.20
C GLY F 349 -61.86 -50.20 3.34
N LYS F 350 -60.64 -49.84 3.73
CA LYS F 350 -59.43 -50.24 3.02
C LYS F 350 -58.52 -51.07 3.92
N ILE F 351 -58.81 -51.08 5.22
CA ILE F 351 -58.00 -51.84 6.17
C ILE F 351 -58.23 -53.34 6.00
N ARG F 352 -57.16 -54.05 5.66
CA ARG F 352 -57.21 -55.48 5.45
C ARG F 352 -56.28 -56.22 6.40
N SER F 353 -56.85 -57.08 7.24
CA SER F 353 -56.09 -57.86 8.21
C SER F 353 -55.67 -59.20 7.61
N LYS F 354 -54.75 -59.89 8.30
CA LYS F 354 -54.29 -61.19 7.84
C LYS F 354 -54.22 -62.19 8.98
N VAL F 355 -54.53 -63.44 8.68
CA VAL F 355 -54.48 -64.51 9.65
C VAL F 355 -53.24 -65.33 9.35
N GLU F 356 -52.20 -65.15 10.15
CA GLU F 356 -50.95 -65.87 9.96
C GLU F 356 -50.66 -66.77 11.16
N LEU F 357 -50.80 -68.07 10.96
CA LEU F 357 -50.59 -69.04 12.04
C LEU F 357 -49.13 -69.22 12.43
N GLU F 358 -48.89 -69.23 13.74
CA GLU F 358 -47.55 -69.43 14.27
C GLU F 358 -47.56 -70.57 15.30
N VAL F 359 -46.62 -71.49 15.15
CA VAL F 359 -46.54 -72.62 16.06
C VAL F 359 -45.69 -72.29 17.28
N ARG F 360 -46.34 -72.25 18.44
CA ARG F 360 -45.65 -71.98 19.69
C ARG F 360 -45.28 -73.33 20.32
N ASP F 361 -44.07 -73.46 20.88
CA ASP F 361 -43.54 -74.71 21.45
C ASP F 361 -44.13 -76.04 21.16
N LEU F 362 -43.41 -76.69 20.26
CA LEU F 362 -43.72 -78.00 19.76
C LEU F 362 -42.44 -78.86 19.87
N PRO F 363 -42.57 -80.16 20.25
CA PRO F 363 -41.39 -81.03 20.37
C PRO F 363 -40.72 -81.28 19.01
N GLU F 364 -39.39 -81.37 18.97
CA GLU F 364 -38.69 -81.60 17.70
C GLU F 364 -38.61 -83.09 17.37
N GLU F 365 -39.79 -83.72 17.42
CA GLU F 365 -39.97 -85.13 17.14
C GLU F 365 -41.48 -85.29 16.88
N LEU F 366 -42.05 -84.20 16.37
CA LEU F 366 -43.46 -84.11 16.04
C LEU F 366 -43.60 -82.96 15.05
N SER F 367 -43.87 -83.28 13.78
CA SER F 367 -44.02 -82.27 12.74
C SER F 367 -45.49 -81.95 12.42
N LEU F 368 -45.71 -80.91 11.63
CA LEU F 368 -47.06 -80.49 11.26
C LEU F 368 -47.25 -80.16 9.77
N SER F 369 -48.44 -80.50 9.26
CA SER F 369 -48.82 -80.23 7.88
C SER F 369 -49.94 -79.21 7.91
N PHE F 370 -49.94 -78.29 6.94
CA PHE F 370 -50.98 -77.28 6.88
C PHE F 370 -51.73 -77.22 5.55
N ASN F 371 -53.02 -76.92 5.66
CA ASN F 371 -53.91 -76.80 4.51
C ASN F 371 -54.87 -75.66 4.83
N ALA F 372 -54.75 -74.58 4.08
CA ALA F 372 -55.59 -73.40 4.30
C ALA F 372 -56.71 -73.23 3.29
N THR F 373 -57.83 -72.68 3.76
CA THR F 373 -59.00 -72.41 2.92
C THR F 373 -59.31 -70.93 3.12
N CYS F 374 -58.70 -70.08 2.28
CA CYS F 374 -58.88 -68.63 2.37
C CYS F 374 -60.27 -68.13 1.95
N LEU F 375 -60.36 -66.84 1.68
CA LEU F 375 -61.60 -66.18 1.28
C LEU F 375 -62.18 -66.73 -0.02
N ASN F 376 -61.28 -67.12 -0.92
CA ASN F 376 -61.67 -67.69 -2.21
C ASN F 376 -62.14 -69.13 -2.06
N ASN F 377 -62.24 -69.58 -0.80
CA ASN F 377 -62.66 -70.94 -0.46
C ASN F 377 -62.01 -72.01 -1.33
N GLU F 378 -60.68 -71.99 -1.35
CA GLU F 378 -59.89 -72.94 -2.12
C GLU F 378 -58.82 -73.58 -1.25
N VAL F 379 -58.75 -74.91 -1.32
CA VAL F 379 -57.79 -75.70 -0.56
C VAL F 379 -56.39 -75.40 -1.09
N ILE F 380 -55.56 -74.83 -0.23
CA ILE F 380 -54.19 -74.47 -0.59
C ILE F 380 -53.20 -75.23 0.28
N PRO F 381 -52.54 -76.26 -0.29
CA PRO F 381 -51.56 -77.10 0.40
C PRO F 381 -50.31 -76.36 0.84
N GLY F 382 -49.86 -76.64 2.06
CA GLY F 382 -48.66 -76.03 2.60
C GLY F 382 -48.79 -74.64 3.18
N LEU F 383 -49.65 -73.82 2.60
CA LEU F 383 -49.86 -72.44 3.06
C LEU F 383 -50.59 -72.37 4.40
N LYS F 384 -50.14 -71.44 5.25
CA LYS F 384 -50.73 -71.25 6.56
C LYS F 384 -50.93 -69.77 6.88
N SER F 385 -51.27 -68.98 5.88
CA SER F 385 -51.48 -67.55 6.05
C SER F 385 -52.42 -66.94 5.00
N CYS F 386 -53.62 -66.57 5.44
CA CYS F 386 -54.60 -65.96 4.55
C CYS F 386 -54.62 -64.44 4.73
N MET F 387 -54.73 -63.73 3.61
CA MET F 387 -54.74 -62.27 3.61
C MET F 387 -55.92 -61.69 2.84
N GLY F 388 -56.31 -60.47 3.22
CA GLY F 388 -57.43 -59.81 2.56
C GLY F 388 -58.70 -59.84 3.38
N LEU F 389 -58.56 -60.00 4.68
CA LEU F 389 -59.70 -60.06 5.59
C LEU F 389 -60.35 -58.72 5.92
N LYS F 390 -61.64 -58.79 6.26
CA LYS F 390 -62.44 -57.63 6.64
C LYS F 390 -63.04 -57.95 8.01
N ILE F 391 -64.00 -57.15 8.45
CA ILE F 391 -64.65 -57.40 9.74
C ILE F 391 -65.71 -58.48 9.50
N GLY F 392 -65.66 -59.54 10.31
CA GLY F 392 -66.63 -60.62 10.19
C GLY F 392 -66.19 -61.79 9.31
N ASP F 393 -65.19 -61.57 8.46
CA ASP F 393 -64.70 -62.63 7.57
C ASP F 393 -64.16 -63.83 8.34
N THR F 394 -64.43 -65.02 7.82
CA THR F 394 -64.01 -66.27 8.43
C THR F 394 -63.13 -67.10 7.48
N VAL F 395 -62.02 -67.61 8.03
CA VAL F 395 -61.07 -68.44 7.29
C VAL F 395 -60.80 -69.72 8.08
N SER F 396 -60.60 -70.83 7.37
CA SER F 396 -60.36 -72.13 8.02
C SER F 396 -59.06 -72.83 7.62
N PHE F 397 -58.49 -73.55 8.58
CA PHE F 397 -57.25 -74.29 8.38
C PHE F 397 -57.42 -75.76 8.71
N SER F 398 -56.47 -76.57 8.26
CA SER F 398 -56.49 -78.00 8.50
C SER F 398 -55.06 -78.42 8.83
N ILE F 399 -54.86 -78.98 10.02
CA ILE F 399 -53.52 -79.40 10.44
C ILE F 399 -53.41 -80.89 10.69
N GLU F 400 -52.22 -81.44 10.41
CA GLU F 400 -51.97 -82.87 10.63
C GLU F 400 -50.67 -83.06 11.40
N ALA F 401 -50.76 -83.73 12.54
CA ALA F 401 -49.60 -84.00 13.38
C ALA F 401 -49.07 -85.41 13.14
N LYS F 402 -47.75 -85.56 13.17
CA LYS F 402 -47.10 -86.85 12.95
C LYS F 402 -45.87 -86.95 13.84
N VAL F 403 -45.72 -88.07 14.57
CA VAL F 403 -44.57 -88.26 15.45
C VAL F 403 -43.48 -89.15 14.88
N ARG F 404 -42.23 -88.80 15.19
CA ARG F 404 -41.08 -89.57 14.74
C ARG F 404 -40.70 -90.54 15.85
N GLY F 405 -41.29 -91.73 15.80
CA GLY F 405 -41.04 -92.74 16.81
C GLY F 405 -42.02 -92.56 17.96
N CYS F 406 -41.56 -92.81 19.19
CA CYS F 406 -42.42 -92.67 20.35
C CYS F 406 -41.65 -92.39 21.65
N PRO F 407 -41.16 -91.14 21.83
CA PRO F 407 -40.41 -90.70 23.01
C PRO F 407 -41.03 -90.93 24.41
N GLN F 408 -40.14 -90.87 25.40
CA GLN F 408 -40.49 -91.06 26.81
C GLN F 408 -41.49 -90.03 27.32
N GLU F 409 -41.42 -88.79 26.79
CA GLU F 409 -42.41 -87.77 27.15
C GLU F 409 -43.61 -88.51 26.61
N LYS F 410 -44.62 -88.68 27.44
CA LYS F 410 -45.81 -89.38 27.00
C LYS F 410 -46.92 -88.36 27.22
N GLU F 411 -46.56 -87.29 27.93
CA GLU F 411 -47.49 -86.21 28.24
C GLU F 411 -46.90 -84.82 27.95
N LYS F 412 -47.34 -84.21 26.85
CA LYS F 412 -46.89 -82.88 26.43
C LYS F 412 -48.02 -82.04 25.83
N SER F 413 -47.65 -80.84 25.38
CA SER F 413 -48.60 -79.91 24.77
C SER F 413 -47.89 -78.73 24.08
N PHE F 414 -48.64 -78.01 23.25
CA PHE F 414 -48.15 -76.84 22.52
C PHE F 414 -49.30 -75.92 22.13
N THR F 415 -48.96 -74.72 21.64
CA THR F 415 -49.96 -73.73 21.25
C THR F 415 -49.81 -73.25 19.81
N ILE F 416 -50.93 -73.00 19.14
CA ILE F 416 -50.96 -72.52 17.77
C ILE F 416 -51.88 -71.30 17.74
N LYS F 417 -51.31 -70.11 17.55
CA LYS F 417 -52.12 -68.90 17.51
C LYS F 417 -51.82 -68.05 16.30
N PRO F 418 -52.85 -67.37 15.76
CA PRO F 418 -52.65 -66.52 14.59
C PRO F 418 -51.99 -65.21 15.03
N VAL F 419 -50.85 -64.88 14.41
CA VAL F 419 -50.11 -63.66 14.72
C VAL F 419 -51.03 -62.44 14.66
N GLY F 420 -51.15 -61.74 15.79
CA GLY F 420 -52.01 -60.57 15.86
C GLY F 420 -53.16 -60.73 16.84
N PHE F 421 -53.76 -61.91 16.87
CA PHE F 421 -54.88 -62.21 17.76
C PHE F 421 -54.37 -62.67 19.12
N LYS F 422 -55.13 -62.37 20.18
CA LYS F 422 -54.75 -62.78 21.53
C LYS F 422 -55.25 -64.18 21.87
N ASP F 423 -56.13 -64.70 21.02
CA ASP F 423 -56.69 -66.05 21.18
C ASP F 423 -55.60 -67.09 20.92
N SER F 424 -56.00 -68.35 20.81
CA SER F 424 -55.05 -69.43 20.56
C SER F 424 -55.74 -70.77 20.41
N LEU F 425 -54.94 -71.83 20.35
CA LEU F 425 -55.40 -73.19 20.23
C LEU F 425 -54.37 -74.08 20.92
N ILE F 426 -54.76 -74.65 22.05
CA ILE F 426 -53.88 -75.51 22.81
C ILE F 426 -54.13 -76.96 22.40
N VAL F 427 -53.06 -77.65 21.99
CA VAL F 427 -53.16 -79.03 21.58
C VAL F 427 -52.42 -79.88 22.60
N GLN F 428 -53.17 -80.67 23.38
CA GLN F 428 -52.59 -81.53 24.40
C GLN F 428 -52.27 -82.92 23.85
N VAL F 429 -50.99 -83.15 23.57
CA VAL F 429 -50.52 -84.42 23.02
C VAL F 429 -50.52 -85.54 24.07
N THR F 430 -51.14 -86.66 23.70
CA THR F 430 -51.24 -87.83 24.57
C THR F 430 -50.67 -89.04 23.84
N PHE F 431 -49.40 -89.38 24.09
CA PHE F 431 -48.76 -90.52 23.45
C PHE F 431 -49.38 -91.85 23.85
N ASP F 432 -49.05 -92.90 23.11
CA ASP F 432 -49.59 -94.23 23.37
C ASP F 432 -48.68 -95.27 22.72
N CYS F 433 -47.52 -95.51 23.33
CA CYS F 433 -46.57 -96.50 22.82
C CYS F 433 -46.78 -97.86 23.48
N ASP F 434 -47.92 -98.05 24.15
CA ASP F 434 -48.20 -99.30 24.85
C ASP F 434 -49.63 -99.80 24.64
N CYS F 435 -49.85 -101.09 24.90
CA CYS F 435 -51.18 -101.73 24.73
C CYS F 435 -51.76 -101.78 26.14
N ALA F 436 -52.50 -102.87 26.38
CA ALA F 436 -52.95 -103.16 27.73
C ALA F 436 -51.59 -103.81 28.08
N CYS F 437 -51.26 -103.97 29.35
CA CYS F 437 -49.95 -104.54 29.65
C CYS F 437 -49.75 -106.04 29.30
N GLN F 438 -50.12 -106.48 28.11
CA GLN F 438 -49.94 -107.91 27.77
C GLN F 438 -48.55 -108.26 27.23
N ALA F 439 -48.13 -109.51 27.47
CA ALA F 439 -46.82 -110.05 27.05
C ALA F 439 -46.69 -111.50 27.47
N GLN F 440 -46.14 -112.34 26.59
CA GLN F 440 -45.97 -113.77 26.87
C GLN F 440 -44.61 -114.11 27.48
#